data_5NZZ
#
_entry.id   5NZZ
#
_cell.length_a   66.879
_cell.length_b   107.632
_cell.length_c   144.204
_cell.angle_alpha   89.26
_cell.angle_beta   76.75
_cell.angle_gamma   84.28
#
_symmetry.space_group_name_H-M   'P 1'
#
loop_
_entity.id
_entity.type
_entity.pdbx_description
1 polymer 'TGF-beta-activated kinase 1 and MAP3K7-binding protein 1'
2 polymer 'Mitogen-activated protein kinase 14'
3 non-polymer 'NICKEL (II) ION'
4 non-polymer 'PHOSPHOTHIOPHOSPHORIC ACID-ADENYLATE ESTER'
5 non-polymer 'MAGNESIUM ION'
6 water water
#
loop_
_entity_poly.entity_id
_entity_poly.type
_entity_poly.pdbx_seq_one_letter_code
_entity_poly.pdbx_strand_id
1 'polypeptide(L)'
;MAAQRRSLLQSEQQPSWTDDLPLCHLSGVGSASNRSYSADGKGTESHPPEDSWLKFRSENNCFLYGVFNGYDGNRVTNFV
AQRLSAELLLGQLNAEHAEADVRRVLLQAFDVVERSFLESIDDALAEKASLQSQLPEGVPQHQLPPQYQKILERLKTLER
EISGGAMAVVAVLLNNKLYVANVGTNRALLCKSTVDGLQVTQLNVDHTTENEDELFRLSQLGLDAGKIKQVGIICGQEST
RRIGDYKVKYGYTDIDLLSAAKSKPIIAEPEIHGAQPLDGVTGFLVLMSEGLYKALEAAHGPGQANQEIAAMIDTEFAKQ
TSLDAVAQAVVDRVKRIHSDTFASGGERARFCPRHEDMTLLVRNFGYPLGEMSQPTPSPAPAAGGRVYPVSVPYSSAQST
SKTSVTLSLVMPSQGQMVNGAHSASTLDEATPTLTNQSPTLTLQSTNTHTQSSSSSSDGGLFRSRPAHSLPPGEDGRVEP
YVDFAEFYRLWSVDHGEQSVVTAP
;
A,B,C,D
2 'polypeptide(L)'
;MSQERPTFYRQELNKTIWEVPERYQNLSPVGSGAYGSVCAAFDTKTGHRVAVKKLSRPFQSIIHAKRTYRELRLLKHMKH
ENVIGLLDVFTPARSLEEFNDVYLVTHLMGADLNNIVKCQKLTDDHVQFLIYQILRGLKYIHSADIIHRDLKPSNLAVNE
DCELKILDFGLARHTDDEM(TPO)G(PTR)VATRWYRAPEIMLNWMHYNQTVDIWSVGCIMAELLTGRTLFPGTDHIDQL
KLILRLVGTPGAELLKKISSESARNYIQSLAQMPKMNFANVFIGANPLAVDLLEKMLVLDSDKRITAAQALAHAYFAQYH
DPDDEPVADPYDQSFESRDLLIDEWKSLTYDEVISFVPPPLDQEEMES
;
E,F,G,H
#
# COMPACT_ATOMS: atom_id res chain seq x y z
N PRO A 15 -3.01 -69.18 -6.28
CA PRO A 15 -2.33 -70.47 -6.21
C PRO A 15 -0.77 -70.39 -6.11
N SER A 16 -0.19 -70.21 -4.92
CA SER A 16 1.25 -69.93 -4.86
C SER A 16 1.94 -70.70 -3.74
N TRP A 17 2.95 -71.51 -4.12
CA TRP A 17 3.63 -72.45 -3.22
C TRP A 17 4.76 -71.82 -2.42
N THR A 18 4.86 -70.50 -2.42
CA THR A 18 6.02 -69.80 -1.90
C THR A 18 5.63 -68.70 -0.92
N ASP A 19 4.34 -68.46 -0.73
CA ASP A 19 3.84 -67.25 -0.08
C ASP A 19 3.84 -67.34 1.43
N ASP A 20 4.06 -68.52 1.99
CA ASP A 20 4.26 -68.66 3.43
C ASP A 20 5.62 -68.16 3.90
N LEU A 21 6.55 -67.85 2.98
CA LEU A 21 7.93 -67.62 3.36
C LEU A 21 8.09 -66.34 4.17
N PRO A 22 8.76 -66.39 5.32
CA PRO A 22 8.95 -65.17 6.14
C PRO A 22 9.68 -64.07 5.38
N LEU A 23 9.35 -62.82 5.70
CA LEU A 23 10.02 -61.66 5.11
C LEU A 23 11.32 -61.35 5.84
N CYS A 24 12.25 -60.72 5.13
CA CYS A 24 13.51 -60.24 5.70
C CYS A 24 13.29 -59.05 6.62
N HIS A 25 13.84 -59.14 7.84
CA HIS A 25 13.70 -58.06 8.82
C HIS A 25 14.76 -56.97 8.68
N LEU A 26 15.81 -57.18 7.89
CA LEU A 26 16.88 -56.21 7.75
C LEU A 26 16.84 -55.46 6.42
N SER A 27 15.65 -55.24 5.85
CA SER A 27 15.57 -54.47 4.59
C SER A 27 14.25 -53.74 4.49
N GLY A 28 14.21 -52.74 3.59
CA GLY A 28 12.97 -52.07 3.25
C GLY A 28 12.99 -51.61 1.80
N VAL A 29 11.79 -51.32 1.28
CA VAL A 29 11.56 -51.05 -0.14
C VAL A 29 10.75 -49.75 -0.30
N GLY A 30 11.17 -48.89 -1.21
CA GLY A 30 10.37 -47.77 -1.64
C GLY A 30 10.09 -47.86 -3.13
N SER A 31 8.91 -47.39 -3.53
CA SER A 31 8.58 -47.47 -4.95
C SER A 31 7.59 -46.37 -5.31
N ALA A 32 7.54 -46.10 -6.61
CA ALA A 32 6.59 -45.18 -7.19
C ALA A 32 6.39 -45.58 -8.64
N SER A 33 5.18 -45.37 -9.13
CA SER A 33 4.86 -45.74 -10.50
C SER A 33 5.38 -44.69 -11.49
N ASN A 34 5.34 -45.04 -12.77
CA ASN A 34 5.62 -44.13 -13.88
C ASN A 34 4.71 -42.91 -13.82
N ARG A 35 5.09 -41.80 -14.44
CA ARG A 35 4.21 -40.65 -14.63
C ARG A 35 4.62 -39.84 -15.87
N SER A 36 3.63 -39.26 -16.56
CA SER A 36 3.86 -38.30 -17.63
C SER A 36 3.18 -37.00 -17.28
N TYR A 37 3.90 -35.88 -17.44
CA TYR A 37 3.43 -34.60 -16.92
C TYR A 37 2.49 -33.93 -17.90
N SER A 38 1.39 -33.38 -17.38
CA SER A 38 0.40 -32.70 -18.21
C SER A 38 0.85 -31.31 -18.64
N ALA A 39 0.41 -30.92 -19.84
CA ALA A 39 0.59 -29.58 -20.38
C ALA A 39 -0.41 -28.60 -19.79
N ASP A 40 -1.65 -29.04 -19.56
CA ASP A 40 -2.72 -28.20 -19.04
C ASP A 40 -2.33 -27.47 -17.76
N GLY A 41 -1.22 -27.89 -17.17
CA GLY A 41 -0.78 -27.40 -15.89
C GLY A 41 -0.52 -28.60 -15.03
N LYS A 42 -1.22 -28.67 -13.89
CA LYS A 42 -1.11 -29.84 -13.03
C LYS A 42 -1.94 -30.98 -13.63
N GLY A 43 -1.76 -32.18 -13.06
CA GLY A 43 -2.30 -33.44 -13.53
C GLY A 43 -1.18 -34.33 -14.07
N THR A 44 -1.26 -35.64 -13.79
CA THR A 44 -0.40 -36.64 -14.43
C THR A 44 -1.22 -37.82 -14.97
N GLU A 45 -0.59 -38.63 -15.83
CA GLU A 45 -1.13 -39.90 -16.31
C GLU A 45 -0.12 -41.02 -16.08
N SER A 46 -0.63 -42.26 -15.97
CA SER A 46 0.21 -43.42 -15.73
C SER A 46 -0.30 -44.59 -16.53
N HIS A 47 0.65 -45.46 -16.94
CA HIS A 47 0.36 -46.83 -17.30
C HIS A 47 0.52 -47.72 -16.04
N PRO A 48 -0.19 -48.85 -15.96
CA PRO A 48 -0.02 -49.79 -14.83
C PRO A 48 1.45 -50.10 -14.57
N PRO A 49 1.87 -50.01 -13.31
CA PRO A 49 3.30 -50.22 -12.96
C PRO A 49 3.80 -51.61 -13.31
N GLU A 50 5.06 -51.68 -13.81
CA GLU A 50 5.67 -52.94 -14.27
C GLU A 50 6.91 -53.36 -13.48
N ASP A 51 7.10 -52.81 -12.29
CA ASP A 51 8.22 -53.12 -11.44
C ASP A 51 7.76 -54.11 -10.37
N SER A 52 8.71 -54.80 -9.75
CA SER A 52 8.37 -55.70 -8.65
C SER A 52 9.62 -55.93 -7.83
N TRP A 53 9.47 -56.66 -6.72
CA TRP A 53 10.57 -56.89 -5.80
C TRP A 53 10.26 -58.09 -4.89
N LEU A 54 11.30 -58.57 -4.22
CA LEU A 54 11.10 -59.54 -3.17
C LEU A 54 12.26 -59.44 -2.20
N LYS A 55 12.02 -59.94 -0.99
CA LYS A 55 12.95 -59.83 0.12
C LYS A 55 12.65 -60.89 1.19
N PHE A 56 12.90 -62.14 0.86
CA PHE A 56 12.58 -63.31 1.68
C PHE A 56 13.77 -63.76 2.53
N ARG A 57 13.47 -64.47 3.61
CA ARG A 57 14.45 -65.23 4.37
C ARG A 57 13.87 -66.61 4.61
N SER A 58 14.47 -67.62 3.99
CA SER A 58 14.00 -69.00 4.19
C SER A 58 14.38 -69.49 5.59
N GLU A 59 14.08 -70.76 5.86
CA GLU A 59 14.80 -71.51 6.88
C GLU A 59 15.73 -72.45 6.15
N ASN A 60 16.95 -72.56 6.68
CA ASN A 60 18.19 -72.62 5.92
C ASN A 60 18.98 -71.46 6.48
N ASN A 61 18.24 -70.37 6.74
CA ASN A 61 18.77 -69.02 6.98
C ASN A 61 19.34 -68.43 5.69
N CYS A 62 18.64 -68.63 4.58
CA CYS A 62 19.08 -68.08 3.31
C CYS A 62 18.28 -66.82 3.00
N PHE A 63 18.98 -65.78 2.55
CA PHE A 63 18.34 -64.51 2.20
C PHE A 63 18.34 -64.29 0.69
N LEU A 64 17.20 -63.90 0.15
CA LEU A 64 17.11 -63.63 -1.29
C LEU A 64 16.44 -62.29 -1.53
N TYR A 65 17.09 -61.40 -2.26
CA TYR A 65 16.51 -60.12 -2.62
C TYR A 65 16.46 -60.02 -4.13
N GLY A 66 15.42 -59.34 -4.65
CA GLY A 66 15.36 -59.01 -6.08
C GLY A 66 14.64 -57.72 -6.40
N VAL A 67 15.04 -57.01 -7.46
CA VAL A 67 14.25 -55.91 -8.02
C VAL A 67 14.07 -56.15 -9.52
N PHE A 68 12.85 -55.98 -10.04
CA PHE A 68 12.52 -56.40 -11.41
C PHE A 68 11.90 -55.26 -12.22
N ASN A 69 12.42 -54.99 -13.42
CA ASN A 69 11.90 -53.92 -14.28
C ASN A 69 11.21 -54.55 -15.48
N GLY A 70 9.88 -54.41 -15.53
CA GLY A 70 9.12 -54.90 -16.67
C GLY A 70 8.84 -53.85 -17.74
N TYR A 71 8.62 -54.31 -18.96
CA TYR A 71 8.11 -53.48 -20.05
C TYR A 71 7.11 -54.32 -20.84
N ASP A 72 6.36 -53.65 -21.72
CA ASP A 72 5.35 -54.31 -22.56
C ASP A 72 4.33 -55.05 -21.71
N GLY A 73 3.85 -54.38 -20.66
CA GLY A 73 2.96 -55.00 -19.71
C GLY A 73 3.75 -55.62 -18.57
N ASN A 74 3.02 -56.07 -17.55
CA ASN A 74 3.67 -56.60 -16.36
C ASN A 74 3.41 -58.10 -16.16
N ARG A 75 3.13 -58.84 -17.22
CA ARG A 75 2.95 -60.27 -17.01
C ARG A 75 4.28 -60.96 -16.74
N VAL A 76 5.30 -60.69 -17.56
CA VAL A 76 6.57 -61.39 -17.39
C VAL A 76 7.20 -61.07 -16.02
N THR A 77 7.15 -59.79 -15.60
CA THR A 77 7.69 -59.38 -14.30
C THR A 77 7.10 -60.18 -13.14
N ASN A 78 5.77 -60.27 -13.07
CA ASN A 78 5.13 -61.14 -12.08
C ASN A 78 5.60 -62.58 -12.22
N PHE A 79 5.69 -63.08 -13.47
CA PHE A 79 6.06 -64.47 -13.71
C PHE A 79 7.45 -64.77 -13.17
N VAL A 80 8.42 -63.90 -13.44
CA VAL A 80 9.77 -64.23 -12.97
C VAL A 80 9.83 -64.14 -11.45
N ALA A 81 8.93 -63.36 -10.83
CA ALA A 81 8.90 -63.13 -9.39
C ALA A 81 8.38 -64.35 -8.60
N GLN A 82 7.33 -65.01 -9.11
CA GLN A 82 6.87 -66.22 -8.43
C GLN A 82 7.84 -67.36 -8.66
N ARG A 83 8.30 -67.51 -9.88
CA ARG A 83 8.95 -68.73 -10.31
C ARG A 83 10.38 -68.81 -9.81
N LEU A 84 11.05 -67.67 -9.73
CA LEU A 84 12.45 -67.69 -9.29
C LEU A 84 12.54 -67.92 -7.79
N SER A 85 11.57 -67.41 -7.03
CA SER A 85 11.42 -67.81 -5.63
C SER A 85 11.30 -69.33 -5.52
N ALA A 86 10.34 -69.91 -6.25
CA ALA A 86 10.10 -71.35 -6.13
C ALA A 86 11.32 -72.15 -6.56
N GLU A 87 12.15 -71.58 -7.45
CA GLU A 87 13.39 -72.21 -7.91
C GLU A 87 14.59 -71.98 -6.99
N LEU A 88 14.43 -71.22 -5.89
CA LEU A 88 15.63 -70.85 -5.14
C LEU A 88 15.51 -71.08 -3.65
N LEU A 89 14.33 -70.81 -3.07
CA LEU A 89 14.08 -70.88 -1.64
C LEU A 89 13.42 -72.18 -1.20
N LEU A 90 13.09 -73.08 -2.13
CA LEU A 90 12.51 -74.39 -1.77
C LEU A 90 13.57 -75.48 -1.60
N GLY A 91 14.72 -75.17 -1.00
CA GLY A 91 15.74 -76.15 -0.71
C GLY A 91 16.99 -76.09 -1.57
N GLN A 92 16.92 -75.46 -2.75
CA GLN A 92 18.04 -75.51 -3.69
C GLN A 92 19.24 -74.65 -3.22
N LEU A 93 19.02 -73.68 -2.32
CA LEU A 93 20.12 -72.98 -1.67
C LEU A 93 20.22 -73.38 -0.21
N ASN A 94 21.46 -73.47 0.31
CA ASN A 94 21.69 -73.54 1.75
C ASN A 94 23.06 -72.94 2.11
N ALA A 95 23.18 -72.60 3.40
CA ALA A 95 24.27 -71.77 3.93
C ALA A 95 25.65 -72.40 3.78
N GLU A 96 25.76 -73.72 3.62
CA GLU A 96 27.07 -74.35 3.53
C GLU A 96 27.51 -74.58 2.08
N HIS A 97 26.90 -73.87 1.14
CA HIS A 97 27.12 -74.06 -0.29
C HIS A 97 28.37 -73.34 -0.75
N ALA A 98 29.32 -74.08 -1.31
CA ALA A 98 30.52 -73.44 -1.84
C ALA A 98 30.13 -72.45 -2.93
N GLU A 99 31.11 -71.72 -3.41
CA GLU A 99 30.80 -70.72 -4.41
C GLU A 99 30.46 -71.38 -5.74
N ALA A 100 31.15 -72.46 -6.12
CA ALA A 100 30.75 -73.20 -7.32
C ALA A 100 29.28 -73.63 -7.23
N ASP A 101 28.86 -74.17 -6.08
CA ASP A 101 27.47 -74.49 -5.85
C ASP A 101 26.55 -73.32 -6.20
N VAL A 102 26.84 -72.14 -5.65
CA VAL A 102 25.92 -71.02 -5.82
C VAL A 102 25.81 -70.60 -7.27
N ARG A 103 26.93 -70.66 -8.01
CA ARG A 103 26.87 -70.23 -9.42
C ARG A 103 26.04 -71.20 -10.23
N ARG A 104 26.15 -72.50 -9.92
CA ARG A 104 25.38 -73.49 -10.66
C ARG A 104 23.90 -73.31 -10.42
N VAL A 105 23.51 -73.12 -9.15
CA VAL A 105 22.11 -73.07 -8.79
C VAL A 105 21.43 -71.86 -9.42
N LEU A 106 22.11 -70.70 -9.36
CA LEU A 106 21.56 -69.50 -9.97
C LEU A 106 21.41 -69.66 -11.47
N LEU A 107 22.40 -70.24 -12.15
CA LEU A 107 22.25 -70.49 -13.59
C LEU A 107 21.08 -71.43 -13.86
N GLN A 108 20.96 -72.52 -13.06
CA GLN A 108 19.83 -73.43 -13.23
C GLN A 108 18.50 -72.70 -13.07
N ALA A 109 18.36 -71.97 -11.95
CA ALA A 109 17.13 -71.23 -11.68
C ALA A 109 16.71 -70.31 -12.83
N PHE A 110 17.63 -69.50 -13.35
CA PHE A 110 17.25 -68.52 -14.36
C PHE A 110 16.88 -69.21 -15.68
N ASP A 111 17.51 -70.33 -16.01
CA ASP A 111 17.16 -71.02 -17.24
C ASP A 111 15.80 -71.70 -17.17
N VAL A 112 15.40 -72.19 -16.00
CA VAL A 112 14.08 -72.77 -15.86
C VAL A 112 13.00 -71.72 -16.10
N VAL A 113 13.19 -70.51 -15.56
CA VAL A 113 12.16 -69.48 -15.64
C VAL A 113 11.93 -69.05 -17.09
N GLU A 114 13.03 -68.83 -17.82
CA GLU A 114 12.95 -68.42 -19.21
C GLU A 114 12.39 -69.54 -20.10
N ARG A 115 12.73 -70.81 -19.83
CA ARG A 115 12.18 -71.89 -20.66
C ARG A 115 10.66 -72.01 -20.46
N SER A 116 10.21 -72.01 -19.21
CA SER A 116 8.78 -72.21 -18.99
C SER A 116 7.97 -70.99 -19.39
N PHE A 117 8.54 -69.77 -19.39
CA PHE A 117 7.77 -68.64 -19.90
C PHE A 117 7.52 -68.77 -21.40
N LEU A 118 8.57 -69.09 -22.15
CA LEU A 118 8.40 -69.32 -23.58
C LEU A 118 7.43 -70.46 -23.85
N GLU A 119 7.57 -71.57 -23.11
CA GLU A 119 6.60 -72.66 -23.23
C GLU A 119 5.17 -72.21 -22.91
N SER A 120 5.01 -71.28 -21.95
CA SER A 120 3.68 -70.85 -21.53
C SER A 120 2.87 -70.17 -22.63
N ILE A 121 3.51 -69.69 -23.71
CA ILE A 121 2.84 -68.92 -24.75
C ILE A 121 2.93 -69.55 -26.14
N ASP A 122 3.52 -70.75 -26.29
CA ASP A 122 3.64 -71.34 -27.63
C ASP A 122 2.27 -71.62 -28.25
N ASP A 123 1.31 -72.07 -27.43
CA ASP A 123 -0.03 -72.29 -27.95
C ASP A 123 -0.64 -71.00 -28.49
N ALA A 124 -0.58 -69.94 -27.68
CA ALA A 124 -1.11 -68.65 -28.10
C ALA A 124 -0.44 -68.15 -29.38
N LEU A 125 0.89 -68.30 -29.48
CA LEU A 125 1.62 -67.88 -30.68
C LEU A 125 1.22 -68.69 -31.90
N ALA A 126 0.79 -69.93 -31.70
CA ALA A 126 0.37 -70.72 -32.84
C ALA A 126 -1.04 -70.34 -33.27
N GLU A 127 -1.93 -70.06 -32.30
CA GLU A 127 -3.25 -69.57 -32.65
C GLU A 127 -3.17 -68.23 -33.37
N LYS A 128 -2.21 -67.37 -32.98
CA LYS A 128 -2.07 -66.08 -33.61
C LYS A 128 -1.76 -66.22 -35.10
N ALA A 129 -0.83 -67.10 -35.45
CA ALA A 129 -0.46 -67.22 -36.86
C ALA A 129 -1.61 -67.74 -37.70
N SER A 130 -2.40 -68.66 -37.12
CA SER A 130 -3.52 -69.23 -37.87
C SER A 130 -4.59 -68.17 -38.13
N LEU A 131 -4.83 -67.31 -37.14
CA LEU A 131 -5.73 -66.19 -37.36
C LEU A 131 -5.15 -65.21 -38.38
N GLN A 132 -3.87 -64.85 -38.24
CA GLN A 132 -3.33 -63.80 -39.11
C GLN A 132 -3.42 -64.16 -40.59
N SER A 133 -3.30 -65.46 -40.90
CA SER A 133 -3.49 -65.96 -42.25
C SER A 133 -4.95 -65.86 -42.74
N GLN A 134 -5.92 -65.65 -41.85
CA GLN A 134 -7.32 -65.56 -42.23
C GLN A 134 -7.78 -64.15 -42.54
N LEU A 135 -6.85 -63.20 -42.70
CA LEU A 135 -7.18 -61.82 -43.03
C LEU A 135 -6.68 -61.48 -44.42
N PRO A 136 -7.40 -60.62 -45.15
CA PRO A 136 -7.00 -60.30 -46.52
C PRO A 136 -5.60 -59.72 -46.56
N GLU A 137 -4.76 -60.27 -47.44
CA GLU A 137 -3.34 -59.95 -47.41
C GLU A 137 -3.10 -58.49 -47.76
N GLY A 138 -2.44 -57.75 -46.88
CA GLY A 138 -2.06 -56.38 -47.17
C GLY A 138 -3.10 -55.33 -46.87
N VAL A 139 -4.35 -55.70 -46.60
CA VAL A 139 -5.46 -54.72 -46.54
C VAL A 139 -5.46 -54.11 -45.14
N PRO A 140 -5.34 -52.80 -45.03
CA PRO A 140 -5.37 -52.19 -43.71
C PRO A 140 -6.64 -52.62 -43.00
N GLN A 141 -6.51 -53.00 -41.72
CA GLN A 141 -7.64 -53.61 -41.01
C GLN A 141 -8.81 -52.65 -40.90
N HIS A 142 -8.56 -51.35 -40.93
CA HIS A 142 -9.62 -50.36 -40.80
C HIS A 142 -10.54 -50.36 -42.02
N GLN A 143 -10.05 -50.71 -43.20
CA GLN A 143 -10.95 -50.81 -44.34
C GLN A 143 -11.69 -52.12 -44.37
N LEU A 144 -11.54 -52.96 -43.32
CA LEU A 144 -12.11 -54.31 -43.33
C LEU A 144 -13.55 -54.36 -42.83
N PRO A 145 -14.38 -55.18 -43.45
CA PRO A 145 -15.80 -55.14 -43.15
C PRO A 145 -16.12 -55.87 -41.85
N PRO A 146 -17.39 -55.90 -41.43
CA PRO A 146 -17.70 -56.48 -40.09
C PRO A 146 -17.59 -58.01 -39.99
N GLN A 147 -17.43 -58.74 -41.09
CA GLN A 147 -17.28 -60.20 -40.99
C GLN A 147 -16.05 -60.56 -40.17
N TYR A 148 -14.99 -59.77 -40.28
CA TYR A 148 -13.70 -60.09 -39.67
C TYR A 148 -13.56 -59.58 -38.25
N GLN A 149 -14.59 -58.89 -37.73
CA GLN A 149 -14.42 -58.15 -36.49
C GLN A 149 -14.15 -59.09 -35.34
N LYS A 150 -14.65 -60.32 -35.44
CA LYS A 150 -14.41 -61.27 -34.36
C LYS A 150 -12.95 -61.71 -34.34
N ILE A 151 -12.36 -61.96 -35.51
CA ILE A 151 -10.97 -62.41 -35.59
C ILE A 151 -10.04 -61.33 -35.05
N LEU A 152 -10.32 -60.07 -35.40
CA LEU A 152 -9.50 -58.97 -34.90
C LEU A 152 -9.56 -58.90 -33.37
N GLU A 153 -10.77 -58.97 -32.81
CA GLU A 153 -10.96 -59.00 -31.36
C GLU A 153 -10.03 -60.01 -30.70
N ARG A 154 -10.05 -61.25 -31.19
CA ARG A 154 -9.20 -62.30 -30.64
C ARG A 154 -7.72 -61.93 -30.76
N LEU A 155 -7.29 -61.44 -31.93
CA LEU A 155 -5.88 -61.06 -32.07
C LEU A 155 -5.49 -59.96 -31.08
N LYS A 156 -6.42 -59.07 -30.73
CA LYS A 156 -6.11 -58.10 -29.68
C LYS A 156 -5.94 -58.78 -28.33
N THR A 157 -6.65 -59.88 -28.12
CA THR A 157 -6.59 -60.51 -26.81
C THR A 157 -5.37 -61.39 -26.67
N LEU A 158 -4.98 -62.07 -27.76
CA LEU A 158 -3.79 -62.89 -27.70
C LEU A 158 -2.54 -62.05 -27.50
N GLU A 159 -2.46 -60.91 -28.20
CA GLU A 159 -1.36 -59.97 -27.99
C GLU A 159 -1.22 -59.60 -26.53
N ARG A 160 -2.33 -59.54 -25.79
CA ARG A 160 -2.25 -59.15 -24.38
C ARG A 160 -1.68 -60.26 -23.49
N GLU A 161 -1.85 -61.53 -23.83
CA GLU A 161 -1.35 -62.57 -22.95
C GLU A 161 0.04 -63.11 -23.33
N ILE A 162 0.58 -62.74 -24.49
CA ILE A 162 1.94 -63.15 -24.86
C ILE A 162 2.96 -62.03 -24.72
N SER A 163 2.55 -60.80 -24.49
CA SER A 163 3.51 -59.71 -24.56
C SER A 163 4.22 -59.53 -23.22
N GLY A 164 5.35 -58.84 -23.27
CA GLY A 164 6.04 -58.50 -22.06
C GLY A 164 7.45 -59.03 -22.00
N GLY A 165 8.31 -58.32 -21.29
CA GLY A 165 9.67 -58.74 -21.00
C GLY A 165 10.01 -58.19 -19.64
N ALA A 166 11.20 -58.55 -19.13
CA ALA A 166 11.66 -58.16 -17.81
C ALA A 166 13.18 -58.19 -17.71
N MET A 167 13.73 -57.19 -17.02
CA MET A 167 15.10 -57.24 -16.52
C MET A 167 15.12 -57.46 -15.00
N ALA A 168 16.17 -58.12 -14.50
CA ALA A 168 16.20 -58.59 -13.11
C ALA A 168 17.56 -58.38 -12.49
N VAL A 169 17.61 -57.93 -11.23
CA VAL A 169 18.84 -57.97 -10.42
C VAL A 169 18.52 -58.61 -9.09
N VAL A 170 19.32 -59.61 -8.73
CA VAL A 170 19.04 -60.54 -7.66
C VAL A 170 20.29 -60.66 -6.80
N ALA A 171 20.12 -60.70 -5.50
CA ALA A 171 21.20 -60.86 -4.53
C ALA A 171 20.92 -62.09 -3.65
N VAL A 172 21.95 -62.87 -3.35
CA VAL A 172 21.82 -63.97 -2.41
C VAL A 172 22.83 -63.74 -1.28
N LEU A 173 22.37 -63.85 -0.05
CA LEU A 173 23.25 -63.73 1.12
C LEU A 173 23.19 -65.01 1.94
N LEU A 174 24.35 -65.68 2.05
CA LEU A 174 24.50 -66.90 2.84
C LEU A 174 25.62 -66.67 3.84
N ASN A 175 25.29 -66.59 5.13
CA ASN A 175 26.26 -66.46 6.23
C ASN A 175 27.40 -65.49 5.92
N ASN A 176 27.07 -64.23 5.67
CA ASN A 176 28.05 -63.19 5.29
C ASN A 176 28.72 -63.32 3.92
N LYS A 177 28.38 -64.28 3.07
CA LYS A 177 28.86 -64.25 1.70
C LYS A 177 27.75 -63.65 0.83
N LEU A 178 28.09 -62.62 0.05
CA LEU A 178 27.12 -61.91 -0.79
C LEU A 178 27.31 -62.27 -2.26
N TYR A 179 26.23 -62.66 -2.92
CA TYR A 179 26.25 -62.96 -4.35
C TYR A 179 25.26 -62.06 -5.07
N VAL A 180 25.58 -61.77 -6.32
CA VAL A 180 24.74 -60.95 -7.18
C VAL A 180 24.59 -61.61 -8.54
N ALA A 181 23.36 -61.68 -9.02
CA ALA A 181 23.03 -62.21 -10.34
C ALA A 181 22.29 -61.12 -11.12
N ASN A 182 22.73 -60.83 -12.36
CA ASN A 182 22.17 -59.70 -13.10
C ASN A 182 21.83 -60.04 -14.54
N VAL A 183 20.64 -59.64 -14.95
CA VAL A 183 20.19 -59.66 -16.35
C VAL A 183 19.60 -58.30 -16.62
N GLY A 184 20.40 -57.37 -17.14
CA GLY A 184 19.88 -56.09 -17.63
C GLY A 184 20.53 -54.86 -17.02
N THR A 185 19.76 -53.77 -16.90
CA THR A 185 20.29 -52.47 -16.52
C THR A 185 19.93 -52.04 -15.10
N ASN A 186 19.25 -52.88 -14.31
CA ASN A 186 19.12 -52.58 -12.88
C ASN A 186 20.50 -52.72 -12.23
N ARG A 187 20.66 -52.13 -11.03
CA ARG A 187 22.00 -51.98 -10.45
C ARG A 187 22.04 -52.38 -8.97
N ALA A 188 23.25 -52.73 -8.55
CA ALA A 188 23.52 -53.22 -7.20
C ALA A 188 24.72 -52.48 -6.61
N LEU A 189 24.49 -51.69 -5.57
CA LEU A 189 25.57 -50.94 -4.91
C LEU A 189 25.85 -51.46 -3.50
N LEU A 190 27.11 -51.84 -3.24
CA LEU A 190 27.59 -52.10 -1.90
C LEU A 190 28.22 -50.82 -1.37
N CYS A 191 27.78 -50.39 -0.18
CA CYS A 191 28.11 -49.07 0.36
C CYS A 191 28.70 -49.26 1.76
N LYS A 192 30.02 -49.11 1.89
CA LYS A 192 30.69 -49.27 3.17
C LYS A 192 31.05 -47.92 3.79
N SER A 193 31.10 -47.88 5.14
CA SER A 193 31.52 -46.70 5.89
C SER A 193 32.98 -46.86 6.32
N THR A 194 33.81 -45.89 5.92
CA THR A 194 35.15 -45.68 6.43
C THR A 194 35.16 -44.37 7.22
N VAL A 195 36.27 -44.12 7.94
CA VAL A 195 36.43 -42.80 8.57
C VAL A 195 36.54 -41.70 7.50
N ASP A 196 36.98 -42.03 6.29
CA ASP A 196 36.89 -41.09 5.18
C ASP A 196 35.42 -40.80 4.86
N GLY A 197 34.62 -41.85 4.73
CA GLY A 197 33.21 -41.70 4.46
C GLY A 197 32.59 -42.92 3.82
N LEU A 198 31.68 -42.69 2.87
CA LEU A 198 30.88 -43.74 2.25
C LEU A 198 31.52 -44.14 0.94
N GLN A 199 31.90 -45.41 0.81
CA GLN A 199 32.56 -45.92 -0.40
C GLN A 199 31.57 -46.75 -1.21
N VAL A 200 31.22 -46.27 -2.39
CA VAL A 200 30.18 -46.89 -3.22
C VAL A 200 30.83 -47.66 -4.34
N THR A 201 30.44 -48.92 -4.53
CA THR A 201 30.86 -49.66 -5.72
C THR A 201 29.73 -50.49 -6.30
N GLN A 202 29.56 -50.40 -7.61
CA GLN A 202 28.56 -51.17 -8.35
C GLN A 202 29.07 -52.60 -8.53
N LEU A 203 28.37 -53.57 -7.95
CA LEU A 203 28.82 -54.96 -8.03
C LEU A 203 28.58 -55.63 -9.37
N ASN A 204 27.58 -55.19 -10.14
CA ASN A 204 27.26 -55.78 -11.44
C ASN A 204 27.65 -54.84 -12.56
N VAL A 205 27.55 -55.32 -13.80
CA VAL A 205 27.79 -54.47 -14.95
C VAL A 205 26.47 -54.31 -15.71
N ASP A 206 26.29 -53.14 -16.32
CA ASP A 206 25.14 -52.88 -17.17
C ASP A 206 25.25 -53.67 -18.47
N HIS A 207 24.20 -54.36 -18.86
CA HIS A 207 24.19 -55.00 -20.17
C HIS A 207 23.61 -54.06 -21.22
N THR A 208 24.46 -53.22 -21.81
CA THR A 208 24.03 -52.45 -22.97
C THR A 208 25.00 -52.65 -24.15
N THR A 209 24.79 -51.91 -25.24
CA THR A 209 25.74 -51.94 -26.36
C THR A 209 26.96 -51.07 -26.13
N GLU A 210 27.03 -50.38 -24.99
CA GLU A 210 28.25 -49.72 -24.55
C GLU A 210 29.16 -50.64 -23.72
N ASN A 211 28.74 -51.87 -23.44
CA ASN A 211 29.51 -52.78 -22.58
C ASN A 211 30.48 -53.59 -23.42
N GLU A 212 31.78 -53.37 -23.22
CA GLU A 212 32.76 -53.95 -24.14
C GLU A 212 32.63 -55.47 -24.23
N ASP A 213 32.27 -56.14 -23.14
CA ASP A 213 32.20 -57.60 -23.23
C ASP A 213 30.93 -58.09 -23.93
N GLU A 214 29.79 -57.41 -23.74
CA GLU A 214 28.65 -57.71 -24.61
C GLU A 214 28.99 -57.46 -26.07
N LEU A 215 29.77 -56.41 -26.36
CA LEU A 215 30.20 -56.14 -27.73
C LEU A 215 30.96 -57.32 -28.34
N PHE A 216 31.81 -57.98 -27.56
CA PHE A 216 32.55 -59.16 -28.02
C PHE A 216 31.61 -60.36 -28.23
N ARG A 217 30.65 -60.53 -27.32
CA ARG A 217 29.68 -61.60 -27.41
C ARG A 217 28.76 -61.42 -28.61
N LEU A 218 28.40 -60.16 -28.91
CA LEU A 218 27.56 -59.89 -30.06
C LEU A 218 28.34 -60.08 -31.35
N SER A 219 29.63 -59.72 -31.34
CA SER A 219 30.50 -59.98 -32.47
C SER A 219 30.62 -61.48 -32.75
N GLN A 220 30.75 -62.29 -31.69
CA GLN A 220 30.97 -63.71 -31.87
C GLN A 220 29.74 -64.45 -32.38
N LEU A 221 28.59 -63.77 -32.44
CA LEU A 221 27.38 -64.29 -33.07
C LEU A 221 27.22 -63.77 -34.51
N GLY A 222 28.26 -63.15 -35.06
CA GLY A 222 28.31 -62.82 -36.46
C GLY A 222 27.86 -61.43 -36.81
N LEU A 223 27.68 -60.54 -35.84
CA LEU A 223 27.22 -59.21 -36.15
C LEU A 223 28.37 -58.23 -36.08
N ASP A 224 28.02 -56.97 -36.32
CA ASP A 224 28.97 -55.89 -36.58
C ASP A 224 29.02 -55.01 -35.34
N ALA A 225 29.95 -55.35 -34.43
CA ALA A 225 30.31 -54.46 -33.35
C ALA A 225 30.93 -53.22 -33.98
N GLY A 226 30.12 -52.19 -34.12
CA GLY A 226 30.54 -51.00 -34.81
C GLY A 226 29.26 -50.33 -35.23
N LYS A 227 28.43 -51.09 -35.95
CA LYS A 227 27.08 -50.65 -36.26
C LYS A 227 26.11 -51.01 -35.15
N ILE A 228 26.49 -51.96 -34.30
CA ILE A 228 25.70 -52.25 -33.11
C ILE A 228 25.94 -51.19 -32.03
N LYS A 229 27.21 -50.83 -31.79
CA LYS A 229 27.53 -49.72 -30.90
C LYS A 229 26.87 -48.42 -31.36
N GLN A 230 26.95 -48.13 -32.66
CA GLN A 230 26.39 -46.90 -33.21
C GLN A 230 24.89 -46.78 -32.94
N VAL A 231 24.10 -47.80 -33.30
CA VAL A 231 22.66 -47.69 -33.12
C VAL A 231 22.30 -47.64 -31.63
N GLY A 232 23.06 -48.36 -30.80
CA GLY A 232 22.89 -48.33 -29.34
C GLY A 232 21.66 -49.00 -28.69
N ILE A 233 20.48 -48.74 -29.22
CA ILE A 233 19.25 -49.34 -28.73
C ILE A 233 18.91 -50.51 -29.63
N ILE A 234 18.07 -51.42 -29.12
CA ILE A 234 17.45 -52.48 -29.93
C ILE A 234 16.00 -52.60 -29.49
N CYS A 235 15.07 -52.20 -30.37
CA CYS A 235 13.64 -52.57 -30.27
C CYS A 235 12.96 -51.93 -29.06
N GLY A 236 13.33 -50.68 -28.73
CA GLY A 236 12.75 -50.00 -27.57
C GLY A 236 13.62 -49.95 -26.32
N GLN A 237 14.32 -51.03 -26.00
CA GLN A 237 15.09 -51.13 -24.77
C GLN A 237 16.59 -51.09 -25.05
N GLU A 238 17.35 -50.67 -24.03
CA GLU A 238 18.80 -50.65 -24.09
C GLU A 238 19.44 -51.94 -23.62
N SER A 239 18.74 -52.76 -22.85
CA SER A 239 19.36 -53.96 -22.32
C SER A 239 19.71 -54.91 -23.46
N THR A 240 20.93 -55.45 -23.40
CA THR A 240 21.30 -56.55 -24.30
C THR A 240 21.05 -57.93 -23.68
N ARG A 241 20.34 -57.98 -22.55
CA ARG A 241 19.86 -59.22 -21.93
C ARG A 241 18.52 -58.92 -21.27
N ARG A 242 17.53 -59.79 -21.47
CA ARG A 242 16.19 -59.63 -20.93
C ARG A 242 15.56 -61.00 -20.74
N ILE A 243 14.65 -61.11 -19.76
CA ILE A 243 13.86 -62.32 -19.58
C ILE A 243 12.54 -62.15 -20.34
N GLY A 244 12.19 -63.14 -21.17
CA GLY A 244 10.95 -63.14 -21.92
C GLY A 244 11.04 -62.37 -23.22
N ASP A 245 9.93 -61.77 -23.64
CA ASP A 245 9.84 -60.95 -24.85
C ASP A 245 10.00 -61.80 -26.11
N TYR A 246 8.86 -62.27 -26.66
CA TYR A 246 8.85 -63.15 -27.82
C TYR A 246 9.32 -62.45 -29.08
N LYS A 247 9.15 -61.14 -29.16
CA LYS A 247 9.52 -60.36 -30.34
C LYS A 247 11.01 -60.39 -30.60
N VAL A 248 11.82 -60.54 -29.56
CA VAL A 248 13.26 -60.61 -29.78
C VAL A 248 13.82 -62.01 -29.60
N LYS A 249 13.16 -62.87 -28.84
CA LYS A 249 13.65 -64.24 -28.73
C LYS A 249 13.25 -65.11 -29.91
N TYR A 250 12.32 -64.67 -30.76
CA TYR A 250 11.90 -65.47 -31.91
C TYR A 250 11.97 -64.67 -33.21
N GLY A 251 11.71 -63.38 -33.15
CA GLY A 251 11.59 -62.64 -34.39
C GLY A 251 12.80 -61.79 -34.70
N TYR A 252 13.97 -62.19 -34.20
CA TYR A 252 15.15 -61.37 -34.41
C TYR A 252 15.67 -61.48 -35.83
N THR A 253 15.43 -62.63 -36.49
CA THR A 253 15.87 -62.83 -37.87
C THR A 253 15.19 -61.87 -38.85
N ASP A 254 14.06 -61.28 -38.48
CA ASP A 254 13.38 -60.32 -39.35
C ASP A 254 13.98 -58.92 -39.23
N ILE A 255 14.28 -58.50 -38.00
CA ILE A 255 14.86 -57.18 -37.77
C ILE A 255 16.27 -57.12 -38.36
N ASP A 256 16.58 -56.00 -39.01
CA ASP A 256 17.85 -55.88 -39.73
C ASP A 256 18.94 -55.28 -38.85
N LEU A 257 20.19 -55.41 -39.32
CA LEU A 257 21.41 -55.13 -38.57
C LEU A 257 21.30 -55.78 -37.19
N LEU A 258 20.69 -56.95 -37.21
CA LEU A 258 20.49 -57.86 -36.11
C LEU A 258 20.00 -59.12 -36.83
N SER A 259 20.04 -59.04 -38.16
CA SER A 259 19.33 -59.99 -39.01
C SER A 259 20.10 -61.28 -39.18
N ALA A 260 21.39 -61.18 -39.42
CA ALA A 260 22.23 -62.32 -39.76
C ALA A 260 23.08 -62.77 -38.57
N ALA A 261 22.41 -63.20 -37.53
CA ALA A 261 23.04 -63.70 -36.32
C ALA A 261 22.87 -65.20 -36.24
N LYS A 262 23.92 -65.88 -35.78
CA LYS A 262 23.92 -67.35 -35.69
C LYS A 262 23.12 -67.84 -34.48
N SER A 263 23.01 -67.01 -33.44
CA SER A 263 22.31 -67.34 -32.23
C SER A 263 21.61 -66.08 -31.73
N LYS A 264 20.54 -66.28 -30.94
CA LYS A 264 19.84 -65.26 -30.17
C LYS A 264 20.78 -64.14 -29.70
N PRO A 265 20.68 -62.93 -30.25
CA PRO A 265 21.50 -61.81 -29.75
C PRO A 265 21.16 -61.40 -28.33
N ILE A 266 19.88 -61.34 -27.94
CA ILE A 266 19.47 -60.97 -26.59
C ILE A 266 19.17 -62.23 -25.81
N ILE A 267 20.05 -62.62 -24.87
CA ILE A 267 19.94 -63.87 -24.11
C ILE A 267 19.38 -63.58 -22.72
N ALA A 268 18.86 -64.62 -22.06
CA ALA A 268 18.32 -64.52 -20.71
C ALA A 268 19.28 -65.02 -19.63
N GLU A 269 20.51 -65.25 -19.98
CA GLU A 269 21.44 -65.81 -19.03
C GLU A 269 21.94 -64.76 -18.04
N PRO A 270 21.90 -65.03 -16.73
CA PRO A 270 22.45 -64.09 -15.76
C PRO A 270 23.96 -64.10 -15.81
N GLU A 271 24.52 -62.93 -15.51
CA GLU A 271 25.92 -62.78 -15.14
C GLU A 271 26.03 -62.74 -13.61
N ILE A 272 26.87 -63.58 -13.05
CA ILE A 272 27.02 -63.79 -11.60
C ILE A 272 28.33 -63.17 -11.06
N HIS A 273 28.22 -62.36 -9.99
CA HIS A 273 29.35 -61.69 -9.34
C HIS A 273 29.33 -62.12 -7.88
N GLY A 274 30.43 -62.67 -7.40
CA GLY A 274 30.20 -63.56 -6.28
C GLY A 274 31.38 -63.78 -5.38
N ALA A 275 31.04 -63.96 -4.10
CA ALA A 275 31.90 -63.90 -2.93
C ALA A 275 32.40 -62.49 -2.65
N GLN A 276 31.52 -61.67 -2.05
CA GLN A 276 31.85 -60.44 -1.32
C GLN A 276 31.89 -60.72 0.18
N PRO A 277 33.08 -60.76 0.80
CA PRO A 277 33.13 -60.96 2.24
C PRO A 277 32.51 -59.75 2.90
N LEU A 278 31.66 -60.01 3.89
CA LEU A 278 31.00 -58.92 4.59
C LEU A 278 31.32 -58.87 6.08
N ASP A 279 32.25 -59.71 6.54
CA ASP A 279 32.74 -59.62 7.91
C ASP A 279 33.38 -58.26 8.15
N GLY A 280 33.14 -57.70 9.34
CA GLY A 280 33.67 -56.39 9.71
C GLY A 280 33.32 -55.27 8.76
N VAL A 281 32.22 -55.40 8.01
CA VAL A 281 31.72 -54.34 7.14
C VAL A 281 30.55 -53.62 7.82
N THR A 282 30.49 -52.31 7.66
CA THR A 282 29.39 -51.49 8.16
C THR A 282 28.84 -50.67 7.00
N GLY A 283 27.58 -50.91 6.67
CA GLY A 283 26.90 -50.12 5.68
C GLY A 283 25.63 -50.83 5.22
N PHE A 284 25.36 -50.70 3.92
CA PHE A 284 24.11 -51.14 3.35
C PHE A 284 24.29 -51.53 1.89
N LEU A 285 23.39 -52.38 1.43
CA LEU A 285 23.23 -52.85 0.07
C LEU A 285 22.05 -52.17 -0.62
N VAL A 286 22.26 -51.74 -1.86
CA VAL A 286 21.23 -51.08 -2.65
C VAL A 286 20.90 -51.96 -3.86
N LEU A 287 19.60 -52.17 -4.09
CA LEU A 287 19.09 -52.66 -5.36
C LEU A 287 18.09 -51.63 -5.86
N MET A 288 18.25 -51.23 -7.12
CA MET A 288 17.41 -50.18 -7.67
C MET A 288 17.12 -50.49 -9.13
N SER A 289 15.96 -50.08 -9.60
CA SER A 289 15.55 -50.28 -11.00
C SER A 289 16.02 -49.14 -11.90
N GLU A 290 16.22 -49.45 -13.18
CA GLU A 290 16.67 -48.47 -14.17
C GLU A 290 15.92 -47.15 -14.06
N GLY A 291 14.60 -47.22 -13.90
CA GLY A 291 13.82 -45.99 -13.84
C GLY A 291 14.27 -45.03 -12.74
N LEU A 292 14.67 -45.56 -11.59
CA LEU A 292 15.15 -44.69 -10.53
C LEU A 292 16.32 -43.84 -11.00
N TYR A 293 17.43 -44.48 -11.44
CA TYR A 293 18.60 -43.67 -11.74
C TYR A 293 18.49 -42.93 -13.09
N LYS A 294 17.74 -43.45 -14.07
CA LYS A 294 17.55 -42.67 -15.31
C LYS A 294 16.91 -41.32 -15.01
N ALA A 295 15.94 -41.28 -14.07
CA ALA A 295 15.20 -40.05 -13.86
C ALA A 295 16.07 -38.99 -13.20
N LEU A 296 16.98 -39.41 -12.33
CA LEU A 296 17.95 -38.49 -11.77
C LEU A 296 18.96 -38.03 -12.82
N GLU A 297 19.33 -38.90 -13.75
CA GLU A 297 20.24 -38.45 -14.79
C GLU A 297 19.52 -37.53 -15.77
N ALA A 298 18.20 -37.65 -15.90
CA ALA A 298 17.50 -36.66 -16.72
C ALA A 298 17.52 -35.29 -16.05
N ALA A 299 17.41 -35.25 -14.72
CA ALA A 299 17.34 -33.97 -14.00
C ALA A 299 18.70 -33.30 -13.87
N HIS A 300 19.77 -34.06 -13.60
CA HIS A 300 21.07 -33.50 -13.25
C HIS A 300 22.16 -33.71 -14.28
N GLY A 301 21.90 -34.43 -15.36
CA GLY A 301 22.95 -34.76 -16.29
C GLY A 301 23.57 -36.09 -15.94
N PRO A 302 24.21 -36.74 -16.90
CA PRO A 302 24.83 -38.03 -16.60
C PRO A 302 26.09 -37.80 -15.79
N GLY A 303 26.48 -38.83 -15.03
CA GLY A 303 27.71 -38.65 -14.29
C GLY A 303 27.87 -39.46 -13.03
N GLN A 304 27.09 -39.14 -12.00
CA GLN A 304 27.33 -39.67 -10.66
C GLN A 304 26.00 -39.94 -10.00
N ALA A 305 25.17 -40.81 -10.61
CA ALA A 305 23.87 -41.07 -10.01
C ALA A 305 24.00 -42.07 -8.87
N ASN A 306 24.88 -43.04 -9.03
CA ASN A 306 25.13 -43.99 -7.97
C ASN A 306 25.64 -43.26 -6.73
N GLN A 307 26.65 -42.41 -6.89
CA GLN A 307 27.17 -41.63 -5.77
C GLN A 307 26.09 -40.71 -5.16
N GLU A 308 25.24 -40.11 -5.99
CA GLU A 308 24.28 -39.15 -5.47
C GLU A 308 23.12 -39.82 -4.75
N ILE A 309 22.68 -40.98 -5.24
CA ILE A 309 21.57 -41.69 -4.60
C ILE A 309 22.04 -42.32 -3.29
N ALA A 310 23.22 -42.92 -3.28
CA ALA A 310 23.82 -43.38 -2.04
C ALA A 310 23.79 -42.29 -0.97
N ALA A 311 24.21 -41.08 -1.34
CA ALA A 311 24.35 -40.02 -0.33
C ALA A 311 22.99 -39.56 0.17
N MET A 312 21.99 -39.52 -0.72
CA MET A 312 20.61 -39.29 -0.30
C MET A 312 20.21 -40.30 0.77
N ILE A 313 20.54 -41.58 0.54
CA ILE A 313 20.21 -42.63 1.49
C ILE A 313 20.93 -42.41 2.82
N ASP A 314 22.22 -42.09 2.76
CA ASP A 314 22.99 -41.71 3.94
C ASP A 314 22.23 -40.74 4.83
N THR A 315 21.73 -39.65 4.24
CA THR A 315 20.99 -38.63 4.97
C THR A 315 19.75 -39.21 5.68
N GLU A 316 18.91 -39.94 4.95
CA GLU A 316 17.64 -40.35 5.54
C GLU A 316 17.87 -41.37 6.66
N PHE A 317 18.99 -42.10 6.61
CA PHE A 317 19.31 -43.04 7.69
C PHE A 317 19.26 -42.34 9.05
N ALA A 318 19.78 -41.11 9.11
CA ALA A 318 19.82 -40.37 10.37
C ALA A 318 18.45 -39.79 10.77
N LYS A 319 17.50 -39.71 9.85
CA LYS A 319 16.25 -39.00 10.11
C LYS A 319 15.01 -39.90 10.24
N GLN A 320 14.96 -41.04 9.56
CA GLN A 320 13.75 -41.85 9.55
C GLN A 320 13.78 -42.95 10.60
N THR A 321 12.62 -43.57 10.80
CA THR A 321 12.46 -44.58 11.86
C THR A 321 12.49 -46.02 11.35
N SER A 322 12.40 -46.27 10.05
CA SER A 322 12.50 -47.62 9.53
C SER A 322 13.15 -47.59 8.16
N LEU A 323 13.68 -48.75 7.75
CA LEU A 323 14.30 -48.86 6.43
C LEU A 323 13.30 -48.58 5.31
N ASP A 324 12.01 -48.88 5.51
CA ASP A 324 11.06 -48.61 4.44
C ASP A 324 10.89 -47.12 4.24
N ALA A 325 10.87 -46.37 5.35
CA ALA A 325 10.75 -44.92 5.24
C ALA A 325 12.00 -44.32 4.60
N VAL A 326 13.18 -44.85 4.95
CA VAL A 326 14.43 -44.48 4.32
C VAL A 326 14.34 -44.61 2.80
N ALA A 327 14.06 -45.83 2.32
CA ALA A 327 13.99 -46.08 0.87
C ALA A 327 12.95 -45.20 0.22
N GLN A 328 11.80 -45.01 0.88
CA GLN A 328 10.70 -44.29 0.24
C GLN A 328 10.96 -42.78 0.24
N ALA A 329 11.75 -42.28 1.19
CA ALA A 329 12.02 -40.86 1.18
C ALA A 329 12.92 -40.51 0.01
N VAL A 330 13.89 -41.38 -0.28
CA VAL A 330 14.76 -41.16 -1.42
C VAL A 330 13.98 -41.23 -2.73
N VAL A 331 13.04 -42.17 -2.85
CA VAL A 331 12.25 -42.21 -4.07
C VAL A 331 11.41 -40.94 -4.21
N ASP A 332 10.87 -40.44 -3.10
CA ASP A 332 10.05 -39.23 -3.10
C ASP A 332 10.87 -37.99 -3.45
N ARG A 333 12.12 -37.91 -2.98
CA ARG A 333 12.94 -36.76 -3.32
C ARG A 333 13.31 -36.76 -4.81
N VAL A 334 13.52 -37.95 -5.38
CA VAL A 334 13.91 -38.00 -6.78
C VAL A 334 12.74 -37.66 -7.70
N LYS A 335 11.49 -37.98 -7.32
CA LYS A 335 10.37 -37.54 -8.15
C LYS A 335 10.30 -36.02 -8.18
N ARG A 336 10.36 -35.41 -7.00
CA ARG A 336 10.20 -33.96 -6.92
C ARG A 336 11.29 -33.24 -7.69
N ILE A 337 12.54 -33.68 -7.52
CA ILE A 337 13.65 -33.12 -8.30
C ILE A 337 13.32 -33.18 -9.79
N HIS A 338 12.72 -34.30 -10.23
CA HIS A 338 12.44 -34.45 -11.66
C HIS A 338 11.26 -33.57 -12.05
N SER A 339 10.22 -33.56 -11.22
CA SER A 339 9.06 -32.72 -11.45
C SER A 339 9.41 -31.24 -11.45
N ASP A 340 10.14 -30.78 -10.43
CA ASP A 340 10.61 -29.41 -10.39
C ASP A 340 11.37 -29.04 -11.66
N THR A 341 12.27 -29.93 -12.11
CA THR A 341 13.15 -29.63 -13.23
C THR A 341 12.36 -29.36 -14.51
N PHE A 342 11.44 -30.28 -14.85
CA PHE A 342 10.48 -30.02 -15.91
C PHE A 342 9.78 -28.70 -15.72
N ALA A 343 9.26 -28.48 -14.52
CA ALA A 343 8.42 -27.33 -14.25
C ALA A 343 9.20 -26.02 -14.36
N SER A 344 10.48 -26.01 -14.00
CA SER A 344 11.26 -24.77 -14.01
C SER A 344 11.53 -24.21 -15.41
N GLY A 345 11.28 -24.98 -16.47
CA GLY A 345 11.47 -24.52 -17.83
C GLY A 345 12.89 -24.46 -18.34
N GLY A 346 13.89 -24.67 -17.51
CA GLY A 346 15.27 -24.41 -17.91
C GLY A 346 15.92 -25.52 -18.75
N GLU A 347 17.17 -25.28 -19.12
CA GLU A 347 18.05 -26.21 -19.81
C GLU A 347 17.51 -27.63 -19.91
N ARG A 348 17.41 -28.32 -18.76
CA ARG A 348 17.17 -29.77 -18.71
C ARG A 348 15.70 -30.14 -18.68
N ALA A 349 14.77 -29.18 -18.67
CA ALA A 349 13.35 -29.54 -18.65
C ALA A 349 12.97 -30.40 -19.84
N ARG A 350 13.60 -30.18 -21.00
CA ARG A 350 13.26 -30.97 -22.20
C ARG A 350 13.50 -32.46 -21.99
N PHE A 351 14.29 -32.81 -20.98
CA PHE A 351 14.63 -34.19 -20.65
C PHE A 351 13.65 -34.84 -19.71
N CYS A 352 12.74 -34.06 -19.10
CA CYS A 352 11.88 -34.61 -18.05
C CYS A 352 10.38 -34.59 -18.36
N PRO A 353 9.93 -34.81 -19.59
CA PRO A 353 8.47 -34.84 -19.79
C PRO A 353 7.84 -36.02 -19.11
N ARG A 354 8.61 -37.08 -18.83
CA ARG A 354 8.10 -38.23 -18.09
C ARG A 354 9.25 -38.95 -17.38
N HIS A 355 8.89 -39.80 -16.42
CA HIS A 355 9.82 -40.77 -15.88
C HIS A 355 9.12 -42.13 -15.81
N GLU A 356 9.93 -43.14 -15.58
CA GLU A 356 9.48 -44.52 -15.57
C GLU A 356 9.30 -45.03 -14.13
N ASP A 357 8.81 -46.26 -14.03
CA ASP A 357 8.63 -46.92 -12.73
C ASP A 357 9.92 -46.84 -11.91
N MET A 358 9.78 -46.56 -10.60
CA MET A 358 10.93 -46.47 -9.71
C MET A 358 10.80 -47.48 -8.58
N THR A 359 11.78 -48.38 -8.42
CA THR A 359 11.86 -49.30 -7.29
C THR A 359 13.24 -49.23 -6.66
N LEU A 360 13.28 -49.14 -5.34
CA LEU A 360 14.50 -49.06 -4.58
C LEU A 360 14.39 -49.93 -3.34
N LEU A 361 15.42 -50.73 -3.09
CA LEU A 361 15.46 -51.71 -2.03
C LEU A 361 16.75 -51.51 -1.25
N VAL A 362 16.66 -51.49 0.07
CA VAL A 362 17.81 -51.20 0.92
C VAL A 362 17.98 -52.33 1.96
N ARG A 363 19.15 -52.97 1.96
CA ARG A 363 19.46 -54.05 2.88
C ARG A 363 20.57 -53.57 3.84
N ASN A 364 20.27 -53.53 5.14
CA ASN A 364 21.19 -52.99 6.16
C ASN A 364 22.26 -53.99 6.60
N PHE A 365 23.52 -53.53 6.65
CA PHE A 365 24.66 -54.29 7.24
C PHE A 365 25.28 -53.47 8.40
N GLY A 366 24.51 -53.24 9.46
CA GLY A 366 25.02 -52.67 10.71
C GLY A 366 25.12 -51.16 10.76
N TYR A 367 24.69 -50.48 9.71
CA TYR A 367 24.59 -49.03 9.68
C TYR A 367 23.51 -48.53 10.63
N PRO A 368 23.76 -47.40 11.30
CA PRO A 368 22.86 -46.93 12.37
C PRO A 368 21.65 -46.17 11.82
N LEU A 369 20.49 -46.45 12.42
CA LEU A 369 19.21 -45.94 11.94
C LEU A 369 18.52 -45.25 13.10
N GLY A 370 18.17 -43.98 12.91
CA GLY A 370 17.51 -43.27 13.97
C GLY A 370 18.28 -42.12 14.56
N GLU A 371 17.55 -41.10 15.02
CA GLU A 371 18.18 -39.94 15.64
C GLU A 371 18.82 -40.31 16.98
N MET A 372 18.23 -41.27 17.70
CA MET A 372 18.84 -41.85 18.91
C MET A 372 19.71 -43.01 18.46
N SER A 373 20.97 -42.69 18.15
CA SER A 373 21.97 -43.62 17.59
C SER A 373 23.20 -42.83 17.19
N ARG A 386 34.96 -22.36 20.12
CA ARG A 386 36.07 -22.35 19.20
C ARG A 386 36.57 -20.91 19.05
N VAL A 387 37.79 -20.75 18.54
CA VAL A 387 38.39 -19.44 18.36
C VAL A 387 39.14 -19.43 17.03
N TYR A 388 39.07 -18.30 16.32
CA TYR A 388 39.61 -18.20 14.97
C TYR A 388 40.74 -17.18 14.91
N PRO A 389 41.98 -17.60 14.63
CA PRO A 389 43.10 -16.65 14.57
C PRO A 389 43.23 -15.95 13.22
N VAL A 390 43.65 -14.67 13.29
CA VAL A 390 43.74 -13.83 12.09
C VAL A 390 44.88 -14.31 11.20
N SER A 391 44.75 -14.05 9.89
CA SER A 391 45.69 -14.56 8.90
C SER A 391 47.11 -14.10 9.19
N VAL A 392 47.32 -12.78 9.29
CA VAL A 392 48.63 -12.22 9.60
C VAL A 392 48.48 -11.30 10.80
N PRO A 393 49.19 -11.53 11.90
CA PRO A 393 48.95 -10.75 13.12
C PRO A 393 49.37 -9.30 12.97
N TYR A 394 48.71 -8.43 13.74
CA TYR A 394 48.97 -7.01 13.79
C TYR A 394 50.41 -6.73 14.22
N SER A 395 50.80 -5.45 14.20
CA SER A 395 52.10 -5.02 14.72
C SER A 395 52.04 -3.52 14.89
N SER A 396 52.18 -3.05 16.14
CA SER A 396 52.16 -1.61 16.40
C SER A 396 53.46 -1.00 15.91
N ALA A 397 53.37 -0.11 14.91
CA ALA A 397 54.52 0.40 14.19
C ALA A 397 54.32 1.84 13.77
N THR A 406 52.34 0.93 0.69
CA THR A 406 51.76 0.92 -0.64
C THR A 406 51.21 -0.46 -0.97
N LEU A 407 49.89 -0.61 -0.81
CA LEU A 407 49.26 -1.92 -0.81
C LEU A 407 49.02 -2.43 -2.23
N SER A 408 49.10 -3.75 -2.38
CA SER A 408 48.85 -4.39 -3.66
C SER A 408 48.35 -5.80 -3.41
N LEU A 409 47.64 -6.37 -4.41
CA LEU A 409 47.12 -7.73 -4.38
C LEU A 409 47.43 -8.44 -5.69
N VAL A 410 47.71 -9.74 -5.62
CA VAL A 410 48.07 -10.48 -6.83
C VAL A 410 46.82 -10.83 -7.60
N MET A 411 46.82 -10.54 -8.89
CA MET A 411 45.70 -10.96 -9.71
C MET A 411 45.94 -12.37 -10.23
N PRO A 412 44.86 -13.10 -10.58
CA PRO A 412 45.06 -14.48 -11.02
C PRO A 412 44.93 -14.67 -12.54
N SER B 11 -5.79 18.54 2.76
CA SER B 11 -5.25 19.68 3.49
C SER B 11 -5.49 19.51 4.99
N GLU B 12 -4.98 18.40 5.52
CA GLU B 12 -5.03 18.09 6.96
C GLU B 12 -3.68 17.49 7.34
N GLN B 13 -2.87 18.28 8.04
CA GLN B 13 -1.47 17.96 8.28
C GLN B 13 -1.26 17.23 9.61
N GLN B 14 -0.07 16.64 9.75
CA GLN B 14 0.42 16.26 11.06
C GLN B 14 0.48 17.49 11.95
N PRO B 15 0.07 17.36 13.24
CA PRO B 15 0.37 18.41 14.22
C PRO B 15 1.78 18.98 14.09
N SER B 16 1.95 20.25 14.46
CA SER B 16 3.22 20.93 14.22
C SER B 16 4.30 20.59 15.24
N TRP B 17 3.96 20.62 16.52
CA TRP B 17 4.89 20.53 17.66
C TRP B 17 5.55 21.86 17.97
N THR B 18 5.69 22.73 16.98
CA THR B 18 6.35 24.00 17.17
C THR B 18 5.37 25.17 17.22
N ASP B 19 4.06 24.89 17.33
CA ASP B 19 3.03 25.92 17.28
C ASP B 19 2.89 26.70 18.58
N ASP B 20 3.23 26.08 19.72
CA ASP B 20 3.33 26.77 21.00
C ASP B 20 4.29 27.95 20.96
N LEU B 21 5.37 27.86 20.17
CA LEU B 21 6.51 28.74 20.34
C LEU B 21 6.10 30.20 20.16
N PRO B 22 6.74 31.10 20.90
CA PRO B 22 6.29 32.49 20.92
C PRO B 22 6.78 33.26 19.70
N LEU B 23 6.00 34.27 19.32
CA LEU B 23 6.45 35.20 18.30
C LEU B 23 7.51 36.13 18.89
N CYS B 24 8.24 36.79 17.99
CA CYS B 24 9.29 37.72 18.35
C CYS B 24 8.68 39.11 18.37
N HIS B 25 8.88 39.84 19.45
CA HIS B 25 8.33 41.19 19.53
C HIS B 25 9.30 42.24 19.00
N LEU B 26 10.45 41.80 18.46
CA LEU B 26 11.46 42.68 17.90
C LEU B 26 11.54 42.55 16.37
N SER B 27 10.44 42.13 15.76
CA SER B 27 10.39 41.89 14.32
C SER B 27 8.94 42.11 13.89
N GLY B 28 8.74 42.60 12.65
CA GLY B 28 7.43 42.73 12.05
C GLY B 28 7.50 42.43 10.56
N VAL B 29 6.34 42.06 9.98
CA VAL B 29 6.29 41.50 8.63
C VAL B 29 5.21 42.21 7.81
N GLY B 30 5.54 42.53 6.55
CA GLY B 30 4.59 43.10 5.63
C GLY B 30 4.56 42.27 4.37
N SER B 31 3.43 42.29 3.67
CA SER B 31 3.34 41.43 2.48
C SER B 31 2.18 41.85 1.60
N ALA B 32 2.22 41.39 0.35
CA ALA B 32 1.14 41.63 -0.62
C ALA B 32 1.17 40.54 -1.70
N SER B 33 0.02 40.34 -2.31
CA SER B 33 -0.12 39.23 -3.25
C SER B 33 0.30 39.63 -4.66
N ASN B 34 0.65 38.62 -5.46
CA ASN B 34 0.87 38.80 -6.88
C ASN B 34 -0.32 39.51 -7.52
N ARG B 35 -0.07 40.28 -8.59
CA ARG B 35 -1.18 40.71 -9.44
C ARG B 35 -0.69 41.05 -10.84
N SER B 36 -1.62 40.94 -11.80
CA SER B 36 -1.45 41.41 -13.17
C SER B 36 -2.51 42.47 -13.43
N TYR B 37 -2.10 43.60 -14.01
CA TYR B 37 -3.01 44.72 -14.21
C TYR B 37 -3.91 44.48 -15.42
N SER B 38 -5.14 44.98 -15.32
CA SER B 38 -6.15 44.67 -16.32
C SER B 38 -5.83 45.34 -17.64
N ALA B 39 -5.86 44.54 -18.72
CA ALA B 39 -5.61 45.04 -20.06
C ALA B 39 -6.68 46.05 -20.49
N ASP B 40 -7.92 45.88 -20.02
CA ASP B 40 -8.99 46.83 -20.31
C ASP B 40 -8.91 48.02 -19.37
N GLY B 41 -10.04 48.41 -18.78
CA GLY B 41 -10.07 49.51 -17.84
C GLY B 41 -9.29 49.25 -16.56
N LYS B 42 -9.99 48.87 -15.50
CA LYS B 42 -9.37 48.64 -14.20
C LYS B 42 -9.77 47.27 -13.69
N GLY B 43 -9.19 46.90 -12.56
CA GLY B 43 -9.20 45.57 -12.01
C GLY B 43 -7.84 44.90 -12.13
N THR B 44 -7.66 43.83 -11.35
CA THR B 44 -6.49 42.98 -11.48
C THR B 44 -6.92 41.53 -11.33
N GLU B 45 -5.94 40.62 -11.47
CA GLU B 45 -6.11 39.20 -11.23
C GLU B 45 -5.01 38.71 -10.30
N SER B 46 -5.22 37.56 -9.67
CA SER B 46 -4.25 37.05 -8.72
C SER B 46 -4.29 35.52 -8.69
N HIS B 47 -3.07 34.86 -8.80
CA HIS B 47 -3.11 33.46 -8.37
C HIS B 47 -2.88 33.38 -6.85
N PRO B 48 -3.30 32.31 -6.18
CA PRO B 48 -3.13 32.23 -4.70
C PRO B 48 -1.69 32.53 -4.31
N PRO B 49 -1.48 33.25 -3.19
CA PRO B 49 -0.12 33.69 -2.84
C PRO B 49 0.77 32.53 -2.45
N GLU B 50 2.02 32.54 -2.93
CA GLU B 50 2.95 31.44 -2.70
C GLU B 50 4.15 31.85 -1.83
N ASP B 51 4.02 32.89 -1.03
CA ASP B 51 5.04 33.23 -0.04
C ASP B 51 4.60 32.81 1.34
N SER B 52 5.58 32.56 2.20
CA SER B 52 5.37 32.35 3.64
C SER B 52 6.49 33.06 4.38
N TRP B 53 6.41 33.04 5.72
CA TRP B 53 7.40 33.70 6.57
C TRP B 53 7.32 33.10 7.97
N LEU B 54 8.38 33.35 8.75
CA LEU B 54 8.41 32.96 10.16
C LEU B 54 9.33 33.88 10.97
N LYS B 55 9.05 33.98 12.27
CA LYS B 55 9.77 34.86 13.19
C LYS B 55 9.55 34.45 14.65
N PHE B 56 10.31 33.48 15.12
CA PHE B 56 10.05 32.84 16.41
C PHE B 56 11.14 33.20 17.40
N ARG B 57 10.84 32.95 18.68
CA ARG B 57 11.78 33.12 19.79
C ARG B 57 11.68 31.92 20.71
N SER B 58 12.74 31.12 20.81
CA SER B 58 12.75 30.03 21.79
C SER B 58 13.26 30.52 23.15
N GLU B 59 12.98 29.73 24.18
CA GLU B 59 13.27 30.14 25.57
C GLU B 59 14.75 30.00 25.95
N ASN B 60 15.68 30.42 25.08
CA ASN B 60 17.09 30.47 25.41
C ASN B 60 17.75 31.71 24.80
N ASN B 61 16.95 32.76 24.56
CA ASN B 61 17.40 33.92 23.77
C ASN B 61 17.89 33.46 22.41
N CYS B 62 17.13 32.54 21.81
CA CYS B 62 17.43 31.96 20.50
C CYS B 62 16.35 32.41 19.52
N PHE B 63 16.77 32.98 18.41
CA PHE B 63 15.87 33.58 17.44
C PHE B 63 15.96 32.89 16.09
N LEU B 64 14.83 32.87 15.37
CA LEU B 64 14.81 32.34 14.01
C LEU B 64 13.83 33.13 13.18
N TYR B 65 14.29 33.59 12.00
CA TYR B 65 13.51 34.36 11.05
C TYR B 65 13.59 33.73 9.67
N GLY B 66 12.47 33.70 8.96
CA GLY B 66 12.48 33.16 7.62
C GLY B 66 11.62 33.96 6.66
N VAL B 67 12.02 33.95 5.39
CA VAL B 67 11.17 34.34 4.27
C VAL B 67 11.37 33.32 3.15
N PHE B 68 10.26 32.80 2.61
CA PHE B 68 10.26 31.79 1.58
C PHE B 68 9.48 32.26 0.36
N ASN B 69 10.06 32.04 -0.82
CA ASN B 69 9.42 32.33 -2.10
C ASN B 69 9.04 31.03 -2.81
N GLY B 70 7.74 30.76 -2.92
CA GLY B 70 7.24 29.69 -3.76
C GLY B 70 6.92 29.99 -5.23
N TYR B 71 6.72 28.91 -5.98
CA TYR B 71 6.34 28.92 -7.38
C TYR B 71 5.66 27.60 -7.69
N ASP B 72 4.77 27.63 -8.69
CA ASP B 72 4.05 26.46 -9.18
C ASP B 72 3.24 25.78 -8.07
N GLY B 73 2.39 26.57 -7.43
CA GLY B 73 1.63 26.16 -6.28
C GLY B 73 2.36 26.47 -5.00
N ASN B 74 1.63 26.39 -3.89
CA ASN B 74 2.13 26.79 -2.58
C ASN B 74 2.39 25.62 -1.65
N ARG B 75 2.41 24.39 -2.16
CA ARG B 75 2.45 23.25 -1.25
C ARG B 75 3.83 23.13 -0.60
N VAL B 76 4.90 23.22 -1.39
CA VAL B 76 6.27 23.17 -0.86
C VAL B 76 6.54 24.34 0.12
N THR B 77 6.16 25.56 -0.26
CA THR B 77 6.43 26.70 0.61
C THR B 77 5.75 26.54 1.97
N ASN B 78 4.50 26.08 2.02
CA ASN B 78 3.90 25.81 3.32
C ASN B 78 4.64 24.69 4.04
N PHE B 79 5.04 23.65 3.34
CA PHE B 79 5.72 22.53 4.00
C PHE B 79 7.06 22.97 4.61
N VAL B 80 7.82 23.84 3.93
CA VAL B 80 9.08 24.32 4.47
C VAL B 80 8.84 25.28 5.63
N ALA B 81 7.87 26.16 5.53
CA ALA B 81 7.52 26.98 6.69
C ALA B 81 7.08 26.13 7.87
N GLN B 82 6.30 25.08 7.62
CA GLN B 82 5.79 24.23 8.70
C GLN B 82 6.87 23.46 9.43
N ARG B 83 7.92 23.05 8.73
CA ARG B 83 8.80 21.98 9.20
C ARG B 83 10.19 22.44 9.60
N LEU B 84 10.67 23.58 9.09
CA LEU B 84 12.04 24.00 9.41
C LEU B 84 12.19 24.40 10.88
N SER B 85 11.13 24.93 11.51
CA SER B 85 11.32 25.38 12.89
C SER B 85 11.49 24.21 13.85
N ALA B 86 10.97 23.03 13.50
CA ALA B 86 11.11 21.89 14.41
C ALA B 86 12.49 21.25 14.38
N GLU B 87 13.30 21.53 13.35
CA GLU B 87 14.65 21.00 13.30
C GLU B 87 15.65 21.93 13.94
N LEU B 88 15.21 23.08 14.45
CA LEU B 88 16.20 24.04 14.94
C LEU B 88 15.88 24.61 16.32
N LEU B 89 14.61 24.86 16.63
CA LEU B 89 14.23 25.50 17.88
C LEU B 89 13.71 24.47 18.91
N LEU B 90 14.02 23.20 18.71
CA LEU B 90 13.64 22.14 19.62
C LEU B 90 14.85 21.53 20.32
N GLY B 91 15.82 22.38 20.70
CA GLY B 91 16.99 21.96 21.43
C GLY B 91 18.22 21.73 20.59
N GLN B 92 18.09 21.73 19.26
CA GLN B 92 19.26 21.58 18.39
C GLN B 92 20.25 22.74 18.54
N LEU B 93 19.75 23.94 18.78
CA LEU B 93 20.59 25.12 19.01
C LEU B 93 20.50 25.48 20.47
N ASN B 94 21.60 25.99 21.03
CA ASN B 94 21.57 26.58 22.36
C ASN B 94 22.75 27.56 22.47
N ALA B 95 22.76 28.33 23.57
CA ALA B 95 23.65 29.49 23.65
C ALA B 95 25.13 29.11 23.54
N GLU B 96 25.53 27.96 24.09
CA GLU B 96 26.92 27.52 24.16
C GLU B 96 27.45 26.85 22.88
N HIS B 97 27.12 27.31 21.67
CA HIS B 97 27.23 26.31 20.61
C HIS B 97 28.46 26.39 19.72
N ALA B 98 29.02 27.57 19.44
CA ALA B 98 30.17 27.75 18.53
C ALA B 98 29.76 27.77 17.06
N GLU B 99 30.65 28.27 16.20
CA GLU B 99 30.28 28.46 14.80
C GLU B 99 30.33 27.15 14.01
N ALA B 100 31.15 26.20 14.44
CA ALA B 100 31.16 24.93 13.74
C ALA B 100 29.83 24.21 13.91
N ASP B 101 29.22 24.34 15.09
CA ASP B 101 27.97 23.67 15.39
C ASP B 101 26.79 24.36 14.71
N VAL B 102 26.78 25.69 14.68
CA VAL B 102 25.70 26.39 14.01
C VAL B 102 25.65 26.00 12.53
N ARG B 103 26.81 25.70 11.93
CA ARG B 103 26.83 25.28 10.53
C ARG B 103 26.38 23.84 10.35
N ARG B 104 26.65 22.98 11.33
CA ARG B 104 26.26 21.57 11.26
C ARG B 104 24.75 21.44 11.36
N VAL B 105 24.20 21.85 12.50
CA VAL B 105 22.77 21.91 12.75
C VAL B 105 21.99 22.53 11.57
N LEU B 106 22.47 23.65 11.00
CA LEU B 106 21.70 24.29 9.93
C LEU B 106 21.65 23.43 8.68
N LEU B 107 22.69 22.66 8.41
CA LEU B 107 22.68 21.88 7.17
C LEU B 107 21.80 20.65 7.35
N GLN B 108 22.00 19.94 8.47
CA GLN B 108 21.10 18.85 8.84
C GLN B 108 19.64 19.25 8.63
N ALA B 109 19.28 20.45 9.12
CA ALA B 109 17.91 20.94 9.04
C ALA B 109 17.39 20.90 7.61
N PHE B 110 18.06 21.63 6.71
CA PHE B 110 17.64 21.71 5.32
C PHE B 110 17.61 20.34 4.65
N ASP B 111 18.53 19.45 5.05
CA ASP B 111 18.60 18.11 4.48
C ASP B 111 17.37 17.28 4.87
N VAL B 112 16.95 17.39 6.12
CA VAL B 112 15.76 16.69 6.56
C VAL B 112 14.51 17.28 5.92
N VAL B 113 14.45 18.61 5.76
CA VAL B 113 13.23 19.22 5.24
C VAL B 113 13.04 18.83 3.78
N GLU B 114 14.13 18.68 3.01
CA GLU B 114 13.86 18.28 1.65
C GLU B 114 13.68 16.79 1.51
N ARG B 115 14.30 16.00 2.41
CA ARG B 115 14.10 14.55 2.36
C ARG B 115 12.67 14.19 2.72
N SER B 116 12.18 14.67 3.87
CA SER B 116 10.81 14.32 4.22
C SER B 116 9.81 14.82 3.18
N PHE B 117 10.05 15.96 2.54
CA PHE B 117 9.14 16.39 1.48
C PHE B 117 9.13 15.40 0.32
N LEU B 118 10.32 15.01 -0.18
CA LEU B 118 10.34 14.12 -1.34
C LEU B 118 9.74 12.76 -0.99
N GLU B 119 9.88 12.32 0.26
CA GLU B 119 9.13 11.17 0.73
C GLU B 119 7.64 11.47 0.76
N SER B 120 7.28 12.72 1.04
CA SER B 120 5.87 12.99 1.30
C SER B 120 5.01 12.84 0.07
N ILE B 121 5.60 12.72 -1.13
CA ILE B 121 4.88 12.65 -2.39
C ILE B 121 5.16 11.35 -3.14
N ASP B 122 5.71 10.33 -2.46
CA ASP B 122 5.99 9.06 -3.11
C ASP B 122 4.70 8.33 -3.48
N ASP B 123 3.72 8.31 -2.58
CA ASP B 123 2.45 7.65 -2.89
C ASP B 123 1.76 8.29 -4.09
N ALA B 124 1.75 9.62 -4.15
CA ALA B 124 1.08 10.30 -5.26
C ALA B 124 1.77 10.00 -6.59
N LEU B 125 3.10 10.08 -6.62
CA LEU B 125 3.80 9.78 -7.87
C LEU B 125 3.47 8.37 -8.36
N ALA B 126 3.09 7.47 -7.45
CA ALA B 126 2.75 6.13 -7.88
C ALA B 126 1.32 6.09 -8.40
N GLU B 127 0.39 6.85 -7.78
CA GLU B 127 -0.95 6.93 -8.34
C GLU B 127 -0.92 7.64 -9.69
N LYS B 128 -0.23 8.78 -9.76
CA LYS B 128 -0.07 9.45 -11.04
C LYS B 128 0.44 8.48 -12.12
N ALA B 129 1.52 7.75 -11.84
CA ALA B 129 2.01 6.79 -12.83
C ALA B 129 0.98 5.71 -13.10
N SER B 130 0.24 5.29 -12.07
CA SER B 130 -0.78 4.25 -12.26
C SER B 130 -1.90 4.74 -13.17
N LEU B 131 -2.45 5.94 -12.90
CA LEU B 131 -3.52 6.48 -13.74
C LEU B 131 -3.08 6.63 -15.19
N GLN B 132 -1.89 7.21 -15.40
CA GLN B 132 -1.43 7.43 -16.77
C GLN B 132 -1.33 6.14 -17.57
N SER B 133 -1.09 5.01 -16.91
CA SER B 133 -0.99 3.77 -17.68
C SER B 133 -2.33 3.45 -18.31
N GLN B 134 -3.43 3.73 -17.61
CA GLN B 134 -4.76 3.37 -18.07
C GLN B 134 -5.22 4.18 -19.28
N LEU B 135 -4.43 5.19 -19.73
CA LEU B 135 -4.86 6.01 -20.84
C LEU B 135 -4.29 5.45 -22.14
N PRO B 136 -5.02 5.62 -23.25
CA PRO B 136 -4.46 5.23 -24.55
C PRO B 136 -3.26 6.09 -24.88
N GLU B 137 -2.11 5.45 -25.04
CA GLU B 137 -0.90 6.18 -25.42
C GLU B 137 -0.86 6.33 -26.93
N GLY B 138 -0.35 7.46 -27.37
CA GLY B 138 -0.55 7.91 -28.73
C GLY B 138 -1.46 9.12 -28.72
N VAL B 139 -2.76 8.88 -28.61
CA VAL B 139 -3.75 9.97 -28.52
C VAL B 139 -3.33 10.91 -27.39
N PRO B 140 -3.13 12.19 -27.67
CA PRO B 140 -2.91 13.16 -26.59
C PRO B 140 -4.23 13.53 -25.93
N GLN B 141 -4.11 14.05 -24.71
CA GLN B 141 -5.24 14.07 -23.80
C GLN B 141 -6.36 15.01 -24.21
N HIS B 142 -6.14 15.88 -25.20
CA HIS B 142 -7.20 16.82 -25.60
C HIS B 142 -8.35 16.12 -26.31
N GLN B 143 -8.07 15.05 -27.05
CA GLN B 143 -9.06 14.41 -27.92
C GLN B 143 -9.57 13.07 -27.37
N LEU B 144 -9.26 12.74 -26.12
CA LEU B 144 -9.66 11.46 -25.56
C LEU B 144 -11.18 11.34 -25.46
N PRO B 145 -11.72 10.13 -25.63
CA PRO B 145 -13.17 9.91 -25.46
C PRO B 145 -13.61 9.99 -24.01
N PRO B 146 -14.93 10.09 -23.75
CA PRO B 146 -15.41 10.47 -22.39
C PRO B 146 -15.03 9.53 -21.25
N GLN B 147 -14.81 8.23 -21.50
CA GLN B 147 -14.54 7.29 -20.41
C GLN B 147 -13.33 7.69 -19.56
N TYR B 148 -12.50 8.62 -20.03
CA TYR B 148 -11.28 8.99 -19.34
C TYR B 148 -11.36 10.33 -18.63
N GLN B 149 -12.43 11.10 -18.86
CA GLN B 149 -12.54 12.42 -18.25
C GLN B 149 -12.39 12.36 -16.74
N LYS B 150 -12.93 11.31 -16.09
CA LYS B 150 -12.79 11.22 -14.64
C LYS B 150 -11.35 10.95 -14.23
N ILE B 151 -10.64 10.15 -15.02
CA ILE B 151 -9.23 9.87 -14.77
C ILE B 151 -8.38 11.11 -15.01
N LEU B 152 -8.75 11.91 -16.01
CA LEU B 152 -8.04 13.16 -16.27
C LEU B 152 -8.30 14.18 -15.18
N GLU B 153 -9.56 14.32 -14.75
CA GLU B 153 -9.86 15.20 -13.64
C GLU B 153 -8.97 14.90 -12.43
N ARG B 154 -8.77 13.61 -12.14
CA ARG B 154 -8.00 13.20 -10.98
C ARG B 154 -6.50 13.39 -11.19
N LEU B 155 -5.98 13.12 -12.40
CA LEU B 155 -4.60 13.49 -12.71
C LEU B 155 -4.34 14.98 -12.43
N LYS B 156 -5.32 15.83 -12.72
CA LYS B 156 -5.14 17.27 -12.50
C LYS B 156 -5.01 17.58 -11.02
N THR B 157 -5.71 16.84 -10.18
CA THR B 157 -5.62 17.05 -8.74
C THR B 157 -4.27 16.61 -8.19
N LEU B 158 -3.81 15.43 -8.61
CA LEU B 158 -2.50 14.98 -8.18
C LEU B 158 -1.42 16.01 -8.51
N GLU B 159 -1.47 16.56 -9.73
CA GLU B 159 -0.50 17.58 -10.13
C GLU B 159 -0.50 18.78 -9.19
N ARG B 160 -1.63 19.10 -8.55
CA ARG B 160 -1.68 20.23 -7.63
C ARG B 160 -0.93 19.93 -6.34
N GLU B 161 -1.10 18.75 -5.75
CA GLU B 161 -0.48 18.51 -4.46
C GLU B 161 0.92 17.90 -4.56
N ILE B 162 1.52 17.84 -5.75
CA ILE B 162 2.93 17.46 -5.86
C ILE B 162 3.76 18.50 -6.59
N SER B 163 3.17 19.38 -7.39
CA SER B 163 3.93 20.45 -8.03
C SER B 163 4.27 21.50 -6.99
N GLY B 164 5.39 22.16 -7.22
CA GLY B 164 5.87 23.10 -6.24
C GLY B 164 7.37 23.12 -6.09
N GLY B 165 7.92 24.34 -5.98
CA GLY B 165 9.23 24.55 -5.42
C GLY B 165 9.18 25.67 -4.41
N ALA B 166 10.29 25.85 -3.70
CA ALA B 166 10.45 27.01 -2.82
C ALA B 166 11.91 27.41 -2.71
N MET B 167 12.12 28.71 -2.50
CA MET B 167 13.41 29.29 -2.15
C MET B 167 13.33 29.86 -0.74
N ALA B 168 14.45 29.83 -0.01
CA ALA B 168 14.42 30.23 1.39
C ALA B 168 15.67 31.02 1.76
N VAL B 169 15.45 32.06 2.56
CA VAL B 169 16.53 32.80 3.23
C VAL B 169 16.20 32.77 4.71
N VAL B 170 17.19 32.43 5.54
CA VAL B 170 16.92 32.15 6.96
C VAL B 170 17.99 32.79 7.84
N ALA B 171 17.57 33.36 8.96
CA ALA B 171 18.51 33.99 9.87
C ALA B 171 18.30 33.43 11.26
N VAL B 172 19.40 33.06 11.91
CA VAL B 172 19.42 32.61 13.30
C VAL B 172 20.23 33.61 14.11
N LEU B 173 19.75 33.96 15.31
CA LEU B 173 20.48 34.88 16.17
C LEU B 173 20.74 34.18 17.51
N LEU B 174 22.00 33.87 17.78
CA LEU B 174 22.36 33.12 18.98
C LEU B 174 23.27 33.98 19.86
N ASN B 175 22.68 34.57 20.90
CA ASN B 175 23.39 35.43 21.85
C ASN B 175 24.04 36.61 21.12
N ASN B 176 23.24 37.30 20.30
CA ASN B 176 23.68 38.48 19.58
C ASN B 176 24.84 38.19 18.61
N LYS B 177 24.93 36.96 18.10
CA LYS B 177 25.61 36.68 16.85
C LYS B 177 24.59 36.30 15.77
N LEU B 178 24.77 36.82 14.55
CA LEU B 178 23.84 36.58 13.45
C LEU B 178 24.42 35.58 12.45
N TYR B 179 23.68 34.49 12.20
CA TYR B 179 24.02 33.55 11.14
C TYR B 179 22.90 33.54 10.10
N VAL B 180 23.25 33.31 8.83
CA VAL B 180 22.29 33.42 7.73
C VAL B 180 22.47 32.28 6.75
N ALA B 181 21.41 31.52 6.51
CA ALA B 181 21.39 30.42 5.53
C ALA B 181 20.46 30.79 4.37
N ASN B 182 20.93 30.54 3.14
CA ASN B 182 20.18 30.90 1.93
C ASN B 182 20.12 29.77 0.91
N VAL B 183 18.99 29.66 0.23
CA VAL B 183 18.82 28.80 -0.95
C VAL B 183 18.04 29.63 -1.97
N GLY B 184 18.75 30.29 -2.88
CA GLY B 184 18.14 30.91 -4.06
C GLY B 184 18.35 32.43 -4.08
N THR B 185 17.28 33.14 -4.48
CA THR B 185 17.35 34.56 -4.81
C THR B 185 16.63 35.46 -3.80
N ASN B 186 16.20 34.93 -2.66
CA ASN B 186 15.72 35.88 -1.67
C ASN B 186 16.93 36.54 -1.00
N ARG B 187 16.69 37.69 -0.35
CA ARG B 187 17.77 38.59 0.06
C ARG B 187 17.76 38.92 1.53
N ALA B 188 18.96 38.95 2.11
CA ALA B 188 19.19 39.37 3.49
C ALA B 188 20.09 40.59 3.50
N LEU B 189 19.63 41.69 4.12
CA LEU B 189 20.40 42.94 4.18
C LEU B 189 20.62 43.32 5.63
N LEU B 190 21.84 43.73 5.98
CA LEU B 190 22.13 44.23 7.32
C LEU B 190 22.43 45.72 7.24
N CYS B 191 21.62 46.52 7.91
CA CYS B 191 21.60 47.97 7.73
C CYS B 191 22.06 48.59 9.03
N LYS B 192 23.30 49.07 9.02
CA LYS B 192 23.98 49.63 10.18
C LYS B 192 23.88 51.15 10.15
N SER B 193 23.77 51.77 11.32
CA SER B 193 23.68 53.22 11.43
C SER B 193 25.07 53.81 11.64
N THR B 194 25.53 54.60 10.68
CA THR B 194 26.92 55.07 10.75
C THR B 194 26.98 56.60 10.65
N VAL B 195 28.22 57.07 10.75
CA VAL B 195 28.51 58.50 10.64
C VAL B 195 28.11 59.01 9.26
N ASP B 196 28.46 58.25 8.22
CA ASP B 196 28.17 58.66 6.86
C ASP B 196 26.71 58.43 6.48
N GLY B 197 26.00 57.57 7.20
CA GLY B 197 24.58 57.41 6.95
C GLY B 197 24.10 56.01 7.28
N LEU B 198 23.50 55.34 6.31
CA LEU B 198 23.03 53.98 6.48
C LEU B 198 23.86 53.11 5.55
N GLN B 199 24.66 52.19 6.12
CA GLN B 199 25.48 51.30 5.31
C GLN B 199 24.79 49.93 5.15
N VAL B 200 24.47 49.59 3.91
CA VAL B 200 23.72 48.38 3.57
C VAL B 200 24.69 47.35 3.03
N THR B 201 24.76 46.17 3.66
CA THR B 201 25.55 45.05 3.16
C THR B 201 24.67 43.83 2.93
N GLN B 202 24.57 43.38 1.68
CA GLN B 202 23.84 42.14 1.37
C GLN B 202 24.63 40.96 1.89
N LEU B 203 24.07 40.25 2.87
CA LEU B 203 24.79 39.19 3.61
C LEU B 203 24.85 37.86 2.90
N ASN B 204 24.14 37.69 1.79
CA ASN B 204 24.08 36.40 1.09
C ASN B 204 24.40 36.67 -0.37
N VAL B 205 24.63 35.63 -1.13
CA VAL B 205 24.81 35.81 -2.57
C VAL B 205 23.62 35.19 -3.29
N ASP B 206 23.19 35.83 -4.39
CA ASP B 206 22.13 35.31 -5.22
C ASP B 206 22.58 34.02 -5.93
N HIS B 207 21.76 32.98 -5.85
CA HIS B 207 22.07 31.75 -6.59
C HIS B 207 21.44 31.86 -7.97
N THR B 208 22.17 32.46 -8.91
CA THR B 208 21.73 32.61 -10.29
C THR B 208 22.85 32.21 -11.25
N THR B 209 22.45 32.19 -12.53
CA THR B 209 23.36 31.97 -13.64
C THR B 209 24.44 33.02 -13.76
N GLU B 210 24.17 34.24 -13.30
CA GLU B 210 25.17 35.30 -13.33
C GLU B 210 26.21 35.15 -12.23
N ASN B 211 25.98 34.27 -11.26
CA ASN B 211 26.82 34.09 -10.08
C ASN B 211 27.99 33.17 -10.40
N GLU B 212 29.22 33.70 -10.38
CA GLU B 212 30.26 32.88 -10.98
C GLU B 212 30.64 31.67 -10.10
N ASP B 213 30.53 31.77 -8.77
CA ASP B 213 30.79 30.60 -7.93
C ASP B 213 29.88 29.42 -8.30
N GLU B 214 28.61 29.72 -8.66
CA GLU B 214 27.60 28.72 -9.04
C GLU B 214 27.73 28.33 -10.49
N LEU B 215 28.21 29.24 -11.33
CA LEU B 215 28.52 28.88 -12.70
C LEU B 215 29.66 27.86 -12.74
N PHE B 216 30.60 27.96 -11.79
CA PHE B 216 31.63 26.92 -11.64
C PHE B 216 31.01 25.58 -11.29
N ARG B 217 30.25 25.54 -10.19
CA ARG B 217 29.68 24.30 -9.69
C ARG B 217 28.98 23.50 -10.80
N LEU B 218 28.12 24.16 -11.58
CA LEU B 218 27.43 23.46 -12.67
C LEU B 218 28.42 22.97 -13.73
N SER B 219 29.53 23.68 -13.92
CA SER B 219 30.55 23.25 -14.88
C SER B 219 31.20 21.95 -14.41
N GLN B 220 31.73 21.95 -13.19
CA GLN B 220 32.27 20.77 -12.51
C GLN B 220 31.44 19.50 -12.65
N LEU B 221 30.13 19.63 -12.86
CA LEU B 221 29.29 18.46 -13.06
C LEU B 221 29.27 18.00 -14.51
N GLY B 222 29.86 18.76 -15.42
CA GLY B 222 29.90 18.40 -16.81
C GLY B 222 28.87 19.06 -17.70
N LEU B 223 28.43 20.28 -17.36
CA LEU B 223 27.57 21.09 -18.21
C LEU B 223 28.31 22.29 -18.77
N ASP B 224 27.88 22.72 -19.94
CA ASP B 224 28.47 23.85 -20.64
C ASP B 224 28.13 25.15 -19.91
N ALA B 225 29.13 25.69 -19.20
CA ALA B 225 28.97 27.00 -18.55
C ALA B 225 28.39 28.03 -19.52
N GLY B 226 28.95 28.12 -20.72
CA GLY B 226 28.49 29.03 -21.76
C GLY B 226 27.01 28.99 -22.08
N LYS B 227 26.50 27.84 -22.54
CA LYS B 227 25.07 27.74 -22.82
C LYS B 227 24.25 28.15 -21.60
N ILE B 228 24.65 27.71 -20.40
CA ILE B 228 23.88 27.98 -19.19
C ILE B 228 23.76 29.49 -18.95
N LYS B 229 24.85 30.24 -19.17
CA LYS B 229 24.80 31.66 -18.87
C LYS B 229 23.89 32.42 -19.84
N GLN B 230 23.92 32.05 -21.13
CA GLN B 230 23.16 32.81 -22.12
C GLN B 230 21.66 32.44 -22.13
N VAL B 231 21.31 31.17 -21.86
CA VAL B 231 19.89 30.84 -21.80
C VAL B 231 19.23 31.48 -20.58
N GLY B 232 19.95 31.52 -19.45
CA GLY B 232 19.56 32.32 -18.31
C GLY B 232 18.61 31.67 -17.33
N ILE B 233 17.80 30.71 -17.76
CA ILE B 233 16.69 30.21 -16.93
C ILE B 233 16.57 28.69 -17.09
N ILE B 234 16.42 28.00 -15.95
CA ILE B 234 16.40 26.53 -15.91
C ILE B 234 15.03 26.09 -15.39
N CYS B 235 14.16 25.64 -16.30
CA CYS B 235 12.83 25.13 -15.97
C CYS B 235 12.00 26.20 -15.26
N GLY B 236 11.92 27.39 -15.87
CA GLY B 236 11.01 28.41 -15.41
C GLY B 236 11.53 29.36 -14.34
N GLN B 237 12.72 29.14 -13.81
CA GLN B 237 13.20 29.95 -12.70
C GLN B 237 14.69 30.23 -12.88
N GLU B 238 15.11 31.44 -12.51
CA GLU B 238 16.53 31.79 -12.60
C GLU B 238 17.34 31.23 -11.45
N SER B 239 16.70 30.62 -10.46
CA SER B 239 17.42 30.14 -9.29
C SER B 239 18.17 28.86 -9.61
N THR B 240 19.42 28.79 -9.17
CA THR B 240 20.21 27.57 -9.31
C THR B 240 20.22 26.73 -8.03
N ARG B 241 19.54 27.17 -6.96
CA ARG B 241 19.34 26.33 -5.78
C ARG B 241 17.88 26.41 -5.33
N ARG B 242 17.23 25.25 -5.12
CA ARG B 242 15.83 25.25 -4.70
C ARG B 242 15.50 24.07 -3.81
N ILE B 243 14.50 24.25 -2.92
CA ILE B 243 13.89 23.16 -2.15
C ILE B 243 12.68 22.61 -2.90
N GLY B 244 12.55 21.28 -2.90
CA GLY B 244 11.45 20.61 -3.58
C GLY B 244 11.62 20.50 -5.09
N ASP B 245 10.51 20.62 -5.82
CA ASP B 245 10.42 20.43 -7.28
C ASP B 245 10.88 19.06 -7.76
N TYR B 246 9.95 18.09 -7.78
CA TYR B 246 10.28 16.74 -8.19
C TYR B 246 10.70 16.67 -9.67
N LYS B 247 10.17 17.57 -10.54
CA LYS B 247 10.55 17.56 -11.95
C LYS B 247 12.06 17.76 -12.10
N VAL B 248 12.63 18.56 -11.22
CA VAL B 248 14.05 18.90 -11.30
C VAL B 248 14.90 17.95 -10.45
N LYS B 249 14.39 17.48 -9.30
CA LYS B 249 15.20 16.63 -8.42
C LYS B 249 15.36 15.21 -8.95
N TYR B 250 14.33 14.65 -9.59
CA TYR B 250 14.45 13.32 -10.18
C TYR B 250 14.69 13.32 -11.68
N GLY B 251 13.98 14.17 -12.44
CA GLY B 251 13.94 14.04 -13.88
C GLY B 251 14.87 14.88 -14.73
N TYR B 252 16.04 15.26 -14.21
CA TYR B 252 16.85 16.24 -14.93
C TYR B 252 17.57 15.65 -16.14
N THR B 253 17.80 14.32 -16.18
CA THR B 253 18.50 13.74 -17.32
C THR B 253 17.70 13.87 -18.60
N ASP B 254 16.42 13.46 -18.58
CA ASP B 254 15.54 13.74 -19.71
C ASP B 254 15.08 15.21 -19.65
N ILE B 255 16.08 16.10 -19.63
CA ILE B 255 15.90 17.53 -19.88
C ILE B 255 17.05 17.97 -20.77
N ASP B 256 16.71 18.59 -21.92
CA ASP B 256 17.71 18.87 -22.95
C ASP B 256 18.91 19.63 -22.40
N LEU B 257 18.66 20.75 -21.71
CA LEU B 257 19.73 21.62 -21.27
C LEU B 257 20.64 20.98 -20.21
N LEU B 258 20.15 19.96 -19.48
CA LEU B 258 20.82 19.50 -18.28
C LEU B 258 21.30 18.04 -18.33
N SER B 259 21.13 17.37 -19.48
CA SER B 259 21.24 15.91 -19.54
C SER B 259 22.64 15.41 -19.17
N ALA B 260 23.68 16.13 -19.55
CA ALA B 260 25.03 15.62 -19.34
C ALA B 260 25.49 15.70 -17.88
N ALA B 261 24.72 16.32 -17.00
CA ALA B 261 25.15 16.51 -15.61
C ALA B 261 25.33 15.17 -14.91
N LYS B 262 26.41 15.07 -14.13
CA LYS B 262 26.79 13.86 -13.42
C LYS B 262 26.41 13.93 -11.95
N SER B 263 25.57 14.89 -11.59
CA SER B 263 24.71 14.89 -10.40
C SER B 263 23.77 16.08 -10.57
N LYS B 264 22.93 16.32 -9.55
CA LYS B 264 21.87 17.32 -9.63
C LYS B 264 22.45 18.69 -9.95
N PRO B 265 21.98 19.36 -11.00
CA PRO B 265 22.41 20.76 -11.18
C PRO B 265 21.80 21.69 -10.13
N ILE B 266 20.52 21.55 -9.86
CA ILE B 266 19.77 22.37 -8.91
C ILE B 266 19.68 21.63 -7.57
N ILE B 267 20.41 22.10 -6.56
CA ILE B 267 20.55 21.42 -5.28
C ILE B 267 19.73 22.17 -4.23
N ALA B 268 19.61 21.56 -3.04
CA ALA B 268 18.87 22.13 -1.93
C ALA B 268 19.75 22.49 -0.74
N GLU B 269 21.04 22.21 -0.82
CA GLU B 269 21.93 22.56 0.28
C GLU B 269 22.01 24.08 0.41
N PRO B 270 21.93 24.62 1.61
CA PRO B 270 22.09 26.08 1.79
C PRO B 270 23.54 26.51 1.84
N GLU B 271 23.72 27.81 1.66
CA GLU B 271 24.98 28.49 1.86
C GLU B 271 24.90 29.21 3.20
N ILE B 272 25.92 29.05 4.04
CA ILE B 272 25.94 29.60 5.39
C ILE B 272 26.97 30.71 5.41
N HIS B 273 26.61 31.85 5.99
CA HIS B 273 27.48 33.01 5.98
C HIS B 273 27.91 33.35 7.38
N GLY B 274 29.23 33.30 7.61
CA GLY B 274 29.96 33.85 8.74
C GLY B 274 29.34 33.77 10.12
N ALA B 275 29.92 34.54 11.03
CA ALA B 275 29.22 35.04 12.21
C ALA B 275 29.37 36.54 12.16
N GLN B 276 28.25 37.26 12.09
CA GLN B 276 28.27 38.71 12.01
C GLN B 276 28.07 39.29 13.40
N PRO B 277 29.11 39.87 14.02
CA PRO B 277 28.98 40.39 15.38
C PRO B 277 28.06 41.61 15.42
N LEU B 278 27.10 41.59 16.34
CA LEU B 278 26.12 42.66 16.43
C LEU B 278 26.29 43.53 17.67
N ASP B 279 27.21 43.17 18.56
CA ASP B 279 27.43 43.97 19.77
C ASP B 279 27.80 45.40 19.41
N GLY B 280 27.05 46.35 19.97
CA GLY B 280 27.29 47.75 19.70
C GLY B 280 26.76 48.26 18.38
N VAL B 281 25.94 47.47 17.68
CA VAL B 281 25.41 47.84 16.37
C VAL B 281 24.01 48.42 16.54
N THR B 282 23.75 49.52 15.86
CA THR B 282 22.42 50.15 15.86
C THR B 282 21.87 50.11 14.44
N GLY B 283 20.71 49.49 14.27
CA GLY B 283 20.06 49.48 12.98
C GLY B 283 19.10 48.34 12.85
N PHE B 284 19.12 47.66 11.70
CA PHE B 284 18.11 46.63 11.48
C PHE B 284 18.55 45.65 10.40
N LEU B 285 17.85 44.49 10.43
CA LEU B 285 18.01 43.40 9.47
C LEU B 285 16.77 43.31 8.58
N VAL B 286 16.99 43.28 7.26
CA VAL B 286 15.96 42.97 6.27
C VAL B 286 16.14 41.55 5.78
N LEU B 287 15.04 40.79 5.69
CA LEU B 287 14.89 39.64 4.80
C LEU B 287 13.72 39.93 3.87
N MET B 288 13.93 39.77 2.56
CA MET B 288 12.87 40.06 1.59
C MET B 288 12.86 39.03 0.45
N SER B 289 11.73 38.98 -0.26
CA SER B 289 11.55 38.00 -1.33
C SER B 289 11.83 38.58 -2.71
N GLU B 290 12.14 37.70 -3.65
CA GLU B 290 12.49 38.13 -5.01
C GLU B 290 11.39 38.98 -5.66
N GLY B 291 10.12 38.70 -5.37
CA GLY B 291 9.05 39.49 -5.93
C GLY B 291 9.17 40.96 -5.60
N LEU B 292 9.58 41.27 -4.36
CA LEU B 292 9.62 42.66 -3.92
C LEU B 292 10.66 43.46 -4.70
N TYR B 293 11.92 43.01 -4.67
CA TYR B 293 12.95 43.83 -5.30
C TYR B 293 12.91 43.76 -6.81
N LYS B 294 12.46 42.64 -7.38
CA LYS B 294 12.29 42.60 -8.83
C LYS B 294 11.28 43.63 -9.29
N ALA B 295 10.19 43.81 -8.55
CA ALA B 295 9.18 44.79 -8.97
C ALA B 295 9.76 46.20 -9.00
N LEU B 296 10.51 46.60 -7.96
CA LEU B 296 11.22 47.87 -7.99
C LEU B 296 12.26 47.93 -9.11
N GLU B 297 12.87 46.79 -9.45
CA GLU B 297 13.83 46.80 -10.55
C GLU B 297 13.13 47.00 -11.89
N ALA B 298 11.96 46.39 -12.09
CA ALA B 298 11.24 46.65 -13.33
C ALA B 298 10.89 48.12 -13.44
N ALA B 299 10.36 48.71 -12.37
CA ALA B 299 9.89 50.09 -12.49
C ALA B 299 11.05 51.07 -12.66
N HIS B 300 12.16 50.85 -11.96
CA HIS B 300 13.26 51.82 -11.94
C HIS B 300 14.45 51.42 -12.78
N GLY B 301 14.43 50.24 -13.42
CA GLY B 301 15.64 49.69 -14.01
C GLY B 301 16.54 49.19 -12.90
N PRO B 302 17.48 48.34 -13.23
CA PRO B 302 18.20 47.58 -12.20
C PRO B 302 19.27 48.44 -11.53
N GLY B 303 20.01 47.82 -10.62
CA GLY B 303 21.22 48.44 -10.13
C GLY B 303 21.30 48.69 -8.64
N GLN B 304 20.23 49.23 -8.04
CA GLN B 304 20.37 49.73 -6.67
C GLN B 304 19.11 49.56 -5.83
N ALA B 305 18.33 48.50 -6.07
CA ALA B 305 17.16 48.25 -5.22
C ALA B 305 17.54 48.10 -3.74
N ASN B 306 18.67 47.45 -3.44
CA ASN B 306 19.01 47.25 -2.04
C ASN B 306 19.07 48.59 -1.31
N GLN B 307 19.68 49.61 -1.91
CA GLN B 307 19.84 50.87 -1.19
C GLN B 307 18.51 51.61 -1.07
N GLU B 308 17.67 51.54 -2.10
CA GLU B 308 16.41 52.28 -2.10
C GLU B 308 15.40 51.69 -1.12
N ILE B 309 15.20 50.37 -1.17
CA ILE B 309 14.35 49.70 -0.18
C ILE B 309 14.85 50.01 1.22
N ALA B 310 16.17 49.83 1.45
CA ALA B 310 16.74 50.15 2.75
C ALA B 310 16.36 51.55 3.20
N ALA B 311 16.33 52.51 2.28
CA ALA B 311 16.08 53.90 2.64
C ALA B 311 14.60 54.20 2.79
N MET B 312 13.74 53.57 1.98
CA MET B 312 12.30 53.67 2.22
C MET B 312 11.95 53.17 3.62
N ILE B 313 12.65 52.12 4.08
CA ILE B 313 12.41 51.62 5.43
C ILE B 313 12.83 52.67 6.44
N ASP B 314 13.99 53.30 6.23
CA ASP B 314 14.52 54.28 7.17
C ASP B 314 13.56 55.45 7.36
N THR B 315 12.93 55.92 6.29
CA THR B 315 11.96 57.00 6.50
C THR B 315 10.72 56.49 7.22
N GLU B 316 10.38 55.20 7.10
CA GLU B 316 9.17 54.72 7.73
C GLU B 316 9.35 54.47 9.22
N PHE B 317 10.56 54.03 9.64
CA PHE B 317 10.89 53.90 11.05
C PHE B 317 10.50 55.15 11.82
N ALA B 318 10.79 56.32 11.26
CA ALA B 318 10.51 57.56 11.96
C ALA B 318 9.03 57.85 12.05
N LYS B 319 8.22 57.35 11.11
CA LYS B 319 6.81 57.72 11.11
C LYS B 319 5.88 56.69 11.76
N GLN B 320 6.12 55.38 11.63
CA GLN B 320 5.12 54.41 12.08
C GLN B 320 5.25 54.08 13.57
N THR B 321 4.30 53.30 14.07
CA THR B 321 4.26 52.96 15.50
C THR B 321 4.51 51.49 15.80
N SER B 322 4.62 50.63 14.79
CA SER B 322 5.00 49.23 14.97
C SER B 322 5.87 48.77 13.79
N LEU B 323 6.68 47.74 14.04
CA LEU B 323 7.52 47.21 12.96
C LEU B 323 6.67 46.62 11.86
N ASP B 324 5.51 46.07 12.20
CA ASP B 324 4.66 45.50 11.17
C ASP B 324 4.21 46.57 10.19
N ALA B 325 3.84 47.73 10.71
CA ALA B 325 3.40 48.82 9.83
C ALA B 325 4.57 49.43 9.07
N VAL B 326 5.78 49.42 9.63
CA VAL B 326 6.93 49.88 8.86
C VAL B 326 7.10 49.01 7.62
N ALA B 327 7.11 47.69 7.83
CA ALA B 327 7.31 46.78 6.70
C ALA B 327 6.18 46.89 5.67
N GLN B 328 4.94 47.05 6.13
CA GLN B 328 3.82 47.09 5.20
C GLN B 328 3.76 48.40 4.45
N ALA B 329 4.31 49.46 5.02
CA ALA B 329 4.27 50.73 4.32
C ALA B 329 5.23 50.72 3.14
N VAL B 330 6.44 50.15 3.33
CA VAL B 330 7.37 49.96 2.23
C VAL B 330 6.72 49.09 1.14
N VAL B 331 6.28 47.87 1.51
CA VAL B 331 5.61 46.99 0.54
C VAL B 331 4.53 47.75 -0.23
N ASP B 332 3.68 48.51 0.49
CA ASP B 332 2.63 49.30 -0.17
C ASP B 332 3.21 50.40 -1.08
N ARG B 333 4.33 51.01 -0.72
CA ARG B 333 4.84 52.07 -1.58
C ARG B 333 5.39 51.50 -2.89
N VAL B 334 6.10 50.36 -2.82
CA VAL B 334 6.64 49.72 -4.02
C VAL B 334 5.52 49.26 -4.95
N LYS B 335 4.37 48.87 -4.39
CA LYS B 335 3.26 48.48 -5.24
C LYS B 335 2.76 49.65 -6.08
N ARG B 336 2.67 50.85 -5.47
CA ARG B 336 2.16 52.01 -6.19
C ARG B 336 3.18 52.53 -7.21
N ILE B 337 4.47 52.46 -6.88
CA ILE B 337 5.51 52.78 -7.85
C ILE B 337 5.34 51.94 -9.11
N HIS B 338 5.19 50.62 -8.93
CA HIS B 338 5.07 49.69 -10.05
C HIS B 338 3.79 49.95 -10.81
N SER B 339 2.68 50.07 -10.07
CA SER B 339 1.37 50.26 -10.69
C SER B 339 1.30 51.59 -11.46
N ASP B 340 1.83 52.66 -10.88
CA ASP B 340 1.88 53.94 -11.59
C ASP B 340 2.75 53.84 -12.84
N THR B 341 3.93 53.24 -12.74
CA THR B 341 4.82 53.14 -13.90
C THR B 341 4.11 52.51 -15.10
N PHE B 342 3.36 51.43 -14.86
CA PHE B 342 2.60 50.78 -15.93
C PHE B 342 1.51 51.71 -16.50
N ALA B 343 0.58 52.14 -15.65
CA ALA B 343 -0.54 52.94 -16.15
C ALA B 343 -0.07 54.21 -16.85
N SER B 344 1.11 54.71 -16.51
CA SER B 344 1.58 55.93 -17.16
C SER B 344 1.98 55.70 -18.61
N GLY B 345 2.19 54.45 -19.04
CA GLY B 345 2.47 54.12 -20.43
C GLY B 345 3.82 54.61 -20.91
N GLY B 346 4.61 55.17 -20.00
CA GLY B 346 5.90 55.73 -20.32
C GLY B 346 6.92 54.73 -20.81
N GLU B 347 8.19 55.13 -20.75
CA GLU B 347 9.34 54.27 -21.02
C GLU B 347 9.20 52.87 -20.39
N ARG B 348 9.18 52.82 -19.06
CA ARG B 348 9.29 51.57 -18.31
C ARG B 348 8.01 50.75 -18.28
N ALA B 349 6.87 51.29 -18.70
CA ALA B 349 5.63 50.54 -18.58
C ALA B 349 5.73 49.19 -19.30
N ARG B 350 6.52 49.14 -20.35
CA ARG B 350 6.94 47.92 -21.02
C ARG B 350 7.12 46.80 -20.01
N PHE B 351 7.89 47.04 -18.94
CA PHE B 351 8.33 45.99 -18.04
C PHE B 351 7.36 45.70 -16.88
N CYS B 352 6.23 46.41 -16.76
CA CYS B 352 5.44 46.27 -15.55
C CYS B 352 3.99 45.81 -15.73
N PRO B 353 3.66 44.84 -16.59
CA PRO B 353 2.26 44.42 -16.66
C PRO B 353 1.87 43.52 -15.51
N ARG B 354 2.87 42.95 -14.83
CA ARG B 354 2.68 41.97 -13.77
C ARG B 354 3.61 42.29 -12.61
N HIS B 355 3.26 41.81 -11.42
CA HIS B 355 4.24 41.69 -10.36
C HIS B 355 3.88 40.47 -9.51
N GLU B 356 4.86 40.05 -8.72
CA GLU B 356 4.84 38.81 -7.96
C GLU B 356 4.55 39.07 -6.48
N ASP B 357 4.44 37.98 -5.72
CA ASP B 357 4.23 38.05 -4.28
C ASP B 357 5.34 38.83 -3.58
N MET B 358 4.95 39.75 -2.70
CA MET B 358 5.90 40.59 -1.97
C MET B 358 5.79 40.33 -0.48
N THR B 359 6.96 40.16 0.15
CA THR B 359 7.10 39.85 1.57
C THR B 359 8.33 40.56 2.09
N LEU B 360 8.20 41.24 3.23
CA LEU B 360 9.30 42.02 3.82
C LEU B 360 9.32 41.75 5.32
N LEU B 361 10.42 41.20 5.83
CA LEU B 361 10.61 41.05 7.27
C LEU B 361 11.67 42.03 7.76
N VAL B 362 11.33 42.80 8.79
CA VAL B 362 12.26 43.73 9.42
C VAL B 362 12.46 43.32 10.87
N ARG B 363 13.71 43.09 11.27
CA ARG B 363 14.06 42.79 12.66
C ARG B 363 14.94 43.91 13.22
N ASN B 364 14.47 44.57 14.29
CA ASN B 364 15.10 45.78 14.83
C ASN B 364 16.29 45.45 15.74
N PHE B 365 17.40 46.18 15.57
CA PHE B 365 18.56 46.10 16.49
C PHE B 365 18.86 47.49 17.09
N GLY B 366 18.03 47.97 18.02
CA GLY B 366 18.28 49.26 18.66
C GLY B 366 17.95 50.51 17.86
N TYR B 367 17.29 50.40 16.69
CA TYR B 367 16.89 51.57 15.93
C TYR B 367 15.65 52.20 16.57
N PRO B 368 15.59 53.53 16.63
CA PRO B 368 14.40 54.20 17.19
C PRO B 368 13.16 53.92 16.36
N LEU B 369 11.99 54.18 16.97
CA LEU B 369 10.71 53.84 16.36
C LEU B 369 9.63 54.77 16.87
N GLY B 370 9.00 55.50 15.95
CA GLY B 370 7.95 56.44 16.25
C GLY B 370 8.39 57.87 16.54
N VAL B 387 23.43 81.86 8.74
CA VAL B 387 23.61 83.00 7.85
C VAL B 387 23.97 82.54 6.43
N TYR B 388 23.96 83.49 5.50
CA TYR B 388 24.29 83.27 4.10
C TYR B 388 25.17 84.42 3.65
N PRO B 389 26.49 84.19 3.45
CA PRO B 389 27.42 85.30 3.21
C PRO B 389 27.66 85.55 1.73
N VAL B 390 27.84 86.83 1.37
CA VAL B 390 27.96 87.19 -0.03
C VAL B 390 29.16 86.51 -0.68
N SER B 391 29.05 86.29 -1.99
CA SER B 391 30.16 85.68 -2.70
C SER B 391 31.29 86.67 -2.91
N VAL B 392 30.97 87.95 -3.06
CA VAL B 392 31.98 88.99 -3.18
C VAL B 392 31.57 90.15 -2.29
N PRO B 393 32.47 90.68 -1.47
CA PRO B 393 32.08 91.79 -0.59
C PRO B 393 31.91 93.09 -1.35
N TYR B 394 31.07 93.96 -0.77
CA TYR B 394 31.00 95.35 -1.15
C TYR B 394 32.36 96.02 -1.00
N SER B 395 32.48 97.21 -1.61
CA SER B 395 33.60 98.09 -1.31
C SER B 395 33.23 99.47 -1.82
N SER B 396 33.01 100.41 -0.90
CA SER B 396 32.78 101.80 -1.30
C SER B 396 34.12 102.50 -1.34
N ALA B 397 34.74 102.49 -2.52
CA ALA B 397 35.99 103.22 -2.75
C ALA B 397 35.86 104.12 -3.98
N THR B 406 30.39 98.43 -17.86
CA THR B 406 31.79 98.01 -17.89
C THR B 406 31.94 96.52 -17.49
N LEU B 407 30.83 95.77 -17.53
CA LEU B 407 30.73 94.41 -16.97
C LEU B 407 30.62 93.34 -18.06
N SER B 408 30.82 92.09 -17.62
CA SER B 408 30.71 90.90 -18.47
C SER B 408 30.78 89.64 -17.59
N LEU B 409 30.39 88.49 -18.18
CA LEU B 409 30.64 87.16 -17.63
C LEU B 409 31.18 86.25 -18.73
N VAL B 410 31.53 85.01 -18.35
CA VAL B 410 32.04 84.04 -19.31
C VAL B 410 31.01 82.94 -19.55
N MET B 411 30.99 82.44 -20.78
CA MET B 411 29.97 81.63 -21.45
C MET B 411 30.42 80.20 -21.69
N PRO B 412 29.54 79.21 -21.47
CA PRO B 412 29.76 77.89 -22.07
C PRO B 412 30.05 78.01 -23.57
N GLN C 13 6.88 -21.58 1.73
CA GLN C 13 7.74 -20.48 1.31
C GLN C 13 8.58 -19.86 2.46
N GLN C 14 8.10 -19.93 3.69
CA GLN C 14 8.77 -19.35 4.86
C GLN C 14 9.32 -20.41 5.83
N PRO C 15 10.40 -20.12 6.58
CA PRO C 15 11.06 -21.17 7.37
C PRO C 15 10.22 -21.72 8.52
N SER C 16 10.50 -22.98 8.89
CA SER C 16 9.50 -23.79 9.57
C SER C 16 9.62 -23.68 11.09
N TRP C 17 10.83 -23.80 11.62
CA TRP C 17 11.17 -23.88 13.04
C TRP C 17 10.91 -25.28 13.58
N THR C 18 10.13 -26.09 12.89
CA THR C 18 9.67 -27.40 13.36
C THR C 18 10.36 -28.55 12.61
N ASP C 19 11.19 -28.22 11.61
CA ASP C 19 11.81 -29.17 10.67
C ASP C 19 12.73 -30.16 11.37
N ASP C 20 13.52 -29.69 12.32
CA ASP C 20 14.55 -30.48 12.98
C ASP C 20 14.01 -31.41 14.06
N LEU C 21 12.71 -31.34 14.40
CA LEU C 21 12.18 -32.17 15.48
C LEU C 21 12.34 -33.65 15.14
N PRO C 22 12.54 -34.50 16.13
CA PRO C 22 12.70 -35.92 15.84
C PRO C 22 11.39 -36.52 15.40
N LEU C 23 11.47 -37.53 14.52
CA LEU C 23 10.36 -38.37 14.13
C LEU C 23 10.15 -39.50 15.16
N CYS C 24 8.93 -40.01 15.22
CA CYS C 24 8.55 -40.98 16.23
C CYS C 24 8.81 -42.38 15.73
N HIS C 25 9.63 -43.13 16.44
CA HIS C 25 9.99 -44.49 16.06
C HIS C 25 8.94 -45.52 16.45
N LEU C 26 7.81 -45.09 17.04
CA LEU C 26 6.74 -46.01 17.40
C LEU C 26 5.49 -45.78 16.58
N SER C 27 5.66 -45.29 15.36
CA SER C 27 4.55 -44.99 14.49
C SER C 27 4.98 -45.18 13.04
N GLY C 28 4.01 -45.53 12.20
CA GLY C 28 4.24 -45.78 10.79
C GLY C 28 3.12 -45.20 9.95
N VAL C 29 3.47 -44.73 8.75
CA VAL C 29 2.55 -44.07 7.85
C VAL C 29 2.56 -44.79 6.49
N GLY C 30 1.38 -45.11 5.98
CA GLY C 30 1.24 -45.55 4.60
C GLY C 30 0.28 -44.64 3.86
N SER C 31 0.51 -44.50 2.55
CA SER C 31 -0.19 -43.48 1.76
C SER C 31 -0.29 -43.85 0.29
N ALA C 32 -1.29 -43.29 -0.40
CA ALA C 32 -1.39 -43.51 -1.83
C ALA C 32 -2.10 -42.35 -2.53
N SER C 33 -1.65 -42.05 -3.73
CA SER C 33 -2.24 -40.96 -4.50
C SER C 33 -3.65 -41.31 -4.97
N ASN C 34 -4.48 -40.29 -5.06
CA ASN C 34 -5.76 -40.37 -5.76
C ASN C 34 -5.57 -40.98 -7.14
N ARG C 35 -6.59 -41.68 -7.61
CA ARG C 35 -6.55 -42.23 -8.96
C ARG C 35 -7.92 -42.21 -9.60
N SER C 36 -7.95 -42.02 -10.91
CA SER C 36 -9.16 -42.23 -11.70
C SER C 36 -8.88 -43.29 -12.76
N TYR C 37 -9.70 -44.35 -12.76
CA TYR C 37 -9.53 -45.47 -13.67
C TYR C 37 -10.01 -45.12 -15.07
N SER C 38 -9.26 -45.51 -16.09
CA SER C 38 -9.54 -45.05 -17.44
C SER C 38 -10.29 -46.08 -18.27
N ALA C 39 -11.07 -45.58 -19.25
CA ALA C 39 -12.03 -46.42 -19.95
C ALA C 39 -11.36 -47.34 -20.96
N ASP C 40 -10.15 -47.00 -21.41
CA ASP C 40 -9.30 -47.96 -22.10
C ASP C 40 -9.32 -49.31 -21.40
N GLY C 41 -9.16 -49.29 -20.08
CA GLY C 41 -8.78 -50.46 -19.33
C GLY C 41 -7.31 -50.57 -19.08
N LYS C 42 -6.53 -49.50 -19.35
CA LYS C 42 -5.08 -49.54 -19.30
C LYS C 42 -4.54 -48.13 -19.00
N GLY C 43 -4.83 -47.63 -17.81
CA GLY C 43 -4.26 -46.37 -17.37
C GLY C 43 -5.09 -45.67 -16.31
N THR C 44 -4.45 -44.71 -15.65
CA THR C 44 -5.10 -43.88 -14.65
C THR C 44 -4.66 -42.43 -14.86
N GLU C 45 -5.51 -41.50 -14.38
CA GLU C 45 -5.16 -40.09 -14.21
C GLU C 45 -5.02 -39.77 -12.73
N SER C 46 -4.29 -38.69 -12.42
CA SER C 46 -4.13 -38.23 -11.04
C SER C 46 -3.88 -36.73 -11.03
N HIS C 47 -4.54 -36.02 -10.06
CA HIS C 47 -4.23 -34.65 -9.67
C HIS C 47 -3.16 -34.66 -8.59
N PRO C 48 -2.41 -33.56 -8.44
CA PRO C 48 -1.44 -33.48 -7.32
C PRO C 48 -2.07 -33.88 -6.00
N PRO C 49 -1.41 -34.72 -5.19
CA PRO C 49 -2.05 -35.22 -3.97
C PRO C 49 -2.26 -34.14 -2.91
N GLU C 50 -3.32 -34.30 -2.13
CA GLU C 50 -3.78 -33.27 -1.20
C GLU C 50 -3.83 -33.72 0.28
N ASP C 51 -3.30 -34.87 0.61
CA ASP C 51 -3.22 -35.32 1.99
C ASP C 51 -1.85 -34.94 2.53
N SER C 52 -1.73 -34.88 3.85
CA SER C 52 -0.46 -34.64 4.54
C SER C 52 -0.55 -35.37 5.87
N TRP C 53 0.61 -35.57 6.52
CA TRP C 53 0.64 -36.21 7.82
C TRP C 53 1.80 -35.65 8.64
N LEU C 54 1.83 -36.03 9.92
CA LEU C 54 2.98 -35.73 10.76
C LEU C 54 2.96 -36.66 11.96
N LYS C 55 4.16 -36.93 12.50
CA LYS C 55 4.32 -37.82 13.66
C LYS C 55 5.61 -37.41 14.37
N PHE C 56 5.49 -36.56 15.39
CA PHE C 56 6.64 -35.97 16.06
C PHE C 56 6.81 -36.45 17.50
N ARG C 57 8.00 -36.28 18.04
CA ARG C 57 8.15 -36.37 19.49
C ARG C 57 9.19 -35.36 19.95
N SER C 58 8.86 -34.59 20.96
CA SER C 58 9.78 -33.60 21.51
C SER C 58 10.49 -34.12 22.75
N GLU C 59 11.59 -33.42 23.09
CA GLU C 59 12.25 -33.63 24.38
C GLU C 59 11.34 -33.07 25.46
N ASN C 60 10.42 -33.91 25.90
CA ASN C 60 9.38 -33.60 26.87
C ASN C 60 8.57 -34.87 27.03
N ASN C 61 8.86 -35.86 26.16
CA ASN C 61 8.07 -37.08 26.06
C ASN C 61 6.64 -36.74 25.60
N CYS C 62 6.57 -35.87 24.61
CA CYS C 62 5.34 -35.30 24.10
C CYS C 62 5.20 -35.66 22.63
N PHE C 63 4.13 -36.37 22.28
CA PHE C 63 3.95 -36.90 20.95
C PHE C 63 2.79 -36.22 20.24
N LEU C 64 3.00 -35.90 18.96
CA LEU C 64 2.01 -35.27 18.11
C LEU C 64 1.87 -36.07 16.82
N TYR C 65 0.66 -36.57 16.57
CA TYR C 65 0.28 -37.28 15.36
C TYR C 65 -0.81 -36.50 14.64
N GLY C 66 -0.82 -36.58 13.32
CA GLY C 66 -1.81 -35.84 12.55
C GLY C 66 -1.97 -36.37 11.15
N VAL C 67 -3.20 -36.41 10.66
CA VAL C 67 -3.51 -36.79 9.29
C VAL C 67 -4.46 -35.73 8.77
N PHE C 68 -4.16 -35.17 7.60
CA PHE C 68 -4.86 -34.03 7.06
C PHE C 68 -5.38 -34.34 5.67
N ASN C 69 -6.65 -34.00 5.41
CA ASN C 69 -7.25 -34.20 4.08
C ASN C 69 -7.59 -32.84 3.49
N GLY C 70 -6.89 -32.46 2.41
CA GLY C 70 -7.19 -31.26 1.66
C GLY C 70 -8.11 -31.50 0.47
N TYR C 71 -8.45 -30.41 -0.21
CA TYR C 71 -9.41 -30.39 -1.31
C TYR C 71 -9.29 -29.04 -2.00
N ASP C 72 -9.56 -29.02 -3.31
CA ASP C 72 -9.43 -27.79 -4.12
C ASP C 72 -8.02 -27.23 -4.06
N GLY C 73 -7.02 -28.07 -4.24
CA GLY C 73 -5.65 -27.60 -4.14
C GLY C 73 -5.02 -27.94 -2.79
N ASN C 74 -3.70 -27.99 -2.77
CA ASN C 74 -2.99 -28.49 -1.61
C ASN C 74 -2.25 -27.39 -0.84
N ARG C 75 -2.71 -26.15 -0.94
CA ARG C 75 -2.09 -25.08 -0.18
C ARG C 75 -2.48 -25.16 1.31
N VAL C 76 -3.77 -25.14 1.61
CA VAL C 76 -4.22 -25.16 3.00
C VAL C 76 -3.69 -26.39 3.73
N THR C 77 -3.79 -27.57 3.09
CA THR C 77 -3.31 -28.78 3.74
C THR C 77 -1.80 -28.72 4.02
N ASN C 78 -0.99 -28.22 3.08
CA ASN C 78 0.42 -28.02 3.41
C ASN C 78 0.60 -27.00 4.52
N PHE C 79 -0.20 -25.93 4.50
CA PHE C 79 -0.08 -24.85 5.48
C PHE C 79 -0.46 -25.30 6.88
N VAL C 80 -1.39 -26.25 6.99
CA VAL C 80 -1.78 -26.72 8.32
C VAL C 80 -0.71 -27.65 8.90
N ALA C 81 -0.07 -28.45 8.06
CA ALA C 81 0.94 -29.36 8.58
C ALA C 81 2.16 -28.59 9.06
N GLN C 82 2.60 -27.60 8.27
CA GLN C 82 3.75 -26.81 8.64
C GLN C 82 3.49 -26.02 9.92
N ARG C 83 2.30 -25.45 10.05
CA ARG C 83 2.07 -24.45 11.08
C ARG C 83 1.53 -25.00 12.39
N LEU C 84 0.84 -26.14 12.38
CA LEU C 84 0.24 -26.62 13.62
C LEU C 84 1.29 -26.98 14.66
N SER C 85 2.32 -27.73 14.26
CA SER C 85 3.26 -28.25 15.24
C SER C 85 4.02 -27.13 15.95
N ALA C 86 4.11 -25.96 15.34
CA ALA C 86 4.77 -24.85 16.01
C ALA C 86 3.92 -24.18 17.06
N GLU C 87 2.59 -24.43 17.07
CA GLU C 87 1.75 -23.95 18.15
C GLU C 87 1.61 -24.98 19.27
N LEU C 88 2.15 -26.18 19.11
CA LEU C 88 1.99 -27.22 20.10
C LEU C 88 3.30 -27.73 20.68
N LEU C 89 4.41 -27.73 19.92
CA LEU C 89 5.58 -28.50 20.30
C LEU C 89 6.81 -27.65 20.62
N LEU C 90 6.61 -26.36 20.88
CA LEU C 90 7.67 -25.42 21.25
C LEU C 90 7.48 -24.92 22.69
N GLY C 91 7.00 -25.79 23.58
CA GLY C 91 6.77 -25.43 24.95
C GLY C 91 5.32 -25.27 25.35
N GLN C 92 4.38 -25.27 24.41
CA GLN C 92 3.00 -25.03 24.79
C GLN C 92 2.44 -26.20 25.60
N LEU C 93 2.98 -27.41 25.40
CA LEU C 93 2.57 -28.62 26.10
C LEU C 93 3.74 -29.22 26.89
N ASN C 94 3.46 -29.69 28.08
CA ASN C 94 4.46 -30.37 28.90
C ASN C 94 3.77 -31.36 29.84
N ALA C 95 4.53 -32.36 30.25
CA ALA C 95 4.03 -33.37 31.17
C ALA C 95 3.85 -32.74 32.53
N GLU C 96 2.68 -32.11 32.77
CA GLU C 96 2.31 -31.54 34.06
C GLU C 96 0.98 -30.81 33.96
N HIS C 97 0.41 -30.73 32.75
CA HIS C 97 -0.47 -29.62 32.41
C HIS C 97 -1.81 -29.70 33.11
N ALA C 98 -2.43 -30.89 33.10
CA ALA C 98 -3.83 -31.15 33.44
C ALA C 98 -4.69 -31.07 32.19
N GLU C 99 -5.91 -31.59 32.26
CA GLU C 99 -6.68 -31.81 31.05
C GLU C 99 -7.22 -30.50 30.49
N ALA C 100 -7.60 -29.56 31.36
CA ALA C 100 -8.19 -28.31 30.88
C ALA C 100 -7.14 -27.49 30.12
N ASP C 101 -5.90 -27.52 30.59
CA ASP C 101 -4.83 -26.81 29.92
C ASP C 101 -4.53 -27.40 28.56
N VAL C 102 -4.77 -28.70 28.39
CA VAL C 102 -4.47 -29.32 27.10
C VAL C 102 -5.53 -28.97 26.07
N ARG C 103 -6.80 -28.80 26.47
CA ARG C 103 -7.73 -28.40 25.42
C ARG C 103 -7.71 -26.90 25.13
N ARG C 104 -7.31 -26.07 26.09
CA ARG C 104 -7.14 -24.65 25.79
C ARG C 104 -6.01 -24.46 24.79
N VAL C 105 -4.88 -25.13 25.01
CA VAL C 105 -3.76 -25.08 24.07
C VAL C 105 -4.14 -25.64 22.70
N LEU C 106 -5.01 -26.66 22.64
CA LEU C 106 -5.42 -27.16 21.33
C LEU C 106 -6.41 -26.19 20.66
N LEU C 107 -7.32 -25.58 21.42
CA LEU C 107 -8.22 -24.60 20.81
C LEU C 107 -7.44 -23.39 20.31
N GLN C 108 -6.45 -22.93 21.08
CA GLN C 108 -5.65 -21.77 20.68
C GLN C 108 -4.86 -22.07 19.42
N ALA C 109 -4.18 -23.23 19.39
CA ALA C 109 -3.48 -23.72 18.22
C ALA C 109 -4.31 -23.69 16.95
N PHE C 110 -5.54 -24.19 17.00
CA PHE C 110 -6.31 -24.23 15.76
C PHE C 110 -6.75 -22.83 15.36
N ASP C 111 -7.07 -22.00 16.35
CA ASP C 111 -7.51 -20.65 16.04
C ASP C 111 -6.37 -19.87 15.40
N VAL C 112 -5.15 -20.12 15.84
CA VAL C 112 -4.02 -19.36 15.33
C VAL C 112 -3.65 -19.82 13.91
N VAL C 113 -3.81 -21.12 13.61
CA VAL C 113 -3.57 -21.57 12.24
C VAL C 113 -4.69 -21.06 11.30
N GLU C 114 -5.93 -21.06 11.77
CA GLU C 114 -7.00 -20.61 10.90
C GLU C 114 -6.89 -19.11 10.66
N ARG C 115 -6.57 -18.32 11.69
CA ARG C 115 -6.44 -16.88 11.50
C ARG C 115 -5.27 -16.52 10.58
N SER C 116 -4.10 -17.17 10.74
CA SER C 116 -2.97 -16.81 9.90
C SER C 116 -3.16 -17.27 8.46
N PHE C 117 -3.85 -18.38 8.22
CA PHE C 117 -4.11 -18.76 6.82
C PHE C 117 -4.82 -17.65 6.09
N LEU C 118 -5.88 -17.11 6.70
CA LEU C 118 -6.71 -16.09 6.08
C LEU C 118 -5.99 -14.73 5.95
N GLU C 119 -5.19 -14.36 6.96
CA GLU C 119 -4.38 -13.14 6.83
C GLU C 119 -3.37 -13.29 5.70
N SER C 120 -2.95 -14.52 5.39
CA SER C 120 -1.94 -14.77 4.37
C SER C 120 -2.49 -14.64 2.97
N ILE C 121 -3.80 -14.41 2.79
CA ILE C 121 -4.37 -14.28 1.45
C ILE C 121 -5.10 -12.96 1.29
N ASP C 122 -4.87 -11.98 2.18
CA ASP C 122 -5.51 -10.68 2.01
C ASP C 122 -4.97 -9.94 0.79
N ASP C 123 -3.65 -9.87 0.65
CA ASP C 123 -3.04 -9.21 -0.50
C ASP C 123 -3.52 -9.82 -1.83
N ALA C 124 -3.62 -11.14 -1.91
CA ALA C 124 -4.03 -11.73 -3.18
C ALA C 124 -5.51 -11.48 -3.45
N LEU C 125 -6.35 -11.57 -2.41
CA LEU C 125 -7.75 -11.20 -2.59
C LEU C 125 -7.88 -9.77 -3.13
N ALA C 126 -7.12 -8.82 -2.58
CA ALA C 126 -7.16 -7.44 -3.08
C ALA C 126 -6.74 -7.35 -4.54
N GLU C 127 -5.66 -8.06 -4.91
CA GLU C 127 -5.24 -8.12 -6.32
C GLU C 127 -6.33 -8.76 -7.20
N LYS C 128 -6.89 -9.88 -6.76
CA LYS C 128 -8.07 -10.46 -7.40
C LYS C 128 -9.18 -9.42 -7.63
N ALA C 129 -9.49 -8.60 -6.64
CA ALA C 129 -10.63 -7.70 -6.88
C ALA C 129 -10.25 -6.52 -7.77
N SER C 130 -9.01 -6.02 -7.67
CA SER C 130 -8.59 -4.97 -8.58
C SER C 130 -8.55 -5.46 -10.03
N LEU C 131 -7.91 -6.61 -10.28
CA LEU C 131 -7.95 -7.20 -11.61
C LEU C 131 -9.39 -7.33 -12.09
N GLN C 132 -10.27 -7.82 -11.22
CA GLN C 132 -11.68 -8.00 -11.59
C GLN C 132 -12.34 -6.69 -11.97
N SER C 133 -11.95 -5.60 -11.30
CA SER C 133 -12.57 -4.31 -11.59
C SER C 133 -12.28 -3.87 -13.03
N GLN C 134 -11.09 -4.20 -13.53
CA GLN C 134 -10.70 -3.79 -14.88
C GLN C 134 -11.57 -4.41 -15.98
N LEU C 135 -12.40 -5.37 -15.66
CA LEU C 135 -13.16 -6.02 -16.71
C LEU C 135 -14.46 -5.27 -16.98
N PRO C 136 -15.05 -5.41 -18.21
CA PRO C 136 -16.10 -4.46 -18.65
C PRO C 136 -17.48 -4.68 -18.04
N GLU C 137 -18.17 -5.75 -18.44
CA GLU C 137 -19.51 -6.06 -17.95
C GLU C 137 -19.98 -7.39 -18.51
N LEU C 144 -15.16 -12.31 -24.82
CA LEU C 144 -14.60 -11.02 -24.38
C LEU C 144 -13.32 -10.71 -25.16
N PRO C 145 -13.01 -9.43 -25.34
CA PRO C 145 -11.98 -9.02 -26.31
C PRO C 145 -10.60 -9.53 -25.97
N PRO C 146 -9.61 -9.29 -26.85
CA PRO C 146 -8.26 -9.85 -26.63
C PRO C 146 -7.37 -9.04 -25.69
N GLN C 147 -7.65 -7.74 -25.46
CA GLN C 147 -6.90 -6.96 -24.47
C GLN C 147 -6.90 -7.62 -23.09
N TYR C 148 -7.98 -8.32 -22.73
CA TYR C 148 -8.18 -8.75 -21.37
C TYR C 148 -7.60 -10.11 -21.08
N GLN C 149 -7.09 -10.80 -22.10
CA GLN C 149 -6.71 -12.18 -21.89
C GLN C 149 -5.54 -12.32 -20.92
N LYS C 150 -4.65 -11.32 -20.85
CA LYS C 150 -3.57 -11.44 -19.88
C LYS C 150 -4.09 -11.21 -18.46
N ILE C 151 -5.05 -10.29 -18.30
CA ILE C 151 -5.76 -10.11 -17.03
C ILE C 151 -6.49 -11.39 -16.65
N LEU C 152 -7.28 -11.93 -17.60
CA LEU C 152 -7.98 -13.20 -17.37
C LEU C 152 -7.03 -14.31 -16.96
N GLU C 153 -5.94 -14.49 -17.72
CA GLU C 153 -5.00 -15.56 -17.39
C GLU C 153 -4.46 -15.41 -15.96
N ARG C 154 -4.24 -14.16 -15.53
CA ARG C 154 -3.70 -13.95 -14.19
C ARG C 154 -4.76 -14.22 -13.13
N LEU C 155 -6.03 -13.84 -13.39
CA LEU C 155 -7.09 -14.16 -12.45
C LEU C 155 -7.15 -15.66 -12.18
N LYS C 156 -7.02 -16.47 -13.23
CA LYS C 156 -7.11 -17.93 -13.07
C LYS C 156 -5.98 -18.47 -12.20
N THR C 157 -4.79 -17.85 -12.25
CA THR C 157 -3.70 -18.35 -11.42
C THR C 157 -3.76 -17.86 -9.97
N LEU C 158 -4.36 -16.70 -9.70
CA LEU C 158 -4.55 -16.33 -8.30
C LEU C 158 -5.46 -17.33 -7.61
N GLU C 159 -6.48 -17.79 -8.34
CA GLU C 159 -7.43 -18.77 -7.79
C GLU C 159 -6.72 -20.06 -7.41
N ARG C 160 -5.67 -20.43 -8.14
CA ARG C 160 -4.88 -21.59 -7.74
C ARG C 160 -4.18 -21.34 -6.39
N GLU C 161 -3.81 -20.10 -6.11
CA GLU C 161 -3.01 -19.82 -4.91
C GLU C 161 -3.84 -19.72 -3.63
N ILE C 162 -5.07 -19.22 -3.74
CA ILE C 162 -5.89 -18.95 -2.57
C ILE C 162 -6.95 -20.02 -2.27
N SER C 163 -7.28 -20.88 -3.23
CA SER C 163 -8.42 -21.77 -3.12
C SER C 163 -8.06 -23.06 -2.40
N GLY C 164 -9.06 -23.66 -1.77
CA GLY C 164 -8.89 -24.90 -1.04
C GLY C 164 -9.09 -24.73 0.47
N GLY C 165 -9.25 -25.87 1.12
CA GLY C 165 -9.32 -25.98 2.56
C GLY C 165 -8.93 -27.38 2.95
N ALA C 166 -9.12 -27.72 4.23
CA ALA C 166 -8.68 -29.05 4.67
C ALA C 166 -9.38 -29.46 5.96
N MET C 167 -9.51 -30.79 6.13
CA MET C 167 -9.94 -31.39 7.39
C MET C 167 -8.77 -32.02 8.11
N ALA C 168 -8.91 -32.19 9.41
CA ALA C 168 -7.76 -32.59 10.23
C ALA C 168 -8.23 -33.45 11.39
N VAL C 169 -7.46 -34.50 11.69
CA VAL C 169 -7.59 -35.22 12.94
C VAL C 169 -6.20 -35.28 13.58
N VAL C 170 -6.12 -34.96 14.87
CA VAL C 170 -4.86 -34.74 15.56
C VAL C 170 -4.89 -35.50 16.88
N ALA C 171 -3.78 -36.15 17.21
CA ALA C 171 -3.67 -36.91 18.44
C ALA C 171 -2.49 -36.40 19.24
N VAL C 172 -2.73 -36.08 20.51
CA VAL C 172 -1.65 -35.67 21.41
C VAL C 172 -1.51 -36.74 22.48
N LEU C 173 -0.27 -37.14 22.76
CA LEU C 173 0.04 -38.10 23.82
C LEU C 173 0.98 -37.43 24.78
N LEU C 174 0.57 -37.34 26.05
CA LEU C 174 1.30 -36.62 27.10
C LEU C 174 1.26 -37.46 28.36
N ASN C 175 2.40 -38.03 28.73
CA ASN C 175 2.51 -38.82 29.96
C ASN C 175 1.49 -39.97 29.98
N ASN C 176 1.38 -40.68 28.85
CA ASN C 176 0.50 -41.84 28.71
C ASN C 176 -0.98 -41.47 28.69
N LYS C 177 -1.31 -40.21 28.39
CA LYS C 177 -2.70 -39.77 28.25
C LYS C 177 -2.95 -39.29 26.82
N LEU C 178 -4.01 -39.83 26.18
CA LEU C 178 -4.31 -39.60 24.77
C LEU C 178 -5.42 -38.56 24.60
N TYR C 179 -5.15 -37.53 23.79
CA TYR C 179 -6.12 -36.49 23.50
C TYR C 179 -6.31 -36.39 22.00
N VAL C 180 -7.53 -36.09 21.56
CA VAL C 180 -7.84 -36.11 20.14
C VAL C 180 -8.62 -34.84 19.79
N ALA C 181 -8.16 -34.16 18.74
CA ALA C 181 -8.82 -32.94 18.27
C ALA C 181 -9.31 -33.23 16.86
N ASN C 182 -10.53 -32.83 16.54
CA ASN C 182 -11.05 -33.19 15.23
C ASN C 182 -11.82 -32.06 14.58
N VAL C 183 -11.66 -31.94 13.28
CA VAL C 183 -12.49 -31.07 12.44
C VAL C 183 -12.70 -31.77 11.10
N GLY C 184 -13.90 -32.27 10.86
CA GLY C 184 -14.20 -32.91 9.59
C GLY C 184 -14.44 -34.40 9.68
N THR C 185 -14.03 -35.16 8.65
CA THR C 185 -14.42 -36.56 8.52
C THR C 185 -13.26 -37.53 8.59
N ASN C 186 -12.05 -37.10 8.91
CA ASN C 186 -11.05 -38.13 9.13
C ASN C 186 -11.37 -38.82 10.45
N ARG C 187 -11.03 -40.11 10.55
CA ARG C 187 -11.33 -40.92 11.73
C ARG C 187 -10.06 -41.27 12.49
N ALA C 188 -10.18 -41.36 13.82
CA ALA C 188 -9.21 -42.00 14.70
C ALA C 188 -9.86 -43.21 15.39
N LEU C 189 -9.12 -44.31 15.50
CA LEU C 189 -9.61 -45.54 16.12
C LEU C 189 -8.61 -46.01 17.16
N LEU C 190 -9.09 -46.37 18.34
CA LEU C 190 -8.26 -47.08 19.31
C LEU C 190 -8.58 -48.56 19.23
N CYS C 191 -7.54 -49.38 19.19
CA CYS C 191 -7.65 -50.80 18.85
C CYS C 191 -6.97 -51.61 19.96
N LYS C 192 -7.77 -52.14 20.89
CA LYS C 192 -7.26 -52.71 22.12
C LYS C 192 -7.25 -54.25 22.05
N SER C 193 -6.17 -54.83 22.53
CA SER C 193 -6.01 -56.28 22.55
C SER C 193 -6.41 -56.82 23.93
N THR C 194 -7.59 -57.43 23.99
CA THR C 194 -8.12 -58.13 25.16
C THR C 194 -8.34 -59.60 24.83
N VAL C 195 -8.60 -60.38 25.89
CA VAL C 195 -8.59 -61.84 25.77
C VAL C 195 -9.70 -62.36 24.89
N ASP C 196 -10.72 -61.54 24.60
CA ASP C 196 -11.78 -61.99 23.70
C ASP C 196 -11.68 -61.41 22.30
N GLY C 197 -10.81 -60.43 22.07
CA GLY C 197 -10.52 -60.01 20.71
C GLY C 197 -10.18 -58.54 20.63
N LEU C 198 -10.14 -58.06 19.38
CA LEU C 198 -9.81 -56.68 19.06
C LEU C 198 -11.08 -55.83 19.11
N GLN C 199 -11.17 -54.97 20.11
CA GLN C 199 -12.26 -54.02 20.21
C GLN C 199 -11.80 -52.67 19.68
N VAL C 200 -12.54 -52.13 18.71
CA VAL C 200 -12.18 -50.89 18.01
C VAL C 200 -13.23 -49.83 18.32
N THR C 201 -12.77 -48.59 18.53
CA THR C 201 -13.61 -47.50 19.00
C THR C 201 -13.23 -46.19 18.33
N GLN C 202 -14.12 -45.66 17.49
CA GLN C 202 -13.91 -44.36 16.85
C GLN C 202 -13.97 -43.24 17.89
N LEU C 203 -12.80 -42.65 18.22
CA LEU C 203 -12.70 -41.65 19.30
C LEU C 203 -13.39 -40.35 18.95
N ASN C 204 -13.52 -40.03 17.66
CA ASN C 204 -14.02 -38.75 17.17
C ASN C 204 -15.37 -38.98 16.49
N VAL C 205 -16.13 -37.91 16.27
CA VAL C 205 -17.36 -38.07 15.50
C VAL C 205 -17.17 -37.47 14.11
N ASP C 206 -18.00 -37.92 13.18
CA ASP C 206 -17.95 -37.40 11.81
C ASP C 206 -18.72 -36.09 11.75
N HIS C 207 -18.06 -35.02 11.34
CA HIS C 207 -18.76 -33.75 11.13
C HIS C 207 -19.44 -33.75 9.75
N THR C 208 -20.67 -34.31 9.72
CA THR C 208 -21.53 -34.32 8.54
C THR C 208 -22.94 -33.84 8.90
N THR C 209 -23.80 -33.70 7.89
CA THR C 209 -25.20 -33.38 8.17
C THR C 209 -25.97 -34.58 8.71
N GLU C 210 -25.41 -35.79 8.66
CA GLU C 210 -25.95 -36.94 9.35
C GLU C 210 -25.45 -37.06 10.78
N ASN C 211 -24.87 -35.98 11.33
CA ASN C 211 -24.44 -35.93 12.71
C ASN C 211 -25.45 -35.08 13.48
N GLU C 212 -26.03 -35.65 14.54
CA GLU C 212 -27.09 -34.98 15.27
C GLU C 212 -26.65 -33.61 15.78
N ASP C 213 -25.52 -33.58 16.51
CA ASP C 213 -25.09 -32.36 17.18
C ASP C 213 -24.85 -31.22 16.21
N GLU C 214 -24.43 -31.54 14.99
CA GLU C 214 -24.10 -30.53 13.99
C GLU C 214 -25.32 -30.09 13.21
N LEU C 215 -26.26 -31.01 12.96
CA LEU C 215 -27.56 -30.58 12.44
C LEU C 215 -28.23 -29.60 13.40
N PHE C 216 -28.17 -29.88 14.70
CA PHE C 216 -28.67 -28.93 15.70
C PHE C 216 -27.89 -27.64 15.66
N ARG C 217 -26.55 -27.71 15.59
CA ARG C 217 -25.74 -26.49 15.53
C ARG C 217 -26.16 -25.62 14.34
N LEU C 218 -26.32 -26.23 13.16
CA LEU C 218 -26.69 -25.45 11.98
C LEU C 218 -28.08 -24.84 12.13
N SER C 219 -29.01 -25.57 12.75
CA SER C 219 -30.36 -25.01 12.96
C SER C 219 -30.30 -23.77 13.85
N GLN C 220 -29.64 -23.87 15.00
CA GLN C 220 -29.50 -22.75 15.93
C GLN C 220 -28.99 -21.48 15.24
N LEU C 221 -28.16 -21.64 14.23
CA LEU C 221 -27.67 -20.47 13.50
C LEU C 221 -28.73 -19.87 12.61
N GLY C 222 -29.94 -20.42 12.60
CA GLY C 222 -31.02 -19.92 11.80
C GLY C 222 -31.23 -20.61 10.49
N LEU C 223 -30.49 -21.69 10.23
CA LEU C 223 -30.64 -22.48 9.00
C LEU C 223 -31.79 -23.48 9.15
N ASP C 224 -32.19 -24.05 8.01
CA ASP C 224 -33.37 -24.90 7.92
C ASP C 224 -32.90 -26.36 7.86
N ALA C 225 -33.14 -27.10 8.96
CA ALA C 225 -32.52 -28.42 9.10
C ALA C 225 -32.93 -29.37 7.97
N GLY C 226 -34.07 -29.11 7.33
CA GLY C 226 -34.57 -29.98 6.28
C GLY C 226 -33.85 -29.84 4.94
N LYS C 227 -33.86 -28.65 4.35
CA LYS C 227 -33.20 -28.45 3.07
C LYS C 227 -31.69 -28.68 3.18
N ILE C 228 -31.10 -28.32 4.33
CA ILE C 228 -29.70 -28.63 4.57
C ILE C 228 -29.49 -30.14 4.55
N LYS C 229 -30.41 -30.89 5.17
CA LYS C 229 -30.27 -32.34 5.21
C LYS C 229 -30.39 -32.96 3.83
N GLN C 230 -31.37 -32.51 3.02
CA GLN C 230 -31.62 -33.14 1.73
C GLN C 230 -30.41 -33.07 0.81
N VAL C 231 -29.69 -31.95 0.82
CA VAL C 231 -28.46 -31.81 0.04
C VAL C 231 -27.26 -31.89 0.98
N GLY C 232 -26.74 -33.11 1.18
CA GLY C 232 -25.70 -33.30 2.18
C GLY C 232 -24.42 -32.55 1.89
N ILE C 233 -24.13 -32.28 0.62
CA ILE C 233 -22.91 -31.60 0.22
C ILE C 233 -23.12 -30.09 0.33
N ILE C 234 -22.46 -29.48 1.30
CA ILE C 234 -22.54 -28.03 1.50
C ILE C 234 -21.37 -27.40 0.75
N CYS C 235 -21.60 -27.06 -0.52
CA CYS C 235 -20.60 -26.45 -1.40
C CYS C 235 -19.35 -27.35 -1.54
N GLY C 236 -19.53 -28.42 -2.32
CA GLY C 236 -18.45 -29.31 -2.70
C GLY C 236 -18.20 -30.48 -1.76
N GLN C 237 -18.36 -30.26 -0.46
CA GLN C 237 -17.90 -31.21 0.54
C GLN C 237 -19.02 -31.54 1.49
N GLU C 238 -18.88 -32.66 2.17
CA GLU C 238 -19.86 -33.04 3.19
C GLU C 238 -19.50 -32.45 4.55
N SER C 239 -18.21 -32.26 4.82
CA SER C 239 -17.77 -31.78 6.13
C SER C 239 -18.47 -30.49 6.51
N THR C 240 -18.89 -30.41 7.76
CA THR C 240 -19.48 -29.19 8.28
C THR C 240 -18.50 -28.41 9.14
N ARG C 241 -17.29 -28.92 9.33
CA ARG C 241 -16.16 -28.20 9.91
C ARG C 241 -14.92 -28.34 9.01
N ARG C 242 -14.24 -27.22 8.73
CA ARG C 242 -13.10 -27.19 7.82
C ARG C 242 -12.19 -26.00 8.14
N ILE C 243 -10.91 -26.14 7.77
CA ILE C 243 -9.90 -25.10 7.89
C ILE C 243 -9.75 -24.40 6.54
N GLY C 244 -9.60 -23.08 6.57
CA GLY C 244 -9.38 -22.34 5.33
C GLY C 244 -10.66 -22.16 4.54
N ASP C 245 -10.52 -22.19 3.21
CA ASP C 245 -11.62 -22.15 2.25
C ASP C 245 -12.37 -20.82 2.28
N TYR C 246 -11.81 -19.83 1.60
CA TYR C 246 -12.28 -18.46 1.73
C TYR C 246 -13.71 -18.27 1.23
N LYS C 247 -14.22 -19.14 0.34
CA LYS C 247 -15.56 -18.93 -0.22
C LYS C 247 -16.65 -19.07 0.85
N VAL C 248 -16.53 -20.06 1.73
CA VAL C 248 -17.49 -20.27 2.79
C VAL C 248 -17.16 -19.45 4.03
N LYS C 249 -15.89 -19.11 4.23
CA LYS C 249 -15.54 -18.36 5.43
C LYS C 249 -15.97 -16.88 5.34
N TYR C 250 -15.95 -16.29 4.16
CA TYR C 250 -16.25 -14.88 3.96
C TYR C 250 -17.56 -14.63 3.24
N GLY C 251 -17.92 -15.47 2.29
CA GLY C 251 -19.04 -15.15 1.43
C GLY C 251 -20.28 -15.99 1.58
N TYR C 252 -20.41 -16.74 2.70
CA TYR C 252 -21.59 -17.58 2.88
C TYR C 252 -22.88 -16.78 2.77
N THR C 253 -22.81 -15.45 2.97
CA THR C 253 -24.00 -14.59 2.82
C THR C 253 -24.51 -14.58 1.39
N ASP C 254 -23.61 -14.73 0.42
CA ASP C 254 -23.93 -14.71 -1.01
C ASP C 254 -24.23 -16.08 -1.59
N ILE C 255 -24.18 -17.13 -0.79
CA ILE C 255 -24.58 -18.45 -1.22
C ILE C 255 -26.06 -18.62 -0.89
N ASP C 256 -26.87 -18.95 -1.92
CA ASP C 256 -28.31 -19.10 -1.70
C ASP C 256 -28.61 -20.10 -0.60
N LEU C 257 -27.91 -21.25 -0.63
CA LEU C 257 -28.23 -22.32 0.31
C LEU C 257 -27.90 -21.92 1.75
N LEU C 258 -26.87 -21.10 1.95
CA LEU C 258 -26.42 -20.76 3.30
C LEU C 258 -26.91 -19.40 3.78
N SER C 259 -27.79 -18.73 3.03
CA SER C 259 -27.96 -17.28 3.14
C SER C 259 -28.47 -16.80 4.50
N ALA C 260 -28.94 -17.68 5.37
CA ALA C 260 -29.61 -17.20 6.58
C ALA C 260 -28.90 -17.55 7.88
N ALA C 261 -27.71 -18.09 7.83
CA ALA C 261 -26.94 -18.27 9.05
C ALA C 261 -26.71 -16.92 9.69
N LYS C 262 -26.86 -16.84 11.02
CA LYS C 262 -26.54 -15.63 11.77
C LYS C 262 -25.05 -15.54 12.10
N SER C 263 -24.29 -16.61 11.84
CA SER C 263 -22.83 -16.73 12.00
C SER C 263 -22.38 -17.86 11.07
N LYS C 264 -21.06 -17.90 10.81
CA LYS C 264 -20.43 -18.89 9.94
C LYS C 264 -21.04 -20.28 10.09
N PRO C 265 -21.75 -20.80 9.10
CA PRO C 265 -22.28 -22.17 9.20
C PRO C 265 -21.16 -23.19 9.29
N ILE C 266 -20.09 -23.06 8.48
CA ILE C 266 -18.98 -24.00 8.42
C ILE C 266 -17.79 -23.41 9.17
N ILE C 267 -17.31 -24.12 10.20
CA ILE C 267 -16.39 -23.54 11.15
C ILE C 267 -15.09 -24.36 11.20
N ALA C 268 -14.13 -23.83 11.94
CA ALA C 268 -12.81 -24.45 12.06
C ALA C 268 -12.45 -24.72 13.51
N GLU C 269 -13.42 -24.72 14.38
CA GLU C 269 -13.18 -25.07 15.76
C GLU C 269 -13.19 -26.59 15.88
N PRO C 270 -12.15 -27.20 16.42
CA PRO C 270 -12.15 -28.65 16.64
C PRO C 270 -13.02 -29.06 17.82
N GLU C 271 -13.55 -30.27 17.71
CA GLU C 271 -14.18 -30.97 18.82
C GLU C 271 -13.11 -31.82 19.47
N ILE C 272 -12.83 -31.54 20.75
CA ILE C 272 -11.75 -32.20 21.49
C ILE C 272 -12.32 -33.28 22.39
N HIS C 273 -11.67 -34.44 22.40
CA HIS C 273 -12.20 -35.62 23.05
C HIS C 273 -11.31 -36.06 24.18
N GLY C 274 -11.94 -36.42 25.29
CA GLY C 274 -11.33 -37.45 26.10
C GLY C 274 -10.27 -36.89 27.01
N ALA C 275 -9.11 -37.55 26.94
CA ALA C 275 -8.12 -37.82 27.99
C ALA C 275 -8.30 -39.27 28.37
N GLN C 276 -7.59 -40.12 27.66
CA GLN C 276 -7.74 -41.54 27.74
C GLN C 276 -6.49 -42.16 28.32
N PRO C 277 -6.63 -42.92 29.41
CA PRO C 277 -5.45 -43.54 30.02
C PRO C 277 -5.02 -44.71 29.14
N LEU C 278 -3.71 -44.78 28.88
CA LEU C 278 -3.13 -45.84 28.05
C LEU C 278 -2.11 -46.68 28.82
N ASP C 279 -2.11 -46.58 30.15
CA ASP C 279 -1.28 -47.46 30.95
C ASP C 279 -1.87 -48.87 30.96
N GLY C 280 -1.00 -49.85 30.68
CA GLY C 280 -1.39 -51.24 30.65
C GLY C 280 -2.18 -51.72 29.43
N VAL C 281 -2.49 -50.83 28.46
CA VAL C 281 -3.13 -51.24 27.21
C VAL C 281 -2.06 -51.71 26.23
N THR C 282 -2.30 -52.87 25.62
CA THR C 282 -1.61 -53.32 24.42
C THR C 282 -2.59 -53.25 23.26
N GLY C 283 -2.20 -52.51 22.23
CA GLY C 283 -3.03 -52.32 21.05
C GLY C 283 -2.39 -51.29 20.14
N PHE C 284 -3.22 -50.63 19.36
CA PHE C 284 -2.71 -49.61 18.46
C PHE C 284 -3.76 -48.54 18.18
N LEU C 285 -3.27 -47.33 17.93
CA LEU C 285 -4.06 -46.19 17.49
C LEU C 285 -3.97 -46.05 15.98
N VAL C 286 -5.12 -45.78 15.35
CA VAL C 286 -5.25 -45.52 13.92
C VAL C 286 -5.70 -44.08 13.73
N LEU C 287 -4.99 -43.32 12.91
CA LEU C 287 -5.54 -42.14 12.25
C LEU C 287 -5.53 -42.38 10.76
N MET C 288 -6.64 -42.05 10.10
CA MET C 288 -6.74 -42.32 8.68
C MET C 288 -7.54 -41.24 7.99
N SER C 289 -7.34 -41.12 6.68
CA SER C 289 -8.05 -40.09 5.92
C SER C 289 -9.36 -40.62 5.36
N GLU C 290 -10.15 -39.71 4.83
CA GLU C 290 -11.45 -40.05 4.30
C GLU C 290 -11.34 -40.83 2.99
N GLY C 291 -10.28 -40.61 2.21
CA GLY C 291 -10.14 -41.38 1.00
C GLY C 291 -9.91 -42.86 1.25
N LEU C 292 -9.33 -43.20 2.40
CA LEU C 292 -9.13 -44.61 2.72
C LEU C 292 -10.46 -45.31 2.98
N TYR C 293 -11.23 -44.89 3.99
CA TYR C 293 -12.43 -45.68 4.31
C TYR C 293 -13.53 -45.51 3.28
N LYS C 294 -13.67 -44.32 2.68
CA LYS C 294 -14.70 -44.13 1.65
C LYS C 294 -14.54 -45.11 0.50
N ALA C 295 -13.31 -45.28 0.00
CA ALA C 295 -13.06 -46.30 -1.02
C ALA C 295 -13.55 -47.69 -0.59
N LEU C 296 -13.11 -48.18 0.58
CA LEU C 296 -13.54 -49.49 1.08
C LEU C 296 -15.06 -49.63 1.08
N GLU C 297 -15.76 -48.62 1.59
CA GLU C 297 -17.23 -48.64 1.59
C GLU C 297 -17.78 -48.58 0.17
N ALA C 298 -17.10 -47.92 -0.75
CA ALA C 298 -17.61 -47.84 -2.11
C ALA C 298 -17.64 -49.22 -2.77
N ALA C 299 -16.76 -50.13 -2.36
CA ALA C 299 -16.66 -51.41 -3.03
C ALA C 299 -17.36 -52.53 -2.29
N HIS C 300 -17.58 -52.39 -0.98
CA HIS C 300 -18.17 -53.41 -0.12
C HIS C 300 -19.58 -53.06 0.35
N GLY C 301 -20.21 -52.02 -0.20
CA GLY C 301 -21.36 -51.46 0.44
C GLY C 301 -20.97 -50.72 1.70
N PRO C 302 -21.77 -49.73 2.11
CA PRO C 302 -21.34 -48.85 3.20
C PRO C 302 -21.73 -49.38 4.57
N GLY C 303 -20.90 -49.07 5.57
CA GLY C 303 -21.32 -49.25 6.94
C GLY C 303 -20.39 -49.87 7.96
N GLN C 304 -19.48 -50.75 7.55
CA GLN C 304 -18.68 -51.54 8.50
C GLN C 304 -17.18 -51.32 8.35
N ALA C 305 -16.76 -50.19 7.77
CA ALA C 305 -15.39 -50.05 7.31
C ALA C 305 -14.38 -49.91 8.45
N ASN C 306 -14.83 -49.53 9.66
CA ASN C 306 -13.92 -49.39 10.79
C ASN C 306 -13.37 -50.74 11.25
N GLN C 307 -14.23 -51.75 11.40
CA GLN C 307 -13.71 -53.02 11.89
C GLN C 307 -12.95 -53.77 10.78
N GLU C 308 -13.34 -53.55 9.53
CA GLU C 308 -12.68 -54.21 8.42
C GLU C 308 -11.23 -53.71 8.28
N ILE C 309 -11.00 -52.40 8.34
CA ILE C 309 -9.65 -51.88 8.29
C ILE C 309 -8.84 -52.39 9.47
N ALA C 310 -9.36 -52.21 10.68
CA ALA C 310 -8.68 -52.67 11.89
C ALA C 310 -8.20 -54.12 11.77
N ALA C 311 -8.98 -54.99 11.11
CA ALA C 311 -8.56 -56.38 10.95
C ALA C 311 -7.50 -56.56 9.86
N MET C 312 -7.55 -55.78 8.78
CA MET C 312 -6.45 -55.82 7.82
C MET C 312 -5.14 -55.43 8.48
N ILE C 313 -5.18 -54.47 9.41
CA ILE C 313 -3.98 -54.03 10.11
C ILE C 313 -3.49 -55.14 11.02
N ASP C 314 -4.41 -55.75 11.79
CA ASP C 314 -4.12 -56.90 12.63
C ASP C 314 -3.42 -58.00 11.85
N THR C 315 -3.89 -58.28 10.64
CA THR C 315 -3.28 -59.34 9.85
C THR C 315 -1.83 -59.00 9.52
N GLU C 316 -1.54 -57.74 9.18
CA GLU C 316 -0.22 -57.40 8.69
C GLU C 316 0.81 -57.24 9.79
N PHE C 317 0.41 -56.91 11.03
CA PHE C 317 1.36 -56.90 12.15
C PHE C 317 2.18 -58.18 12.22
N ALA C 318 1.54 -59.33 12.01
CA ALA C 318 2.25 -60.60 12.08
C ALA C 318 3.08 -60.93 10.83
N LYS C 319 2.78 -60.32 9.67
CA LYS C 319 3.50 -60.59 8.42
C LYS C 319 4.67 -59.63 8.16
N GLN C 320 4.47 -58.31 8.35
CA GLN C 320 5.43 -57.28 7.90
C GLN C 320 6.50 -57.00 8.96
N THR C 321 7.51 -56.23 8.59
CA THR C 321 8.67 -56.08 9.46
C THR C 321 8.91 -54.62 9.87
N SER C 322 7.95 -53.74 9.66
CA SER C 322 8.00 -52.39 10.22
C SER C 322 6.61 -51.78 10.19
N LEU C 323 6.42 -50.73 10.99
CA LEU C 323 5.09 -50.12 11.10
C LEU C 323 4.70 -49.40 9.82
N ASP C 324 5.68 -48.87 9.07
CA ASP C 324 5.39 -48.27 7.78
C ASP C 324 5.01 -49.35 6.78
N ALA C 325 5.68 -50.50 6.85
CA ALA C 325 5.30 -51.61 5.99
C ALA C 325 3.90 -52.11 6.34
N VAL C 326 3.57 -52.16 7.63
CA VAL C 326 2.23 -52.56 8.01
C VAL C 326 1.20 -51.69 7.31
N ALA C 327 1.33 -50.37 7.48
CA ALA C 327 0.28 -49.45 7.04
C ALA C 327 0.22 -49.35 5.52
N GLN C 328 1.36 -49.43 4.83
CA GLN C 328 1.31 -49.42 3.37
C GLN C 328 0.80 -50.77 2.79
N ALA C 329 0.87 -51.86 3.54
CA ALA C 329 0.19 -53.10 3.14
C ALA C 329 -1.33 -52.93 3.08
N VAL C 330 -1.91 -52.20 4.05
CA VAL C 330 -3.35 -51.96 4.08
C VAL C 330 -3.78 -50.98 2.98
N VAL C 331 -3.02 -49.91 2.78
CA VAL C 331 -3.40 -48.98 1.70
C VAL C 331 -3.38 -49.71 0.37
N ASP C 332 -2.32 -50.47 0.11
CA ASP C 332 -2.25 -51.17 -1.16
C ASP C 332 -3.33 -52.25 -1.28
N ARG C 333 -3.68 -52.93 -0.18
CA ARG C 333 -4.74 -53.93 -0.31
C ARG C 333 -6.08 -53.26 -0.63
N VAL C 334 -6.37 -52.14 0.00
CA VAL C 334 -7.62 -51.42 -0.26
C VAL C 334 -7.69 -50.95 -1.71
N LYS C 335 -6.57 -50.42 -2.23
CA LYS C 335 -6.52 -49.98 -3.62
C LYS C 335 -6.92 -51.08 -4.58
N ARG C 336 -6.38 -52.29 -4.38
CA ARG C 336 -6.69 -53.41 -5.29
C ARG C 336 -8.11 -53.92 -5.13
N ILE C 337 -8.62 -54.01 -3.90
CA ILE C 337 -10.03 -54.31 -3.69
C ILE C 337 -10.89 -53.32 -4.47
N HIS C 338 -10.61 -52.03 -4.34
CA HIS C 338 -11.38 -51.03 -5.06
C HIS C 338 -11.20 -51.18 -6.57
N SER C 339 -9.99 -51.50 -7.02
CA SER C 339 -9.73 -51.54 -8.46
C SER C 339 -10.36 -52.79 -9.10
N ASP C 340 -10.31 -53.91 -8.40
CA ASP C 340 -10.87 -55.14 -8.95
C ASP C 340 -12.37 -54.99 -9.15
N THR C 341 -13.06 -54.37 -8.18
CA THR C 341 -14.51 -54.21 -8.23
C THR C 341 -14.94 -53.36 -9.42
N PHE C 342 -14.23 -52.26 -9.68
CA PHE C 342 -14.50 -51.50 -10.90
C PHE C 342 -14.29 -52.36 -12.14
N ALA C 343 -13.20 -53.13 -12.17
CA ALA C 343 -12.82 -53.84 -13.38
C ALA C 343 -13.73 -55.02 -13.68
N SER C 344 -14.33 -55.60 -12.65
CA SER C 344 -15.20 -56.76 -12.83
C SER C 344 -16.66 -56.35 -12.93
N GLY C 345 -16.98 -55.44 -13.85
CA GLY C 345 -18.29 -54.82 -14.05
C GLY C 345 -19.53 -55.40 -13.37
N GLY C 346 -19.38 -55.85 -12.13
CA GLY C 346 -20.44 -56.49 -11.38
C GLY C 346 -21.29 -55.49 -10.63
N GLU C 347 -21.77 -55.91 -9.45
CA GLU C 347 -22.64 -55.09 -8.61
C GLU C 347 -22.01 -53.72 -8.38
N ARG C 348 -21.11 -53.57 -7.41
CA ARG C 348 -20.77 -52.23 -6.95
C ARG C 348 -19.77 -51.50 -7.83
N ALA C 349 -19.54 -51.94 -9.07
CA ALA C 349 -18.64 -51.20 -9.95
C ALA C 349 -19.18 -49.79 -10.25
N ARG C 350 -20.48 -49.58 -10.09
CA ARG C 350 -21.05 -48.24 -10.28
C ARG C 350 -20.34 -47.23 -9.40
N PHE C 351 -19.99 -47.64 -8.19
CA PHE C 351 -19.50 -46.79 -7.13
C PHE C 351 -17.97 -46.65 -7.11
N CYS C 352 -17.27 -47.29 -8.07
CA CYS C 352 -15.81 -47.22 -8.04
C CYS C 352 -15.13 -46.67 -9.29
N PRO C 353 -15.59 -45.58 -9.92
CA PRO C 353 -14.86 -45.08 -11.09
C PRO C 353 -13.52 -44.44 -10.73
N ARG C 354 -13.37 -43.93 -9.50
CA ARG C 354 -12.14 -43.33 -8.99
C ARG C 354 -12.03 -43.63 -7.51
N HIS C 355 -10.89 -43.27 -6.92
CA HIS C 355 -10.80 -43.16 -5.47
C HIS C 355 -9.98 -41.93 -5.15
N GLU C 356 -10.10 -41.45 -3.90
CA GLU C 356 -9.44 -40.22 -3.50
C GLU C 356 -8.10 -40.55 -2.84
N ASP C 357 -7.39 -39.52 -2.36
CA ASP C 357 -6.12 -39.73 -1.66
C ASP C 357 -6.32 -40.60 -0.42
N MET C 358 -5.44 -41.58 -0.22
CA MET C 358 -5.53 -42.49 0.92
C MET C 358 -4.30 -42.37 1.80
N THR C 359 -4.52 -42.15 3.10
CA THR C 359 -3.47 -41.95 4.09
C THR C 359 -3.84 -42.74 5.34
N LEU C 360 -2.86 -43.37 5.95
CA LEU C 360 -3.11 -44.23 7.10
C LEU C 360 -1.92 -44.18 8.03
N LEU C 361 -2.16 -43.81 9.29
CA LEU C 361 -1.12 -43.72 10.30
C LEU C 361 -1.42 -44.75 11.39
N VAL C 362 -0.41 -45.52 11.77
CA VAL C 362 -0.53 -46.52 12.82
C VAL C 362 0.50 -46.25 13.90
N ARG C 363 0.04 -46.07 15.14
CA ARG C 363 0.90 -45.83 16.31
C ARG C 363 0.79 -47.01 17.27
N ASN C 364 1.93 -47.60 17.63
CA ASN C 364 1.96 -48.90 18.31
C ASN C 364 2.05 -48.74 19.82
N PHE C 365 1.11 -49.36 20.54
CA PHE C 365 1.09 -49.40 22.00
C PHE C 365 1.37 -50.83 22.46
N GLY C 366 2.60 -51.26 22.24
CA GLY C 366 3.09 -52.56 22.67
C GLY C 366 2.57 -53.78 21.93
N TYR C 367 1.84 -53.60 20.82
CA TYR C 367 1.42 -54.75 20.01
C TYR C 367 2.64 -55.33 19.29
N PRO C 368 2.76 -56.66 19.22
CA PRO C 368 3.99 -57.24 18.67
C PRO C 368 3.96 -57.24 17.16
N LEU C 369 5.14 -57.15 16.58
CA LEU C 369 5.28 -57.00 15.14
C LEU C 369 6.35 -57.97 14.66
N GLY C 370 5.97 -58.88 13.78
CA GLY C 370 6.88 -59.85 13.20
C GLY C 370 6.42 -61.28 13.42
N GLU C 371 7.14 -62.19 12.74
CA GLU C 371 6.92 -63.64 12.74
C GLU C 371 6.30 -64.24 14.00
N TYR C 388 -4.45 -92.45 16.65
CA TYR C 388 -5.13 -91.54 17.56
C TYR C 388 -6.47 -92.16 18.00
N PRO C 389 -7.06 -91.66 19.12
CA PRO C 389 -8.10 -92.43 19.82
C PRO C 389 -9.53 -92.26 19.31
N VAL C 390 -10.18 -93.38 18.94
CA VAL C 390 -11.59 -93.34 18.54
C VAL C 390 -12.47 -93.08 19.76
N SER C 391 -13.56 -92.35 19.55
CA SER C 391 -14.32 -91.80 20.68
C SER C 391 -15.04 -92.87 21.48
N VAL C 392 -15.55 -93.92 20.82
CA VAL C 392 -16.02 -95.10 21.56
C VAL C 392 -15.30 -96.32 21.00
N PRO C 393 -14.78 -97.20 21.85
CA PRO C 393 -14.13 -98.42 21.34
C PRO C 393 -15.14 -99.35 20.68
N TYR C 394 -14.61 -100.26 19.88
CA TYR C 394 -15.46 -101.20 19.13
C TYR C 394 -15.97 -102.32 20.03
N THR C 406 -33.02 -99.24 19.54
CA THR C 406 -33.19 -97.92 18.93
C THR C 406 -31.97 -97.04 19.18
N LEU C 407 -31.40 -96.51 18.10
CA LEU C 407 -30.32 -95.53 18.16
C LEU C 407 -30.86 -94.16 17.79
N SER C 408 -30.56 -93.16 18.63
CA SER C 408 -31.05 -91.80 18.43
C SER C 408 -29.98 -90.81 18.88
N LEU C 409 -30.06 -89.60 18.31
CA LEU C 409 -29.07 -88.55 18.52
C LEU C 409 -29.76 -87.31 19.06
N VAL C 410 -28.97 -86.47 19.72
CA VAL C 410 -29.45 -85.40 20.58
C VAL C 410 -29.33 -84.06 19.83
N MET C 411 -30.41 -83.25 19.83
CA MET C 411 -30.20 -81.88 19.40
C MET C 411 -30.02 -81.00 20.63
N PRO C 412 -29.03 -80.07 20.66
CA PRO C 412 -29.00 -79.23 21.86
C PRO C 412 -29.80 -77.94 21.71
N GLN D 13 -1.90 68.78 -6.40
CA GLN D 13 -2.89 68.45 -5.37
C GLN D 13 -2.84 69.44 -4.19
N GLN D 14 -4.01 69.95 -3.80
CA GLN D 14 -4.12 70.93 -2.73
C GLN D 14 -3.40 70.44 -1.47
N PRO D 15 -2.71 71.31 -0.74
CA PRO D 15 -1.90 70.87 0.41
C PRO D 15 -2.76 70.42 1.60
N SER D 16 -2.16 69.59 2.46
CA SER D 16 -2.97 68.92 3.47
C SER D 16 -2.86 69.50 4.89
N TRP D 17 -1.73 70.11 5.25
CA TRP D 17 -1.57 70.68 6.59
C TRP D 17 -1.67 69.66 7.73
N THR D 18 -2.20 68.48 7.44
CA THR D 18 -2.37 67.42 8.43
C THR D 18 -1.34 66.31 8.26
N ASP D 19 -0.45 66.43 7.27
CA ASP D 19 0.48 65.36 6.95
C ASP D 19 1.49 65.10 8.06
N ASP D 20 1.99 66.14 8.72
CA ASP D 20 2.96 65.92 9.78
C ASP D 20 2.35 65.44 11.12
N LEU D 21 1.02 65.32 11.24
CA LEU D 21 0.42 65.01 12.54
C LEU D 21 0.81 63.60 12.99
N PRO D 22 1.07 63.40 14.28
CA PRO D 22 1.57 62.10 14.78
C PRO D 22 0.52 61.01 14.74
N LEU D 23 0.97 59.80 14.40
CA LEU D 23 0.11 58.63 14.38
C LEU D 23 0.01 58.02 15.77
N CYS D 24 -1.19 57.61 16.13
CA CYS D 24 -1.44 57.12 17.46
C CYS D 24 -0.76 55.78 17.68
N HIS D 25 -0.03 55.64 18.79
CA HIS D 25 0.68 54.39 19.08
C HIS D 25 -0.17 53.33 19.81
N LEU D 26 -1.43 53.62 20.15
CA LEU D 26 -2.29 52.69 20.84
C LEU D 26 -3.41 52.16 19.94
N SER D 27 -3.14 52.09 18.64
CA SER D 27 -4.10 51.53 17.70
C SER D 27 -3.32 50.87 16.57
N GLY D 28 -4.06 50.21 15.68
CA GLY D 28 -3.52 49.59 14.50
C GLY D 28 -4.61 49.10 13.56
N VAL D 29 -4.30 49.01 12.27
CA VAL D 29 -5.28 48.68 11.24
C VAL D 29 -4.78 47.47 10.47
N GLY D 30 -5.71 46.59 10.11
CA GLY D 30 -5.45 45.56 9.13
C GLY D 30 -6.52 45.66 8.06
N SER D 31 -6.25 45.06 6.90
CA SER D 31 -7.22 45.21 5.82
C SER D 31 -6.91 44.25 4.67
N ALA D 32 -7.82 44.22 3.70
CA ALA D 32 -7.71 43.37 2.53
C ALA D 32 -8.66 43.88 1.46
N SER D 33 -8.26 43.71 0.22
CA SER D 33 -9.05 44.18 -0.88
C SER D 33 -10.18 43.20 -1.21
N ASN D 34 -11.21 43.74 -1.86
CA ASN D 34 -12.29 42.93 -2.41
C ASN D 34 -11.75 41.80 -3.28
N ARG D 35 -12.51 40.69 -3.33
CA ARG D 35 -12.20 39.58 -4.23
C ARG D 35 -13.47 38.95 -4.78
N SER D 36 -13.34 38.28 -5.92
CA SER D 36 -14.36 37.35 -6.39
C SER D 36 -13.68 36.06 -6.83
N TYR D 37 -14.14 34.92 -6.31
CA TYR D 37 -13.46 33.66 -6.60
C TYR D 37 -13.71 33.17 -8.02
N SER D 38 -12.69 32.57 -8.61
CA SER D 38 -12.79 32.10 -9.98
C SER D 38 -13.44 30.72 -10.02
N ALA D 39 -14.22 30.49 -11.08
CA ALA D 39 -14.78 29.16 -11.29
C ALA D 39 -13.69 28.16 -11.70
N ASP D 40 -12.60 28.64 -12.28
CA ASP D 40 -11.48 27.80 -12.69
C ASP D 40 -10.83 27.08 -11.52
N GLY D 41 -11.27 27.40 -10.30
CA GLY D 41 -10.60 26.93 -9.10
C GLY D 41 -9.64 27.97 -8.57
N LYS D 42 -8.42 27.99 -9.10
CA LYS D 42 -7.42 28.97 -8.73
C LYS D 42 -7.59 30.24 -9.56
N GLY D 43 -7.53 31.38 -8.88
CA GLY D 43 -7.67 32.66 -9.51
C GLY D 43 -8.70 33.48 -8.76
N THR D 44 -8.43 34.77 -8.59
CA THR D 44 -9.42 35.75 -8.14
C THR D 44 -9.26 37.00 -9.00
N GLU D 45 -10.30 37.82 -9.00
CA GLU D 45 -10.26 39.16 -9.59
C GLU D 45 -10.60 40.17 -8.50
N SER D 46 -9.99 41.36 -8.58
CA SER D 46 -10.34 42.47 -7.69
C SER D 46 -10.60 43.75 -8.48
N HIS D 47 -11.60 44.55 -8.04
CA HIS D 47 -11.68 45.93 -8.52
C HIS D 47 -10.85 46.83 -7.62
N PRO D 48 -10.50 48.05 -8.06
CA PRO D 48 -9.62 48.91 -7.23
C PRO D 48 -10.26 49.16 -5.87
N PRO D 49 -9.50 49.03 -4.79
CA PRO D 49 -10.09 49.08 -3.46
C PRO D 49 -10.56 50.48 -3.09
N GLU D 50 -11.60 50.54 -2.25
CA GLU D 50 -12.31 51.78 -1.98
C GLU D 50 -12.50 52.10 -0.50
N ASP D 51 -11.86 51.40 0.42
CA ASP D 51 -11.89 51.78 1.81
C ASP D 51 -10.67 52.64 2.13
N SER D 52 -10.81 53.50 3.16
CA SER D 52 -9.68 54.23 3.74
C SER D 52 -9.90 54.32 5.24
N TRP D 53 -8.85 54.69 5.97
CA TRP D 53 -8.92 54.79 7.42
C TRP D 53 -8.03 55.93 7.88
N LEU D 54 -8.13 56.29 9.16
CA LEU D 54 -7.20 57.26 9.76
C LEU D 54 -7.10 57.04 11.26
N LYS D 55 -5.97 57.46 11.84
CA LYS D 55 -5.69 57.17 13.26
C LYS D 55 -4.65 58.17 13.76
N PHE D 56 -5.12 59.29 14.30
CA PHE D 56 -4.28 60.44 14.64
C PHE D 56 -4.40 60.80 16.12
N ARG D 57 -3.39 61.51 16.59
CA ARG D 57 -3.31 61.99 17.95
C ARG D 57 -2.71 63.39 17.91
N SER D 58 -3.47 64.38 18.34
CA SER D 58 -2.94 65.73 18.35
C SER D 58 -1.97 65.90 19.51
N GLU D 59 -1.19 66.98 19.45
CA GLU D 59 -0.42 67.39 20.61
C GLU D 59 -1.39 68.21 21.44
N ASN D 60 -2.18 67.50 22.26
CA ASN D 60 -3.18 68.07 23.16
C ASN D 60 -3.94 66.93 23.81
N ASN D 61 -3.47 65.69 23.63
CA ASN D 61 -4.14 64.50 24.17
C ASN D 61 -5.56 64.36 23.60
N CYS D 62 -5.65 64.40 22.27
CA CYS D 62 -6.92 64.22 21.57
C CYS D 62 -6.71 63.25 20.42
N PHE D 63 -7.63 62.31 20.25
CA PHE D 63 -7.48 61.21 19.32
C PHE D 63 -8.62 61.17 18.31
N LEU D 64 -8.30 60.82 17.08
CA LEU D 64 -9.28 60.70 16.01
C LEU D 64 -9.05 59.39 15.25
N TYR D 65 -10.12 58.61 15.10
CA TYR D 65 -10.07 57.33 14.42
C TYR D 65 -11.21 57.28 13.40
N GLY D 66 -10.95 56.69 12.24
CA GLY D 66 -11.99 56.64 11.22
C GLY D 66 -11.89 55.48 10.26
N VAL D 67 -13.02 54.91 9.85
CA VAL D 67 -13.03 53.85 8.86
C VAL D 67 -14.06 54.24 7.83
N PHE D 68 -13.64 54.23 6.56
CA PHE D 68 -14.46 54.75 5.48
C PHE D 68 -14.69 53.67 4.46
N ASN D 69 -15.93 53.54 4.01
CA ASN D 69 -16.33 52.57 2.99
C ASN D 69 -16.83 53.33 1.78
N GLY D 70 -16.20 53.11 0.63
CA GLY D 70 -16.57 53.75 -0.61
C GLY D 70 -17.29 52.84 -1.60
N TYR D 71 -17.84 53.47 -2.64
CA TYR D 71 -18.38 52.81 -3.81
C TYR D 71 -18.32 53.79 -4.99
N ASP D 72 -18.49 53.26 -6.20
CA ASP D 72 -18.36 53.99 -7.47
C ASP D 72 -17.02 54.73 -7.51
N GLY D 73 -15.96 54.00 -7.30
CA GLY D 73 -14.66 54.60 -7.22
C GLY D 73 -14.30 54.96 -5.80
N ASN D 74 -13.07 55.39 -5.62
CA ASN D 74 -12.55 55.70 -4.30
C ASN D 74 -12.26 57.18 -4.13
N ARG D 75 -12.85 58.02 -4.96
CA ARG D 75 -12.48 59.43 -4.95
C ARG D 75 -13.06 60.14 -3.72
N VAL D 76 -14.33 59.88 -3.38
CA VAL D 76 -14.95 60.46 -2.18
C VAL D 76 -14.28 59.93 -0.92
N THR D 77 -13.98 58.65 -0.89
CA THR D 77 -13.40 58.08 0.32
C THR D 77 -12.00 58.63 0.55
N ASN D 78 -11.28 58.98 -0.52
CA ASN D 78 -10.00 59.68 -0.32
C ASN D 78 -10.22 61.14 0.05
N PHE D 79 -11.22 61.81 -0.52
CA PHE D 79 -11.51 63.18 -0.11
C PHE D 79 -11.72 63.25 1.39
N VAL D 80 -12.60 62.39 1.92
CA VAL D 80 -12.91 62.41 3.36
C VAL D 80 -11.65 62.10 4.17
N ALA D 81 -10.89 61.10 3.73
CA ALA D 81 -9.70 60.70 4.46
C ALA D 81 -8.66 61.83 4.52
N GLN D 82 -8.70 62.80 3.61
CA GLN D 82 -7.71 63.85 3.59
C GLN D 82 -8.17 65.14 4.26
N ARG D 83 -9.47 65.41 4.26
CA ARG D 83 -9.99 66.70 4.68
C ARG D 83 -10.66 66.66 6.03
N LEU D 84 -10.97 65.48 6.58
CA LEU D 84 -11.66 65.45 7.88
C LEU D 84 -10.74 65.82 9.05
N SER D 85 -9.47 65.45 8.98
CA SER D 85 -8.56 65.79 10.06
C SER D 85 -8.29 67.29 10.18
N ALA D 86 -8.43 68.07 9.09
CA ALA D 86 -8.15 69.50 9.18
C ALA D 86 -9.30 70.31 9.74
N GLU D 87 -10.42 69.68 10.08
CA GLU D 87 -11.52 70.31 10.80
C GLU D 87 -11.58 69.87 12.25
N LEU D 88 -10.65 69.03 12.71
CA LEU D 88 -10.84 68.44 14.03
C LEU D 88 -9.59 68.47 14.91
N LEU D 89 -8.39 68.35 14.32
CA LEU D 89 -7.15 68.33 15.11
C LEU D 89 -6.28 69.58 14.96
N LEU D 90 -6.70 70.54 14.14
CA LEU D 90 -6.08 71.87 14.16
C LEU D 90 -6.78 72.77 15.20
N GLY D 91 -6.72 72.32 16.46
CA GLY D 91 -7.15 73.13 17.59
C GLY D 91 -8.65 73.31 17.75
N GLN D 92 -9.48 72.63 16.96
CA GLN D 92 -10.91 72.80 17.16
C GLN D 92 -11.40 72.16 18.44
N LEU D 93 -10.63 71.25 19.04
CA LEU D 93 -11.04 70.48 20.21
C LEU D 93 -10.05 70.68 21.37
N ASN D 94 -10.45 71.47 22.36
CA ASN D 94 -9.68 71.61 23.57
C ASN D 94 -9.86 70.37 24.43
N ALA D 95 -9.00 70.23 25.44
CA ALA D 95 -9.19 69.15 26.40
C ALA D 95 -10.49 69.34 27.17
N GLU D 96 -10.71 70.53 27.72
CA GLU D 96 -11.87 70.80 28.55
C GLU D 96 -13.01 71.38 27.71
N HIS D 97 -13.45 70.61 26.73
CA HIS D 97 -14.31 71.18 25.69
C HIS D 97 -15.81 71.03 25.96
N ALA D 98 -16.23 70.05 26.79
CA ALA D 98 -17.63 69.84 27.18
C ALA D 98 -18.41 69.07 26.13
N GLU D 99 -19.47 68.39 26.54
CA GLU D 99 -20.13 67.45 25.63
C GLU D 99 -20.86 68.18 24.53
N ALA D 100 -21.48 69.31 24.84
CA ALA D 100 -22.28 70.00 23.85
C ALA D 100 -21.41 70.59 22.75
N ASP D 101 -20.18 70.99 23.10
CA ASP D 101 -19.28 71.54 22.09
C ASP D 101 -18.75 70.45 21.17
N VAL D 102 -18.39 69.29 21.72
CA VAL D 102 -17.87 68.19 20.89
C VAL D 102 -18.89 67.81 19.81
N ARG D 103 -20.19 67.79 20.16
CA ARG D 103 -21.22 67.50 19.17
C ARG D 103 -21.31 68.59 18.12
N ARG D 104 -21.12 69.85 18.53
CA ARG D 104 -21.13 70.97 17.60
C ARG D 104 -19.96 70.87 16.61
N VAL D 105 -18.74 70.68 17.12
CA VAL D 105 -17.60 70.68 16.22
C VAL D 105 -17.66 69.50 15.23
N LEU D 106 -18.33 68.38 15.61
CA LEU D 106 -18.44 67.24 14.71
C LEU D 106 -19.52 67.40 13.63
N LEU D 107 -20.70 67.91 13.98
CA LEU D 107 -21.66 68.23 12.94
C LEU D 107 -21.04 69.13 11.85
N GLN D 108 -20.32 70.19 12.26
CA GLN D 108 -19.82 71.13 11.27
C GLN D 108 -18.59 70.60 10.54
N ALA D 109 -17.84 69.67 11.13
CA ALA D 109 -16.77 69.01 10.40
C ALA D 109 -17.33 68.26 9.19
N PHE D 110 -18.34 67.43 9.42
CA PHE D 110 -18.95 66.68 8.33
C PHE D 110 -19.69 67.58 7.35
N ASP D 111 -20.14 68.74 7.79
CA ASP D 111 -20.91 69.56 6.85
C ASP D 111 -19.98 70.33 5.92
N VAL D 112 -18.80 70.72 6.41
CA VAL D 112 -17.81 71.34 5.52
C VAL D 112 -17.25 70.30 4.54
N VAL D 113 -17.04 69.06 5.00
CA VAL D 113 -16.54 68.03 4.09
C VAL D 113 -17.52 67.80 2.95
N GLU D 114 -18.81 67.61 3.27
CA GLU D 114 -19.82 67.38 2.25
C GLU D 114 -19.92 68.56 1.30
N ARG D 115 -19.80 69.79 1.82
CA ARG D 115 -19.97 70.96 0.96
C ARG D 115 -18.75 71.14 0.05
N SER D 116 -17.55 71.05 0.61
CA SER D 116 -16.41 71.25 -0.26
C SER D 116 -16.34 70.17 -1.32
N PHE D 117 -16.75 68.93 -1.00
CA PHE D 117 -16.75 67.91 -2.04
C PHE D 117 -17.70 68.28 -3.18
N LEU D 118 -18.97 68.56 -2.85
CA LEU D 118 -19.94 68.89 -3.89
C LEU D 118 -19.50 70.08 -4.73
N GLU D 119 -18.90 71.11 -4.11
CA GLU D 119 -18.40 72.23 -4.91
C GLU D 119 -17.25 71.80 -5.83
N SER D 120 -16.33 70.97 -5.32
CA SER D 120 -15.22 70.49 -6.13
C SER D 120 -15.65 69.71 -7.38
N ILE D 121 -16.93 69.38 -7.55
CA ILE D 121 -17.40 68.76 -8.77
C ILE D 121 -18.43 69.61 -9.51
N ASP D 122 -18.77 70.80 -9.00
CA ASP D 122 -19.74 71.67 -9.69
C ASP D 122 -19.26 72.05 -11.10
N ASP D 123 -17.96 72.32 -11.24
CA ASP D 123 -17.42 72.63 -12.56
C ASP D 123 -17.64 71.49 -13.53
N ALA D 124 -17.21 70.29 -13.16
CA ALA D 124 -17.28 69.19 -14.12
C ALA D 124 -18.72 68.89 -14.52
N LEU D 125 -19.66 69.02 -13.57
CA LEU D 125 -21.08 68.82 -13.87
C LEU D 125 -21.61 69.81 -14.90
N ALA D 126 -21.17 71.07 -14.82
CA ALA D 126 -21.55 72.07 -15.82
C ALA D 126 -21.07 71.68 -17.22
N GLU D 127 -19.77 71.38 -17.35
CA GLU D 127 -19.23 70.91 -18.62
C GLU D 127 -19.98 69.69 -19.12
N LYS D 128 -20.26 68.74 -18.21
CA LYS D 128 -21.02 67.57 -18.60
C LYS D 128 -22.33 67.95 -19.27
N ALA D 129 -23.10 68.85 -18.64
CA ALA D 129 -24.40 69.23 -19.20
C ALA D 129 -24.24 69.95 -20.53
N SER D 130 -23.29 70.87 -20.61
CA SER D 130 -23.07 71.61 -21.86
C SER D 130 -22.68 70.68 -23.01
N LEU D 131 -21.81 69.68 -22.78
CA LEU D 131 -21.50 68.73 -23.85
C LEU D 131 -22.70 67.86 -24.21
N GLN D 132 -23.55 67.53 -23.23
CA GLN D 132 -24.66 66.62 -23.50
C GLN D 132 -25.73 67.30 -24.33
N SER D 133 -25.84 68.63 -24.22
CA SER D 133 -26.80 69.44 -24.95
C SER D 133 -26.42 69.62 -26.42
N GLN D 134 -25.18 69.27 -26.80
CA GLN D 134 -24.69 69.28 -28.15
C GLN D 134 -24.89 67.98 -28.87
N LEU D 135 -25.46 67.03 -28.24
CA LEU D 135 -25.62 65.78 -28.97
C LEU D 135 -26.95 65.73 -29.72
N PRO D 136 -26.98 65.00 -30.83
CA PRO D 136 -28.24 64.88 -31.54
C PRO D 136 -29.30 64.26 -30.63
N GLU D 137 -30.47 64.89 -30.60
CA GLU D 137 -31.57 64.44 -29.75
C GLU D 137 -32.13 63.14 -30.27
N GLY D 138 -32.43 62.24 -29.34
CA GLY D 138 -33.11 60.99 -29.67
C GLY D 138 -32.28 59.89 -30.31
N VAL D 139 -30.96 59.91 -30.17
CA VAL D 139 -30.10 58.85 -30.71
C VAL D 139 -29.21 58.30 -29.61
N PRO D 140 -29.18 56.99 -29.41
CA PRO D 140 -28.30 56.40 -28.40
C PRO D 140 -26.83 56.60 -28.75
N GLN D 141 -25.95 56.34 -27.76
CA GLN D 141 -24.52 56.72 -27.84
C GLN D 141 -23.80 55.91 -28.92
N HIS D 142 -23.82 54.59 -28.83
CA HIS D 142 -23.61 53.83 -30.05
C HIS D 142 -24.71 54.21 -31.00
N GLN D 143 -24.53 53.91 -32.29
CA GLN D 143 -25.39 54.44 -33.37
C GLN D 143 -25.23 55.95 -33.55
N LEU D 144 -24.34 56.64 -32.82
CA LEU D 144 -24.05 58.02 -33.17
C LEU D 144 -22.99 58.07 -34.25
N PRO D 145 -22.98 59.11 -35.10
CA PRO D 145 -21.99 59.19 -36.15
C PRO D 145 -20.64 59.61 -35.60
N PRO D 146 -19.55 59.43 -36.37
CA PRO D 146 -18.19 59.55 -35.78
C PRO D 146 -17.74 60.97 -35.45
N GLN D 147 -18.54 62.00 -35.74
CA GLN D 147 -18.19 63.35 -35.32
C GLN D 147 -18.29 63.53 -33.82
N TYR D 148 -19.00 62.66 -33.10
CA TYR D 148 -19.17 62.86 -31.68
C TYR D 148 -18.36 61.91 -30.83
N GLN D 149 -17.41 61.21 -31.43
CA GLN D 149 -16.62 60.32 -30.61
C GLN D 149 -15.77 61.11 -29.64
N LYS D 150 -15.39 62.33 -30.02
CA LYS D 150 -14.57 63.17 -29.15
C LYS D 150 -15.36 63.63 -27.93
N ILE D 151 -16.58 64.12 -28.17
CA ILE D 151 -17.50 64.46 -27.08
C ILE D 151 -17.78 63.23 -26.20
N LEU D 152 -18.00 62.05 -26.80
CA LEU D 152 -18.25 60.85 -26.00
C LEU D 152 -17.03 60.46 -25.14
N GLU D 153 -15.83 60.47 -25.72
CA GLU D 153 -14.61 60.20 -24.96
C GLU D 153 -14.53 61.08 -23.72
N ARG D 154 -14.85 62.37 -23.86
CA ARG D 154 -14.71 63.31 -22.75
C ARG D 154 -15.82 63.15 -21.72
N LEU D 155 -17.01 62.78 -22.15
CA LEU D 155 -18.11 62.56 -21.20
C LEU D 155 -17.77 61.42 -20.26
N LYS D 156 -17.35 60.27 -20.82
CA LYS D 156 -17.09 59.11 -19.99
C LYS D 156 -16.02 59.41 -18.96
N THR D 157 -15.12 60.32 -19.29
CA THR D 157 -14.06 60.76 -18.40
C THR D 157 -14.51 61.80 -17.38
N LEU D 158 -15.41 62.71 -17.74
CA LEU D 158 -16.01 63.55 -16.70
C LEU D 158 -16.72 62.68 -15.68
N GLU D 159 -17.32 61.57 -16.12
CA GLU D 159 -18.04 60.70 -15.19
C GLU D 159 -17.09 60.00 -14.22
N ARG D 160 -15.84 59.74 -14.65
CA ARG D 160 -14.79 59.25 -13.76
C ARG D 160 -14.39 60.30 -12.71
N GLU D 161 -14.41 61.60 -13.08
CA GLU D 161 -14.04 62.68 -12.18
C GLU D 161 -15.08 62.91 -11.07
N ILE D 162 -16.35 62.59 -11.32
CA ILE D 162 -17.45 63.05 -10.48
C ILE D 162 -18.12 61.93 -9.67
N SER D 163 -17.85 60.66 -9.97
CA SER D 163 -18.56 59.55 -9.35
C SER D 163 -17.95 59.19 -7.99
N GLY D 164 -18.78 58.70 -7.10
CA GLY D 164 -18.35 58.09 -5.87
C GLY D 164 -19.22 58.46 -4.70
N GLY D 165 -19.22 57.60 -3.68
CA GLY D 165 -19.79 57.90 -2.39
C GLY D 165 -18.90 57.34 -1.29
N ALA D 166 -19.34 57.55 -0.06
CA ALA D 166 -18.56 57.05 1.07
C ALA D 166 -19.47 56.92 2.28
N MET D 167 -19.10 55.99 3.15
CA MET D 167 -19.75 55.78 4.43
C MET D 167 -18.70 55.96 5.53
N ALA D 168 -19.09 56.61 6.63
CA ALA D 168 -18.11 56.96 7.65
C ALA D 168 -18.54 56.59 9.07
N VAL D 169 -17.69 55.86 9.78
CA VAL D 169 -17.73 55.79 11.26
C VAL D 169 -16.44 56.41 11.80
N VAL D 170 -16.60 57.30 12.78
CA VAL D 170 -15.49 58.11 13.30
C VAL D 170 -15.59 58.14 14.82
N ALA D 171 -14.47 57.98 15.51
CA ALA D 171 -14.43 58.04 16.97
C ALA D 171 -13.48 59.13 17.43
N VAL D 172 -13.93 59.96 18.36
CA VAL D 172 -13.07 60.94 19.01
C VAL D 172 -12.94 60.52 20.46
N LEU D 173 -11.70 60.27 20.91
CA LEU D 173 -11.42 60.01 22.32
C LEU D 173 -10.85 61.28 22.93
N LEU D 174 -11.62 61.92 23.80
CA LEU D 174 -11.23 63.21 24.39
C LEU D 174 -11.36 63.14 25.90
N ASN D 175 -10.24 63.36 26.60
CA ASN D 175 -10.23 63.44 28.07
C ASN D 175 -10.80 62.19 28.73
N ASN D 176 -10.52 61.02 28.15
CA ASN D 176 -11.05 59.73 28.60
C ASN D 176 -12.55 59.59 28.35
N LYS D 177 -13.15 60.47 27.55
CA LYS D 177 -14.52 60.27 27.08
C LYS D 177 -14.51 59.92 25.59
N LEU D 178 -15.35 58.97 25.20
CA LEU D 178 -15.40 58.48 23.82
C LEU D 178 -16.69 58.94 23.13
N TYR D 179 -16.53 59.53 21.95
CA TYR D 179 -17.62 59.96 21.08
C TYR D 179 -17.61 59.17 19.79
N VAL D 180 -18.78 59.03 19.17
CA VAL D 180 -18.89 58.26 17.92
C VAL D 180 -19.82 59.01 16.98
N ALA D 181 -19.36 59.24 15.75
CA ALA D 181 -20.18 59.88 14.71
C ALA D 181 -20.29 58.93 13.54
N ASN D 182 -21.53 58.70 13.08
CA ASN D 182 -21.76 57.70 12.04
C ASN D 182 -22.65 58.24 10.92
N VAL D 183 -22.34 57.80 9.71
CA VAL D 183 -23.15 57.99 8.51
C VAL D 183 -23.11 56.71 7.71
N GLY D 184 -24.03 55.77 7.97
CA GLY D 184 -24.25 54.60 7.12
C GLY D 184 -24.07 53.27 7.87
N THR D 185 -23.49 52.28 7.18
CA THR D 185 -23.48 50.93 7.70
C THR D 185 -22.14 50.46 8.34
N ASN D 186 -21.13 51.33 8.48
CA ASN D 186 -19.97 50.84 9.22
C ASN D 186 -20.30 50.76 10.73
N ARG D 187 -19.43 50.10 11.50
CA ARG D 187 -19.77 49.80 12.89
C ARG D 187 -18.62 50.04 13.86
N ALA D 188 -18.99 50.64 15.00
CA ALA D 188 -18.14 50.76 16.19
C ALA D 188 -18.62 49.81 17.27
N LEU D 189 -17.70 49.05 17.87
CA LEU D 189 -17.99 48.24 19.05
C LEU D 189 -17.01 48.60 20.17
N LEU D 190 -17.57 48.78 21.37
CA LEU D 190 -16.79 48.83 22.62
C LEU D 190 -16.80 47.45 23.27
N CYS D 191 -15.61 46.90 23.47
CA CYS D 191 -15.45 45.58 24.06
C CYS D 191 -14.81 45.71 25.44
N LYS D 192 -15.57 45.33 26.47
CA LYS D 192 -15.17 45.47 27.86
C LYS D 192 -14.89 44.10 28.45
N SER D 193 -13.76 43.96 29.15
CA SER D 193 -13.42 42.72 29.82
C SER D 193 -13.88 42.82 31.28
N THR D 194 -14.73 41.88 31.68
CA THR D 194 -15.28 41.80 33.02
C THR D 194 -14.89 40.45 33.64
N VAL D 195 -15.51 40.12 34.78
CA VAL D 195 -15.24 38.81 35.38
C VAL D 195 -15.91 37.70 34.59
N ASP D 196 -17.03 38.00 33.94
CA ASP D 196 -17.74 37.06 33.09
C ASP D 196 -17.07 36.92 31.73
N GLY D 197 -16.01 37.67 31.48
CA GLY D 197 -15.41 37.71 30.17
C GLY D 197 -15.65 39.03 29.49
N LEU D 198 -15.95 38.98 28.20
CA LEU D 198 -15.95 40.14 27.31
C LEU D 198 -17.37 40.52 26.97
N GLN D 199 -17.78 41.72 27.34
CA GLN D 199 -19.09 42.26 27.00
C GLN D 199 -18.93 43.22 25.82
N VAL D 200 -19.77 43.04 24.79
CA VAL D 200 -19.63 43.71 23.50
C VAL D 200 -20.88 44.52 23.19
N THR D 201 -20.72 45.82 22.91
CA THR D 201 -21.86 46.66 22.54
C THR D 201 -21.59 47.47 21.27
N GLN D 202 -22.49 47.35 20.29
CA GLN D 202 -22.49 48.22 19.13
C GLN D 202 -22.87 49.63 19.57
N LEU D 203 -21.89 50.54 19.55
CA LEU D 203 -22.10 51.91 20.00
C LEU D 203 -22.90 52.74 19.01
N ASN D 204 -23.20 52.23 17.83
CA ASN D 204 -23.89 53.01 16.82
C ASN D 204 -24.93 52.15 16.14
N VAL D 205 -25.73 52.79 15.32
CA VAL D 205 -26.89 52.18 14.70
C VAL D 205 -26.64 52.15 13.20
N ASP D 206 -27.04 51.06 12.55
CA ASP D 206 -26.99 51.02 11.09
C ASP D 206 -28.05 51.95 10.51
N HIS D 207 -27.66 52.77 9.54
CA HIS D 207 -28.64 53.53 8.75
C HIS D 207 -29.06 52.71 7.53
N THR D 208 -30.14 51.93 7.67
CA THR D 208 -30.80 51.25 6.56
C THR D 208 -32.31 51.47 6.64
N THR D 209 -33.03 50.90 5.67
CA THR D 209 -34.50 50.93 5.69
C THR D 209 -35.07 50.06 6.80
N GLU D 210 -34.30 49.11 7.32
CA GLU D 210 -34.71 48.33 8.49
C GLU D 210 -34.68 49.13 9.78
N ASN D 211 -34.32 50.40 9.74
CA ASN D 211 -34.10 51.21 10.93
C ASN D 211 -35.34 52.09 11.16
N GLU D 212 -36.00 51.88 12.31
CA GLU D 212 -37.31 52.49 12.56
C GLU D 212 -37.26 54.01 12.54
N ASP D 213 -36.28 54.63 13.23
CA ASP D 213 -36.13 56.09 13.21
C ASP D 213 -35.81 56.62 11.81
N GLU D 214 -35.02 55.88 11.04
CA GLU D 214 -34.73 56.29 9.67
C GLU D 214 -35.94 56.14 8.76
N LEU D 215 -36.83 55.19 9.08
CA LEU D 215 -38.13 55.14 8.43
C LEU D 215 -38.92 56.42 8.70
N PHE D 216 -38.96 56.84 9.97
CA PHE D 216 -39.69 58.05 10.31
C PHE D 216 -39.11 59.26 9.60
N ARG D 217 -37.78 59.38 9.60
CA ARG D 217 -37.12 60.44 8.88
C ARG D 217 -37.60 60.48 7.43
N LEU D 218 -37.68 59.32 6.78
CA LEU D 218 -38.07 59.29 5.38
C LEU D 218 -39.56 59.57 5.21
N SER D 219 -40.39 59.07 6.14
CA SER D 219 -41.83 59.34 6.11
C SER D 219 -42.11 60.83 6.15
N GLN D 220 -41.37 61.56 7.00
CA GLN D 220 -41.52 63.01 7.08
C GLN D 220 -41.28 63.68 5.72
N LEU D 221 -40.27 63.25 4.97
CA LEU D 221 -39.88 63.92 3.74
C LEU D 221 -40.86 63.71 2.59
N GLY D 222 -41.93 62.94 2.77
CA GLY D 222 -42.90 62.74 1.71
C GLY D 222 -42.99 61.34 1.17
N LEU D 223 -42.22 60.39 1.71
CA LEU D 223 -42.17 59.04 1.16
C LEU D 223 -43.01 58.08 1.98
N ASP D 224 -43.63 57.12 1.29
CA ASP D 224 -44.41 56.08 1.94
C ASP D 224 -43.49 55.09 2.65
N ALA D 225 -43.72 54.94 3.96
CA ALA D 225 -42.90 54.08 4.79
C ALA D 225 -43.00 52.61 4.39
N GLY D 226 -44.19 52.15 4.03
CA GLY D 226 -44.32 50.77 3.62
C GLY D 226 -43.53 50.49 2.34
N LYS D 227 -43.72 51.31 1.33
CA LYS D 227 -43.00 51.15 0.08
C LYS D 227 -41.50 51.17 0.31
N ILE D 228 -41.01 52.06 1.19
CA ILE D 228 -39.56 52.19 1.35
C ILE D 228 -39.00 51.02 2.14
N LYS D 229 -39.73 50.51 3.12
CA LYS D 229 -39.19 49.44 3.96
C LYS D 229 -39.06 48.15 3.19
N GLN D 230 -40.06 47.81 2.36
CA GLN D 230 -40.02 46.55 1.64
C GLN D 230 -38.87 46.49 0.64
N VAL D 231 -38.46 47.62 0.05
CA VAL D 231 -37.61 47.55 -1.13
C VAL D 231 -36.16 47.20 -0.78
N GLY D 232 -35.65 47.69 0.34
CA GLY D 232 -34.30 47.37 0.73
C GLY D 232 -33.24 48.30 0.17
N ILE D 233 -32.64 47.91 -0.97
CA ILE D 233 -31.61 48.72 -1.62
C ILE D 233 -32.19 50.05 -2.12
N ILE D 234 -31.36 51.10 -2.06
CA ILE D 234 -31.55 52.34 -2.81
C ILE D 234 -30.28 52.54 -3.62
N CYS D 235 -30.43 53.07 -4.84
CA CYS D 235 -29.31 53.38 -5.73
C CYS D 235 -28.11 52.47 -5.49
N GLY D 236 -28.36 51.17 -5.37
CA GLY D 236 -27.32 50.16 -5.18
C GLY D 236 -27.05 49.72 -3.76
N GLN D 237 -26.86 50.70 -2.86
CA GLN D 237 -26.45 50.48 -1.48
C GLN D 237 -27.64 50.50 -0.53
N GLU D 238 -27.48 49.83 0.61
CA GLU D 238 -28.55 49.82 1.58
C GLU D 238 -28.48 50.99 2.54
N SER D 239 -27.36 51.71 2.60
CA SER D 239 -27.25 52.84 3.53
C SER D 239 -28.20 53.98 3.15
N THR D 240 -28.86 54.57 4.16
CA THR D 240 -29.74 55.71 3.94
C THR D 240 -29.10 57.05 4.24
N ARG D 241 -27.90 57.09 4.83
CA ARG D 241 -27.09 58.29 4.87
C ARG D 241 -25.73 58.00 4.24
N ARG D 242 -25.27 58.91 3.36
CA ARG D 242 -23.96 58.79 2.75
C ARG D 242 -23.34 60.16 2.54
N ILE D 243 -22.03 60.17 2.37
CA ILE D 243 -21.28 61.35 1.99
C ILE D 243 -21.03 61.29 0.49
N GLY D 244 -21.40 62.37 -0.22
CA GLY D 244 -21.10 62.45 -1.64
C GLY D 244 -22.21 61.89 -2.51
N ASP D 245 -21.82 61.27 -3.62
CA ASP D 245 -22.72 60.70 -4.61
C ASP D 245 -23.66 61.73 -5.22
N TYR D 246 -23.26 62.36 -6.34
CA TYR D 246 -24.13 63.37 -6.96
C TYR D 246 -25.46 62.79 -7.45
N LYS D 247 -25.46 61.54 -7.94
CA LYS D 247 -26.71 60.94 -8.44
C LYS D 247 -27.84 60.98 -7.42
N VAL D 248 -27.59 60.57 -6.17
CA VAL D 248 -28.62 60.60 -5.14
C VAL D 248 -28.84 61.99 -4.53
N LYS D 249 -27.85 62.90 -4.60
CA LYS D 249 -28.01 64.22 -3.97
C LYS D 249 -28.75 65.19 -4.88
N TYR D 250 -28.48 65.16 -6.19
CA TYR D 250 -29.05 66.14 -7.11
C TYR D 250 -30.22 65.59 -7.92
N GLY D 251 -30.06 64.42 -8.51
CA GLY D 251 -31.17 63.82 -9.22
C GLY D 251 -31.84 62.72 -8.44
N TYR D 252 -32.56 63.06 -7.36
CA TYR D 252 -33.36 62.08 -6.64
C TYR D 252 -34.82 62.14 -7.01
N THR D 253 -35.32 63.33 -7.32
CA THR D 253 -36.66 63.47 -7.90
C THR D 253 -36.77 62.72 -9.23
N ASP D 254 -35.64 62.48 -9.88
CA ASP D 254 -35.58 61.86 -11.20
C ASP D 254 -35.42 60.35 -11.14
N ILE D 255 -35.43 59.75 -9.96
CA ILE D 255 -35.49 58.30 -9.78
C ILE D 255 -36.83 58.00 -9.14
N ASP D 256 -37.48 56.92 -9.58
CA ASP D 256 -38.90 56.76 -9.31
C ASP D 256 -39.21 56.39 -7.87
N LEU D 257 -38.31 55.69 -7.18
CA LEU D 257 -38.63 55.24 -5.82
C LEU D 257 -38.78 56.43 -4.87
N LEU D 258 -37.90 57.43 -4.98
CA LEU D 258 -37.83 58.52 -4.02
C LEU D 258 -38.29 59.87 -4.60
N SER D 259 -38.99 59.86 -5.73
CA SER D 259 -39.30 61.09 -6.44
C SER D 259 -40.03 62.11 -5.54
N ALA D 260 -40.89 61.63 -4.64
CA ALA D 260 -41.84 62.48 -3.94
C ALA D 260 -41.22 63.37 -2.88
N ALA D 261 -39.95 63.19 -2.56
CA ALA D 261 -39.39 63.77 -1.34
C ALA D 261 -39.33 65.30 -1.41
N LYS D 262 -39.60 65.95 -0.27
CA LYS D 262 -39.53 67.40 -0.20
C LYS D 262 -38.08 67.88 -0.23
N SER D 263 -37.22 67.24 0.55
CA SER D 263 -35.79 67.49 0.52
C SER D 263 -35.08 66.15 0.38
N LYS D 264 -33.73 66.17 0.39
CA LYS D 264 -32.98 64.98 -0.02
C LYS D 264 -33.18 63.82 0.95
N PRO D 265 -33.57 62.64 0.46
CA PRO D 265 -33.78 61.49 1.36
C PRO D 265 -32.50 60.89 1.93
N ILE D 266 -31.42 60.82 1.16
CA ILE D 266 -30.13 60.34 1.65
C ILE D 266 -29.31 61.57 2.07
N ILE D 267 -29.04 61.72 3.36
CA ILE D 267 -28.35 62.91 3.85
C ILE D 267 -26.93 62.54 4.28
N ALA D 268 -26.15 63.56 4.59
CA ALA D 268 -24.74 63.42 4.93
C ALA D 268 -24.45 63.74 6.40
N GLU D 269 -25.47 63.89 7.20
CA GLU D 269 -25.37 64.33 8.58
C GLU D 269 -25.06 63.14 9.50
N PRO D 270 -24.16 63.31 10.46
CA PRO D 270 -23.83 62.21 11.35
C PRO D 270 -24.76 62.11 12.55
N GLU D 271 -25.18 60.87 12.84
CA GLU D 271 -25.75 60.57 14.15
C GLU D 271 -24.58 60.46 15.15
N ILE D 272 -24.63 61.29 16.17
CA ILE D 272 -23.57 61.43 17.16
C ILE D 272 -23.98 60.70 18.44
N HIS D 273 -23.11 59.83 18.93
CA HIS D 273 -23.45 58.94 20.06
C HIS D 273 -22.63 59.29 21.30
N GLY D 274 -23.30 59.90 22.25
CA GLY D 274 -23.09 59.57 23.65
C GLY D 274 -22.05 60.42 24.35
N ALA D 275 -21.08 59.73 24.93
CA ALA D 275 -19.92 60.19 25.70
C ALA D 275 -19.73 59.05 26.66
N GLN D 276 -19.03 58.02 26.19
CA GLN D 276 -18.90 56.80 26.96
C GLN D 276 -17.75 56.94 27.95
N PRO D 277 -18.04 56.93 29.25
CA PRO D 277 -16.97 56.90 30.24
C PRO D 277 -16.13 55.64 30.09
N LEU D 278 -14.81 55.85 29.98
CA LEU D 278 -13.84 54.77 29.88
C LEU D 278 -12.86 54.80 31.03
N ASP D 279 -13.25 55.40 32.16
CA ASP D 279 -12.43 55.27 33.36
C ASP D 279 -12.68 53.92 34.02
N GLY D 280 -11.59 53.29 34.42
CA GLY D 280 -11.66 51.97 35.02
C GLY D 280 -11.95 50.85 34.06
N VAL D 281 -12.03 51.11 32.76
CA VAL D 281 -12.40 50.06 31.80
C VAL D 281 -11.15 49.50 31.18
N THR D 282 -11.06 48.17 31.19
CA THR D 282 -10.05 47.44 30.44
C THR D 282 -10.75 46.74 29.28
N GLY D 283 -10.36 47.09 28.06
CA GLY D 283 -10.83 46.39 26.89
C GLY D 283 -10.29 47.00 25.62
N PHE D 284 -11.12 47.05 24.56
CA PHE D 284 -10.68 47.65 23.33
C PHE D 284 -11.88 48.10 22.52
N LEU D 285 -11.63 49.09 21.66
CA LEU D 285 -12.59 49.64 20.71
C LEU D 285 -12.34 49.04 19.34
N VAL D 286 -13.43 48.86 18.58
CA VAL D 286 -13.36 48.34 17.22
C VAL D 286 -14.13 49.29 16.30
N LEU D 287 -13.53 49.62 15.15
CA LEU D 287 -14.21 50.22 14.00
C LEU D 287 -14.01 49.28 12.83
N MET D 288 -15.07 49.03 12.06
CA MET D 288 -14.91 48.15 10.90
C MET D 288 -15.84 48.58 9.77
N SER D 289 -15.59 48.01 8.59
CA SER D 289 -16.32 48.31 7.37
C SER D 289 -17.34 47.21 7.07
N GLU D 290 -18.43 47.64 6.40
CA GLU D 290 -19.50 46.77 5.90
C GLU D 290 -18.96 45.45 5.34
N GLY D 291 -17.99 45.53 4.43
CA GLY D 291 -17.52 44.35 3.76
C GLY D 291 -17.01 43.26 4.69
N LEU D 292 -16.42 43.65 5.83
CA LEU D 292 -15.80 42.67 6.73
C LEU D 292 -16.85 41.85 7.47
N TYR D 293 -17.88 42.51 8.04
CA TYR D 293 -18.92 41.77 8.75
C TYR D 293 -20.02 41.21 7.82
N LYS D 294 -20.21 41.78 6.63
CA LYS D 294 -21.04 41.12 5.64
C LYS D 294 -20.48 39.76 5.24
N ALA D 295 -19.16 39.69 5.00
CA ALA D 295 -18.57 38.44 4.52
C ALA D 295 -18.71 37.35 5.55
N LEU D 296 -18.57 37.72 6.84
CA LEU D 296 -18.73 36.74 7.91
C LEU D 296 -20.16 36.28 8.00
N GLU D 297 -21.12 37.19 7.86
CA GLU D 297 -22.50 36.78 7.92
C GLU D 297 -22.85 35.85 6.75
N ALA D 298 -22.32 36.13 5.56
CA ALA D 298 -22.60 35.28 4.41
C ALA D 298 -22.15 33.84 4.67
N ALA D 299 -21.04 33.65 5.38
CA ALA D 299 -20.52 32.31 5.59
C ALA D 299 -21.12 31.61 6.81
N HIS D 300 -21.61 32.35 7.80
CA HIS D 300 -22.16 31.77 9.01
C HIS D 300 -23.66 31.97 9.17
N GLY D 301 -24.35 32.56 8.19
CA GLY D 301 -25.71 33.01 8.41
C GLY D 301 -25.75 34.19 9.36
N PRO D 302 -26.82 34.98 9.31
CA PRO D 302 -26.83 36.24 10.06
C PRO D 302 -26.98 35.98 11.55
N GLY D 303 -26.77 37.06 12.33
CA GLY D 303 -27.12 37.03 13.74
C GLY D 303 -26.07 37.34 14.78
N GLN D 304 -24.88 36.75 14.66
CA GLN D 304 -23.88 36.77 15.71
C GLN D 304 -22.55 37.41 15.28
N ALA D 305 -22.59 38.44 14.43
CA ALA D 305 -21.36 38.95 13.83
C ALA D 305 -20.55 39.79 14.81
N ASN D 306 -21.19 40.79 15.44
CA ASN D 306 -20.48 41.66 16.38
C ASN D 306 -19.69 40.85 17.40
N GLN D 307 -20.34 39.85 18.01
CA GLN D 307 -19.68 39.15 19.12
C GLN D 307 -18.65 38.14 18.64
N GLU D 308 -18.73 37.67 17.40
CA GLU D 308 -17.74 36.71 16.89
C GLU D 308 -16.43 37.39 16.55
N ILE D 309 -16.49 38.49 15.78
CA ILE D 309 -15.30 39.28 15.48
C ILE D 309 -14.63 39.73 16.77
N ALA D 310 -15.42 40.15 17.76
CA ALA D 310 -14.84 40.57 19.02
C ALA D 310 -13.96 39.46 19.62
N ALA D 311 -14.37 38.21 19.42
CA ALA D 311 -13.76 37.08 20.11
C ALA D 311 -12.52 36.58 19.39
N MET D 312 -12.53 36.60 18.07
CA MET D 312 -11.30 36.39 17.32
C MET D 312 -10.22 37.40 17.74
N ILE D 313 -10.62 38.65 18.01
CA ILE D 313 -9.62 39.64 18.39
C ILE D 313 -9.06 39.33 19.78
N ASP D 314 -9.94 38.90 20.69
CA ASP D 314 -9.52 38.40 21.99
C ASP D 314 -8.38 37.37 21.84
N THR D 315 -8.57 36.40 20.94
CA THR D 315 -7.54 35.38 20.76
C THR D 315 -6.24 35.96 20.23
N GLU D 316 -6.30 36.81 19.20
CA GLU D 316 -5.06 37.31 18.62
C GLU D 316 -4.31 38.22 19.59
N PHE D 317 -5.01 38.90 20.49
CA PHE D 317 -4.32 39.71 21.50
C PHE D 317 -3.25 38.92 22.26
N ALA D 318 -3.53 37.64 22.56
CA ALA D 318 -2.60 36.85 23.35
C ALA D 318 -1.41 36.38 22.55
N LYS D 319 -1.55 36.33 21.23
CA LYS D 319 -0.60 35.70 20.32
C LYS D 319 0.32 36.71 19.65
N GLN D 320 -0.19 37.86 19.18
CA GLN D 320 0.57 38.77 18.32
C GLN D 320 1.34 39.84 19.10
N THR D 321 2.24 40.53 18.40
CA THR D 321 3.19 41.45 19.03
C THR D 321 2.88 42.91 18.78
N SER D 322 1.85 43.20 17.99
CA SER D 322 1.43 44.57 17.73
C SER D 322 -0.05 44.56 17.35
N LEU D 323 -0.72 45.69 17.61
CA LEU D 323 -2.13 45.79 17.24
C LEU D 323 -2.33 45.61 15.73
N ASP D 324 -1.36 46.07 14.91
CA ASP D 324 -1.45 45.89 13.47
C ASP D 324 -1.47 44.40 13.09
N ALA D 325 -0.51 43.62 13.61
CA ALA D 325 -0.64 42.16 13.51
C ALA D 325 -1.97 41.68 14.02
N VAL D 326 -2.41 42.21 15.18
CA VAL D 326 -3.68 41.74 15.73
C VAL D 326 -4.80 41.97 14.74
N ALA D 327 -4.99 43.21 14.31
CA ALA D 327 -6.08 43.52 13.39
C ALA D 327 -5.97 42.68 12.12
N GLN D 328 -4.77 42.62 11.51
CA GLN D 328 -4.65 41.98 10.20
C GLN D 328 -4.91 40.48 10.29
N ALA D 329 -4.53 39.87 11.41
CA ALA D 329 -4.78 38.46 11.63
C ALA D 329 -6.26 38.14 11.49
N VAL D 330 -7.12 38.91 12.18
CA VAL D 330 -8.57 38.67 12.08
C VAL D 330 -9.04 38.85 10.65
N VAL D 331 -8.54 39.88 9.98
CA VAL D 331 -8.91 40.10 8.59
C VAL D 331 -8.53 38.88 7.75
N ASP D 332 -7.41 38.23 8.09
CA ASP D 332 -6.98 37.04 7.34
C ASP D 332 -7.86 35.83 7.66
N ARG D 333 -8.28 35.68 8.92
CA ARG D 333 -9.14 34.55 9.27
C ARG D 333 -10.53 34.68 8.62
N VAL D 334 -11.09 35.90 8.61
CA VAL D 334 -12.39 36.09 7.97
C VAL D 334 -12.31 35.78 6.47
N LYS D 335 -11.17 36.09 5.83
CA LYS D 335 -11.00 35.74 4.43
C LYS D 335 -11.09 34.23 4.21
N ARG D 336 -10.36 33.43 5.01
CA ARG D 336 -10.28 32.02 4.68
C ARG D 336 -11.51 31.24 5.13
N ILE D 337 -12.18 31.67 6.21
CA ILE D 337 -13.52 31.15 6.48
C ILE D 337 -14.42 31.38 5.27
N HIS D 338 -14.32 32.56 4.66
CA HIS D 338 -15.10 32.87 3.48
C HIS D 338 -14.71 31.97 2.31
N SER D 339 -13.43 32.00 1.95
CA SER D 339 -12.92 31.15 0.88
C SER D 339 -13.34 29.69 1.05
N ASP D 340 -13.08 29.12 2.22
CA ASP D 340 -13.36 27.69 2.42
C ASP D 340 -14.83 27.37 2.17
N THR D 341 -15.75 28.15 2.78
CA THR D 341 -17.18 27.95 2.60
C THR D 341 -17.59 27.86 1.13
N PHE D 342 -17.07 28.76 0.30
CA PHE D 342 -17.41 28.75 -1.13
C PHE D 342 -16.84 27.52 -1.83
N ALA D 343 -15.60 27.17 -1.53
CA ALA D 343 -15.02 26.01 -2.19
C ALA D 343 -15.59 24.70 -1.68
N SER D 344 -16.07 24.65 -0.42
CA SER D 344 -16.56 23.39 0.13
C SER D 344 -17.90 22.99 -0.46
N GLY D 345 -18.65 23.93 -1.02
CA GLY D 345 -19.88 23.61 -1.71
C GLY D 345 -21.06 23.23 -0.83
N GLY D 346 -20.94 23.38 0.49
CA GLY D 346 -22.04 23.14 1.41
C GLY D 346 -23.25 24.05 1.31
N GLU D 347 -23.92 24.27 2.45
CA GLU D 347 -25.20 24.98 2.41
C GLU D 347 -25.03 26.43 2.01
N ARG D 348 -23.97 27.09 2.49
CA ARG D 348 -23.83 28.53 2.34
C ARG D 348 -22.85 28.92 1.23
N ALA D 349 -22.43 27.98 0.39
CA ALA D 349 -21.57 28.38 -0.72
C ALA D 349 -22.30 29.32 -1.67
N ARG D 350 -23.63 29.15 -1.83
CA ARG D 350 -24.40 30.04 -2.71
C ARG D 350 -24.19 31.49 -2.33
N PHE D 351 -23.89 31.76 -1.07
CA PHE D 351 -23.81 33.12 -0.56
C PHE D 351 -22.39 33.69 -0.61
N CYS D 352 -21.39 32.92 -1.10
CA CYS D 352 -20.03 33.42 -1.06
C CYS D 352 -19.30 33.45 -2.40
N PRO D 353 -19.91 33.90 -3.49
CA PRO D 353 -19.12 34.01 -4.74
C PRO D 353 -18.05 35.08 -4.68
N ARG D 354 -18.28 36.14 -3.90
CA ARG D 354 -17.32 37.22 -3.76
C ARG D 354 -17.46 37.80 -2.37
N HIS D 355 -16.48 38.61 -1.99
CA HIS D 355 -16.56 39.47 -0.84
C HIS D 355 -15.93 40.81 -1.19
N GLU D 356 -16.32 41.82 -0.45
CA GLU D 356 -16.01 43.19 -0.77
C GLU D 356 -14.82 43.61 0.10
N ASP D 357 -14.40 44.88 0.00
CA ASP D 357 -13.24 45.40 0.74
C ASP D 357 -13.37 45.23 2.25
N MET D 358 -12.28 44.86 2.92
CA MET D 358 -12.27 44.63 4.38
C MET D 358 -11.29 45.55 5.12
N THR D 359 -11.78 46.30 6.12
CA THR D 359 -10.98 47.17 7.00
C THR D 359 -11.38 46.97 8.45
N LEU D 360 -10.36 46.80 9.34
CA LEU D 360 -10.55 46.56 10.77
C LEU D 360 -9.61 47.46 11.57
N LEU D 361 -10.17 48.27 12.48
CA LEU D 361 -9.37 49.15 13.35
C LEU D 361 -9.55 48.76 14.81
N VAL D 362 -8.44 48.48 15.50
CA VAL D 362 -8.46 48.11 16.91
C VAL D 362 -7.71 49.17 17.72
N ARG D 363 -8.45 49.93 18.55
CA ARG D 363 -7.86 50.88 19.49
C ARG D 363 -7.97 50.29 20.91
N ASN D 364 -6.84 50.19 21.60
CA ASN D 364 -6.71 49.41 22.83
C ASN D 364 -6.83 50.29 24.07
N PHE D 365 -7.47 49.75 25.14
CA PHE D 365 -7.60 50.44 26.44
C PHE D 365 -7.03 49.52 27.54
N GLY D 366 -5.70 49.41 27.59
CA GLY D 366 -5.05 48.65 28.63
C GLY D 366 -5.18 47.13 28.56
N TYR D 367 -5.78 46.58 27.53
CA TYR D 367 -5.87 45.13 27.43
C TYR D 367 -4.48 44.54 27.15
N PRO D 368 -4.16 43.36 27.68
CA PRO D 368 -2.80 42.83 27.50
C PRO D 368 -2.55 42.32 26.09
N LEU D 369 -1.39 42.67 25.55
CA LEU D 369 -1.02 42.37 24.17
C LEU D 369 0.29 41.59 24.17
N GLY D 370 0.22 40.36 23.72
CA GLY D 370 1.43 39.64 23.42
C GLY D 370 1.82 38.63 24.47
N GLU D 371 3.07 38.14 24.31
CA GLU D 371 3.59 37.03 25.12
C GLU D 371 3.73 37.40 26.59
N MET D 372 4.36 38.53 26.89
CA MET D 372 4.44 39.06 28.25
C MET D 372 3.13 39.79 28.61
N SER D 373 2.32 39.15 29.45
CA SER D 373 0.92 39.50 29.67
C SER D 373 0.78 40.45 30.86
CA VAL D 387 -7.43 15.12 42.90
C VAL D 387 -8.72 15.12 42.07
N TYR D 388 -9.32 13.93 41.86
CA TYR D 388 -10.53 13.75 41.03
C TYR D 388 -11.56 12.81 41.71
N PRO D 389 -12.41 13.35 42.59
CA PRO D 389 -13.24 12.50 43.44
C PRO D 389 -14.36 11.77 42.70
N VAL D 390 -14.53 10.48 43.01
CA VAL D 390 -15.64 9.70 42.48
C VAL D 390 -16.94 10.22 43.08
N SER D 391 -18.03 10.14 42.31
CA SER D 391 -19.23 10.89 42.65
C SER D 391 -20.25 10.09 43.45
N VAL D 392 -20.02 8.79 43.68
CA VAL D 392 -20.74 7.99 44.66
C VAL D 392 -19.72 7.09 45.34
N PRO D 393 -19.10 7.51 46.45
CA PRO D 393 -18.04 6.68 47.06
C PRO D 393 -18.54 5.29 47.38
N TYR D 394 -17.62 4.34 47.35
CA TYR D 394 -17.90 2.91 47.34
C TYR D 394 -18.17 2.40 48.77
N SER D 395 -18.84 1.25 48.87
CA SER D 395 -19.25 0.67 50.15
C SER D 395 -18.95 -0.82 50.19
N SER D 396 -19.02 -1.41 51.38
CA SER D 396 -18.87 -2.86 51.57
C SER D 396 -20.24 -3.48 51.82
N ALA D 397 -20.64 -4.41 50.95
CA ALA D 397 -21.98 -4.98 50.98
C ALA D 397 -21.94 -6.51 51.05
N THR D 406 -30.98 -4.45 41.68
CA THR D 406 -31.38 -4.34 40.28
C THR D 406 -31.05 -2.93 39.76
N LEU D 407 -30.38 -2.85 38.61
CA LEU D 407 -29.89 -1.59 38.05
C LEU D 407 -30.99 -0.86 37.29
N SER D 408 -30.83 0.46 37.14
CA SER D 408 -31.79 1.29 36.42
C SER D 408 -31.15 2.63 36.07
N LEU D 409 -31.70 3.27 35.04
CA LEU D 409 -31.26 4.60 34.60
C LEU D 409 -32.49 5.34 34.08
N VAL D 410 -32.55 6.65 34.32
CA VAL D 410 -33.71 7.43 33.89
C VAL D 410 -33.33 8.20 32.63
N MET D 411 -34.20 8.13 31.63
CA MET D 411 -34.02 8.65 30.29
C MET D 411 -34.62 10.04 30.17
N PRO D 412 -34.44 10.75 29.04
CA PRO D 412 -35.22 11.98 28.86
C PRO D 412 -36.25 11.85 27.72
N GLU E 4 -41.08 -1.65 -7.89
CA GLU E 4 -41.17 -2.21 -6.54
C GLU E 4 -40.49 -1.31 -5.50
N ARG E 5 -40.22 -0.05 -5.85
CA ARG E 5 -39.75 0.92 -4.87
C ARG E 5 -40.92 1.40 -4.01
N PRO E 6 -40.85 1.26 -2.67
CA PRO E 6 -41.92 1.78 -1.81
C PRO E 6 -42.14 3.25 -2.11
N THR E 7 -43.31 3.78 -1.78
CA THR E 7 -43.59 5.18 -2.09
C THR E 7 -43.04 6.00 -0.93
N PHE E 8 -42.33 7.07 -1.25
CA PHE E 8 -41.66 7.88 -0.24
C PHE E 8 -42.50 9.10 0.10
N TYR E 9 -41.95 9.94 0.98
CA TYR E 9 -42.51 11.25 1.26
C TYR E 9 -41.43 12.08 1.93
N ARG E 10 -41.47 13.37 1.65
CA ARG E 10 -40.50 14.33 2.14
C ARG E 10 -41.06 15.10 3.33
N GLN E 11 -40.17 15.79 4.05
CA GLN E 11 -40.47 16.66 5.17
C GLN E 11 -39.16 17.24 5.68
N GLU E 12 -39.15 18.50 6.11
CA GLU E 12 -37.93 19.17 6.53
C GLU E 12 -37.84 19.19 8.05
N LEU E 13 -36.62 19.03 8.57
CA LEU E 13 -36.41 18.71 9.98
C LEU E 13 -34.97 19.02 10.35
N ASN E 14 -34.79 19.94 11.32
CA ASN E 14 -33.46 20.33 11.83
C ASN E 14 -32.50 20.59 10.67
N LYS E 15 -32.82 21.67 9.95
CA LYS E 15 -32.08 22.27 8.84
C LYS E 15 -32.45 21.74 7.46
N THR E 16 -32.79 20.44 7.32
CA THR E 16 -32.75 19.82 6.00
C THR E 16 -33.98 18.97 5.70
N ILE E 17 -34.02 18.54 4.43
CA ILE E 17 -35.02 17.63 3.89
C ILE E 17 -34.73 16.20 4.36
N TRP E 18 -35.80 15.43 4.61
CA TRP E 18 -35.69 13.97 4.73
C TRP E 18 -36.70 13.35 3.78
N GLU E 19 -36.25 12.42 2.92
CA GLU E 19 -37.14 11.65 2.05
C GLU E 19 -37.18 10.21 2.55
N VAL E 20 -38.35 9.75 2.99
CA VAL E 20 -38.42 8.51 3.74
C VAL E 20 -39.56 7.60 3.27
N PRO E 21 -39.34 6.28 3.21
CA PRO E 21 -40.44 5.35 2.90
C PRO E 21 -41.55 5.37 3.94
N GLU E 22 -42.80 5.34 3.49
CA GLU E 22 -43.86 5.71 4.42
C GLU E 22 -44.25 4.61 5.40
N ARG E 23 -43.56 3.46 5.40
CA ARG E 23 -43.62 2.59 6.59
C ARG E 23 -43.11 3.30 7.84
N TYR E 24 -42.37 4.39 7.71
CA TYR E 24 -41.76 5.07 8.83
C TYR E 24 -42.57 6.32 9.18
N GLN E 25 -43.10 6.36 10.38
CA GLN E 25 -44.02 7.43 10.75
C GLN E 25 -43.56 8.11 12.02
N ASN E 26 -44.10 9.32 12.23
CA ASN E 26 -43.89 10.10 13.47
C ASN E 26 -42.42 10.41 13.71
N LEU E 27 -41.71 10.82 12.65
CA LEU E 27 -40.29 11.07 12.72
C LEU E 27 -39.98 12.19 13.73
N SER E 28 -39.04 11.92 14.64
CA SER E 28 -38.71 12.86 15.70
C SER E 28 -37.24 12.79 16.11
N PRO E 29 -36.52 13.90 16.04
CA PRO E 29 -35.08 13.90 16.33
C PRO E 29 -34.73 13.56 17.78
N VAL E 30 -33.50 13.10 17.97
CA VAL E 30 -32.98 12.71 19.29
C VAL E 30 -31.76 13.57 19.68
N GLY E 36 -26.95 17.20 12.90
CA GLY E 36 -28.10 16.62 13.58
C GLY E 36 -28.79 15.60 12.69
N SER E 37 -28.39 14.34 12.84
CA SER E 37 -28.52 13.35 11.77
C SER E 37 -29.39 12.15 12.12
N VAL E 38 -30.05 12.12 13.27
CA VAL E 38 -30.75 10.92 13.71
C VAL E 38 -32.16 11.29 14.20
N CYS E 39 -33.13 10.44 13.86
CA CYS E 39 -34.54 10.68 14.16
C CYS E 39 -35.19 9.39 14.64
N ALA E 40 -35.95 9.46 15.73
CA ALA E 40 -36.76 8.33 16.12
C ALA E 40 -38.02 8.25 15.25
N ALA E 41 -38.62 7.06 15.21
CA ALA E 41 -39.70 6.77 14.28
C ALA E 41 -40.27 5.40 14.56
N PHE E 42 -41.53 5.21 14.18
CA PHE E 42 -42.22 3.95 14.34
C PHE E 42 -42.34 3.30 12.98
N ASP E 43 -41.98 2.02 12.88
CA ASP E 43 -42.02 1.32 11.62
C ASP E 43 -43.29 0.49 11.59
N THR E 44 -44.29 0.97 10.83
CA THR E 44 -45.57 0.26 10.80
C THR E 44 -45.40 -1.18 10.34
N LYS E 45 -44.44 -1.44 9.44
CA LYS E 45 -44.31 -2.74 8.81
C LYS E 45 -43.86 -3.81 9.79
N THR E 46 -42.97 -3.48 10.74
CA THR E 46 -42.53 -4.49 11.69
C THR E 46 -42.98 -4.29 13.12
N GLY E 47 -43.45 -3.08 13.48
CA GLY E 47 -43.90 -2.83 14.83
C GLY E 47 -42.82 -2.43 15.82
N HIS E 48 -41.63 -2.08 15.34
CA HIS E 48 -40.54 -1.70 16.22
C HIS E 48 -40.34 -0.20 16.18
N ARG E 49 -39.73 0.31 17.24
CA ARG E 49 -39.30 1.70 17.23
C ARG E 49 -37.86 1.76 16.74
N VAL E 50 -37.62 2.58 15.72
CA VAL E 50 -36.35 2.61 15.03
C VAL E 50 -35.67 3.95 15.27
N ALA E 51 -34.35 3.96 15.11
CA ALA E 51 -33.57 5.17 14.85
C ALA E 51 -33.25 5.21 13.36
N VAL E 52 -33.19 6.41 12.80
CA VAL E 52 -32.91 6.56 11.39
C VAL E 52 -31.88 7.67 11.22
N LYS E 53 -30.78 7.35 10.58
CA LYS E 53 -29.64 8.25 10.44
C LYS E 53 -29.49 8.62 8.98
N LYS E 54 -29.48 9.91 8.71
CA LYS E 54 -29.23 10.42 7.36
C LYS E 54 -27.76 10.78 7.30
N LEU E 55 -26.99 10.05 6.48
CA LEU E 55 -25.64 10.46 6.22
C LEU E 55 -25.65 11.85 5.59
N SER E 56 -24.87 12.74 6.17
CA SER E 56 -24.75 14.10 5.65
C SER E 56 -23.62 14.15 4.62
N ARG E 57 -23.96 14.53 3.40
CA ARG E 57 -23.00 14.79 2.34
C ARG E 57 -22.15 13.55 2.09
N PRO E 58 -22.77 12.40 1.79
CA PRO E 58 -22.01 11.14 1.79
C PRO E 58 -20.90 11.03 0.73
N PHE E 59 -20.89 11.87 -0.30
CA PHE E 59 -19.90 11.67 -1.35
C PHE E 59 -19.24 12.98 -1.75
N GLN E 60 -18.94 13.86 -0.78
CA GLN E 60 -18.38 15.17 -1.10
C GLN E 60 -16.88 15.13 -1.38
N SER E 61 -16.22 14.00 -1.16
CA SER E 61 -14.79 13.84 -1.35
C SER E 61 -14.51 12.34 -1.40
N ILE E 62 -13.30 11.97 -1.82
CA ILE E 62 -13.08 10.54 -1.83
C ILE E 62 -12.90 10.01 -0.41
N ILE E 63 -12.37 10.81 0.52
CA ILE E 63 -12.23 10.19 1.84
C ILE E 63 -13.58 10.16 2.55
N HIS E 64 -14.49 11.08 2.23
CA HIS E 64 -15.84 10.95 2.75
C HIS E 64 -16.57 9.75 2.16
N ALA E 65 -16.33 9.47 0.88
CA ALA E 65 -17.02 8.34 0.24
C ALA E 65 -16.52 7.02 0.79
N LYS E 66 -15.20 6.90 0.99
CA LYS E 66 -14.61 5.75 1.68
C LYS E 66 -15.30 5.51 3.03
N ARG E 67 -15.32 6.53 3.89
CA ARG E 67 -15.99 6.41 5.18
C ARG E 67 -17.46 6.05 5.01
N THR E 68 -18.16 6.66 4.04
CA THR E 68 -19.54 6.26 3.79
C THR E 68 -19.63 4.76 3.60
N TYR E 69 -18.71 4.20 2.81
CA TYR E 69 -18.77 2.80 2.44
C TYR E 69 -18.35 1.87 3.56
N ARG E 70 -17.26 2.20 4.26
N ARG E 70 -17.28 2.22 4.27
CA ARG E 70 -16.87 1.39 5.41
CA ARG E 70 -16.84 1.42 5.41
C ARG E 70 -17.96 1.40 6.48
C ARG E 70 -17.91 1.42 6.51
N GLU E 71 -18.61 2.54 6.68
CA GLU E 71 -19.66 2.59 7.69
C GLU E 71 -20.83 1.67 7.33
N LEU E 72 -21.25 1.65 6.06
CA LEU E 72 -22.38 0.79 5.71
C LEU E 72 -22.00 -0.66 5.82
N ARG E 73 -20.77 -1.02 5.42
CA ARG E 73 -20.37 -2.42 5.36
C ARG E 73 -20.09 -3.02 6.73
N LEU E 74 -19.64 -2.21 7.68
CA LEU E 74 -19.46 -2.70 9.04
C LEU E 74 -20.79 -2.83 9.77
N LEU E 75 -21.78 -2.02 9.40
CA LEU E 75 -23.07 -2.22 10.06
C LEU E 75 -23.70 -3.52 9.58
N LYS E 76 -23.62 -3.83 8.28
CA LYS E 76 -24.12 -5.11 7.78
C LYS E 76 -23.46 -6.28 8.49
N HIS E 77 -22.16 -6.17 8.77
CA HIS E 77 -21.36 -7.27 9.32
C HIS E 77 -21.69 -7.56 10.78
N MET E 78 -21.89 -6.54 11.62
CA MET E 78 -21.87 -6.74 13.07
C MET E 78 -23.14 -7.40 13.60
N LYS E 79 -22.97 -8.50 14.35
CA LYS E 79 -24.11 -9.24 14.90
C LYS E 79 -23.81 -9.60 16.36
N HIS E 80 -24.13 -8.68 17.26
CA HIS E 80 -23.79 -8.89 18.66
C HIS E 80 -24.67 -8.04 19.56
N GLU E 81 -24.89 -8.54 20.78
CA GLU E 81 -25.79 -7.90 21.74
C GLU E 81 -25.35 -6.49 22.12
N ASN E 82 -24.04 -6.25 22.24
CA ASN E 82 -23.55 -4.96 22.69
C ASN E 82 -23.03 -4.10 21.53
N VAL E 83 -23.46 -4.42 20.30
CA VAL E 83 -23.04 -3.67 19.11
C VAL E 83 -24.26 -3.43 18.26
N ILE E 84 -24.41 -2.21 17.75
CA ILE E 84 -25.59 -1.85 16.98
C ILE E 84 -25.64 -2.62 15.65
N GLY E 85 -26.82 -3.14 15.30
CA GLY E 85 -27.02 -3.87 14.06
C GLY E 85 -27.94 -3.15 13.09
N LEU E 86 -27.70 -3.33 11.79
CA LEU E 86 -28.47 -2.66 10.75
C LEU E 86 -29.81 -3.35 10.51
N LEU E 87 -30.92 -2.60 10.69
CA LEU E 87 -32.26 -3.11 10.37
C LEU E 87 -32.65 -2.90 8.91
N ASP E 88 -32.12 -1.88 8.26
CA ASP E 88 -32.55 -1.52 6.91
C ASP E 88 -31.56 -0.49 6.37
N VAL E 89 -31.58 -0.31 5.06
CA VAL E 89 -30.91 0.82 4.40
C VAL E 89 -31.65 1.10 3.10
N PHE E 90 -31.81 2.38 2.79
CA PHE E 90 -32.58 2.79 1.63
C PHE E 90 -32.02 4.12 1.14
N THR E 91 -32.30 4.42 -0.13
CA THR E 91 -31.95 5.69 -0.76
C THR E 91 -33.16 6.23 -1.54
N PRO E 92 -33.48 7.52 -1.39
CA PRO E 92 -34.47 8.15 -2.28
C PRO E 92 -34.22 7.94 -3.77
N ALA E 93 -32.96 7.80 -4.20
CA ALA E 93 -32.64 7.76 -5.62
C ALA E 93 -33.24 6.52 -6.29
N ARG E 94 -33.51 6.65 -7.59
CA ARG E 94 -34.02 5.59 -8.45
C ARG E 94 -32.99 5.08 -9.45
N SER E 95 -31.80 5.69 -9.49
CA SER E 95 -30.71 5.22 -10.33
C SER E 95 -29.37 5.59 -9.70
N LEU E 96 -28.31 4.88 -10.14
CA LEU E 96 -26.95 5.27 -9.79
C LEU E 96 -26.66 6.72 -10.19
N GLU E 97 -27.30 7.21 -11.25
CA GLU E 97 -27.07 8.58 -11.70
C GLU E 97 -27.60 9.57 -10.68
N GLU E 98 -28.79 9.31 -10.13
CA GLU E 98 -29.29 10.24 -9.13
C GLU E 98 -28.82 9.90 -7.71
N PHE E 99 -28.27 8.71 -7.49
CA PHE E 99 -27.78 8.29 -6.17
C PHE E 99 -26.91 9.37 -5.54
N ASN E 100 -27.32 9.82 -4.35
CA ASN E 100 -26.65 10.92 -3.69
C ASN E 100 -27.03 11.03 -2.22
N ASP E 101 -27.70 10.01 -1.66
CA ASP E 101 -28.16 10.07 -0.27
C ASP E 101 -28.43 8.67 0.25
N VAL E 102 -27.96 8.39 1.47
CA VAL E 102 -28.03 7.07 2.09
C VAL E 102 -28.58 7.20 3.50
N TYR E 103 -29.51 6.30 3.86
CA TYR E 103 -30.14 6.28 5.17
C TYR E 103 -29.91 4.94 5.87
N LEU E 104 -29.61 4.99 7.18
CA LEU E 104 -29.33 3.79 7.95
C LEU E 104 -30.33 3.65 9.10
N VAL E 105 -30.98 2.48 9.19
CA VAL E 105 -32.03 2.20 10.18
C VAL E 105 -31.55 1.16 11.18
N THR E 106 -31.79 1.42 12.48
CA THR E 106 -31.42 0.51 13.57
C THR E 106 -32.50 0.55 14.65
N HIS E 107 -32.33 -0.26 15.71
CA HIS E 107 -33.30 -0.32 16.79
C HIS E 107 -33.13 0.89 17.70
N LEU E 108 -34.26 1.55 18.04
CA LEU E 108 -34.19 2.73 18.88
C LEU E 108 -33.89 2.33 20.31
N MET E 109 -33.15 3.17 21.03
CA MET E 109 -32.52 2.71 22.26
C MET E 109 -32.98 3.41 23.52
N GLY E 110 -33.18 4.72 23.51
CA GLY E 110 -33.34 5.42 24.77
C GLY E 110 -32.52 6.69 24.83
N ALA E 111 -31.21 6.55 25.07
CA ALA E 111 -30.34 7.72 25.07
C ALA E 111 -28.88 7.30 24.83
N ASP E 112 -28.05 8.32 24.65
CA ASP E 112 -26.63 8.06 24.58
C ASP E 112 -26.01 8.47 25.91
N LEU E 113 -24.87 7.87 26.20
CA LEU E 113 -24.26 8.07 27.50
C LEU E 113 -23.75 9.49 27.72
N ASN E 114 -23.77 10.34 26.69
CA ASN E 114 -23.43 11.74 26.92
C ASN E 114 -24.58 12.48 27.60
N ASN E 115 -25.83 12.19 27.22
CA ASN E 115 -26.95 12.71 28.00
C ASN E 115 -26.91 12.17 29.42
N ILE E 116 -26.55 10.89 29.58
CA ILE E 116 -26.70 10.27 30.89
C ILE E 116 -25.73 10.87 31.89
N VAL E 117 -24.46 10.95 31.52
CA VAL E 117 -23.45 11.46 32.47
C VAL E 117 -23.78 12.90 32.88
N LYS E 118 -24.45 13.66 32.02
CA LYS E 118 -24.72 15.07 32.29
C LYS E 118 -26.07 15.30 32.95
N CYS E 119 -26.72 14.24 33.43
CA CYS E 119 -28.01 14.37 34.08
C CYS E 119 -28.20 13.43 35.27
N GLN E 120 -27.23 12.58 35.59
CA GLN E 120 -27.30 11.63 36.71
C GLN E 120 -25.90 11.30 37.20
N LYS E 121 -25.77 11.14 38.51
CA LYS E 121 -24.59 10.51 39.09
C LYS E 121 -24.71 9.00 38.92
N LEU E 122 -23.58 8.32 39.03
CA LEU E 122 -23.59 6.88 38.78
C LEU E 122 -22.73 6.16 39.80
N THR E 123 -23.11 4.92 40.07
CA THR E 123 -22.57 4.09 41.14
C THR E 123 -21.60 3.07 40.56
N ASP E 124 -20.65 2.62 41.39
CA ASP E 124 -19.68 1.64 40.95
C ASP E 124 -20.35 0.44 40.29
N ASP E 125 -21.58 0.13 40.68
CA ASP E 125 -22.27 -1.01 40.08
C ASP E 125 -22.90 -0.66 38.74
N HIS E 126 -23.05 0.63 38.44
CA HIS E 126 -23.36 1.08 37.08
C HIS E 126 -22.13 1.01 36.19
N VAL E 127 -21.05 1.68 36.61
CA VAL E 127 -19.81 1.65 35.82
C VAL E 127 -19.37 0.21 35.59
N GLN E 128 -19.38 -0.60 36.65
CA GLN E 128 -19.17 -2.04 36.54
C GLN E 128 -19.87 -2.64 35.33
N PHE E 129 -21.16 -2.34 35.18
CA PHE E 129 -21.96 -3.10 34.23
C PHE E 129 -21.80 -2.56 32.81
N LEU E 130 -21.78 -1.23 32.66
CA LEU E 130 -21.59 -0.61 31.36
C LEU E 130 -20.23 -0.94 30.75
N ILE E 131 -19.15 -0.71 31.52
CA ILE E 131 -17.82 -0.95 31.00
C ILE E 131 -17.67 -2.41 30.59
N TYR E 132 -18.20 -3.34 31.40
CA TYR E 132 -18.23 -4.74 31.00
C TYR E 132 -18.88 -4.93 29.62
N GLN E 133 -20.06 -4.34 29.44
CA GLN E 133 -20.75 -4.42 28.15
C GLN E 133 -19.93 -3.77 27.04
N ILE E 134 -19.33 -2.61 27.28
CA ILE E 134 -18.48 -2.03 26.23
C ILE E 134 -17.41 -3.05 25.84
N LEU E 135 -16.78 -3.68 26.83
CA LEU E 135 -15.66 -4.57 26.54
C LEU E 135 -16.11 -5.84 25.84
N ARG E 136 -17.37 -6.25 26.04
CA ARG E 136 -17.84 -7.49 25.43
C ARG E 136 -18.19 -7.27 23.96
N GLY E 137 -18.74 -6.11 23.63
CA GLY E 137 -18.80 -5.71 22.23
C GLY E 137 -17.41 -5.45 21.66
N LEU E 138 -16.58 -4.73 22.41
CA LEU E 138 -15.24 -4.46 21.91
C LEU E 138 -14.53 -5.74 21.53
N LYS E 139 -14.68 -6.78 22.36
CA LYS E 139 -13.98 -8.02 22.06
C LYS E 139 -14.54 -8.65 20.79
N TYR E 140 -15.83 -8.46 20.52
CA TYR E 140 -16.42 -8.95 19.29
C TYR E 140 -15.84 -8.19 18.08
N ILE E 141 -15.89 -6.85 18.14
CA ILE E 141 -15.36 -6.01 17.05
C ILE E 141 -13.90 -6.36 16.76
N HIS E 142 -13.06 -6.38 17.80
CA HIS E 142 -11.63 -6.63 17.62
C HIS E 142 -11.36 -8.02 17.07
N SER E 143 -12.22 -9.01 17.35
CA SER E 143 -11.98 -10.36 16.84
C SER E 143 -12.22 -10.50 15.33
N ALA E 144 -12.93 -9.55 14.71
CA ALA E 144 -13.11 -9.50 13.27
C ALA E 144 -12.03 -8.66 12.57
N ASP E 145 -10.99 -8.26 13.31
CA ASP E 145 -9.92 -7.39 12.85
C ASP E 145 -10.34 -5.94 12.67
N ILE E 146 -11.45 -5.50 13.26
CA ILE E 146 -11.91 -4.14 13.03
C ILE E 146 -11.37 -3.26 14.12
N ILE E 147 -11.01 -2.03 13.78
CA ILE E 147 -10.72 -0.99 14.77
C ILE E 147 -11.82 0.08 14.71
N HIS E 148 -12.24 0.59 15.87
CA HIS E 148 -13.37 1.51 15.89
C HIS E 148 -12.93 2.96 15.81
N ARG E 149 -12.01 3.36 16.69
CA ARG E 149 -11.25 4.61 16.64
C ARG E 149 -12.03 5.86 17.06
N ASP E 150 -13.33 5.79 17.38
CA ASP E 150 -14.07 6.98 17.85
C ASP E 150 -15.00 6.66 19.02
N LEU E 151 -14.53 5.88 19.97
CA LEU E 151 -15.31 5.57 21.16
C LEU E 151 -15.30 6.77 22.11
N LYS E 152 -16.46 7.06 22.67
CA LYS E 152 -16.71 8.26 23.48
C LYS E 152 -18.14 8.16 24.00
N PRO E 153 -18.50 8.94 25.01
CA PRO E 153 -19.85 8.79 25.57
C PRO E 153 -20.95 8.86 24.53
N SER E 154 -20.86 9.74 23.52
CA SER E 154 -22.02 9.91 22.63
C SER E 154 -22.17 8.79 21.61
N ASN E 155 -21.19 7.91 21.46
CA ASN E 155 -21.34 6.80 20.51
C ASN E 155 -21.60 5.48 21.24
N LEU E 156 -22.37 5.60 22.33
CA LEU E 156 -22.72 4.53 23.25
C LEU E 156 -24.16 4.77 23.72
N ALA E 157 -25.05 3.82 23.46
CA ALA E 157 -26.48 3.93 23.70
C ALA E 157 -26.92 2.99 24.81
N VAL E 158 -27.98 3.39 25.54
CA VAL E 158 -28.38 2.72 26.77
C VAL E 158 -29.90 2.72 26.97
N ASN E 159 -30.37 1.78 27.80
CA ASN E 159 -31.76 1.56 28.15
C ASN E 159 -32.04 1.93 29.62
N GLU E 160 -33.34 2.03 29.93
CA GLU E 160 -33.84 2.06 31.30
C GLU E 160 -33.16 0.99 32.16
N ASP E 161 -32.80 -0.14 31.54
CA ASP E 161 -32.20 -1.32 32.15
C ASP E 161 -30.68 -1.22 32.36
N CYS E 162 -30.03 -0.13 31.93
CA CYS E 162 -28.58 0.00 31.95
C CYS E 162 -27.89 -0.94 30.96
N GLU E 163 -28.62 -1.47 29.99
CA GLU E 163 -28.04 -2.21 28.86
C GLU E 163 -27.43 -1.24 27.86
N LEU E 164 -26.45 -1.72 27.08
CA LEU E 164 -25.58 -0.82 26.32
C LEU E 164 -25.27 -1.35 24.91
N LYS E 165 -25.20 -0.43 23.94
CA LYS E 165 -24.85 -0.84 22.59
C LYS E 165 -23.89 0.16 21.99
N ILE E 166 -22.81 -0.35 21.34
CA ILE E 166 -21.82 0.47 20.67
C ILE E 166 -22.39 1.03 19.37
N LEU E 167 -22.12 2.31 19.11
CA LEU E 167 -22.64 3.03 17.95
C LEU E 167 -21.53 3.61 17.10
N ASP E 168 -21.91 4.00 15.89
CA ASP E 168 -21.16 4.93 15.04
C ASP E 168 -19.90 4.28 14.50
N PHE E 169 -20.05 3.46 13.46
CA PHE E 169 -18.89 2.95 12.74
C PHE E 169 -18.37 3.93 11.68
N GLY E 170 -18.57 5.24 11.89
CA GLY E 170 -18.19 6.25 10.91
C GLY E 170 -16.71 6.43 10.70
N LEU E 171 -15.86 5.94 11.62
CA LEU E 171 -14.42 6.01 11.46
C LEU E 171 -13.76 4.64 11.51
N ALA E 172 -14.52 3.56 11.50
CA ALA E 172 -14.00 2.22 11.66
C ALA E 172 -13.46 1.68 10.32
N ARG E 173 -12.69 0.60 10.41
CA ARG E 173 -12.03 -0.03 9.28
C ARG E 173 -11.31 -1.28 9.78
N HIS E 174 -10.82 -2.07 8.84
CA HIS E 174 -9.91 -3.17 9.12
C HIS E 174 -8.53 -2.59 9.41
N THR E 175 -7.90 -3.01 10.51
CA THR E 175 -6.59 -2.47 10.89
C THR E 175 -5.54 -2.81 9.85
N ASP E 176 -4.53 -1.94 9.77
CA ASP E 176 -3.44 -2.04 8.83
C ASP E 176 -2.20 -1.44 9.46
N ASP E 177 -1.04 -1.76 8.88
CA ASP E 177 0.24 -1.22 9.36
C ASP E 177 0.31 0.28 9.17
N GLU E 178 -0.37 0.80 8.15
CA GLU E 178 -0.37 2.20 7.78
C GLU E 178 -1.81 2.68 7.76
N MET E 179 -2.17 3.63 8.64
CA MET E 179 -3.58 4.08 8.70
C MET E 179 -3.67 5.59 8.79
N GLY E 181 -3.79 9.31 9.66
CA GLY E 181 -3.24 10.11 10.74
C GLY E 181 -4.21 10.70 11.76
N VAL E 183 -7.26 11.08 13.61
CA VAL E 183 -8.42 10.24 13.84
C VAL E 183 -8.91 10.48 15.29
N ALA E 184 -10.03 9.85 15.67
CA ALA E 184 -10.62 9.96 17.01
C ALA E 184 -10.99 11.39 17.45
N THR E 185 -11.77 11.50 18.53
CA THR E 185 -12.04 12.78 19.16
C THR E 185 -10.91 13.09 20.14
N ARG E 186 -10.56 14.37 20.24
CA ARG E 186 -9.33 14.75 20.96
C ARG E 186 -9.31 14.21 22.41
N TRP E 187 -10.36 14.49 23.19
CA TRP E 187 -10.31 14.14 24.61
C TRP E 187 -10.13 12.64 24.84
N TYR E 188 -10.55 11.81 23.89
CA TYR E 188 -10.53 10.37 24.04
C TYR E 188 -9.45 9.75 23.17
N ARG E 189 -8.54 10.56 22.64
CA ARG E 189 -7.59 10.12 21.64
C ARG E 189 -6.34 9.51 22.28
N ALA E 190 -5.92 8.39 21.73
CA ALA E 190 -4.76 7.69 22.27
C ALA E 190 -3.49 8.48 21.98
N PRO E 191 -2.57 8.56 22.93
CA PRO E 191 -1.37 9.39 22.71
C PRO E 191 -0.51 8.92 21.53
N GLU E 192 -0.40 7.61 21.27
CA GLU E 192 0.41 7.22 20.13
C GLU E 192 -0.22 7.59 18.78
N ILE E 193 -1.51 7.96 18.72
CA ILE E 193 -1.99 8.61 17.51
C ILE E 193 -1.27 9.96 17.34
N MET E 194 -1.12 10.70 18.44
CA MET E 194 -0.39 11.98 18.41
C MET E 194 1.08 11.81 18.03
N LEU E 195 1.74 10.80 18.61
CA LEU E 195 3.20 10.72 18.63
C LEU E 195 3.79 9.71 17.65
N ASN E 196 2.99 8.81 17.11
CA ASN E 196 3.47 7.84 16.14
C ASN E 196 2.56 7.85 14.91
N TRP E 197 2.33 9.07 14.41
CA TRP E 197 1.61 9.40 13.18
C TRP E 197 1.48 8.25 12.20
N MET E 198 0.26 7.78 11.99
CA MET E 198 -0.15 6.74 11.04
C MET E 198 0.24 5.33 11.43
N HIS E 199 0.83 5.09 12.62
CA HIS E 199 1.24 3.74 13.01
C HIS E 199 0.80 3.44 14.46
N TYR E 200 -0.50 3.25 14.63
CA TYR E 200 -1.16 2.84 15.86
C TYR E 200 -2.01 1.63 15.51
N ASN E 201 -2.42 0.85 16.50
CA ASN E 201 -3.19 -0.37 16.24
C ASN E 201 -4.49 -0.35 17.05
N GLN E 202 -5.07 -1.55 17.20
CA GLN E 202 -6.33 -1.72 17.92
C GLN E 202 -6.26 -1.21 19.35
N THR E 203 -5.11 -1.27 20.01
CA THR E 203 -5.06 -0.87 21.43
C THR E 203 -5.62 0.53 21.69
N VAL E 204 -5.66 1.41 20.68
CA VAL E 204 -6.18 2.76 20.88
C VAL E 204 -7.66 2.78 21.31
N ASP E 205 -8.42 1.73 21.00
CA ASP E 205 -9.78 1.63 21.52
C ASP E 205 -9.77 1.46 23.03
N ILE E 206 -8.85 0.65 23.56
CA ILE E 206 -8.78 0.44 24.99
C ILE E 206 -8.38 1.73 25.69
N TRP E 207 -7.42 2.46 25.14
CA TRP E 207 -7.13 3.74 25.73
C TRP E 207 -8.42 4.54 25.94
N SER E 208 -9.33 4.50 24.95
CA SER E 208 -10.52 5.33 25.05
C SER E 208 -11.48 4.76 26.08
N VAL E 209 -11.56 3.43 26.13
CA VAL E 209 -12.39 2.78 27.13
C VAL E 209 -12.02 3.26 28.53
N GLY E 210 -10.75 3.60 28.75
CA GLY E 210 -10.31 4.08 30.04
C GLY E 210 -10.71 5.52 30.35
N CYS E 211 -10.55 6.42 29.37
CA CYS E 211 -11.05 7.77 29.54
C CYS E 211 -12.55 7.76 29.77
N ILE E 212 -13.24 6.78 29.17
CA ILE E 212 -14.68 6.66 29.35
C ILE E 212 -15.00 6.27 30.80
N MET E 213 -14.31 5.24 31.31
CA MET E 213 -14.60 4.75 32.66
C MET E 213 -14.30 5.80 33.72
N ALA E 214 -13.26 6.62 33.51
CA ALA E 214 -13.01 7.75 34.38
C ALA E 214 -14.21 8.69 34.43
N GLU E 215 -14.69 9.12 33.27
CA GLU E 215 -15.75 10.12 33.25
C GLU E 215 -17.03 9.59 33.90
N LEU E 216 -17.38 8.33 33.62
CA LEU E 216 -18.56 7.77 34.27
C LEU E 216 -18.38 7.68 35.78
N LEU E 217 -17.14 7.51 36.24
CA LEU E 217 -16.94 7.43 37.69
C LEU E 217 -16.97 8.83 38.31
N THR E 218 -16.31 9.79 37.68
CA THR E 218 -16.14 11.12 38.28
C THR E 218 -17.22 12.11 37.88
N GLY E 219 -17.91 11.87 36.77
CA GLY E 219 -18.84 12.84 36.23
C GLY E 219 -18.20 13.87 35.32
N ARG E 220 -16.88 13.86 35.19
CA ARG E 220 -16.21 14.87 34.36
C ARG E 220 -15.07 14.25 33.55
N THR E 221 -14.75 14.94 32.46
CA THR E 221 -13.76 14.50 31.51
C THR E 221 -12.40 14.30 32.18
N LEU E 222 -11.70 13.23 31.80
CA LEU E 222 -10.38 12.96 32.37
C LEU E 222 -9.27 13.79 31.71
N PHE E 223 -9.42 14.15 30.43
CA PHE E 223 -8.37 14.82 29.65
C PHE E 223 -8.99 15.81 28.67
N PRO E 224 -9.59 17.03 29.21
CA PRO E 224 -10.25 17.98 28.26
C PRO E 224 -9.32 19.07 27.72
N GLY E 225 -8.34 18.66 26.91
CA GLY E 225 -7.38 19.62 26.37
C GLY E 225 -7.92 20.37 25.16
N THR E 226 -7.28 21.49 24.85
CA THR E 226 -7.79 22.38 23.80
C THR E 226 -7.16 22.12 22.45
N ASP E 227 -5.92 21.64 22.42
CA ASP E 227 -5.23 21.36 21.16
C ASP E 227 -4.36 20.13 21.38
N HIS E 228 -3.50 19.81 20.41
CA HIS E 228 -2.79 18.55 20.53
C HIS E 228 -1.70 18.63 21.59
N ILE E 229 -1.13 19.81 21.81
CA ILE E 229 -0.11 19.97 22.82
C ILE E 229 -0.71 20.05 24.22
N ASP E 230 -1.84 20.76 24.39
CA ASP E 230 -2.51 20.75 25.70
C ASP E 230 -2.95 19.33 26.07
N GLN E 231 -3.44 18.58 25.08
CA GLN E 231 -3.88 17.22 25.33
C GLN E 231 -2.74 16.34 25.82
N LEU E 232 -1.59 16.39 25.15
CA LEU E 232 -0.46 15.55 25.53
C LEU E 232 0.07 15.90 26.92
N LYS E 233 0.07 17.20 27.29
CA LYS E 233 0.48 17.61 28.63
C LYS E 233 -0.40 16.96 29.69
N LEU E 234 -1.72 17.09 29.55
CA LEU E 234 -2.63 16.59 30.56
C LEU E 234 -2.50 15.07 30.76
N ILE E 235 -2.23 14.34 29.67
CA ILE E 235 -1.99 12.90 29.76
C ILE E 235 -0.69 12.59 30.51
N LEU E 236 0.41 13.22 30.09
CA LEU E 236 1.71 12.99 30.74
C LEU E 236 1.68 13.34 32.24
N ARG E 237 0.96 14.39 32.61
CA ARG E 237 0.90 14.76 34.02
C ARG E 237 0.33 13.63 34.88
N LEU E 238 -0.69 12.93 34.41
CA LEU E 238 -1.26 11.83 35.21
C LEU E 238 -0.42 10.57 35.08
N VAL E 239 -0.01 10.19 33.88
CA VAL E 239 0.70 8.92 33.70
C VAL E 239 2.22 9.04 33.77
N GLY E 240 2.78 10.25 33.68
CA GLY E 240 4.19 10.49 33.88
C GLY E 240 5.07 10.32 32.66
N THR E 241 6.13 11.15 32.56
CA THR E 241 7.08 11.11 31.44
C THR E 241 7.56 9.69 31.17
N PRO E 242 7.75 9.33 29.90
CA PRO E 242 8.33 8.03 29.54
C PRO E 242 9.83 7.96 29.75
N GLY E 243 10.33 6.79 30.15
CA GLY E 243 11.76 6.52 30.11
C GLY E 243 12.31 6.59 28.68
N ALA E 244 13.62 6.79 28.60
CA ALA E 244 14.28 6.97 27.30
C ALA E 244 14.09 5.74 26.42
N GLU E 245 14.30 4.54 26.97
CA GLU E 245 13.95 3.33 26.22
C GLU E 245 12.50 3.38 25.72
N LEU E 246 11.57 3.81 26.58
CA LEU E 246 10.15 3.85 26.23
C LEU E 246 9.86 4.89 25.15
N LEU E 247 10.45 6.08 25.28
CA LEU E 247 10.18 7.15 24.32
C LEU E 247 10.64 6.79 22.91
N LYS E 248 11.77 6.08 22.79
CA LYS E 248 12.16 5.54 21.49
C LYS E 248 11.08 4.59 20.94
N LYS E 249 10.53 3.72 21.78
CA LYS E 249 9.60 2.72 21.28
C LYS E 249 8.33 3.35 20.70
N ILE E 250 7.87 4.49 21.25
CA ILE E 250 6.51 4.98 20.93
C ILE E 250 6.55 6.28 20.12
N SER E 251 7.68 6.68 19.55
CA SER E 251 7.66 7.99 18.92
C SER E 251 8.54 8.08 17.68
N SER E 252 8.09 8.94 16.75
CA SER E 252 8.83 9.58 15.68
C SER E 252 9.51 10.88 16.16
N GLU E 253 10.48 11.33 15.36
CA GLU E 253 11.57 12.14 15.91
C GLU E 253 11.10 13.54 16.26
N SER E 254 10.28 14.12 15.42
CA SER E 254 9.69 15.43 15.71
C SER E 254 8.99 15.40 17.08
N ALA E 255 8.17 14.38 17.32
CA ALA E 255 7.50 14.22 18.61
C ALA E 255 8.48 13.93 19.74
N ARG E 256 9.46 13.06 19.50
CA ARG E 256 10.47 12.76 20.52
C ARG E 256 11.16 14.02 21.03
N ASN E 257 11.70 14.85 20.13
CA ASN E 257 12.35 16.11 20.53
C ASN E 257 11.42 16.98 21.36
N TYR E 258 10.11 16.97 21.07
CA TYR E 258 9.19 17.87 21.76
C TYR E 258 9.08 17.51 23.25
N ILE E 259 8.93 16.22 23.59
CA ILE E 259 8.71 15.89 25.00
C ILE E 259 10.04 15.99 25.78
N GLN E 260 11.17 15.74 25.12
CA GLN E 260 12.47 15.93 25.77
C GLN E 260 12.71 17.39 26.16
N SER E 261 12.30 18.33 25.30
CA SER E 261 12.30 19.73 25.72
C SER E 261 11.61 19.89 27.08
N LEU E 262 10.60 19.07 27.35
CA LEU E 262 9.69 19.34 28.47
C LEU E 262 10.32 19.04 29.84
N ALA E 263 9.88 19.80 30.84
CA ALA E 263 10.21 19.49 32.22
C ALA E 263 9.58 18.16 32.62
N GLN E 264 10.38 17.30 33.25
CA GLN E 264 9.93 15.97 33.65
C GLN E 264 8.82 16.05 34.69
N MET E 265 7.87 15.11 34.58
CA MET E 265 6.76 14.93 35.50
C MET E 265 6.65 13.46 35.83
N PRO E 266 6.24 13.13 37.05
CA PRO E 266 6.24 11.72 37.47
C PRO E 266 4.87 11.08 37.38
N LYS E 267 4.88 9.76 37.24
CA LYS E 267 3.66 8.95 37.18
C LYS E 267 2.94 8.99 38.52
N MET E 268 1.78 9.64 38.55
CA MET E 268 0.96 9.69 39.76
C MET E 268 0.28 8.34 39.99
N ASN E 269 -0.20 8.15 41.23
CA ASN E 269 -0.76 6.89 41.69
C ASN E 269 -2.29 6.99 41.69
N PHE E 270 -2.94 6.11 40.92
CA PHE E 270 -4.36 6.33 40.62
C PHE E 270 -5.21 6.36 41.89
N ALA E 271 -4.80 5.63 42.93
CA ALA E 271 -5.55 5.62 44.19
C ALA E 271 -5.56 6.99 44.82
N ASN E 272 -4.40 7.64 44.90
CA ASN E 272 -4.39 9.00 45.42
C ASN E 272 -5.01 10.00 44.46
N VAL E 273 -5.37 9.57 43.24
CA VAL E 273 -5.98 10.47 42.25
C VAL E 273 -7.50 10.41 42.37
N PHE E 274 -8.07 9.23 42.23
CA PHE E 274 -9.53 9.05 42.26
C PHE E 274 -9.94 8.67 43.69
N ILE E 275 -10.24 9.70 44.50
CA ILE E 275 -10.57 9.53 45.91
C ILE E 275 -11.81 8.66 46.07
N GLY E 276 -11.67 7.55 46.79
CA GLY E 276 -12.81 6.75 47.18
C GLY E 276 -13.36 5.81 46.14
N ALA E 277 -12.72 5.66 44.99
CA ALA E 277 -13.18 4.69 44.02
C ALA E 277 -13.08 3.29 44.61
N ASN E 278 -13.91 2.38 44.12
CA ASN E 278 -13.70 0.98 44.39
C ASN E 278 -12.26 0.61 44.03
N PRO E 279 -11.54 -0.10 44.91
CA PRO E 279 -10.13 -0.40 44.61
C PRO E 279 -9.89 -1.29 43.39
N LEU E 280 -10.79 -2.25 43.10
CA LEU E 280 -10.68 -3.02 41.85
C LEU E 280 -10.99 -2.16 40.61
N ALA E 281 -11.79 -1.11 40.78
CA ALA E 281 -11.93 -0.12 39.71
C ALA E 281 -10.56 0.47 39.37
N VAL E 282 -9.88 1.03 40.38
CA VAL E 282 -8.61 1.69 40.15
C VAL E 282 -7.57 0.74 39.55
N ASP E 283 -7.58 -0.53 39.96
CA ASP E 283 -6.62 -1.47 39.38
C ASP E 283 -6.81 -1.59 37.87
N LEU E 284 -8.06 -1.49 37.40
CA LEU E 284 -8.30 -1.67 35.97
C LEU E 284 -7.85 -0.44 35.16
N LEU E 285 -8.23 0.76 35.60
CA LEU E 285 -7.68 1.95 34.97
C LEU E 285 -6.15 1.92 34.91
N GLU E 286 -5.47 1.38 35.95
CA GLU E 286 -4.01 1.30 35.94
C GLU E 286 -3.48 0.41 34.84
N LYS E 287 -4.34 -0.43 34.23
CA LYS E 287 -3.94 -1.30 33.14
C LYS E 287 -4.45 -0.86 31.77
N MET E 288 -5.43 0.04 31.71
CA MET E 288 -5.89 0.60 30.45
C MET E 288 -5.08 1.82 30.01
N LEU E 289 -4.76 2.71 30.94
CA LEU E 289 -4.15 3.99 30.60
C LEU E 289 -2.64 3.98 30.86
N VAL E 290 -1.92 3.12 30.15
CA VAL E 290 -0.46 3.08 30.22
C VAL E 290 0.11 3.36 28.84
N LEU E 291 1.27 4.03 28.83
CA LEU E 291 1.80 4.57 27.58
C LEU E 291 2.16 3.46 26.60
N ASP E 292 2.77 2.39 27.08
CA ASP E 292 3.26 1.33 26.21
C ASP E 292 2.10 0.55 25.64
N SER E 293 1.82 0.71 24.36
CA SER E 293 0.68 0.00 23.78
C SER E 293 0.78 -1.51 23.95
N ASP E 294 2.01 -2.05 24.04
CA ASP E 294 2.17 -3.51 24.18
C ASP E 294 1.81 -4.00 25.58
N LYS E 295 2.07 -3.21 26.60
CA LYS E 295 1.77 -3.62 27.94
C LYS E 295 0.34 -3.27 28.38
N ARG E 296 -0.46 -2.68 27.50
CA ARG E 296 -1.85 -2.34 27.80
C ARG E 296 -2.73 -3.58 27.83
N ILE E 297 -3.83 -3.50 28.55
CA ILE E 297 -4.73 -4.66 28.64
C ILE E 297 -5.57 -4.74 27.37
N THR E 298 -5.81 -5.96 26.90
CA THR E 298 -6.71 -6.20 25.78
C THR E 298 -8.14 -6.37 26.29
N ALA E 299 -9.09 -6.15 25.39
CA ALA E 299 -10.49 -6.26 25.77
C ALA E 299 -10.84 -7.67 26.28
N ALA E 300 -10.35 -8.72 25.61
CA ALA E 300 -10.67 -10.06 26.08
C ALA E 300 -10.10 -10.35 27.46
N GLN E 301 -8.91 -9.81 27.77
CA GLN E 301 -8.30 -10.04 29.07
C GLN E 301 -9.03 -9.25 30.16
N ALA E 302 -9.62 -8.10 29.82
CA ALA E 302 -10.31 -7.27 30.80
C ALA E 302 -11.61 -7.87 31.30
N LEU E 303 -12.25 -8.77 30.53
CA LEU E 303 -13.47 -9.40 31.03
C LEU E 303 -13.19 -10.31 32.22
N ALA E 304 -12.06 -10.99 32.21
CA ALA E 304 -11.67 -11.90 33.27
C ALA E 304 -10.96 -11.17 34.38
N HIS E 305 -11.01 -9.84 34.39
CA HIS E 305 -10.57 -9.07 35.53
C HIS E 305 -11.62 -9.16 36.63
N ALA E 306 -11.15 -9.27 37.89
CA ALA E 306 -12.04 -9.48 39.03
C ALA E 306 -13.12 -8.42 39.17
N TYR E 307 -12.92 -7.22 38.63
CA TYR E 307 -13.94 -6.17 38.69
C TYR E 307 -15.26 -6.57 38.05
N PHE E 308 -15.28 -7.61 37.21
CA PHE E 308 -16.50 -8.02 36.54
C PHE E 308 -16.92 -9.44 36.92
N ALA E 309 -16.37 -9.96 38.02
CA ALA E 309 -16.77 -11.26 38.56
C ALA E 309 -18.29 -11.49 38.47
N GLN E 310 -19.09 -10.47 38.80
CA GLN E 310 -20.54 -10.55 38.77
C GLN E 310 -21.11 -11.03 37.43
N TYR E 311 -20.45 -10.71 36.29
CA TYR E 311 -20.98 -10.99 34.96
C TYR E 311 -20.11 -11.87 34.07
N HIS E 312 -18.81 -11.97 34.34
CA HIS E 312 -17.91 -12.70 33.45
C HIS E 312 -18.41 -14.12 33.17
N ASP E 313 -18.41 -14.52 31.90
CA ASP E 313 -18.95 -15.82 31.48
C ASP E 313 -18.28 -16.22 30.14
N PRO E 314 -17.22 -17.04 30.19
CA PRO E 314 -16.52 -17.42 28.95
C PRO E 314 -17.36 -18.17 27.92
N ASP E 315 -18.57 -18.59 28.25
CA ASP E 315 -19.45 -19.17 27.23
C ASP E 315 -20.44 -18.16 26.66
N ASP E 316 -20.41 -16.92 27.15
CA ASP E 316 -21.39 -15.90 26.79
C ASP E 316 -20.71 -14.60 26.41
N GLU E 317 -19.58 -14.70 25.70
CA GLU E 317 -18.79 -13.55 25.25
C GLU E 317 -18.24 -13.91 23.87
N PRO E 318 -19.11 -14.01 22.86
CA PRO E 318 -18.72 -14.67 21.59
C PRO E 318 -17.78 -13.82 20.74
N VAL E 319 -17.26 -14.42 19.66
CA VAL E 319 -16.38 -13.74 18.71
C VAL E 319 -17.07 -13.64 17.34
N ALA E 320 -16.51 -12.79 16.47
CA ALA E 320 -17.11 -12.41 15.21
C ALA E 320 -16.63 -13.25 14.03
N ASP E 321 -17.48 -13.34 13.00
CA ASP E 321 -17.02 -13.74 11.67
C ASP E 321 -15.85 -12.85 11.24
N PRO E 322 -14.92 -13.36 10.43
CA PRO E 322 -13.90 -12.51 9.81
C PRO E 322 -14.52 -11.66 8.72
N TYR E 323 -14.10 -10.40 8.70
CA TYR E 323 -14.55 -9.39 7.73
C TYR E 323 -13.58 -9.34 6.55
N ASP E 324 -14.12 -9.26 5.33
CA ASP E 324 -13.34 -9.24 4.10
C ASP E 324 -13.22 -7.80 3.60
N GLN E 325 -12.00 -7.32 3.50
CA GLN E 325 -11.71 -5.94 3.16
C GLN E 325 -11.08 -5.80 1.76
N SER E 326 -11.31 -6.78 0.89
CA SER E 326 -10.62 -6.88 -0.40
C SER E 326 -11.05 -5.80 -1.40
N PHE E 327 -12.27 -5.27 -1.30
CA PHE E 327 -12.70 -4.26 -2.28
C PHE E 327 -12.28 -2.85 -1.94
N GLU E 328 -11.78 -2.60 -0.73
CA GLU E 328 -11.43 -1.24 -0.31
C GLU E 328 -9.93 -0.99 -0.33
N SER E 329 -9.13 -1.99 -0.66
CA SER E 329 -7.72 -1.87 -0.35
C SER E 329 -6.93 -1.06 -1.39
N ARG E 330 -7.55 -0.69 -2.50
CA ARG E 330 -6.88 0.09 -3.53
C ARG E 330 -7.30 1.54 -3.43
N ASP E 331 -6.76 2.36 -4.33
CA ASP E 331 -7.18 3.75 -4.45
C ASP E 331 -8.11 3.89 -5.65
N LEU E 332 -9.38 4.14 -5.35
CA LEU E 332 -10.48 4.17 -6.30
C LEU E 332 -10.99 5.61 -6.42
N LEU E 333 -11.44 5.96 -7.62
CA LEU E 333 -11.98 7.29 -7.82
C LEU E 333 -13.30 7.43 -7.06
N ILE E 334 -13.68 8.69 -6.82
CA ILE E 334 -14.92 8.96 -6.09
C ILE E 334 -16.06 8.10 -6.65
N ASP E 335 -16.30 8.21 -7.96
CA ASP E 335 -17.41 7.49 -8.58
C ASP E 335 -17.32 5.98 -8.36
N GLU E 336 -16.12 5.43 -8.17
CA GLU E 336 -16.03 4.01 -7.92
C GLU E 336 -16.47 3.68 -6.49
N TRP E 337 -16.15 4.55 -5.52
CA TRP E 337 -16.69 4.37 -4.18
C TRP E 337 -18.21 4.48 -4.20
N LYS E 338 -18.75 5.55 -4.80
CA LYS E 338 -20.19 5.74 -4.86
C LYS E 338 -20.91 4.49 -5.38
N SER E 339 -20.29 3.78 -6.33
CA SER E 339 -20.92 2.60 -6.94
C SER E 339 -20.75 1.31 -6.14
N LEU E 340 -19.68 1.20 -5.32
CA LEU E 340 -19.60 0.07 -4.39
C LEU E 340 -20.63 0.21 -3.29
N THR E 341 -20.85 1.45 -2.84
CA THR E 341 -21.92 1.73 -1.91
C THR E 341 -23.30 1.44 -2.53
N TYR E 342 -23.51 1.85 -3.77
CA TYR E 342 -24.82 1.60 -4.40
C TYR E 342 -25.16 0.11 -4.38
N ASP E 343 -24.23 -0.75 -4.80
CA ASP E 343 -24.49 -2.19 -4.82
C ASP E 343 -24.86 -2.73 -3.44
N GLU E 344 -24.18 -2.26 -2.37
CA GLU E 344 -24.47 -2.71 -1.01
C GLU E 344 -25.85 -2.28 -0.53
N VAL E 345 -26.38 -1.15 -1.04
CA VAL E 345 -27.75 -0.72 -0.72
C VAL E 345 -28.75 -1.58 -1.46
N ILE E 346 -28.57 -1.70 -2.78
CA ILE E 346 -29.55 -2.39 -3.61
C ILE E 346 -29.77 -3.82 -3.12
N SER E 347 -28.74 -4.47 -2.59
CA SER E 347 -28.80 -5.89 -2.31
C SER E 347 -29.09 -6.21 -0.85
N PHE E 348 -29.35 -5.20 -0.02
CA PHE E 348 -29.64 -5.47 1.37
C PHE E 348 -30.91 -6.33 1.48
N VAL E 349 -30.85 -7.35 2.33
CA VAL E 349 -31.99 -8.19 2.67
C VAL E 349 -32.23 -8.03 4.17
N PRO E 350 -33.46 -7.71 4.60
CA PRO E 350 -33.72 -7.46 6.03
C PRO E 350 -33.65 -8.74 6.84
N PRO E 351 -33.58 -8.65 8.15
CA PRO E 351 -33.68 -9.83 9.01
C PRO E 351 -34.95 -10.62 8.73
N PRO E 352 -34.97 -11.91 9.07
CA PRO E 352 -36.25 -12.57 9.40
C PRO E 352 -36.68 -12.18 10.81
N LEU E 353 -37.95 -11.79 10.92
CA LEU E 353 -38.58 -11.38 12.17
C LEU E 353 -38.27 -12.28 13.38
N ARG F 5 21.47 0.93 -35.97
CA ARG F 5 21.51 -0.38 -35.31
C ARG F 5 22.83 -1.09 -35.57
N PRO F 6 23.59 -1.39 -34.51
CA PRO F 6 24.85 -2.14 -34.67
C PRO F 6 24.69 -3.45 -35.44
N THR F 7 25.82 -4.07 -35.81
CA THR F 7 25.83 -5.41 -36.39
C THR F 7 26.43 -6.38 -35.37
N PHE F 8 25.74 -7.50 -35.14
CA PHE F 8 26.01 -8.49 -34.10
C PHE F 8 26.64 -9.75 -34.69
N TYR F 9 27.19 -10.58 -33.80
CA TYR F 9 27.63 -11.91 -34.17
C TYR F 9 27.34 -12.89 -33.05
N ARG F 10 26.95 -14.12 -33.44
CA ARG F 10 26.67 -15.20 -32.49
C ARG F 10 27.94 -15.93 -32.11
N GLN F 11 27.83 -16.81 -31.10
CA GLN F 11 28.96 -17.45 -30.45
C GLN F 11 28.45 -18.24 -29.25
N GLU F 12 29.11 -19.34 -28.89
CA GLU F 12 28.78 -20.09 -27.68
C GLU F 12 29.90 -19.93 -26.66
N LEU F 13 29.54 -19.66 -25.41
CA LEU F 13 30.45 -19.66 -24.29
C LEU F 13 29.63 -19.83 -23.03
N ASN F 14 30.20 -20.53 -22.04
CA ASN F 14 29.47 -20.90 -20.82
C ASN F 14 28.16 -21.61 -21.19
N LYS F 15 28.28 -22.60 -22.08
CA LYS F 15 27.26 -23.52 -22.55
C LYS F 15 26.15 -22.88 -23.39
N THR F 16 26.18 -21.57 -23.65
CA THR F 16 25.04 -20.91 -24.27
C THR F 16 25.45 -19.85 -25.27
N ILE F 17 24.46 -19.37 -26.01
CA ILE F 17 24.63 -18.47 -27.14
C ILE F 17 24.77 -17.02 -26.67
N TRP F 18 25.83 -16.35 -27.13
CA TRP F 18 26.09 -14.94 -26.83
C TRP F 18 26.03 -14.14 -28.12
N GLU F 19 25.10 -13.19 -28.18
CA GLU F 19 24.96 -12.26 -29.31
C GLU F 19 25.27 -10.85 -28.83
N VAL F 20 26.30 -10.23 -29.40
CA VAL F 20 26.73 -8.92 -28.92
C VAL F 20 27.20 -8.07 -30.08
N PRO F 21 27.07 -6.75 -29.94
CA PRO F 21 27.69 -5.82 -30.90
C PRO F 21 29.15 -6.10 -31.25
N GLU F 22 29.52 -5.91 -32.51
CA GLU F 22 30.87 -6.22 -32.97
C GLU F 22 31.96 -5.34 -32.35
N ARG F 23 31.61 -4.21 -31.71
CA ARG F 23 32.62 -3.44 -30.97
C ARG F 23 33.30 -4.29 -29.88
N TYR F 24 32.58 -5.27 -29.33
CA TYR F 24 33.12 -6.05 -28.22
C TYR F 24 33.80 -7.28 -28.81
N GLN F 25 35.03 -7.54 -28.34
CA GLN F 25 35.92 -8.47 -29.03
C GLN F 25 36.68 -9.32 -28.03
N ASN F 26 37.03 -10.52 -28.48
CA ASN F 26 37.78 -11.50 -27.70
C ASN F 26 37.08 -11.82 -26.37
N LEU F 27 35.78 -12.07 -26.46
CA LEU F 27 35.01 -12.40 -25.26
C LEU F 27 35.63 -13.62 -24.58
N SER F 28 35.69 -13.57 -23.24
CA SER F 28 36.32 -14.64 -22.45
C SER F 28 35.72 -14.69 -21.04
N PRO F 29 35.23 -15.86 -20.63
CA PRO F 29 34.56 -15.98 -19.32
C PRO F 29 35.47 -15.64 -18.14
N VAL F 30 34.90 -14.98 -17.12
CA VAL F 30 35.65 -14.68 -15.90
C VAL F 30 35.03 -15.30 -14.63
N SER F 37 28.32 -16.59 -16.78
CA SER F 37 27.41 -15.44 -16.68
C SER F 37 27.96 -14.03 -17.08
N VAL F 38 29.25 -13.76 -16.83
CA VAL F 38 29.90 -12.53 -17.29
C VAL F 38 31.15 -12.88 -18.12
N CYS F 39 31.41 -12.06 -19.13
CA CYS F 39 32.60 -12.25 -19.97
C CYS F 39 33.45 -10.99 -20.00
N ALA F 40 34.76 -11.18 -20.06
CA ALA F 40 35.66 -10.07 -20.37
C ALA F 40 35.66 -9.77 -21.87
N ALA F 41 35.97 -8.53 -22.22
CA ALA F 41 36.00 -8.13 -23.62
C ALA F 41 36.84 -6.86 -23.80
N PHE F 42 37.21 -6.61 -25.06
CA PHE F 42 37.75 -5.33 -25.49
C PHE F 42 36.68 -4.56 -26.26
N ASP F 43 36.55 -3.26 -25.98
CA ASP F 43 35.60 -2.39 -26.68
C ASP F 43 36.38 -1.57 -27.72
N THR F 44 36.23 -1.92 -29.01
CA THR F 44 37.05 -1.27 -30.03
C THR F 44 36.64 0.18 -30.27
N LYS F 45 35.53 0.62 -29.71
CA LYS F 45 35.12 2.00 -29.88
C LYS F 45 35.56 2.91 -28.75
N THR F 46 35.89 2.39 -27.57
CA THR F 46 36.31 3.27 -26.48
C THR F 46 37.73 3.07 -26.02
N GLY F 47 38.33 1.90 -26.27
CA GLY F 47 39.63 1.53 -25.76
C GLY F 47 39.62 1.00 -24.34
N HIS F 48 38.45 0.70 -23.78
CA HIS F 48 38.36 0.19 -22.42
C HIS F 48 38.15 -1.32 -22.46
N ARG F 49 38.70 -2.00 -21.44
CA ARG F 49 38.35 -3.38 -21.13
C ARG F 49 37.04 -3.39 -20.36
N VAL F 50 36.05 -4.12 -20.85
CA VAL F 50 34.71 -4.11 -20.30
C VAL F 50 34.40 -5.46 -19.66
N ALA F 51 33.42 -5.45 -18.77
CA ALA F 51 32.76 -6.65 -18.28
C ALA F 51 31.37 -6.71 -18.89
N VAL F 52 31.02 -7.84 -19.49
CA VAL F 52 29.74 -8.00 -20.17
C VAL F 52 28.96 -9.12 -19.46
N LYS F 53 27.80 -8.75 -18.90
CA LYS F 53 26.97 -9.66 -18.13
C LYS F 53 25.65 -9.87 -18.87
N LYS F 54 25.32 -11.12 -19.17
CA LYS F 54 24.07 -11.52 -19.80
C LYS F 54 23.08 -11.98 -18.73
N LEU F 55 21.95 -11.30 -18.60
CA LEU F 55 20.95 -11.77 -17.64
C LEU F 55 20.39 -13.11 -18.11
N SER F 56 20.30 -14.08 -17.20
CA SER F 56 19.73 -15.39 -17.53
C SER F 56 18.22 -15.37 -17.31
N ARG F 57 17.48 -15.82 -18.31
CA ARG F 57 16.03 -16.00 -18.29
C ARG F 57 15.26 -14.80 -17.70
N PRO F 58 15.47 -13.59 -18.23
CA PRO F 58 15.02 -12.37 -17.51
C PRO F 58 13.53 -12.22 -17.30
N PHE F 59 12.68 -12.83 -18.12
CA PHE F 59 11.23 -12.63 -17.96
C PHE F 59 10.54 -13.95 -17.70
N GLN F 60 11.24 -14.84 -17.00
CA GLN F 60 10.69 -16.17 -16.76
C GLN F 60 9.52 -16.15 -15.77
N SER F 61 9.41 -15.16 -14.89
CA SER F 61 8.21 -14.94 -14.07
C SER F 61 8.14 -13.46 -13.71
N ILE F 62 7.05 -13.05 -13.05
CA ILE F 62 6.91 -11.64 -12.63
C ILE F 62 7.94 -11.26 -11.58
N ILE F 63 8.33 -12.20 -10.71
CA ILE F 63 9.39 -11.93 -9.74
C ILE F 63 10.73 -11.74 -10.44
N HIS F 64 11.02 -12.54 -11.47
CA HIS F 64 12.29 -12.38 -12.16
C HIS F 64 12.26 -11.14 -13.07
N ALA F 65 11.09 -10.75 -13.56
CA ALA F 65 11.03 -9.64 -14.50
C ALA F 65 11.03 -8.31 -13.78
N LYS F 66 10.55 -8.28 -12.55
CA LYS F 66 10.78 -7.11 -11.70
C LYS F 66 12.26 -6.99 -11.33
N ARG F 67 12.89 -8.08 -10.87
CA ARG F 67 14.34 -8.09 -10.62
C ARG F 67 15.19 -7.73 -11.84
N THR F 68 14.86 -8.19 -13.05
CA THR F 68 15.55 -7.71 -14.25
C THR F 68 15.57 -6.19 -14.23
N TYR F 69 14.41 -5.59 -13.97
CA TYR F 69 14.18 -4.18 -14.20
C TYR F 69 14.79 -3.32 -13.09
N ARG F 70 14.87 -3.84 -11.89
CA ARG F 70 15.52 -3.13 -10.80
C ARG F 70 17.03 -3.06 -10.98
N GLU F 71 17.65 -4.15 -11.38
CA GLU F 71 19.11 -4.14 -11.56
C GLU F 71 19.52 -3.17 -12.66
N LEU F 72 18.82 -3.17 -13.79
CA LEU F 72 19.15 -2.22 -14.86
C LEU F 72 18.94 -0.77 -14.41
N ARG F 73 17.84 -0.48 -13.71
CA ARG F 73 17.53 0.88 -13.28
C ARG F 73 18.52 1.40 -12.25
N LEU F 74 18.98 0.55 -11.35
CA LEU F 74 19.95 0.99 -10.33
C LEU F 74 21.35 1.15 -10.93
N LEU F 75 21.73 0.27 -11.82
CA LEU F 75 22.98 0.44 -12.54
C LEU F 75 23.06 1.80 -13.24
N LYS F 76 21.95 2.26 -13.85
CA LYS F 76 21.92 3.58 -14.47
C LYS F 76 21.98 4.72 -13.45
N HIS F 77 21.57 4.46 -12.22
CA HIS F 77 21.45 5.50 -11.21
C HIS F 77 22.76 5.74 -10.44
N MET F 78 23.59 4.73 -10.25
CA MET F 78 24.76 4.88 -9.39
C MET F 78 25.93 5.50 -10.16
N LYS F 79 26.51 6.57 -9.60
CA LYS F 79 27.69 7.21 -10.16
C LYS F 79 28.61 7.58 -9.00
N HIS F 80 29.60 6.71 -8.74
CA HIS F 80 30.39 6.75 -7.50
C HIS F 80 31.59 5.86 -7.69
N GLU F 81 32.72 6.24 -7.07
CA GLU F 81 33.99 5.56 -7.31
C GLU F 81 33.97 4.12 -6.82
N ASN F 82 33.20 3.82 -5.78
CA ASN F 82 33.15 2.48 -5.18
C ASN F 82 31.90 1.70 -5.56
N VAL F 83 31.19 2.13 -6.59
CA VAL F 83 29.99 1.42 -7.04
C VAL F 83 30.11 1.27 -8.55
N ILE F 84 29.87 0.06 -9.05
CA ILE F 84 29.98 -0.18 -10.47
C ILE F 84 28.84 0.53 -11.23
N GLY F 85 29.19 1.07 -12.41
CA GLY F 85 28.31 1.91 -13.22
C GLY F 85 28.01 1.38 -14.61
N LEU F 86 26.91 1.82 -15.21
CA LEU F 86 26.46 1.29 -16.51
C LEU F 86 27.23 1.98 -17.62
N LEU F 87 28.03 1.20 -18.37
CA LEU F 87 28.68 1.74 -19.57
C LEU F 87 27.76 1.71 -20.76
N ASP F 88 27.05 0.60 -20.95
CA ASP F 88 26.13 0.43 -22.07
C ASP F 88 25.16 -0.71 -21.77
N VAL F 89 24.04 -0.74 -22.48
CA VAL F 89 23.10 -1.84 -22.33
C VAL F 89 22.48 -2.15 -23.68
N PHE F 90 22.39 -3.43 -24.03
CA PHE F 90 21.95 -3.77 -25.37
C PHE F 90 21.14 -5.06 -25.35
N THR F 91 20.22 -5.17 -26.32
CA THR F 91 19.53 -6.40 -26.71
C THR F 91 19.68 -6.58 -28.22
N PRO F 92 19.68 -7.82 -28.72
CA PRO F 92 19.65 -8.02 -30.17
C PRO F 92 18.25 -8.02 -30.75
N ALA F 93 17.23 -8.15 -29.90
CA ALA F 93 15.86 -8.18 -30.39
C ALA F 93 15.59 -6.94 -31.23
N ARG F 94 14.77 -7.13 -32.26
CA ARG F 94 14.43 -6.05 -33.19
C ARG F 94 13.18 -5.32 -32.79
N SER F 95 12.31 -5.95 -31.99
CA SER F 95 11.09 -5.30 -31.52
C SER F 95 10.75 -5.75 -30.12
N LEU F 96 9.69 -5.15 -29.56
CA LEU F 96 9.28 -5.48 -28.19
C LEU F 96 8.83 -6.92 -28.08
N GLU F 97 8.05 -7.40 -29.06
CA GLU F 97 7.60 -8.79 -29.03
C GLU F 97 8.75 -9.79 -29.19
N GLU F 98 9.88 -9.37 -29.74
CA GLU F 98 11.08 -10.19 -29.85
C GLU F 98 12.00 -10.10 -28.62
N PHE F 99 11.69 -9.22 -27.67
CA PHE F 99 12.54 -8.90 -26.52
C PHE F 99 12.64 -10.06 -25.53
N ASN F 100 13.78 -10.78 -25.52
CA ASN F 100 13.96 -11.89 -24.58
C ASN F 100 15.29 -11.92 -23.83
N ASP F 101 16.23 -11.03 -24.10
CA ASP F 101 17.56 -11.09 -23.52
C ASP F 101 18.12 -9.68 -23.31
N VAL F 102 18.89 -9.53 -22.25
CA VAL F 102 19.46 -8.25 -21.82
C VAL F 102 20.95 -8.47 -21.51
N TYR F 103 21.77 -7.48 -21.88
CA TYR F 103 23.21 -7.43 -21.67
C TYR F 103 23.60 -6.12 -21.00
N LEU F 104 24.42 -6.22 -19.95
CA LEU F 104 24.91 -5.07 -19.19
C LEU F 104 26.41 -5.03 -19.27
N VAL F 105 26.95 -3.84 -19.60
CA VAL F 105 28.38 -3.61 -19.75
C VAL F 105 28.89 -2.66 -18.66
N THR F 106 30.08 -2.98 -18.13
CA THR F 106 30.68 -2.21 -17.04
C THR F 106 32.19 -2.13 -17.27
N HIS F 107 32.84 -1.17 -16.61
CA HIS F 107 34.30 -1.18 -16.58
C HIS F 107 34.76 -2.48 -15.95
N LEU F 108 35.78 -3.11 -16.55
CA LEU F 108 36.27 -4.40 -16.08
C LEU F 108 37.40 -4.20 -15.08
N MET F 109 37.37 -4.98 -14.02
CA MET F 109 38.02 -4.61 -12.77
C MET F 109 39.17 -5.51 -12.35
N GLY F 110 39.30 -6.72 -12.90
CA GLY F 110 40.50 -7.48 -12.58
C GLY F 110 40.32 -8.75 -11.75
N ALA F 111 39.52 -8.71 -10.68
CA ALA F 111 39.21 -9.89 -9.87
C ALA F 111 38.05 -9.58 -8.93
N ASP F 112 37.39 -10.64 -8.46
CA ASP F 112 36.45 -10.51 -7.35
C ASP F 112 37.11 -10.94 -6.04
N LEU F 113 36.50 -10.52 -4.92
CA LEU F 113 37.09 -10.71 -3.60
C LEU F 113 36.88 -12.11 -3.06
N ASN F 114 36.00 -12.89 -3.66
CA ASN F 114 35.92 -14.29 -3.27
C ASN F 114 37.18 -15.03 -3.72
N ASN F 115 37.61 -14.79 -4.97
CA ASN F 115 38.81 -15.43 -5.48
C ASN F 115 40.04 -14.98 -4.72
N ILE F 116 40.11 -13.70 -4.33
CA ILE F 116 41.29 -13.22 -3.63
C ILE F 116 41.42 -13.88 -2.26
N VAL F 117 40.30 -14.06 -1.53
CA VAL F 117 40.39 -14.62 -0.18
C VAL F 117 40.84 -16.07 -0.23
N LYS F 118 40.56 -16.78 -1.31
CA LYS F 118 40.97 -18.17 -1.44
C LYS F 118 42.36 -18.33 -2.05
N CYS F 119 43.13 -17.24 -2.20
CA CYS F 119 44.43 -17.28 -2.85
C CYS F 119 45.51 -16.52 -2.12
N GLN F 120 45.19 -15.71 -1.11
CA GLN F 120 46.18 -14.90 -0.41
C GLN F 120 45.66 -14.55 0.98
N LYS F 121 46.49 -14.69 1.99
CA LYS F 121 46.17 -14.05 3.25
C LYS F 121 46.29 -12.54 3.07
N LEU F 122 45.69 -11.80 4.00
CA LEU F 122 45.53 -10.37 3.88
C LEU F 122 45.94 -9.69 5.18
N THR F 123 46.60 -8.53 5.04
CA THR F 123 47.13 -7.75 6.15
C THR F 123 46.05 -6.87 6.73
N ASP F 124 46.21 -6.48 8.00
CA ASP F 124 45.29 -5.53 8.58
C ASP F 124 45.21 -4.26 7.74
N ASP F 125 46.27 -3.93 7.00
CA ASP F 125 46.24 -2.75 6.14
C ASP F 125 45.37 -2.98 4.92
N HIS F 126 45.50 -4.15 4.28
CA HIS F 126 44.57 -4.55 3.22
C HIS F 126 43.13 -4.40 3.68
N VAL F 127 42.80 -5.00 4.84
CA VAL F 127 41.42 -5.01 5.30
C VAL F 127 40.94 -3.60 5.61
N GLN F 128 41.83 -2.79 6.20
CA GLN F 128 41.56 -1.38 6.51
C GLN F 128 41.03 -0.64 5.29
N PHE F 129 41.67 -0.85 4.13
CA PHE F 129 41.41 -0.08 2.94
C PHE F 129 40.22 -0.62 2.19
N LEU F 130 40.07 -1.95 2.17
CA LEU F 130 38.94 -2.60 1.52
C LEU F 130 37.62 -2.30 2.26
N ILE F 131 37.55 -2.55 3.56
CA ILE F 131 36.31 -2.24 4.26
C ILE F 131 35.99 -0.76 4.21
N TYR F 132 37.02 0.08 4.05
CA TYR F 132 36.77 1.51 3.93
C TYR F 132 36.05 1.84 2.62
N GLN F 133 36.51 1.25 1.51
CA GLN F 133 35.89 1.56 0.23
C GLN F 133 34.47 1.00 0.13
N ILE F 134 34.23 -0.16 0.76
CA ILE F 134 32.88 -0.71 0.80
C ILE F 134 31.96 0.23 1.55
N LEU F 135 32.40 0.69 2.73
CA LEU F 135 31.59 1.59 3.53
C LEU F 135 31.37 2.92 2.82
N ARG F 136 32.36 3.40 2.06
N ARG F 136 32.36 3.39 2.06
CA ARG F 136 32.13 4.62 1.30
CA ARG F 136 32.17 4.62 1.29
C ARG F 136 31.16 4.38 0.17
C ARG F 136 31.19 4.39 0.15
N GLY F 137 31.26 3.23 -0.50
CA GLY F 137 30.26 2.87 -1.49
C GLY F 137 28.89 2.69 -0.86
N LEU F 138 28.83 2.09 0.33
CA LEU F 138 27.53 1.83 0.95
C LEU F 138 26.88 3.11 1.49
N LYS F 139 27.65 4.06 2.01
CA LYS F 139 27.06 5.32 2.41
C LYS F 139 26.33 5.97 1.22
N TYR F 140 26.95 5.92 0.04
CA TYR F 140 26.33 6.44 -1.18
C TYR F 140 25.03 5.69 -1.51
N ILE F 141 25.10 4.35 -1.59
CA ILE F 141 23.93 3.54 -1.92
C ILE F 141 22.77 3.84 -0.97
N HIS F 142 23.05 3.92 0.33
CA HIS F 142 22.00 4.16 1.31
C HIS F 142 21.49 5.60 1.25
N SER F 143 22.33 6.55 0.84
CA SER F 143 21.84 7.91 0.69
C SER F 143 20.75 7.99 -0.38
N ALA F 144 20.74 7.09 -1.37
CA ALA F 144 19.75 7.11 -2.45
C ALA F 144 18.35 6.60 -2.06
N ASP F 145 18.20 6.08 -0.82
CA ASP F 145 17.13 5.23 -0.27
C ASP F 145 17.24 3.75 -0.68
N ILE F 146 18.41 3.25 -1.06
CA ILE F 146 18.56 1.94 -1.68
C ILE F 146 19.17 0.94 -0.70
N ILE F 147 18.72 -0.31 -0.83
CA ILE F 147 19.17 -1.39 0.02
C ILE F 147 19.73 -2.48 -0.88
N HIS F 148 20.90 -3.02 -0.53
CA HIS F 148 21.57 -3.91 -1.47
C HIS F 148 21.04 -5.35 -1.33
N ARG F 149 21.14 -5.94 -0.14
CA ARG F 149 20.75 -7.29 0.26
C ARG F 149 21.62 -8.38 -0.33
N ASP F 150 22.84 -8.09 -0.76
CA ASP F 150 23.67 -9.21 -1.18
C ASP F 150 25.15 -8.83 -1.19
N LEU F 151 25.58 -8.03 -0.23
CA LEU F 151 26.99 -7.90 0.01
C LEU F 151 27.59 -9.24 0.39
N LYS F 152 28.70 -9.60 -0.24
CA LYS F 152 29.49 -10.82 0.00
C LYS F 152 30.73 -10.75 -0.89
N PRO F 153 31.79 -11.50 -0.56
CA PRO F 153 33.05 -11.36 -1.32
C PRO F 153 32.92 -11.52 -2.84
N SER F 154 32.05 -12.40 -3.38
CA SER F 154 32.06 -12.52 -4.84
C SER F 154 31.35 -11.37 -5.55
N ASN F 155 30.52 -10.61 -4.85
CA ASN F 155 29.90 -9.43 -5.43
C ASN F 155 30.69 -8.14 -5.15
N LEU F 156 31.99 -8.25 -4.89
CA LEU F 156 32.87 -7.09 -4.84
C LEU F 156 34.04 -7.30 -5.81
N ALA F 157 34.43 -6.25 -6.53
CA ALA F 157 35.49 -6.31 -7.52
C ALA F 157 36.71 -5.48 -7.08
N VAL F 158 37.92 -5.92 -7.44
CA VAL F 158 39.13 -5.24 -6.95
C VAL F 158 40.28 -5.25 -7.96
N ASN F 159 41.22 -4.33 -7.73
CA ASN F 159 42.41 -4.02 -8.52
C ASN F 159 43.68 -4.60 -7.89
N GLU F 160 44.76 -4.63 -8.69
CA GLU F 160 46.06 -4.87 -8.10
C GLU F 160 46.46 -3.74 -7.15
N ASP F 161 46.05 -2.51 -7.48
CA ASP F 161 46.29 -1.35 -6.60
C ASP F 161 45.45 -1.38 -5.34
N CYS F 162 44.57 -2.38 -5.20
CA CYS F 162 43.70 -2.61 -4.05
C CYS F 162 42.46 -1.74 -4.02
N GLU F 163 42.03 -1.20 -5.17
CA GLU F 163 40.83 -0.39 -5.25
C GLU F 163 39.62 -1.29 -5.45
N LEU F 164 38.45 -0.82 -5.01
CA LEU F 164 37.28 -1.70 -4.91
C LEU F 164 36.02 -1.03 -5.48
N LYS F 165 35.08 -1.86 -5.96
CA LYS F 165 33.77 -1.42 -6.42
C LYS F 165 32.72 -2.46 -6.08
N ILE F 166 31.58 -1.98 -5.55
CA ILE F 166 30.43 -2.83 -5.22
C ILE F 166 29.73 -3.28 -6.51
N LEU F 167 29.53 -4.60 -6.65
CA LEU F 167 28.89 -5.24 -7.80
C LEU F 167 27.47 -5.69 -7.47
N ASP F 168 26.75 -6.08 -8.54
CA ASP F 168 25.57 -6.95 -8.47
C ASP F 168 24.35 -6.34 -7.79
N PHE F 169 23.45 -5.74 -8.56
CA PHE F 169 22.27 -5.14 -7.98
C PHE F 169 21.02 -5.96 -8.27
N GLY F 170 21.18 -7.25 -8.58
CA GLY F 170 20.06 -8.15 -8.82
C GLY F 170 19.08 -8.32 -7.67
N LEU F 171 19.44 -7.92 -6.47
CA LEU F 171 18.51 -7.99 -5.34
C LEU F 171 18.19 -6.63 -4.76
N ALA F 172 18.70 -5.56 -5.34
CA ALA F 172 18.57 -4.26 -4.74
C ALA F 172 17.21 -3.70 -5.11
N ARG F 173 16.86 -2.57 -4.50
CA ARG F 173 15.48 -2.15 -4.36
C ARG F 173 15.44 -0.86 -3.53
N HIS F 174 14.45 0.00 -3.79
CA HIS F 174 14.10 1.05 -2.82
C HIS F 174 13.57 0.38 -1.55
N THR F 175 13.99 0.87 -0.38
CA THR F 175 13.52 0.27 0.88
C THR F 175 12.09 0.69 1.18
N ASP F 176 11.41 -0.16 1.95
CA ASP F 176 9.99 -0.01 2.25
C ASP F 176 9.71 -0.72 3.57
N ASP F 177 8.48 -0.57 4.06
CA ASP F 177 8.12 -1.14 5.36
C ASP F 177 7.93 -2.64 5.27
N GLU F 178 7.35 -3.12 4.18
CA GLU F 178 7.24 -4.55 3.92
C GLU F 178 8.09 -4.90 2.71
N MET F 179 8.95 -5.93 2.86
CA MET F 179 9.86 -6.33 1.79
C MET F 179 9.93 -7.83 1.66
N GLY F 181 10.60 -11.60 1.73
CA GLY F 181 11.04 -12.47 2.80
C GLY F 181 12.37 -13.19 2.73
N VAL F 183 15.83 -13.77 1.17
CA VAL F 183 16.64 -12.83 0.45
C VAL F 183 18.04 -12.88 1.03
N ALA F 184 19.05 -12.69 0.16
CA ALA F 184 20.48 -12.68 0.47
C ALA F 184 21.06 -14.08 0.51
N THR F 185 22.38 -14.19 0.42
CA THR F 185 23.09 -15.46 0.60
C THR F 185 23.25 -15.80 2.09
N ARG F 186 22.88 -17.03 2.45
CA ARG F 186 22.75 -17.48 3.84
C ARG F 186 23.92 -17.08 4.75
N TRP F 187 25.14 -17.50 4.41
CA TRP F 187 26.24 -17.22 5.32
C TRP F 187 26.37 -15.73 5.65
N TYR F 188 25.86 -14.85 4.80
CA TYR F 188 25.99 -13.42 5.02
C TYR F 188 24.66 -12.76 5.38
N ARG F 189 23.61 -13.54 5.67
CA ARG F 189 22.26 -13.01 5.88
C ARG F 189 22.04 -12.54 7.32
N ALA F 190 21.54 -11.31 7.46
CA ALA F 190 21.27 -10.74 8.79
C ALA F 190 20.22 -11.54 9.56
N PRO F 191 20.42 -11.77 10.85
CA PRO F 191 19.49 -12.64 11.58
C PRO F 191 18.05 -12.10 11.62
N GLU F 192 17.82 -10.80 11.52
CA GLU F 192 16.43 -10.36 11.52
C GLU F 192 15.71 -10.67 10.20
N ILE F 193 16.40 -11.07 9.14
CA ILE F 193 15.64 -11.59 8.01
C ILE F 193 15.02 -12.95 8.36
N MET F 194 15.74 -13.77 9.11
CA MET F 194 15.19 -15.04 9.60
C MET F 194 14.15 -14.84 10.70
N LEU F 195 14.39 -13.90 11.61
CA LEU F 195 13.57 -13.84 12.81
C LEU F 195 12.38 -12.93 12.66
N ASN F 196 12.41 -12.04 11.68
CA ASN F 196 11.40 -11.00 11.53
C ASN F 196 10.95 -10.91 10.07
N TRP F 197 10.54 -12.06 9.55
CA TRP F 197 10.02 -12.25 8.20
C TRP F 197 9.41 -11.00 7.58
N MET F 198 10.04 -10.51 6.50
CA MET F 198 9.59 -9.41 5.67
C MET F 198 9.60 -8.02 6.34
N HIS F 199 10.11 -7.88 7.57
CA HIS F 199 10.20 -6.56 8.21
C HIS F 199 11.65 -6.40 8.68
N TYR F 200 12.52 -5.93 7.78
CA TYR F 200 13.89 -5.52 8.08
C TYR F 200 14.13 -4.19 7.35
N ASN F 201 15.33 -3.63 7.46
CA ASN F 201 15.64 -2.35 6.83
C ASN F 201 17.11 -2.34 6.37
N GLN F 202 17.62 -1.14 5.99
CA GLN F 202 18.95 -1.06 5.40
C GLN F 202 20.04 -1.59 6.33
N THR F 203 19.78 -1.68 7.63
CA THR F 203 20.87 -2.11 8.51
C THR F 203 21.35 -3.52 8.20
N VAL F 204 20.54 -4.35 7.52
CA VAL F 204 20.99 -5.72 7.17
C VAL F 204 22.32 -5.70 6.40
N ASP F 205 22.56 -4.67 5.58
CA ASP F 205 23.81 -4.60 4.82
C ASP F 205 25.04 -4.52 5.74
N ILE F 206 24.96 -3.73 6.82
CA ILE F 206 26.10 -3.62 7.73
C ILE F 206 26.43 -4.98 8.33
N TRP F 207 25.42 -5.75 8.78
CA TRP F 207 25.73 -7.11 9.24
C TRP F 207 26.53 -7.87 8.18
N SER F 208 26.27 -7.60 6.91
CA SER F 208 26.96 -8.32 5.85
C SER F 208 28.41 -7.85 5.71
N VAL F 209 28.66 -6.55 5.84
CA VAL F 209 30.05 -6.12 5.77
C VAL F 209 30.80 -6.59 7.03
N GLY F 210 30.10 -6.68 8.18
CA GLY F 210 30.66 -7.35 9.33
C GLY F 210 31.15 -8.77 9.05
N CYS F 211 30.37 -9.55 8.27
CA CYS F 211 30.77 -10.94 8.00
C CYS F 211 31.88 -11.03 6.96
N ILE F 212 32.06 -9.96 6.19
CA ILE F 212 33.07 -9.91 5.13
C ILE F 212 34.42 -9.52 5.71
N MET F 213 34.44 -8.47 6.54
CA MET F 213 35.64 -8.09 7.27
C MET F 213 36.21 -9.28 8.04
N ALA F 214 35.37 -9.98 8.79
CA ALA F 214 35.84 -11.16 9.53
C ALA F 214 36.49 -12.17 8.59
N GLU F 215 35.83 -12.45 7.45
CA GLU F 215 36.36 -13.42 6.50
C GLU F 215 37.69 -12.96 5.92
N LEU F 216 37.85 -11.65 5.69
CA LEU F 216 39.09 -11.17 5.09
C LEU F 216 40.26 -11.20 6.09
N LEU F 217 39.99 -10.91 7.36
CA LEU F 217 41.02 -11.02 8.38
C LEU F 217 41.46 -12.47 8.61
N THR F 218 40.51 -13.41 8.66
CA THR F 218 40.82 -14.80 9.00
C THR F 218 40.99 -15.71 7.82
N GLY F 219 40.53 -15.29 6.64
CA GLY F 219 40.46 -16.14 5.47
C GLY F 219 39.39 -17.21 5.50
N ARG F 220 38.47 -17.18 6.48
CA ARG F 220 37.50 -18.26 6.66
C ARG F 220 36.10 -17.70 6.90
N THR F 221 35.11 -18.35 6.29
CA THR F 221 33.71 -18.05 6.55
C THR F 221 33.43 -17.95 8.04
N LEU F 222 32.74 -16.88 8.42
CA LEU F 222 32.44 -16.61 9.83
C LEU F 222 31.24 -17.42 10.32
N PHE F 223 30.22 -17.62 9.48
CA PHE F 223 29.06 -18.46 9.80
C PHE F 223 28.71 -19.37 8.64
N PRO F 224 29.41 -20.47 8.49
CA PRO F 224 29.13 -21.38 7.37
C PRO F 224 27.95 -22.33 7.60
N GLY F 225 26.81 -21.77 8.00
CA GLY F 225 25.66 -22.62 8.30
C GLY F 225 25.06 -23.30 7.08
N THR F 226 24.51 -24.51 7.32
CA THR F 226 23.90 -25.36 6.29
C THR F 226 22.42 -25.11 6.02
N ASP F 227 21.64 -24.71 7.02
CA ASP F 227 20.25 -24.32 6.79
C ASP F 227 19.89 -23.16 7.73
N HIS F 228 18.64 -22.69 7.63
CA HIS F 228 18.26 -21.53 8.44
C HIS F 228 18.42 -21.81 9.93
N ILE F 229 18.17 -23.06 10.34
CA ILE F 229 18.32 -23.38 11.75
C ILE F 229 19.79 -23.39 12.13
N ASP F 230 20.62 -24.08 11.33
CA ASP F 230 22.06 -24.13 11.60
C ASP F 230 22.67 -22.73 11.59
N GLN F 231 22.26 -21.89 10.64
CA GLN F 231 22.80 -20.53 10.55
C GLN F 231 22.49 -19.75 11.81
N LEU F 232 21.23 -19.76 12.22
CA LEU F 232 20.86 -19.09 13.46
C LEU F 232 21.58 -19.66 14.69
N LYS F 233 22.10 -20.88 14.62
CA LYS F 233 22.81 -21.38 15.79
C LYS F 233 24.26 -20.90 15.80
N LEU F 234 24.88 -20.81 14.62
CA LEU F 234 26.22 -20.25 14.58
C LEU F 234 26.23 -18.82 15.10
N ILE F 235 25.23 -18.01 14.73
CA ILE F 235 25.25 -16.59 15.09
C ILE F 235 25.10 -16.40 16.60
N LEU F 236 24.15 -17.10 17.24
CA LEU F 236 23.98 -16.94 18.68
C LEU F 236 25.17 -17.50 19.47
N ARG F 237 25.83 -18.54 18.95
CA ARG F 237 27.04 -19.03 19.62
C ARG F 237 28.07 -17.90 19.77
N LEU F 238 28.20 -17.07 18.74
CA LEU F 238 29.16 -15.98 18.87
C LEU F 238 28.55 -14.82 19.65
N VAL F 239 27.37 -14.35 19.23
CA VAL F 239 26.86 -13.10 19.80
C VAL F 239 26.11 -13.28 21.12
N GLY F 240 25.81 -14.51 21.52
CA GLY F 240 25.03 -14.68 22.74
C GLY F 240 23.54 -14.59 22.49
N THR F 241 22.78 -15.43 23.23
CA THR F 241 21.32 -15.48 23.06
C THR F 241 20.70 -14.23 23.67
N PRO F 242 19.82 -13.55 22.95
CA PRO F 242 19.23 -12.32 23.49
C PRO F 242 18.27 -12.58 24.63
N GLY F 243 18.34 -11.74 25.65
CA GLY F 243 17.44 -11.81 26.78
C GLY F 243 16.05 -11.35 26.40
N ALA F 244 15.11 -11.48 27.38
CA ALA F 244 13.68 -11.44 27.08
C ALA F 244 13.25 -10.08 26.54
N GLU F 245 13.90 -9.01 26.95
CA GLU F 245 13.63 -7.69 26.38
C GLU F 245 13.99 -7.66 24.90
N LEU F 246 15.26 -7.95 24.58
CA LEU F 246 15.76 -7.90 23.21
C LEU F 246 14.97 -8.79 22.25
N LEU F 247 14.39 -9.87 22.76
CA LEU F 247 13.83 -10.93 21.93
C LEU F 247 12.43 -10.60 21.43
N LYS F 248 11.60 -9.96 22.26
CA LYS F 248 10.32 -9.48 21.75
C LYS F 248 10.53 -8.38 20.73
N LYS F 249 11.60 -7.59 20.88
CA LYS F 249 11.88 -6.46 20.00
C LYS F 249 12.40 -6.88 18.63
N ILE F 250 12.83 -8.12 18.48
CA ILE F 250 13.63 -8.53 17.33
C ILE F 250 12.92 -9.56 16.44
N SER F 251 11.87 -10.23 16.93
CA SER F 251 11.30 -11.34 16.20
C SER F 251 9.77 -11.27 16.23
N SER F 252 9.14 -12.24 15.56
CA SER F 252 7.73 -12.49 15.78
C SER F 252 7.57 -13.74 16.67
N GLU F 253 6.31 -14.11 16.90
CA GLU F 253 5.98 -14.97 18.03
C GLU F 253 6.45 -16.39 17.81
N SER F 254 6.27 -16.93 16.60
CA SER F 254 6.71 -18.30 16.36
C SER F 254 8.22 -18.39 16.43
N ALA F 255 8.90 -17.39 15.87
CA ALA F 255 10.35 -17.36 15.95
C ALA F 255 10.82 -17.22 17.40
N ARG F 256 10.18 -16.33 18.16
CA ARG F 256 10.59 -16.14 19.53
C ARG F 256 10.43 -17.42 20.33
N ASN F 257 9.28 -18.09 20.19
CA ASN F 257 9.09 -19.36 20.89
C ASN F 257 10.22 -20.33 20.54
N TYR F 258 10.67 -20.33 19.29
CA TYR F 258 11.72 -21.24 18.90
C TYR F 258 13.03 -20.98 19.65
N ILE F 259 13.46 -19.72 19.83
CA ILE F 259 14.77 -19.59 20.49
C ILE F 259 14.65 -19.69 22.01
N GLN F 260 13.51 -19.35 22.59
CA GLN F 260 13.31 -19.63 24.01
C GLN F 260 13.45 -21.12 24.30
N SER F 261 13.05 -21.98 23.37
CA SER F 261 13.21 -23.41 23.56
C SER F 261 14.66 -23.85 23.48
N LEU F 262 15.56 -23.02 22.96
CA LEU F 262 16.94 -23.46 22.88
C LEU F 262 17.67 -23.16 24.18
N ALA F 263 18.71 -23.92 24.46
CA ALA F 263 19.55 -23.65 25.61
C ALA F 263 20.22 -22.29 25.46
N GLN F 264 20.23 -21.51 26.54
CA GLN F 264 20.88 -20.20 26.48
C GLN F 264 22.36 -20.37 26.21
N MET F 265 22.92 -19.44 25.44
CA MET F 265 24.33 -19.45 25.13
C MET F 265 24.94 -18.12 25.55
N PRO F 266 26.18 -18.14 26.01
CA PRO F 266 26.82 -16.90 26.49
C PRO F 266 27.57 -16.16 25.38
N LYS F 267 27.59 -14.85 25.53
CA LYS F 267 28.22 -14.01 24.52
C LYS F 267 29.74 -14.16 24.58
N MET F 268 30.34 -14.64 23.50
CA MET F 268 31.78 -14.66 23.43
C MET F 268 32.31 -13.24 23.24
N ASN F 269 33.57 -13.05 23.63
CA ASN F 269 34.26 -11.77 23.59
C ASN F 269 35.16 -11.76 22.35
N PHE F 270 34.99 -10.77 21.48
CA PHE F 270 35.59 -10.93 20.17
C PHE F 270 37.09 -10.78 20.22
N ALA F 271 37.62 -10.19 21.31
CA ALA F 271 39.06 -10.19 21.57
C ALA F 271 39.62 -11.61 21.60
N ASN F 272 39.05 -12.46 22.46
CA ASN F 272 39.49 -13.85 22.53
C ASN F 272 39.28 -14.58 21.21
N VAL F 273 38.19 -14.26 20.50
CA VAL F 273 37.79 -15.04 19.34
C VAL F 273 38.69 -14.74 18.14
N PHE F 274 39.14 -13.49 17.99
CA PHE F 274 40.00 -13.06 16.88
C PHE F 274 41.40 -12.72 17.42
N ILE F 275 42.26 -13.73 17.54
CA ILE F 275 43.57 -13.54 18.18
C ILE F 275 44.57 -13.00 17.15
N GLY F 276 45.23 -11.90 17.51
CA GLY F 276 46.21 -11.25 16.67
C GLY F 276 45.74 -10.04 15.87
N ALA F 277 44.46 -9.67 15.97
CA ALA F 277 43.89 -8.58 15.20
C ALA F 277 44.07 -7.25 15.93
N ASN F 278 44.26 -6.19 15.16
CA ASN F 278 44.34 -4.85 15.75
C ASN F 278 43.18 -4.63 16.73
N PRO F 279 43.47 -4.22 17.96
CA PRO F 279 42.42 -3.75 18.88
C PRO F 279 41.31 -2.90 18.25
N LEU F 280 41.63 -2.04 17.28
CA LEU F 280 40.59 -1.24 16.63
C LEU F 280 39.74 -2.05 15.65
N ALA F 281 40.25 -3.16 15.10
CA ALA F 281 39.41 -4.04 14.29
C ALA F 281 38.32 -4.67 15.14
N VAL F 282 38.70 -5.38 16.20
CA VAL F 282 37.71 -6.05 17.04
C VAL F 282 36.66 -5.06 17.52
N ASP F 283 37.05 -3.81 17.75
CA ASP F 283 36.10 -2.84 18.30
C ASP F 283 35.01 -2.49 17.30
N LEU F 284 35.37 -2.28 16.02
CA LEU F 284 34.35 -1.97 15.01
C LEU F 284 33.46 -3.18 14.75
N LEU F 285 34.07 -4.37 14.59
CA LEU F 285 33.29 -5.60 14.42
C LEU F 285 32.23 -5.76 15.51
N GLU F 286 32.53 -5.38 16.76
CA GLU F 286 31.53 -5.56 17.80
C GLU F 286 30.37 -4.59 17.65
N LYS F 287 30.59 -3.39 17.10
CA LYS F 287 29.46 -2.47 16.90
C LYS F 287 28.71 -2.76 15.60
N MET F 288 29.24 -3.65 14.75
CA MET F 288 28.61 -4.10 13.51
C MET F 288 27.76 -5.35 13.72
N LEU F 289 28.24 -6.31 14.50
CA LEU F 289 27.60 -7.61 14.64
C LEU F 289 26.85 -7.71 15.97
N VAL F 290 25.72 -6.97 16.04
CA VAL F 290 24.82 -6.98 17.19
C VAL F 290 23.40 -7.29 16.72
N LEU F 291 22.65 -8.02 17.56
CA LEU F 291 21.30 -8.41 17.18
C LEU F 291 20.32 -7.25 17.21
N ASP F 292 20.57 -6.22 18.02
CA ASP F 292 19.65 -5.07 18.06
C ASP F 292 19.90 -4.23 16.80
N SER F 293 19.03 -4.38 15.80
CA SER F 293 19.24 -3.67 14.55
C SER F 293 19.49 -2.17 14.77
N ASP F 294 18.90 -1.59 15.82
CA ASP F 294 18.99 -0.16 16.03
C ASP F 294 20.29 0.25 16.73
N LYS F 295 20.88 -0.63 17.54
CA LYS F 295 22.19 -0.35 18.13
C LYS F 295 23.33 -0.53 17.15
N ARG F 296 23.06 -1.17 16.02
CA ARG F 296 24.08 -1.46 15.01
C ARG F 296 24.59 -0.16 14.36
N ILE F 297 25.89 -0.09 14.11
CA ILE F 297 26.46 1.13 13.53
C ILE F 297 26.00 1.31 12.08
N THR F 298 25.84 2.56 11.67
CA THR F 298 25.51 2.85 10.27
C THR F 298 26.78 2.99 9.46
N ALA F 299 26.64 3.03 8.13
CA ALA F 299 27.82 3.14 7.30
C ALA F 299 28.45 4.53 7.43
N ALA F 300 27.62 5.57 7.47
CA ALA F 300 28.15 6.92 7.68
C ALA F 300 29.02 6.98 8.94
N GLN F 301 28.54 6.44 10.07
CA GLN F 301 29.29 6.48 11.34
C GLN F 301 30.56 5.65 11.30
N ALA F 302 30.52 4.46 10.67
CA ALA F 302 31.71 3.61 10.63
C ALA F 302 32.87 4.29 9.90
N LEU F 303 32.59 5.19 8.95
CA LEU F 303 33.67 5.92 8.27
C LEU F 303 34.49 6.75 9.25
N ALA F 304 33.91 7.12 10.38
CA ALA F 304 34.56 7.99 11.34
C ALA F 304 35.09 7.22 12.55
N HIS F 305 35.12 5.90 12.46
CA HIS F 305 35.68 5.07 13.51
C HIS F 305 37.19 5.09 13.35
N ALA F 306 37.89 5.06 14.48
CA ALA F 306 39.33 5.32 14.48
C ALA F 306 40.09 4.39 13.54
N TYR F 307 39.50 3.25 13.15
CA TYR F 307 40.18 2.26 12.30
C TYR F 307 40.39 2.73 10.86
N PHE F 308 39.70 3.79 10.42
CA PHE F 308 39.85 4.31 9.06
C PHE F 308 40.46 5.71 9.06
N ALA F 309 41.15 6.09 10.14
CA ALA F 309 41.71 7.43 10.24
C ALA F 309 42.60 7.76 9.06
N GLN F 310 43.37 6.78 8.57
CA GLN F 310 44.32 7.00 7.48
C GLN F 310 43.65 7.40 6.16
N TYR F 311 42.34 7.18 6.01
CA TYR F 311 41.63 7.60 4.80
C TYR F 311 40.41 8.47 5.05
N HIS F 312 39.93 8.58 6.28
CA HIS F 312 38.65 9.22 6.51
C HIS F 312 38.67 10.69 6.13
N ASP F 313 37.69 11.12 5.33
CA ASP F 313 37.66 12.48 4.81
C ASP F 313 36.20 12.88 4.58
N PRO F 314 35.57 13.59 5.53
CA PRO F 314 34.17 13.97 5.36
C PRO F 314 33.92 14.86 4.17
N ASP F 315 34.91 15.60 3.69
CA ASP F 315 34.71 16.37 2.47
C ASP F 315 34.88 15.54 1.20
N ASP F 316 35.03 14.22 1.30
CA ASP F 316 35.28 13.39 0.12
C ASP F 316 34.52 12.06 0.20
N GLU F 317 33.26 12.10 0.67
CA GLU F 317 32.38 10.93 0.82
C GLU F 317 30.98 11.36 0.39
N PRO F 318 30.71 11.35 -0.90
CA PRO F 318 29.50 11.98 -1.42
C PRO F 318 28.25 11.17 -1.11
N VAL F 319 27.10 11.82 -1.24
CA VAL F 319 25.79 11.17 -1.17
C VAL F 319 25.21 11.17 -2.57
N ALA F 320 24.21 10.33 -2.80
CA ALA F 320 23.68 10.13 -4.16
C ALA F 320 22.50 11.03 -4.50
N ASP F 321 22.19 11.10 -5.78
CA ASP F 321 20.90 11.64 -6.16
C ASP F 321 19.80 10.76 -5.59
N PRO F 322 18.66 11.34 -5.20
CA PRO F 322 17.49 10.54 -4.81
C PRO F 322 16.97 9.74 -6.00
N TYR F 323 16.69 8.45 -5.76
CA TYR F 323 16.14 7.51 -6.73
C TYR F 323 14.60 7.50 -6.70
N ASP F 324 13.95 7.58 -7.87
CA ASP F 324 12.48 7.69 -8.01
C ASP F 324 11.89 6.32 -8.31
N GLN F 325 11.07 5.78 -7.38
CA GLN F 325 10.59 4.42 -7.52
C GLN F 325 9.11 4.35 -7.91
N SER F 326 8.58 5.44 -8.48
CA SER F 326 7.13 5.55 -8.63
C SER F 326 6.56 4.55 -9.62
N PHE F 327 7.38 3.95 -10.45
CA PHE F 327 6.89 3.03 -11.47
C PHE F 327 6.79 1.59 -11.02
N GLU F 328 7.39 1.19 -9.89
CA GLU F 328 7.49 -0.22 -9.54
C GLU F 328 6.63 -0.63 -8.36
N SER F 329 5.94 0.30 -7.72
CA SER F 329 5.29 0.01 -6.45
C SER F 329 3.96 -0.73 -6.60
N ARG F 330 3.41 -0.80 -7.81
CA ARG F 330 2.16 -1.51 -8.03
C ARG F 330 2.45 -2.93 -8.54
N ASP F 331 1.41 -3.77 -8.51
CA ASP F 331 1.49 -5.12 -9.06
C ASP F 331 1.14 -5.06 -10.53
N LEU F 332 2.13 -5.31 -11.39
CA LEU F 332 1.96 -5.35 -12.83
C LEU F 332 2.14 -6.78 -13.32
N LEU F 333 1.60 -7.04 -14.51
CA LEU F 333 1.76 -8.34 -15.12
C LEU F 333 3.06 -8.41 -15.89
N ILE F 334 3.56 -9.64 -16.07
CA ILE F 334 4.85 -9.89 -16.69
C ILE F 334 5.13 -9.00 -17.91
N ASP F 335 4.13 -8.80 -18.79
CA ASP F 335 4.39 -8.00 -20.00
C ASP F 335 4.56 -6.52 -19.67
N GLU F 336 3.90 -6.03 -18.63
CA GLU F 336 4.12 -4.62 -18.29
C GLU F 336 5.54 -4.40 -17.79
N TRP F 337 6.02 -5.25 -16.87
CA TRP F 337 7.43 -5.23 -16.52
C TRP F 337 8.29 -5.35 -17.76
N LYS F 338 7.99 -6.34 -18.62
CA LYS F 338 8.82 -6.58 -19.79
C LYS F 338 8.92 -5.33 -20.67
N SER F 339 7.83 -4.56 -20.74
CA SER F 339 7.82 -3.35 -21.55
C SER F 339 8.49 -2.15 -20.87
N LEU F 340 8.49 -2.06 -19.53
CA LEU F 340 9.24 -1.01 -18.85
C LEU F 340 10.73 -1.23 -18.98
N THR F 341 11.15 -2.50 -19.11
CA THR F 341 12.56 -2.74 -19.29
C THR F 341 13.01 -2.32 -20.68
N TYR F 342 12.22 -2.67 -21.71
CA TYR F 342 12.54 -2.31 -23.11
C TYR F 342 12.63 -0.82 -23.31
N ASP F 343 11.71 -0.05 -22.72
CA ASP F 343 11.82 1.40 -22.75
C ASP F 343 13.16 1.88 -22.23
N GLU F 344 13.66 1.24 -21.15
CA GLU F 344 14.93 1.66 -20.55
C GLU F 344 16.12 1.26 -21.41
N VAL F 345 16.05 0.11 -22.07
CA VAL F 345 17.18 -0.34 -22.89
C VAL F 345 17.37 0.58 -24.08
N ILE F 346 16.28 0.88 -24.82
CA ILE F 346 16.44 1.63 -26.06
C ILE F 346 16.52 3.13 -25.83
N SER F 347 16.31 3.61 -24.61
CA SER F 347 16.39 5.04 -24.30
C SER F 347 17.69 5.43 -23.60
N PHE F 348 18.68 4.52 -23.55
CA PHE F 348 19.93 4.74 -22.83
C PHE F 348 20.94 5.50 -23.69
N VAL F 349 21.63 6.44 -23.04
CA VAL F 349 22.67 7.26 -23.66
C VAL F 349 23.97 7.06 -22.86
N PRO F 350 25.09 6.76 -23.50
CA PRO F 350 26.30 6.36 -22.76
C PRO F 350 26.93 7.54 -22.05
N PRO F 351 27.69 7.30 -20.99
CA PRO F 351 28.43 8.39 -20.33
C PRO F 351 29.28 9.13 -21.33
N PRO F 352 29.09 10.45 -21.48
CA PRO F 352 29.90 11.20 -22.46
C PRO F 352 31.38 11.10 -22.13
N LEU F 353 32.17 10.78 -23.16
CA LEU F 353 33.60 10.51 -23.10
C LEU F 353 34.36 11.12 -21.91
N ARG G 5 5.61 77.21 -49.47
CA ARG G 5 5.82 76.54 -48.18
C ARG G 5 7.19 75.85 -48.11
N PRO G 6 8.00 76.22 -47.11
CA PRO G 6 9.35 75.64 -46.99
C PRO G 6 9.38 74.12 -47.01
N THR G 7 10.58 73.59 -47.17
CA THR G 7 10.84 72.17 -47.35
C THR G 7 11.65 71.67 -46.16
N PHE G 8 11.22 70.56 -45.57
CA PHE G 8 11.69 70.17 -44.24
C PHE G 8 12.74 69.06 -44.31
N TYR G 9 13.42 68.87 -43.19
CA TYR G 9 14.41 67.81 -43.04
C TYR G 9 14.48 67.36 -41.58
N ARG G 10 14.36 66.04 -41.37
CA ARG G 10 14.31 65.43 -40.04
C ARG G 10 15.71 65.08 -39.54
N GLN G 11 15.80 64.72 -38.26
CA GLN G 11 17.02 64.21 -37.63
C GLN G 11 16.65 63.77 -36.22
N GLU G 12 17.61 63.14 -35.53
CA GLU G 12 17.35 62.59 -34.21
C GLU G 12 18.29 63.25 -33.19
N LEU G 13 17.69 63.97 -32.23
CA LEU G 13 18.40 64.77 -31.25
C LEU G 13 17.77 64.62 -29.88
N ASN G 14 18.62 64.60 -28.84
CA ASN G 14 18.24 64.49 -27.44
C ASN G 14 16.99 63.63 -27.30
N LYS G 15 16.98 62.51 -28.03
CA LYS G 15 16.12 61.34 -27.91
C LYS G 15 14.78 61.42 -28.65
N THR G 16 14.47 62.46 -29.42
CA THR G 16 13.32 62.43 -30.34
C THR G 16 13.69 63.12 -31.63
N ILE G 17 12.70 63.37 -32.46
CA ILE G 17 12.88 63.69 -33.86
C ILE G 17 12.56 65.15 -34.11
N TRP G 18 13.28 65.77 -35.05
CA TRP G 18 13.25 67.22 -35.29
C TRP G 18 13.11 67.49 -36.79
N GLU G 19 11.89 67.75 -37.26
CA GLU G 19 11.61 68.24 -38.61
C GLU G 19 11.65 69.77 -38.62
N VAL G 20 12.52 70.34 -39.45
CA VAL G 20 12.73 71.80 -39.47
C VAL G 20 12.92 72.27 -40.90
N PRO G 21 12.44 73.48 -41.22
CA PRO G 21 12.71 74.04 -42.55
C PRO G 21 14.20 74.08 -42.87
N GLU G 22 14.52 74.07 -44.17
CA GLU G 22 15.90 73.86 -44.60
C GLU G 22 16.74 75.13 -44.59
N ARG G 23 16.19 76.26 -44.13
CA ARG G 23 17.00 77.43 -43.83
C ARG G 23 17.75 77.34 -42.50
N TYR G 24 17.48 76.32 -41.67
CA TYR G 24 18.08 76.18 -40.34
C TYR G 24 18.99 74.95 -40.32
N GLN G 25 20.27 75.17 -40.02
CA GLN G 25 21.31 74.19 -40.25
C GLN G 25 22.16 73.99 -39.00
N ASN G 26 22.91 72.89 -39.00
CA ASN G 26 23.75 72.42 -37.90
C ASN G 26 23.06 72.65 -36.55
N LEU G 27 21.95 71.97 -36.33
CA LEU G 27 21.26 72.09 -35.05
C LEU G 27 22.08 71.40 -33.99
N SER G 28 22.29 72.08 -32.87
CA SER G 28 23.12 71.58 -31.79
C SER G 28 22.54 71.98 -30.44
N PRO G 29 22.12 71.01 -29.62
CA PRO G 29 21.41 71.33 -28.38
C PRO G 29 22.21 72.24 -27.46
N VAL G 30 21.52 73.19 -26.83
CA VAL G 30 22.19 74.08 -25.89
C VAL G 30 22.08 73.56 -24.45
N GLY G 36 15.94 67.89 -22.98
CA GLY G 36 16.45 68.97 -23.82
C GLY G 36 15.47 69.40 -24.90
N SER G 37 15.27 70.72 -25.04
CA SER G 37 14.21 71.25 -25.90
C SER G 37 14.59 72.45 -26.77
N VAL G 38 15.76 73.06 -26.58
CA VAL G 38 16.22 74.19 -27.40
C VAL G 38 17.55 73.79 -28.03
N CYS G 39 17.68 74.04 -29.33
CA CYS G 39 18.95 73.90 -30.03
C CYS G 39 19.39 75.25 -30.58
N ALA G 40 20.69 75.47 -30.64
CA ALA G 40 21.22 76.55 -31.46
C ALA G 40 21.08 76.17 -32.94
N ALA G 41 20.96 77.17 -33.80
CA ALA G 41 20.93 76.89 -35.23
C ALA G 41 21.51 78.05 -36.03
N PHE G 42 21.76 77.77 -37.30
CA PHE G 42 22.24 78.76 -38.26
C PHE G 42 21.12 79.08 -39.23
N ASP G 43 20.64 80.31 -39.22
CA ASP G 43 19.63 80.79 -40.17
C ASP G 43 20.36 81.27 -41.42
N THR G 44 20.46 80.38 -42.41
CA THR G 44 21.16 80.71 -43.65
C THR G 44 20.48 81.88 -44.36
N LYS G 45 19.17 82.05 -44.14
CA LYS G 45 18.42 83.11 -44.80
C LYS G 45 18.82 84.51 -44.32
N THR G 46 19.23 84.66 -43.05
CA THR G 46 19.67 85.97 -42.55
C THR G 46 21.15 86.01 -42.20
N GLY G 47 21.85 84.88 -42.25
CA GLY G 47 23.23 84.81 -41.82
C GLY G 47 23.42 84.74 -40.33
N HIS G 48 22.35 85.00 -39.57
CA HIS G 48 22.39 84.92 -38.12
C HIS G 48 22.42 83.48 -37.67
N ARG G 49 22.73 83.31 -36.38
CA ARG G 49 22.35 82.13 -35.63
C ARG G 49 21.08 82.45 -34.84
N VAL G 50 20.20 81.46 -34.73
CA VAL G 50 18.96 81.60 -33.99
C VAL G 50 18.89 80.48 -32.94
N ALA G 51 17.89 80.55 -32.08
CA ALA G 51 17.54 79.45 -31.17
C ALA G 51 16.23 78.84 -31.65
N VAL G 52 16.18 77.52 -31.73
CA VAL G 52 14.97 76.80 -32.11
C VAL G 52 14.50 75.95 -30.94
N LYS G 53 13.25 76.19 -30.51
CA LYS G 53 12.63 75.48 -29.41
C LYS G 53 11.56 74.52 -29.93
N LYS G 54 11.66 73.25 -29.53
CA LYS G 54 10.65 72.24 -29.83
C LYS G 54 9.81 72.00 -28.58
N LEU G 55 8.56 72.46 -28.60
CA LEU G 55 7.64 72.18 -27.49
C LEU G 55 7.44 70.68 -27.30
N SER G 56 7.34 70.29 -26.04
CA SER G 56 7.32 68.88 -25.66
C SER G 56 5.90 68.48 -25.28
N ARG G 57 5.47 67.32 -25.78
CA ARG G 57 4.15 66.75 -25.51
C ARG G 57 3.07 67.82 -25.53
N PRO G 58 2.98 68.61 -26.62
CA PRO G 58 2.18 69.85 -26.58
C PRO G 58 0.69 69.64 -26.43
N PHE G 59 0.13 68.52 -26.85
CA PHE G 59 -1.32 68.33 -26.80
C PHE G 59 -1.72 67.03 -26.05
N GLN G 60 -0.96 66.67 -25.02
CA GLN G 60 -1.18 65.39 -24.37
C GLN G 60 -2.36 65.41 -23.40
N SER G 61 -2.88 66.58 -23.07
CA SER G 61 -4.00 66.73 -22.15
C SER G 61 -4.54 68.11 -22.41
N ILE G 62 -5.73 68.40 -21.85
CA ILE G 62 -6.33 69.71 -22.10
C ILE G 62 -5.51 70.81 -21.43
N ILE G 63 -4.97 70.53 -20.25
CA ILE G 63 -4.18 71.51 -19.54
C ILE G 63 -2.90 71.82 -20.30
N HIS G 64 -2.22 70.78 -20.80
CA HIS G 64 -1.00 71.07 -21.55
C HIS G 64 -1.31 71.79 -22.84
N ALA G 65 -2.44 71.47 -23.47
CA ALA G 65 -2.79 72.08 -24.73
C ALA G 65 -3.18 73.54 -24.53
N LYS G 66 -3.92 73.82 -23.44
CA LYS G 66 -4.15 75.18 -22.99
C LYS G 66 -2.84 75.93 -22.81
N ARG G 67 -1.96 75.41 -21.95
CA ARG G 67 -0.65 76.05 -21.76
C ARG G 67 0.11 76.26 -23.08
N THR G 68 0.08 75.26 -23.97
CA THR G 68 0.76 75.43 -25.24
C THR G 68 0.24 76.66 -25.97
N TYR G 69 -1.07 76.86 -25.90
CA TYR G 69 -1.69 77.98 -26.58
C TYR G 69 -1.35 79.30 -25.91
N ARG G 70 -1.41 79.33 -24.56
N ARG G 70 -1.41 79.34 -24.57
CA ARG G 70 -1.06 80.54 -23.83
CA ARG G 70 -1.06 80.56 -23.87
C ARG G 70 0.35 80.99 -24.18
C ARG G 70 0.36 81.00 -24.21
N GLU G 71 1.30 80.05 -24.26
CA GLU G 71 2.70 80.40 -24.47
C GLU G 71 2.94 80.98 -25.86
N LEU G 72 2.32 80.41 -26.89
CA LEU G 72 2.45 80.97 -28.23
C LEU G 72 1.82 82.36 -28.30
N ARG G 73 0.62 82.52 -27.72
CA ARG G 73 -0.07 83.80 -27.89
C ARG G 73 0.60 84.92 -27.10
N LEU G 74 1.16 84.62 -25.93
CA LEU G 74 1.84 85.67 -25.18
C LEU G 74 3.12 86.11 -25.87
N LEU G 75 3.88 85.16 -26.45
CA LEU G 75 5.07 85.56 -27.21
C LEU G 75 4.69 86.43 -28.40
N LYS G 76 3.64 86.09 -29.16
CA LYS G 76 3.28 86.97 -30.28
C LYS G 76 3.03 88.40 -29.82
N HIS G 77 2.65 88.58 -28.55
CA HIS G 77 2.27 89.89 -28.05
C HIS G 77 3.47 90.70 -27.57
N MET G 78 4.48 90.05 -26.98
CA MET G 78 5.55 90.76 -26.31
C MET G 78 6.54 91.37 -27.30
N LYS G 79 6.81 92.66 -27.13
CA LYS G 79 7.88 93.36 -27.84
C LYS G 79 8.63 94.23 -26.83
N HIS G 80 9.81 93.76 -26.41
CA HIS G 80 10.51 94.41 -25.31
C HIS G 80 11.92 93.83 -25.22
N GLU G 81 12.91 94.71 -24.99
CA GLU G 81 14.29 94.28 -25.08
C GLU G 81 14.62 93.18 -24.08
N ASN G 82 13.92 93.10 -22.94
CA ASN G 82 14.23 92.12 -21.90
C ASN G 82 13.22 90.97 -21.83
N VAL G 83 12.49 90.70 -22.92
CA VAL G 83 11.60 89.55 -23.05
C VAL G 83 11.91 88.86 -24.37
N ILE G 84 12.12 87.54 -24.33
CA ILE G 84 12.46 86.80 -25.54
C ILE G 84 11.38 87.00 -26.61
N GLY G 85 11.79 87.48 -27.79
CA GLY G 85 10.87 87.77 -28.86
C GLY G 85 10.84 86.71 -29.97
N LEU G 86 9.69 86.61 -30.63
CA LEU G 86 9.47 85.59 -31.67
C LEU G 86 10.04 86.02 -33.02
N LEU G 87 11.03 85.26 -33.51
CA LEU G 87 11.52 85.46 -34.86
C LEU G 87 10.72 84.70 -35.91
N ASP G 88 10.24 83.51 -35.58
CA ASP G 88 9.48 82.67 -36.52
C ASP G 88 8.88 81.52 -35.73
N VAL G 89 7.78 80.97 -36.26
CA VAL G 89 7.09 79.79 -35.72
C VAL G 89 6.76 78.87 -36.91
N PHE G 90 6.87 77.56 -36.71
CA PHE G 90 6.53 76.66 -37.81
C PHE G 90 6.04 75.32 -37.27
N THR G 91 5.27 74.63 -38.11
CA THR G 91 5.00 73.22 -37.92
C THR G 91 5.27 72.48 -39.22
N PRO G 92 5.69 71.21 -39.13
CA PRO G 92 5.87 70.43 -40.36
C PRO G 92 4.57 70.01 -41.00
N ALA G 93 3.45 70.12 -40.28
CA ALA G 93 2.20 69.53 -40.73
C ALA G 93 1.53 70.39 -41.80
N ARG G 94 1.07 69.73 -42.86
CA ARG G 94 0.41 70.43 -43.97
C ARG G 94 -1.00 70.82 -43.62
N SER G 95 -1.65 70.10 -42.72
CA SER G 95 -3.03 70.37 -42.41
C SER G 95 -3.26 70.32 -40.90
N LEU G 96 -4.45 70.79 -40.51
CA LEU G 96 -4.92 70.71 -39.13
C LEU G 96 -4.94 69.26 -38.62
N GLU G 97 -5.59 68.33 -39.35
CA GLU G 97 -5.25 66.92 -39.15
C GLU G 97 -3.78 66.74 -39.51
N GLU G 98 -3.10 65.81 -38.83
CA GLU G 98 -1.64 65.53 -38.92
C GLU G 98 -0.81 66.56 -38.12
N PHE G 99 -1.45 67.60 -37.57
CA PHE G 99 -0.76 68.64 -36.81
C PHE G 99 -0.59 68.22 -35.35
N ASN G 100 0.68 68.01 -34.93
CA ASN G 100 0.91 67.71 -33.51
C ASN G 100 2.24 68.22 -32.94
N ASP G 101 2.97 69.11 -33.60
CA ASP G 101 4.26 69.59 -33.10
C ASP G 101 4.41 71.07 -33.42
N VAL G 102 5.00 71.84 -32.49
CA VAL G 102 5.18 73.28 -32.65
C VAL G 102 6.62 73.63 -32.28
N TYR G 103 7.24 74.49 -33.11
CA TYR G 103 8.58 75.01 -32.91
C TYR G 103 8.59 76.53 -32.89
N LEU G 104 9.38 77.09 -31.97
CA LEU G 104 9.51 78.52 -31.75
C LEU G 104 10.94 78.95 -32.06
N VAL G 105 11.09 80.01 -32.85
CA VAL G 105 12.39 80.52 -33.27
C VAL G 105 12.61 81.90 -32.65
N THR G 106 13.74 82.05 -31.96
CA THR G 106 14.06 83.25 -31.22
C THR G 106 15.54 83.61 -31.42
N HIS G 107 15.90 84.81 -30.98
CA HIS G 107 17.30 85.21 -30.90
C HIS G 107 18.13 84.27 -30.02
N LEU G 108 19.36 83.98 -30.47
CA LEU G 108 20.28 83.11 -29.77
C LEU G 108 21.02 83.89 -28.70
N MET G 109 21.05 83.34 -27.48
CA MET G 109 21.48 84.12 -26.33
C MET G 109 22.73 83.60 -25.63
N GLY G 110 22.91 82.30 -25.51
CA GLY G 110 24.23 81.84 -25.12
C GLY G 110 24.44 81.35 -23.69
N ALA G 111 23.55 81.65 -22.76
CA ALA G 111 23.61 81.04 -21.43
C ALA G 111 22.31 81.23 -20.67
N ASP G 112 22.16 80.48 -19.59
CA ASP G 112 21.10 80.68 -18.63
C ASP G 112 21.71 80.94 -17.25
N LEU G 113 20.97 81.61 -16.38
CA LEU G 113 21.49 81.99 -15.06
C LEU G 113 21.58 80.84 -14.05
N ASN G 114 21.06 79.67 -14.35
CA ASN G 114 21.36 78.48 -13.55
C ASN G 114 22.83 78.09 -13.73
N ASN G 115 23.20 77.74 -14.97
CA ASN G 115 24.60 77.48 -15.32
C ASN G 115 25.51 78.54 -14.71
N ILE G 116 25.24 79.81 -15.01
CA ILE G 116 26.15 80.91 -14.66
C ILE G 116 26.52 80.87 -13.17
N VAL G 117 25.50 80.85 -12.30
CA VAL G 117 25.73 81.03 -10.87
C VAL G 117 26.34 79.78 -10.26
N LYS G 118 26.05 78.61 -10.82
CA LYS G 118 26.79 77.41 -10.46
C LYS G 118 27.87 77.22 -11.52
N CYS G 119 28.91 78.05 -11.40
CA CYS G 119 30.12 78.08 -12.23
C CYS G 119 30.88 79.40 -12.06
N GLN G 120 30.27 80.42 -11.49
CA GLN G 120 30.96 81.69 -11.28
C GLN G 120 30.48 82.33 -10.01
N LYS G 121 31.41 82.80 -9.19
CA LYS G 121 31.06 83.80 -8.19
C LYS G 121 30.52 85.03 -8.90
N LEU G 122 29.60 85.75 -8.25
CA LEU G 122 28.98 86.92 -8.84
C LEU G 122 29.26 88.16 -8.00
N THR G 123 29.86 89.18 -8.63
CA THR G 123 30.07 90.39 -7.89
C THR G 123 28.77 91.15 -7.76
N ASP G 124 28.73 92.05 -6.79
CA ASP G 124 27.56 92.90 -6.57
C ASP G 124 27.24 93.75 -7.79
N ASP G 125 28.23 94.19 -8.57
CA ASP G 125 27.89 94.93 -9.78
C ASP G 125 27.14 94.07 -10.78
N HIS G 126 27.39 92.75 -10.77
CA HIS G 126 26.68 91.84 -11.66
C HIS G 126 25.22 91.71 -11.25
N VAL G 127 24.97 91.44 -9.97
CA VAL G 127 23.58 91.26 -9.54
C VAL G 127 22.78 92.54 -9.76
N GLN G 128 23.45 93.70 -9.75
CA GLN G 128 22.72 94.97 -9.81
C GLN G 128 22.14 95.23 -11.20
N PHE G 129 22.95 95.00 -12.24
CA PHE G 129 22.48 95.15 -13.62
C PHE G 129 21.47 94.06 -13.99
N LEU G 130 21.68 92.83 -13.50
CA LEU G 130 20.80 91.72 -13.87
C LEU G 130 19.41 91.90 -13.30
N ILE G 131 19.29 92.20 -12.01
CA ILE G 131 17.96 92.36 -11.40
C ILE G 131 17.22 93.53 -12.05
N TYR G 132 17.92 94.64 -12.34
CA TYR G 132 17.31 95.79 -13.01
C TYR G 132 16.73 95.41 -14.37
N GLN G 133 17.41 94.57 -15.14
CA GLN G 133 16.86 94.14 -16.41
C GLN G 133 15.65 93.24 -16.21
N ILE G 134 15.67 92.38 -15.19
CA ILE G 134 14.50 91.58 -14.86
C ILE G 134 13.34 92.50 -14.49
N LEU G 135 13.58 93.46 -13.60
CA LEU G 135 12.50 94.34 -13.15
C LEU G 135 11.99 95.26 -14.25
N ARG G 136 12.86 95.67 -15.20
N ARG G 136 12.86 95.67 -15.18
CA ARG G 136 12.38 96.46 -16.33
CA ARG G 136 12.39 96.46 -16.33
C ARG G 136 11.42 95.65 -17.18
C ARG G 136 11.42 95.65 -17.18
N GLY G 137 11.87 94.50 -17.70
CA GLY G 137 10.99 93.63 -18.46
C GLY G 137 9.74 93.22 -17.68
N LEU G 138 9.88 92.95 -16.39
CA LEU G 138 8.72 92.60 -15.60
C LEU G 138 7.71 93.75 -15.53
N LYS G 139 8.20 95.00 -15.44
CA LYS G 139 7.29 96.14 -15.40
C LYS G 139 6.37 96.11 -16.61
N TYR G 140 6.96 95.87 -17.78
CA TYR G 140 6.20 95.83 -19.03
C TYR G 140 5.17 94.71 -19.01
N ILE G 141 5.57 93.53 -18.53
CA ILE G 141 4.69 92.37 -18.57
C ILE G 141 3.48 92.57 -17.68
N HIS G 142 3.67 93.18 -16.51
CA HIS G 142 2.55 93.35 -15.59
C HIS G 142 1.60 94.43 -16.08
N SER G 143 2.11 95.44 -16.79
CA SER G 143 1.29 96.47 -17.41
C SER G 143 0.36 95.91 -18.48
N ALA G 144 0.66 94.73 -19.03
CA ALA G 144 -0.21 94.04 -19.97
C ALA G 144 -1.26 93.16 -19.29
N ASP G 145 -1.16 93.01 -17.96
CA ASP G 145 -2.07 92.21 -17.12
C ASP G 145 -1.73 90.73 -17.20
N ILE G 146 -0.43 90.45 -17.22
CA ILE G 146 0.12 89.12 -17.42
C ILE G 146 0.97 88.76 -16.21
N ILE G 147 0.83 87.52 -15.71
CA ILE G 147 1.65 86.95 -14.64
C ILE G 147 2.58 85.91 -15.25
N HIS G 148 3.84 85.88 -14.82
CA HIS G 148 4.75 84.90 -15.37
C HIS G 148 4.60 83.55 -14.68
N ARG G 149 4.86 83.54 -13.38
CA ARG G 149 4.63 82.45 -12.42
C ARG G 149 5.68 81.37 -12.44
N ASP G 150 6.75 81.49 -13.22
CA ASP G 150 7.83 80.51 -13.13
C ASP G 150 9.20 81.16 -13.36
N LEU G 151 9.40 82.34 -12.76
CA LEU G 151 10.72 82.92 -12.68
C LEU G 151 11.57 82.17 -11.70
N LYS G 152 12.84 82.01 -12.05
CA LYS G 152 13.80 81.08 -11.47
C LYS G 152 15.03 81.14 -12.36
N PRO G 153 16.21 80.70 -11.91
CA PRO G 153 17.42 80.96 -12.71
C PRO G 153 17.39 80.36 -14.11
N SER G 154 17.02 79.09 -14.27
CA SER G 154 17.13 78.46 -15.58
C SER G 154 16.25 79.10 -16.65
N ASN G 155 15.30 79.98 -16.27
CA ASN G 155 14.40 80.67 -17.20
C ASN G 155 14.75 82.14 -17.42
N LEU G 156 16.03 82.50 -17.35
CA LEU G 156 16.52 83.82 -17.77
C LEU G 156 17.83 83.60 -18.50
N ALA G 157 18.01 84.30 -19.62
CA ALA G 157 19.18 84.10 -20.46
C ALA G 157 20.00 85.39 -20.59
N VAL G 158 21.33 85.23 -20.72
CA VAL G 158 22.26 86.34 -20.66
C VAL G 158 23.34 86.22 -21.74
N ASN G 159 23.97 87.37 -22.00
CA ASN G 159 24.98 87.54 -23.04
C ASN G 159 26.37 87.65 -22.42
N GLU G 160 27.38 87.75 -23.29
CA GLU G 160 28.72 88.12 -22.80
C GLU G 160 28.69 89.52 -22.19
N ASP G 161 27.87 90.41 -22.74
CA ASP G 161 27.76 91.77 -22.25
C ASP G 161 26.91 91.89 -20.99
N CYS G 162 26.54 90.76 -20.37
CA CYS G 162 25.67 90.73 -19.19
C CYS G 162 24.26 91.28 -19.47
N GLU G 163 23.89 91.43 -20.74
CA GLU G 163 22.50 91.68 -21.11
C GLU G 163 21.63 90.46 -20.79
N LEU G 164 20.36 90.72 -20.43
CA LEU G 164 19.43 89.68 -20.02
C LEU G 164 18.11 89.75 -20.79
N LYS G 165 17.45 88.59 -20.95
CA LYS G 165 16.12 88.48 -21.53
C LYS G 165 15.34 87.33 -20.88
N ILE G 166 14.12 87.64 -20.42
CA ILE G 166 13.23 86.67 -19.77
C ILE G 166 12.77 85.61 -20.76
N LEU G 167 12.76 84.33 -20.32
CA LEU G 167 12.32 83.19 -21.11
C LEU G 167 11.09 82.50 -20.49
N ASP G 168 10.46 81.63 -21.29
CA ASP G 168 9.63 80.50 -20.84
C ASP G 168 8.28 80.94 -20.28
N PHE G 169 7.35 81.26 -21.18
CA PHE G 169 6.00 81.63 -20.80
C PHE G 169 5.06 80.44 -20.78
N GLY G 170 5.60 79.21 -20.72
CA GLY G 170 4.80 77.99 -20.60
C GLY G 170 3.75 78.02 -19.51
N LEU G 171 3.97 78.86 -18.51
CA LEU G 171 3.09 78.96 -17.37
C LEU G 171 2.45 80.34 -17.26
N ALA G 172 2.67 81.21 -18.23
CA ALA G 172 2.19 82.57 -18.12
C ALA G 172 0.72 82.61 -18.54
N ARG G 173 0.05 83.72 -18.21
CA ARG G 173 -1.38 83.84 -18.46
C ARG G 173 -1.87 85.24 -18.09
N HIS G 174 -3.04 85.58 -18.62
CA HIS G 174 -3.76 86.77 -18.20
C HIS G 174 -4.20 86.61 -16.74
N THR G 175 -4.06 87.69 -15.97
CA THR G 175 -4.46 87.70 -14.56
C THR G 175 -5.98 87.58 -14.42
N ASP G 176 -6.41 86.94 -13.33
CA ASP G 176 -7.82 86.74 -13.02
C ASP G 176 -7.93 86.51 -11.50
N ASP G 177 -9.16 86.53 -10.98
CA ASP G 177 -9.34 86.41 -9.53
C ASP G 177 -9.22 84.98 -9.04
N GLU G 178 -9.52 84.00 -9.88
CA GLU G 178 -9.28 82.61 -9.56
C GLU G 178 -8.32 82.05 -10.62
N MET G 179 -7.27 81.38 -10.16
CA MET G 179 -6.18 80.86 -11.02
C MET G 179 -5.70 79.51 -10.50
N GLY G 181 -3.92 76.31 -9.00
CA GLY G 181 -3.35 76.22 -7.67
C GLY G 181 -1.88 75.86 -7.60
N VAL G 183 1.54 75.56 -8.82
CA VAL G 183 2.18 76.32 -9.87
C VAL G 183 3.52 76.91 -9.37
N ALA G 184 4.48 77.08 -10.30
CA ALA G 184 5.84 77.53 -10.03
C ALA G 184 6.66 76.45 -9.33
N THR G 185 7.98 76.43 -9.59
CA THR G 185 8.91 75.58 -8.84
C THR G 185 8.89 75.94 -7.36
N ARG G 186 8.96 74.90 -6.51
CA ARG G 186 8.66 75.03 -5.07
C ARG G 186 9.60 76.03 -4.37
N TRP G 187 10.91 75.96 -4.67
CA TRP G 187 11.89 76.79 -3.97
C TRP G 187 11.70 78.28 -4.20
N TYR G 188 11.05 78.66 -5.30
CA TYR G 188 10.79 80.05 -5.59
C TYR G 188 9.31 80.41 -5.44
N ARG G 189 8.49 79.45 -4.99
CA ARG G 189 7.03 79.64 -4.93
C ARG G 189 6.70 80.71 -3.89
N ALA G 190 5.98 81.74 -4.29
CA ALA G 190 5.51 82.73 -3.33
C ALA G 190 4.69 82.06 -2.23
N PRO G 191 4.86 82.47 -0.98
CA PRO G 191 4.24 81.72 0.13
C PRO G 191 2.72 81.72 0.11
N GLU G 192 2.05 82.71 -0.47
CA GLU G 192 0.58 82.74 -0.45
C GLU G 192 -0.04 81.79 -1.47
N ILE G 193 0.74 81.25 -2.40
CA ILE G 193 0.25 80.20 -3.29
C ILE G 193 -0.13 78.96 -2.49
N MET G 194 0.64 78.62 -1.44
CA MET G 194 0.25 77.50 -0.60
C MET G 194 -0.78 77.94 0.45
N LEU G 195 -0.67 79.16 0.96
CA LEU G 195 -1.53 79.60 2.05
C LEU G 195 -2.87 80.11 1.57
N ASN G 196 -2.99 80.52 0.32
CA ASN G 196 -4.23 81.13 -0.15
C ASN G 196 -4.62 80.54 -1.51
N TRP G 197 -4.64 79.22 -1.58
CA TRP G 197 -4.99 78.40 -2.74
C TRP G 197 -5.86 79.08 -3.79
N MET G 198 -5.31 79.24 -4.99
CA MET G 198 -5.96 79.78 -6.19
C MET G 198 -6.24 81.28 -6.10
N HIS G 199 -5.80 81.98 -5.05
CA HIS G 199 -6.26 83.36 -4.83
C HIS G 199 -5.07 84.26 -4.47
N TYR G 200 -4.12 84.32 -5.39
CA TYR G 200 -2.96 85.18 -5.37
C TYR G 200 -3.06 86.10 -6.56
N ASN G 201 -2.06 86.93 -6.80
CA ASN G 201 -2.11 87.76 -8.01
C ASN G 201 -0.70 88.02 -8.53
N GLN G 202 -0.52 89.16 -9.21
CA GLN G 202 0.75 89.44 -9.88
C GLN G 202 1.95 89.40 -8.92
N THR G 203 1.76 89.79 -7.65
CA THR G 203 2.90 90.01 -6.72
C THR G 203 3.78 88.79 -6.53
N VAL G 204 3.23 87.59 -6.71
CA VAL G 204 3.98 86.32 -6.68
C VAL G 204 5.29 86.37 -7.50
N ASP G 205 5.39 87.21 -8.55
CA ASP G 205 6.62 87.27 -9.37
C ASP G 205 7.74 88.05 -8.68
N ILE G 206 7.40 89.07 -7.90
CA ILE G 206 8.41 89.82 -7.15
C ILE G 206 9.09 88.92 -6.09
N TRP G 207 8.29 88.14 -5.32
CA TRP G 207 8.84 87.17 -4.38
C TRP G 207 9.91 86.30 -5.02
N SER G 208 9.61 85.68 -6.14
CA SER G 208 10.61 84.91 -6.89
C SER G 208 11.83 85.76 -7.23
N VAL G 209 11.61 86.99 -7.70
CA VAL G 209 12.74 87.87 -8.01
C VAL G 209 13.60 88.07 -6.77
N GLY G 210 12.97 88.33 -5.60
CA GLY G 210 13.69 88.24 -4.33
C GLY G 210 14.57 87.00 -4.22
N CYS G 211 13.96 85.81 -4.34
CA CYS G 211 14.72 84.57 -4.21
C CYS G 211 15.84 84.49 -5.25
N ILE G 212 15.62 84.99 -6.47
CA ILE G 212 16.66 84.92 -7.48
C ILE G 212 17.84 85.83 -7.14
N MET G 213 17.57 87.01 -6.59
CA MET G 213 18.67 87.92 -6.24
C MET G 213 19.44 87.41 -5.01
N ALA G 214 18.75 86.89 -4.00
CA ALA G 214 19.48 86.22 -2.92
C ALA G 214 20.39 85.14 -3.49
N GLU G 215 19.87 84.33 -4.42
CA GLU G 215 20.66 83.26 -5.02
C GLU G 215 21.89 83.83 -5.72
N LEU G 216 21.70 84.76 -6.67
CA LEU G 216 22.82 85.28 -7.43
C LEU G 216 23.86 85.94 -6.52
N LEU G 217 23.42 86.65 -5.48
CA LEU G 217 24.35 87.29 -4.55
C LEU G 217 25.21 86.26 -3.80
N THR G 218 24.61 85.16 -3.34
CA THR G 218 25.32 84.20 -2.49
C THR G 218 25.72 82.93 -3.22
N GLY G 219 25.15 82.67 -4.39
CA GLY G 219 25.41 81.44 -5.10
C GLY G 219 24.70 80.22 -4.54
N ARG G 220 23.79 80.39 -3.58
CA ARG G 220 23.09 79.26 -2.99
C ARG G 220 21.60 79.55 -2.92
N THR G 221 20.80 78.54 -3.30
CA THR G 221 19.38 78.51 -3.07
C THR G 221 19.01 79.00 -1.68
N LEU G 222 18.20 80.07 -1.63
CA LEU G 222 17.85 80.66 -0.33
C LEU G 222 16.78 79.86 0.41
N PHE G 223 15.79 79.28 -0.30
CA PHE G 223 14.68 78.53 0.33
C PHE G 223 14.49 77.17 -0.37
N PRO G 224 15.29 76.14 0.02
CA PRO G 224 15.16 74.84 -0.65
C PRO G 224 14.38 73.80 0.15
N GLY G 225 13.07 73.97 0.25
CA GLY G 225 12.29 73.08 1.10
C GLY G 225 12.10 71.71 0.48
N THR G 226 12.09 70.69 1.33
CA THR G 226 11.82 69.33 0.85
C THR G 226 10.42 69.22 0.27
N ASP G 227 9.45 69.93 0.85
CA ASP G 227 8.05 69.90 0.44
C ASP G 227 7.37 71.12 1.05
N HIS G 228 6.04 71.21 0.91
CA HIS G 228 5.34 72.45 1.28
C HIS G 228 5.49 72.76 2.76
N ILE G 229 5.40 71.76 3.63
CA ILE G 229 5.59 72.01 5.06
C ILE G 229 6.99 72.56 5.32
N ASP G 230 7.98 71.96 4.70
CA ASP G 230 9.36 72.40 4.86
C ASP G 230 9.54 73.79 4.30
N GLN G 231 9.00 74.04 3.10
CA GLN G 231 9.19 75.31 2.42
C GLN G 231 8.63 76.44 3.25
N LEU G 232 7.36 76.34 3.65
CA LEU G 232 6.77 77.36 4.51
C LEU G 232 7.47 77.42 5.87
N LYS G 233 8.02 76.31 6.37
CA LYS G 233 8.82 76.40 7.59
C LYS G 233 10.12 77.16 7.35
N LEU G 234 10.80 76.91 6.23
CA LEU G 234 12.01 77.66 5.90
C LEU G 234 11.74 79.16 5.72
N ILE G 235 10.58 79.53 5.16
CA ILE G 235 10.32 80.95 4.87
C ILE G 235 10.02 81.71 6.16
N LEU G 236 9.02 81.26 6.91
CA LEU G 236 8.71 81.89 8.19
C LEU G 236 9.89 81.87 9.17
N ARG G 237 10.92 81.06 8.90
CA ARG G 237 12.15 81.13 9.69
C ARG G 237 12.85 82.47 9.51
N LEU G 238 13.06 82.88 8.25
CA LEU G 238 13.71 84.16 7.97
C LEU G 238 12.77 85.36 8.22
N VAL G 239 11.50 85.28 7.79
CA VAL G 239 10.61 86.43 7.91
C VAL G 239 9.91 86.53 9.27
N GLY G 240 9.79 85.43 10.00
CA GLY G 240 9.06 85.42 11.27
C GLY G 240 7.59 85.19 11.05
N THR G 241 6.97 84.49 12.00
CA THR G 241 5.58 84.12 11.83
C THR G 241 4.71 85.38 11.83
N PRO G 242 3.56 85.36 11.14
CA PRO G 242 2.70 86.56 11.10
C PRO G 242 1.83 86.63 12.36
N GLY G 243 1.80 87.80 12.97
CA GLY G 243 0.80 88.08 13.98
C GLY G 243 -0.62 88.01 13.44
N ALA G 244 -1.60 88.31 14.29
CA ALA G 244 -2.98 87.87 14.07
C ALA G 244 -3.73 88.67 13.00
N GLU G 245 -3.40 89.94 12.79
CA GLU G 245 -4.07 90.68 11.72
C GLU G 245 -3.68 90.14 10.35
N LEU G 246 -2.39 89.85 10.15
CA LEU G 246 -1.92 89.41 8.84
C LEU G 246 -2.52 88.06 8.47
N LEU G 247 -2.48 87.09 9.39
CA LEU G 247 -2.83 85.72 9.03
C LEU G 247 -4.33 85.57 8.75
N LYS G 248 -5.18 86.32 9.46
CA LYS G 248 -6.60 86.32 9.12
C LYS G 248 -6.85 86.73 7.67
N LYS G 249 -5.88 87.41 7.06
CA LYS G 249 -6.01 88.13 5.80
C LYS G 249 -5.29 87.45 4.63
N ILE G 250 -4.09 86.92 4.83
CA ILE G 250 -3.32 86.33 3.74
C ILE G 250 -3.46 84.80 3.70
N SER G 251 -4.48 84.23 4.38
CA SER G 251 -4.59 82.78 4.46
C SER G 251 -6.04 82.32 4.62
N SER G 252 -6.31 81.14 4.04
CA SER G 252 -7.56 80.41 4.12
C SER G 252 -7.63 79.60 5.41
N GLU G 253 -8.86 79.15 5.73
CA GLU G 253 -9.21 78.80 7.11
C GLU G 253 -8.36 77.65 7.67
N SER G 254 -8.25 76.54 6.94
CA SER G 254 -7.48 75.45 7.53
C SER G 254 -5.99 75.72 7.50
N ALA G 255 -5.51 76.48 6.50
CA ALA G 255 -4.11 76.90 6.54
C ALA G 255 -3.85 77.85 7.71
N ARG G 256 -4.83 78.69 8.06
CA ARG G 256 -4.65 79.61 9.18
C ARG G 256 -4.55 78.86 10.49
N ASN G 257 -5.45 77.91 10.71
CA ASN G 257 -5.35 77.09 11.92
C ASN G 257 -4.03 76.34 11.94
N TYR G 258 -3.49 75.99 10.77
CA TYR G 258 -2.17 75.37 10.77
C TYR G 258 -1.11 76.34 11.26
N ILE G 259 -1.07 77.56 10.72
CA ILE G 259 -0.03 78.51 11.14
C ILE G 259 -0.23 78.92 12.59
N GLN G 260 -1.47 78.90 13.09
CA GLN G 260 -1.66 79.21 14.50
C GLN G 260 -1.23 78.08 15.42
N SER G 261 -0.66 77.00 14.88
CA SER G 261 -0.21 75.85 15.66
C SER G 261 1.29 75.84 15.92
N LEU G 262 2.08 76.40 15.01
CA LEU G 262 3.52 76.38 15.16
C LEU G 262 3.95 77.28 16.33
N ALA G 263 5.20 77.12 16.74
CA ALA G 263 5.79 78.03 17.71
C ALA G 263 6.17 79.34 17.02
N GLN G 264 5.90 80.46 17.69
CA GLN G 264 6.15 81.78 17.14
C GLN G 264 7.64 81.96 16.81
N MET G 265 7.91 82.53 15.62
CA MET G 265 9.27 82.73 15.13
C MET G 265 9.64 84.21 15.12
N PRO G 266 10.86 84.54 15.51
CA PRO G 266 11.32 85.94 15.42
C PRO G 266 11.76 86.32 14.01
N LYS G 267 11.31 87.48 13.56
CA LYS G 267 11.73 88.01 12.27
C LYS G 267 13.21 88.35 12.32
N MET G 268 14.03 87.61 11.56
CA MET G 268 15.43 87.96 11.44
C MET G 268 15.61 89.30 10.74
N ASN G 269 16.78 89.89 10.97
CA ASN G 269 17.17 91.24 10.53
C ASN G 269 18.20 91.06 9.41
N PHE G 270 17.75 91.19 8.14
CA PHE G 270 18.51 90.66 7.00
C PHE G 270 19.97 91.10 6.96
N ALA G 271 20.30 92.23 7.58
CA ALA G 271 21.67 92.72 7.57
C ALA G 271 22.61 91.71 8.23
N ASN G 272 22.19 91.17 9.38
CA ASN G 272 22.99 90.17 10.06
C ASN G 272 23.07 88.86 9.27
N VAL G 273 22.16 88.62 8.33
CA VAL G 273 22.13 87.31 7.69
C VAL G 273 22.80 87.36 6.32
N PHE G 274 22.83 88.52 5.67
CA PHE G 274 23.46 88.68 4.35
C PHE G 274 24.75 89.49 4.52
N ILE G 275 25.78 88.83 5.06
CA ILE G 275 26.99 89.51 5.53
C ILE G 275 27.87 89.90 4.35
N GLY G 276 28.25 91.18 4.30
CA GLY G 276 29.15 91.68 3.30
C GLY G 276 28.47 92.33 2.13
N ALA G 277 27.16 92.17 2.02
CA ALA G 277 26.41 92.73 0.91
C ALA G 277 26.38 94.25 1.01
N ASN G 278 26.42 94.88 -0.16
CA ASN G 278 26.01 96.26 -0.32
C ASN G 278 24.82 96.55 0.60
N PRO G 279 24.87 97.62 1.40
CA PRO G 279 23.67 97.98 2.19
C PRO G 279 22.40 98.06 1.36
N LEU G 280 22.43 98.75 0.22
CA LEU G 280 21.21 98.92 -0.56
C LEU G 280 20.71 97.61 -1.15
N ALA G 281 21.58 96.61 -1.29
CA ALA G 281 21.11 95.30 -1.74
C ALA G 281 20.18 94.67 -0.71
N VAL G 282 20.51 94.80 0.57
CA VAL G 282 19.68 94.24 1.64
C VAL G 282 18.37 95.00 1.77
N ASP G 283 18.40 96.33 1.63
CA ASP G 283 17.18 97.11 1.86
C ASP G 283 16.12 96.76 0.82
N LEU G 284 16.53 96.48 -0.42
CA LEU G 284 15.60 96.07 -1.47
C LEU G 284 15.15 94.62 -1.29
N LEU G 285 16.00 93.76 -0.70
CA LEU G 285 15.58 92.41 -0.34
C LEU G 285 14.50 92.41 0.72
N GLU G 286 14.67 93.25 1.76
CA GLU G 286 13.65 93.34 2.79
C GLU G 286 12.39 93.98 2.27
N LYS G 287 12.48 94.72 1.16
CA LYS G 287 11.30 95.25 0.48
C LYS G 287 10.61 94.20 -0.40
N MET G 288 11.36 93.26 -0.96
CA MET G 288 10.79 92.13 -1.72
C MET G 288 10.18 91.05 -0.81
N LEU G 289 10.99 90.43 0.06
CA LEU G 289 10.60 89.21 0.80
C LEU G 289 9.77 89.47 2.04
N VAL G 290 8.60 90.09 1.87
CA VAL G 290 7.62 90.22 2.95
C VAL G 290 6.35 89.43 2.59
N LEU G 291 5.65 88.94 3.61
CA LEU G 291 4.50 88.08 3.36
C LEU G 291 3.26 88.88 3.02
N ASP G 292 3.06 90.02 3.66
CA ASP G 292 1.91 90.85 3.34
C ASP G 292 2.01 91.25 1.87
N SER G 293 1.18 90.61 1.04
CA SER G 293 1.22 90.80 -0.40
C SER G 293 0.97 92.26 -0.79
N ASP G 294 0.24 93.01 0.03
CA ASP G 294 -0.01 94.40 -0.33
C ASP G 294 1.23 95.26 -0.12
N LYS G 295 1.87 95.14 1.04
CA LYS G 295 3.05 95.98 1.32
C LYS G 295 4.27 95.59 0.49
N ARG G 296 4.24 94.45 -0.22
CA ARG G 296 5.38 94.03 -1.01
C ARG G 296 5.67 95.06 -2.10
N ILE G 297 6.87 95.05 -2.62
CA ILE G 297 7.27 96.10 -3.56
C ILE G 297 6.94 95.65 -4.98
N THR G 298 6.44 96.57 -5.80
CA THR G 298 6.15 96.23 -7.19
C THR G 298 7.34 96.54 -8.09
N ALA G 299 7.27 96.08 -9.34
CA ALA G 299 8.40 96.27 -10.26
C ALA G 299 8.59 97.73 -10.64
N ALA G 300 7.50 98.50 -10.70
CA ALA G 300 7.64 99.92 -10.99
C ALA G 300 8.34 100.66 -9.84
N GLN G 301 8.03 100.30 -8.59
CA GLN G 301 8.69 100.91 -7.45
C GLN G 301 10.14 100.47 -7.33
N ALA G 302 10.43 99.19 -7.57
CA ALA G 302 11.78 98.69 -7.31
C ALA G 302 12.78 99.32 -8.25
N LEU G 303 12.33 99.70 -9.45
CA LEU G 303 13.23 100.26 -10.43
C LEU G 303 13.68 101.66 -10.03
N ALA G 304 12.84 102.42 -9.35
CA ALA G 304 13.26 103.69 -8.78
C ALA G 304 13.97 103.53 -7.43
N HIS G 305 14.25 102.30 -6.99
CA HIS G 305 15.01 102.10 -5.77
C HIS G 305 16.47 102.51 -5.95
N ALA G 306 17.03 103.14 -4.91
CA ALA G 306 18.37 103.69 -4.97
C ALA G 306 19.42 102.65 -5.32
N TYR G 307 19.13 101.36 -5.18
CA TYR G 307 20.07 100.33 -5.59
C TYR G 307 20.29 100.35 -7.10
N PHE G 308 19.46 101.08 -7.87
CA PHE G 308 19.51 101.08 -9.33
C PHE G 308 19.71 102.49 -9.90
N ALA G 309 20.43 103.36 -9.18
CA ALA G 309 20.57 104.73 -9.67
C ALA G 309 21.44 104.80 -10.92
N GLN G 310 22.49 103.99 -10.98
CA GLN G 310 23.43 103.96 -12.09
C GLN G 310 22.79 103.51 -13.42
N TYR G 311 21.49 103.15 -13.40
CA TYR G 311 20.78 102.63 -14.58
C TYR G 311 19.36 103.16 -14.77
N HIS G 312 18.73 103.76 -13.76
CA HIS G 312 17.29 104.03 -13.78
C HIS G 312 16.92 105.13 -14.77
N ASP G 313 16.05 104.82 -15.73
CA ASP G 313 15.61 105.79 -16.73
C ASP G 313 14.09 105.79 -16.88
N PRO G 314 13.38 106.75 -16.31
CA PRO G 314 11.92 106.82 -16.52
C PRO G 314 11.50 107.20 -17.93
N ASP G 315 12.44 107.49 -18.81
CA ASP G 315 12.11 107.69 -20.22
C ASP G 315 12.46 106.49 -21.07
N ASP G 316 13.08 105.47 -20.50
CA ASP G 316 13.44 104.23 -21.15
C ASP G 316 12.99 103.02 -20.31
N GLU G 317 11.77 103.08 -19.76
CA GLU G 317 11.16 101.97 -19.04
C GLU G 317 9.72 101.81 -19.52
N PRO G 318 9.52 101.25 -20.70
CA PRO G 318 8.21 101.32 -21.38
C PRO G 318 7.21 100.35 -20.81
N VAL G 319 5.93 100.55 -21.20
CA VAL G 319 4.82 99.71 -20.74
C VAL G 319 4.15 99.08 -21.98
N ALA G 320 3.21 98.19 -21.72
CA ALA G 320 2.69 97.35 -22.79
C ALA G 320 1.28 97.75 -23.23
N ASP G 321 0.88 97.20 -24.37
CA ASP G 321 -0.51 97.18 -24.79
C ASP G 321 -1.25 96.06 -24.07
N PRO G 322 -2.42 96.35 -23.47
CA PRO G 322 -3.16 95.30 -22.74
C PRO G 322 -3.47 94.09 -23.60
N TYR G 323 -3.34 92.92 -22.98
CA TYR G 323 -3.57 91.65 -23.66
C TYR G 323 -4.97 91.17 -23.35
N ASP G 324 -5.69 90.72 -24.38
CA ASP G 324 -7.07 90.30 -24.27
C ASP G 324 -7.18 88.89 -24.82
N GLN G 325 -7.80 88.01 -24.05
CA GLN G 325 -7.93 86.59 -24.38
C GLN G 325 -9.41 86.27 -24.50
N SER G 326 -9.91 86.17 -25.74
CA SER G 326 -11.34 85.96 -25.93
C SER G 326 -11.76 84.51 -25.67
N PHE G 327 -10.87 83.55 -25.92
CA PHE G 327 -11.26 82.15 -26.06
C PHE G 327 -10.65 81.25 -25.00
N GLU G 328 -10.36 81.77 -23.80
CA GLU G 328 -9.69 80.97 -22.78
C GLU G 328 -10.47 80.76 -21.49
N SER G 329 -11.52 81.55 -21.22
CA SER G 329 -12.27 81.34 -19.98
C SER G 329 -12.96 79.99 -19.95
N ARG G 330 -13.38 79.48 -21.12
CA ARG G 330 -14.28 78.35 -21.22
C ARG G 330 -13.54 77.01 -21.11
N ASP G 331 -14.33 75.95 -20.97
CA ASP G 331 -13.84 74.58 -20.99
C ASP G 331 -13.94 74.03 -22.41
N LEU G 332 -12.81 73.65 -22.98
CA LEU G 332 -12.72 73.22 -24.37
C LEU G 332 -12.09 71.84 -24.43
N LEU G 333 -12.27 71.17 -25.57
CA LEU G 333 -11.62 69.89 -25.79
C LEU G 333 -10.25 70.09 -26.43
N ILE G 334 -9.38 69.10 -26.21
CA ILE G 334 -8.03 69.12 -26.78
C ILE G 334 -8.03 69.62 -28.22
N ASP G 335 -8.93 69.10 -29.06
CA ASP G 335 -8.84 69.47 -30.46
C ASP G 335 -9.26 70.90 -30.75
N GLU G 336 -10.04 71.53 -29.88
CA GLU G 336 -10.34 72.95 -30.07
C GLU G 336 -9.16 73.82 -29.65
N TRP G 337 -8.47 73.45 -28.55
CA TRP G 337 -7.19 74.08 -28.23
C TRP G 337 -6.16 73.85 -29.33
N LYS G 338 -6.16 72.65 -29.92
CA LYS G 338 -5.23 72.36 -31.00
C LYS G 338 -5.52 73.23 -32.22
N SER G 339 -6.80 73.42 -32.56
CA SER G 339 -7.15 74.18 -33.75
C SER G 339 -7.02 75.69 -33.54
N LEU G 340 -7.31 76.18 -32.33
CA LEU G 340 -7.01 77.58 -32.02
C LEU G 340 -5.51 77.89 -32.17
N THR G 341 -4.65 77.03 -31.61
CA THR G 341 -3.21 77.17 -31.79
C THR G 341 -2.80 77.12 -33.25
N TYR G 342 -3.40 76.21 -34.03
CA TYR G 342 -3.03 76.10 -35.43
C TYR G 342 -3.23 77.40 -36.17
N ASP G 343 -4.43 78.01 -36.03
CA ASP G 343 -4.65 79.31 -36.65
C ASP G 343 -3.61 80.31 -36.21
N GLU G 344 -3.17 80.21 -34.94
CA GLU G 344 -2.16 81.15 -34.46
C GLU G 344 -0.83 80.92 -35.17
N VAL G 345 -0.50 79.65 -35.46
CA VAL G 345 0.73 79.35 -36.20
C VAL G 345 0.64 79.92 -37.62
N ILE G 346 -0.47 79.64 -38.31
CA ILE G 346 -0.63 79.99 -39.72
C ILE G 346 -0.52 81.50 -39.96
N SER G 347 -1.01 82.31 -39.03
CA SER G 347 -1.18 83.74 -39.23
C SER G 347 -0.01 84.57 -38.76
N PHE G 348 1.07 83.95 -38.28
CA PHE G 348 2.24 84.66 -37.78
C PHE G 348 3.03 85.32 -38.91
N VAL G 349 3.43 86.57 -38.70
CA VAL G 349 4.25 87.32 -39.66
C VAL G 349 5.53 87.77 -38.97
N PRO G 350 6.70 87.73 -39.62
CA PRO G 350 7.96 88.01 -38.91
C PRO G 350 8.17 89.50 -38.74
N PRO G 351 8.96 89.91 -37.75
CA PRO G 351 9.13 91.36 -37.46
C PRO G 351 9.75 92.10 -38.63
N PRO G 352 9.49 93.40 -38.74
CA PRO G 352 10.07 94.21 -39.82
C PRO G 352 11.60 94.25 -39.80
N LEU G 353 12.16 94.66 -40.93
CA LEU G 353 13.60 94.79 -41.09
C LEU G 353 14.11 96.01 -40.33
N ARG H 5 -50.06 -64.42 -5.42
CA ARG H 5 -48.90 -63.94 -4.65
C ARG H 5 -49.30 -63.63 -3.21
N PRO H 6 -48.81 -64.44 -2.26
CA PRO H 6 -49.14 -64.19 -0.85
C PRO H 6 -48.50 -62.88 -0.38
N THR H 7 -49.32 -62.04 0.25
CA THR H 7 -48.85 -60.78 0.82
C THR H 7 -47.65 -61.01 1.71
N PHE H 8 -46.59 -60.24 1.48
CA PHE H 8 -45.34 -60.41 2.20
C PHE H 8 -45.32 -59.56 3.48
N TYR H 9 -44.37 -59.89 4.36
CA TYR H 9 -44.14 -59.14 5.59
C TYR H 9 -42.64 -59.09 5.86
N ARG H 10 -42.22 -58.17 6.73
CA ARG H 10 -40.80 -57.91 6.95
C ARG H 10 -40.45 -58.03 8.44
N GLN H 11 -39.36 -58.76 8.72
CA GLN H 11 -38.83 -58.92 10.08
C GLN H 11 -37.30 -58.80 10.04
N GLU H 12 -36.74 -58.23 11.10
CA GLU H 12 -35.29 -58.04 11.21
C GLU H 12 -34.71 -59.08 12.16
N LEU H 13 -33.62 -59.71 11.72
CA LEU H 13 -32.85 -60.67 12.51
C LEU H 13 -31.39 -60.52 12.15
N ASN H 14 -30.51 -60.59 13.14
CA ASN H 14 -29.05 -60.45 12.97
C ASN H 14 -28.71 -59.24 12.10
N LYS H 15 -29.51 -58.16 12.22
CA LYS H 15 -29.33 -56.85 11.58
C LYS H 15 -29.74 -56.79 10.11
N THR H 16 -30.51 -57.73 9.59
CA THR H 16 -31.01 -57.63 8.22
C THR H 16 -32.52 -57.87 8.18
N ILE H 17 -33.14 -57.36 7.13
CA ILE H 17 -34.58 -57.51 6.96
C ILE H 17 -34.85 -58.73 6.08
N TRP H 18 -35.81 -59.55 6.52
CA TRP H 18 -36.30 -60.70 5.77
C TRP H 18 -37.73 -60.42 5.33
N GLU H 19 -37.91 -60.17 4.05
CA GLU H 19 -39.23 -59.98 3.47
C GLU H 19 -39.74 -61.32 2.95
N VAL H 20 -40.68 -61.92 3.68
CA VAL H 20 -41.22 -63.23 3.29
C VAL H 20 -42.75 -63.15 3.25
N PRO H 21 -43.40 -63.75 2.25
CA PRO H 21 -44.84 -63.98 2.36
C PRO H 21 -45.18 -64.83 3.57
N GLU H 22 -46.45 -64.75 4.00
CA GLU H 22 -46.94 -65.32 5.25
C GLU H 22 -46.64 -66.82 5.35
N ARG H 23 -47.68 -67.67 5.30
CA ARG H 23 -47.54 -69.12 5.42
C ARG H 23 -46.59 -69.50 6.56
N TYR H 24 -45.32 -69.13 6.39
CA TYR H 24 -44.28 -69.27 7.39
C TYR H 24 -44.37 -68.15 8.42
N GLN H 25 -44.04 -68.49 9.67
CA GLN H 25 -44.14 -67.53 10.77
C GLN H 25 -43.22 -68.00 11.88
N ASN H 26 -43.07 -67.14 12.89
CA ASN H 26 -42.25 -67.42 14.07
C ASN H 26 -40.82 -67.80 13.68
N LEU H 27 -40.14 -66.85 13.05
CA LEU H 27 -38.77 -67.08 12.57
C LEU H 27 -37.79 -67.13 13.75
N SER H 28 -36.81 -68.05 13.65
CA SER H 28 -35.75 -68.23 14.64
C SER H 28 -34.59 -69.01 14.04
N PRO H 29 -33.40 -68.38 13.91
CA PRO H 29 -32.24 -68.91 13.18
C PRO H 29 -31.60 -70.17 13.76
N SER H 37 -27.47 -68.00 8.01
CA SER H 37 -28.20 -67.76 6.77
C SER H 37 -29.60 -68.41 6.66
N VAL H 38 -30.02 -69.22 7.65
CA VAL H 38 -31.25 -69.99 7.52
C VAL H 38 -31.96 -70.07 8.88
N CYS H 39 -33.29 -69.93 8.86
CA CYS H 39 -34.13 -69.94 10.05
C CYS H 39 -35.18 -71.05 10.01
N ALA H 40 -35.69 -71.41 11.19
CA ALA H 40 -36.84 -72.30 11.33
C ALA H 40 -38.15 -71.50 11.25
N ALA H 41 -39.22 -72.18 10.82
CA ALA H 41 -40.53 -71.55 10.71
C ALA H 41 -41.61 -72.62 10.60
N PHE H 42 -42.86 -72.15 10.62
CA PHE H 42 -44.03 -72.98 10.48
C PHE H 42 -44.84 -72.49 9.29
N ASP H 43 -44.92 -73.29 8.21
CA ASP H 43 -45.73 -72.98 7.03
C ASP H 43 -47.17 -73.30 7.40
N THR H 44 -48.06 -72.30 7.31
CA THR H 44 -49.43 -72.47 7.82
C THR H 44 -50.28 -73.30 6.86
N LYS H 45 -50.01 -73.19 5.56
CA LYS H 45 -50.61 -74.12 4.59
C LYS H 45 -50.28 -75.58 4.95
N THR H 46 -49.01 -75.89 5.27
CA THR H 46 -48.65 -77.16 5.89
C THR H 46 -48.97 -77.11 7.39
N GLY H 47 -48.61 -78.17 8.12
CA GLY H 47 -48.70 -78.08 9.56
C GLY H 47 -47.41 -78.40 10.30
N HIS H 48 -46.27 -78.27 9.62
CA HIS H 48 -45.02 -78.73 10.20
C HIS H 48 -43.89 -77.74 9.97
N ARG H 49 -42.90 -77.84 10.85
CA ARG H 49 -41.76 -76.94 10.89
C ARG H 49 -40.91 -77.07 9.65
N VAL H 50 -40.35 -75.93 9.20
CA VAL H 50 -39.61 -75.86 7.94
C VAL H 50 -38.40 -74.95 8.12
N ALA H 51 -37.40 -75.15 7.24
CA ALA H 51 -36.14 -74.39 7.18
C ALA H 51 -36.14 -73.47 5.96
N VAL H 52 -35.89 -72.16 6.17
CA VAL H 52 -35.86 -71.16 5.10
C VAL H 52 -34.42 -70.66 4.91
N LYS H 53 -33.93 -70.73 3.66
CA LYS H 53 -32.58 -70.30 3.27
C LYS H 53 -32.67 -69.03 2.44
N LYS H 54 -32.05 -67.97 2.91
CA LYS H 54 -31.92 -66.71 2.17
C LYS H 54 -30.52 -66.66 1.58
N LEU H 55 -30.44 -66.48 0.26
CA LEU H 55 -29.14 -66.53 -0.39
C LEU H 55 -28.37 -65.26 -0.05
N SER H 56 -27.08 -65.44 0.24
CA SER H 56 -26.32 -64.43 0.98
C SER H 56 -26.16 -63.13 0.19
N ARG H 57 -25.81 -63.23 -1.08
CA ARG H 57 -25.68 -62.18 -2.03
C ARG H 57 -25.95 -62.98 -3.26
N PRO H 58 -26.91 -62.59 -4.04
CA PRO H 58 -27.34 -63.48 -5.09
C PRO H 58 -26.72 -63.15 -6.42
N PHE H 59 -26.39 -61.88 -6.67
CA PHE H 59 -25.85 -61.41 -7.95
C PHE H 59 -24.92 -60.21 -7.74
N GLN H 60 -23.84 -60.39 -6.98
CA GLN H 60 -22.85 -59.33 -6.78
C GLN H 60 -21.73 -59.38 -7.81
N SER H 61 -21.34 -60.57 -8.24
CA SER H 61 -20.33 -60.76 -9.27
C SER H 61 -20.94 -61.65 -10.36
N ILE H 62 -20.15 -61.92 -11.40
CA ILE H 62 -20.64 -62.83 -12.42
C ILE H 62 -20.55 -64.27 -11.89
N ILE H 63 -19.57 -64.56 -11.04
CA ILE H 63 -19.45 -65.91 -10.52
C ILE H 63 -20.48 -66.19 -9.43
N HIS H 64 -20.88 -65.16 -8.66
CA HIS H 64 -21.92 -65.35 -7.66
C HIS H 64 -23.28 -65.60 -8.30
N ALA H 65 -23.57 -64.90 -9.39
CA ALA H 65 -24.83 -65.14 -10.09
C ALA H 65 -24.85 -66.53 -10.71
N LYS H 66 -23.70 -67.00 -11.21
CA LYS H 66 -23.65 -68.35 -11.75
C LYS H 66 -23.47 -69.41 -10.67
N ARG H 67 -22.99 -69.05 -9.48
CA ARG H 67 -23.11 -70.00 -8.37
C ARG H 67 -24.55 -70.09 -7.88
N THR H 68 -25.27 -68.96 -7.86
CA THR H 68 -26.65 -68.96 -7.41
C THR H 68 -27.56 -69.68 -8.39
N TYR H 69 -27.40 -69.40 -9.69
CA TYR H 69 -28.22 -70.05 -10.72
C TYR H 69 -28.12 -71.57 -10.64
N ARG H 70 -26.93 -72.10 -10.37
CA ARG H 70 -26.74 -73.54 -10.31
C ARG H 70 -27.38 -74.13 -9.05
N GLU H 71 -27.25 -73.46 -7.90
CA GLU H 71 -27.83 -74.05 -6.70
C GLU H 71 -29.34 -74.16 -6.79
N LEU H 72 -30.00 -73.28 -7.52
CA LEU H 72 -31.42 -73.47 -7.77
C LEU H 72 -31.65 -74.63 -8.72
N ARG H 73 -31.01 -74.61 -9.90
CA ARG H 73 -31.35 -75.55 -10.97
C ARG H 73 -31.02 -76.99 -10.61
N LEU H 74 -30.05 -77.21 -9.73
CA LEU H 74 -29.66 -78.56 -9.33
C LEU H 74 -30.62 -79.13 -8.28
N LEU H 75 -30.97 -78.34 -7.26
CA LEU H 75 -31.85 -78.83 -6.21
C LEU H 75 -33.24 -79.17 -6.78
N LYS H 76 -33.69 -78.40 -7.77
CA LYS H 76 -34.91 -78.75 -8.51
C LYS H 76 -34.82 -80.12 -9.14
N HIS H 77 -33.60 -80.57 -9.44
CA HIS H 77 -33.38 -81.76 -10.26
C HIS H 77 -33.40 -83.04 -9.43
N MET H 78 -32.85 -83.02 -8.23
CA MET H 78 -32.62 -84.24 -7.48
C MET H 78 -33.81 -84.63 -6.63
N LYS H 79 -34.15 -85.91 -6.68
CA LYS H 79 -35.22 -86.51 -5.86
C LYS H 79 -34.68 -87.82 -5.27
N HIS H 80 -34.10 -87.72 -4.07
CA HIS H 80 -33.59 -88.86 -3.33
C HIS H 80 -33.87 -88.61 -1.86
N GLU H 81 -34.24 -89.65 -1.13
CA GLU H 81 -34.50 -89.49 0.30
C GLU H 81 -33.24 -89.15 1.09
N ASN H 82 -32.09 -88.98 0.42
CA ASN H 82 -30.82 -88.60 1.03
C ASN H 82 -30.26 -87.28 0.50
N VAL H 83 -30.92 -86.63 -0.46
CA VAL H 83 -30.51 -85.32 -0.94
C VAL H 83 -31.70 -84.37 -0.82
N ILE H 84 -31.43 -83.18 -0.29
CA ILE H 84 -32.51 -82.21 -0.07
C ILE H 84 -32.99 -81.65 -1.41
N GLY H 85 -34.32 -81.56 -1.55
CA GLY H 85 -34.93 -80.86 -2.67
C GLY H 85 -35.87 -79.79 -2.14
N LEU H 86 -36.38 -78.98 -3.06
CA LEU H 86 -37.07 -77.74 -2.69
C LEU H 86 -38.58 -77.93 -2.63
N LEU H 87 -39.16 -77.52 -1.50
CA LEU H 87 -40.61 -77.51 -1.35
C LEU H 87 -41.23 -76.23 -1.92
N ASP H 88 -40.54 -75.10 -1.77
CA ASP H 88 -41.02 -73.81 -2.21
C ASP H 88 -39.82 -72.91 -2.47
N VAL H 89 -39.92 -72.08 -3.52
CA VAL H 89 -38.93 -71.05 -3.80
C VAL H 89 -39.67 -69.78 -4.18
N PHE H 90 -39.25 -68.65 -3.61
CA PHE H 90 -40.00 -67.40 -3.75
C PHE H 90 -39.06 -66.20 -3.67
N THR H 91 -39.61 -65.02 -3.98
CA THR H 91 -38.87 -63.76 -3.89
C THR H 91 -39.89 -62.67 -3.60
N PRO H 92 -39.54 -61.67 -2.81
CA PRO H 92 -40.47 -60.54 -2.61
C PRO H 92 -40.61 -59.66 -3.84
N ALA H 93 -39.56 -59.55 -4.66
CA ALA H 93 -39.57 -58.64 -5.81
C ALA H 93 -40.68 -58.99 -6.80
N ARG H 94 -41.02 -57.99 -7.63
CA ARG H 94 -42.17 -58.06 -8.54
C ARG H 94 -41.78 -58.63 -9.91
N SER H 95 -40.84 -57.99 -10.58
CA SER H 95 -40.53 -58.36 -11.96
C SER H 95 -39.03 -58.49 -12.19
N LEU H 96 -38.60 -58.63 -13.45
CA LEU H 96 -37.19 -58.81 -13.79
C LEU H 96 -36.36 -57.56 -13.49
N GLU H 97 -36.90 -56.68 -12.64
CA GLU H 97 -36.26 -55.43 -12.26
C GLU H 97 -36.02 -55.41 -10.76
N GLU H 98 -37.08 -55.39 -9.94
CA GLU H 98 -36.93 -55.44 -8.50
C GLU H 98 -36.09 -56.63 -8.07
N PHE H 99 -36.02 -57.68 -8.90
CA PHE H 99 -35.37 -58.93 -8.54
C PHE H 99 -33.97 -58.69 -8.01
N ASN H 100 -33.71 -59.15 -6.79
CA ASN H 100 -32.38 -59.08 -6.19
C ASN H 100 -32.36 -59.86 -4.88
N ASP H 101 -33.09 -60.97 -4.83
CA ASP H 101 -33.19 -61.82 -3.63
C ASP H 101 -33.94 -63.09 -3.98
N VAL H 102 -33.48 -64.22 -3.47
CA VAL H 102 -34.18 -65.49 -3.61
C VAL H 102 -34.16 -66.20 -2.26
N TYR H 103 -35.16 -67.05 -2.03
CA TYR H 103 -35.30 -67.80 -0.79
C TYR H 103 -35.60 -69.26 -1.12
N LEU H 104 -34.92 -70.16 -0.41
CA LEU H 104 -35.14 -71.59 -0.52
C LEU H 104 -35.57 -72.14 0.83
N VAL H 105 -36.53 -73.03 0.81
CA VAL H 105 -37.18 -73.48 2.03
C VAL H 105 -37.36 -74.99 1.95
N THR H 106 -36.74 -75.71 2.90
CA THR H 106 -36.73 -77.16 2.93
C THR H 106 -37.23 -77.68 4.28
N HIS H 107 -37.84 -78.87 4.25
CA HIS H 107 -38.33 -79.50 5.46
C HIS H 107 -37.22 -79.59 6.50
N LEU H 108 -37.55 -79.21 7.74
CA LEU H 108 -36.52 -79.02 8.74
C LEU H 108 -36.13 -80.33 9.40
N MET H 109 -34.92 -80.29 10.00
CA MET H 109 -34.13 -81.42 10.49
C MET H 109 -33.84 -81.26 11.97
N GLY H 110 -33.74 -80.01 12.46
CA GLY H 110 -33.44 -79.70 13.84
C GLY H 110 -32.03 -80.00 14.33
N ALA H 111 -31.11 -80.35 13.43
CA ALA H 111 -29.74 -80.65 13.83
C ALA H 111 -28.81 -80.57 12.62
N ASP H 112 -27.52 -80.37 12.88
CA ASP H 112 -26.45 -80.41 11.89
C ASP H 112 -25.38 -81.38 12.35
N LEU H 113 -24.68 -81.98 11.39
CA LEU H 113 -23.61 -82.92 11.75
C LEU H 113 -22.49 -82.22 12.49
N ASN H 114 -22.21 -80.96 12.13
CA ASN H 114 -21.12 -80.20 12.76
C ASN H 114 -21.39 -79.98 14.25
N ASN H 115 -22.59 -79.49 14.60
CA ASN H 115 -22.93 -79.29 16.01
C ASN H 115 -23.00 -80.61 16.78
N ILE H 116 -23.53 -81.66 16.13
CA ILE H 116 -23.75 -82.94 16.81
C ILE H 116 -22.44 -83.49 17.32
N VAL H 117 -21.38 -83.44 16.50
CA VAL H 117 -20.05 -83.91 16.87
C VAL H 117 -19.31 -82.97 17.82
N LYS H 118 -19.81 -81.75 18.04
CA LYS H 118 -19.21 -80.81 18.98
C LYS H 118 -19.68 -81.01 20.42
N CYS H 119 -20.49 -82.05 20.67
CA CYS H 119 -20.93 -82.41 22.01
C CYS H 119 -21.63 -83.77 22.05
N GLN H 120 -20.93 -84.85 21.66
CA GLN H 120 -21.50 -86.20 21.63
C GLN H 120 -20.51 -87.26 21.14
N LYS H 121 -20.05 -88.14 22.02
CA LYS H 121 -19.30 -89.32 21.57
C LYS H 121 -20.18 -90.16 20.65
N LEU H 122 -19.58 -91.05 19.87
CA LEU H 122 -20.37 -91.72 18.83
C LEU H 122 -19.82 -93.10 18.51
N THR H 123 -20.74 -94.02 18.25
CA THR H 123 -20.49 -95.42 17.99
C THR H 123 -20.25 -95.67 16.51
N ASP H 124 -19.58 -96.78 16.21
CA ASP H 124 -19.40 -97.19 14.82
C ASP H 124 -20.76 -97.44 14.15
N ASP H 125 -21.66 -98.14 14.86
CA ASP H 125 -23.00 -98.40 14.30
C ASP H 125 -23.74 -97.11 13.97
N HIS H 126 -23.47 -96.02 14.70
CA HIS H 126 -23.97 -94.72 14.29
C HIS H 126 -23.41 -94.38 12.93
N VAL H 127 -22.10 -94.17 12.90
CA VAL H 127 -21.28 -93.97 11.71
C VAL H 127 -21.74 -94.88 10.57
N GLN H 128 -21.44 -96.18 10.68
CA GLN H 128 -21.78 -97.23 9.70
C GLN H 128 -23.00 -96.90 8.84
N PHE H 129 -24.00 -96.28 9.46
CA PHE H 129 -25.27 -95.91 8.85
C PHE H 129 -25.21 -94.54 8.16
N LEU H 130 -24.72 -93.52 8.89
CA LEU H 130 -24.66 -92.17 8.35
C LEU H 130 -23.95 -92.13 7.00
N ILE H 131 -22.80 -92.81 6.88
CA ILE H 131 -22.02 -92.76 5.66
C ILE H 131 -22.72 -93.50 4.54
N TYR H 132 -23.27 -94.68 4.85
CA TYR H 132 -24.02 -95.43 3.84
C TYR H 132 -25.10 -94.55 3.24
N GLN H 133 -25.81 -93.80 4.09
CA GLN H 133 -26.73 -92.78 3.59
C GLN H 133 -26.01 -91.78 2.70
N ILE H 134 -24.85 -91.29 3.14
CA ILE H 134 -24.10 -90.30 2.35
C ILE H 134 -23.75 -90.87 0.97
N LEU H 135 -23.07 -92.02 0.95
CA LEU H 135 -22.66 -92.64 -0.31
C LEU H 135 -23.86 -92.99 -1.18
N ARG H 136 -25.02 -93.24 -0.56
CA ARG H 136 -26.24 -93.47 -1.31
C ARG H 136 -26.64 -92.24 -2.10
N GLY H 137 -26.74 -91.09 -1.43
CA GLY H 137 -26.96 -89.84 -2.14
C GLY H 137 -25.83 -89.51 -3.10
N LEU H 138 -24.59 -89.79 -2.68
CA LEU H 138 -23.44 -89.47 -3.52
C LEU H 138 -23.47 -90.27 -4.82
N LYS H 139 -23.57 -91.61 -4.72
CA LYS H 139 -23.69 -92.47 -5.89
C LYS H 139 -24.79 -91.99 -6.83
N TYR H 140 -25.86 -91.44 -6.27
CA TYR H 140 -26.98 -90.91 -7.04
C TYR H 140 -26.64 -89.56 -7.66
N ILE H 141 -25.95 -88.70 -6.92
CA ILE H 141 -25.51 -87.41 -7.46
C ILE H 141 -24.49 -87.61 -8.58
N HIS H 142 -23.51 -88.49 -8.36
CA HIS H 142 -22.54 -88.77 -9.41
C HIS H 142 -23.21 -89.38 -10.64
N SER H 143 -24.29 -90.14 -10.43
CA SER H 143 -25.05 -90.70 -11.55
C SER H 143 -26.08 -89.71 -12.04
N ALA H 144 -25.78 -88.42 -11.92
CA ALA H 144 -26.50 -87.37 -12.62
C ALA H 144 -25.54 -86.38 -13.29
N ASP H 145 -24.22 -86.65 -13.24
CA ASP H 145 -23.17 -85.85 -13.87
C ASP H 145 -22.87 -84.57 -13.11
N ILE H 146 -23.12 -84.56 -11.81
CA ILE H 146 -22.93 -83.37 -10.99
C ILE H 146 -21.94 -83.70 -9.88
N ILE H 147 -21.00 -82.78 -9.64
CA ILE H 147 -20.08 -82.86 -8.50
C ILE H 147 -20.56 -81.88 -7.44
N HIS H 148 -20.36 -82.23 -6.18
CA HIS H 148 -20.83 -81.37 -5.10
C HIS H 148 -19.80 -80.31 -4.70
N ARG H 149 -18.58 -80.77 -4.35
CA ARG H 149 -17.37 -79.98 -4.11
C ARG H 149 -17.22 -79.49 -2.68
N ASP H 150 -18.28 -79.48 -1.88
CA ASP H 150 -18.19 -79.04 -0.49
C ASP H 150 -18.94 -80.02 0.41
N LEU H 151 -18.21 -81.00 0.95
CA LEU H 151 -18.76 -81.96 1.89
C LEU H 151 -18.07 -81.76 3.23
N LYS H 152 -18.81 -81.21 4.19
CA LYS H 152 -18.31 -80.95 5.54
C LYS H 152 -19.45 -81.22 6.51
N PRO H 153 -19.12 -81.51 7.78
CA PRO H 153 -20.18 -81.67 8.80
C PRO H 153 -21.14 -80.48 8.83
N SER H 154 -20.66 -79.28 8.48
CA SER H 154 -21.51 -78.09 8.52
C SER H 154 -22.68 -78.20 7.55
N ASN H 155 -22.48 -78.87 6.40
CA ASN H 155 -23.52 -78.89 5.38
C ASN H 155 -24.11 -80.28 5.17
N LEU H 156 -24.15 -81.07 6.23
CA LEU H 156 -24.75 -82.40 6.31
C LEU H 156 -25.76 -82.40 7.45
N ALA H 157 -26.96 -82.93 7.17
CA ALA H 157 -28.10 -82.84 8.09
C ALA H 157 -28.59 -84.22 8.56
N VAL H 158 -29.00 -84.31 9.83
CA VAL H 158 -29.47 -85.56 10.42
C VAL H 158 -30.72 -85.34 11.27
N ASN H 159 -31.61 -86.35 11.31
CA ASN H 159 -32.83 -86.39 12.12
C ASN H 159 -32.59 -86.96 13.51
N GLU H 160 -33.61 -86.86 14.37
CA GLU H 160 -33.54 -87.46 15.70
C GLU H 160 -33.34 -88.97 15.61
N ASP H 161 -34.05 -89.64 14.70
CA ASP H 161 -33.82 -91.07 14.47
C ASP H 161 -32.39 -91.35 14.03
N CYS H 162 -31.80 -90.45 13.22
CA CYS H 162 -30.45 -90.42 12.63
C CYS H 162 -30.53 -90.56 11.11
N GLU H 163 -31.70 -90.30 10.54
CA GLU H 163 -31.84 -90.17 9.09
C GLU H 163 -31.08 -88.94 8.63
N LEU H 164 -30.66 -88.94 7.36
CA LEU H 164 -29.74 -87.89 6.93
C LEU H 164 -29.94 -87.58 5.45
N LYS H 165 -29.84 -86.29 5.12
CA LYS H 165 -29.82 -85.82 3.73
C LYS H 165 -28.66 -84.84 3.52
N ILE H 166 -28.21 -84.74 2.26
CA ILE H 166 -27.10 -83.86 1.87
C ILE H 166 -27.60 -82.43 1.60
N LEU H 167 -26.91 -81.43 2.15
CA LEU H 167 -27.30 -80.04 2.02
C LEU H 167 -26.37 -79.28 1.08
N ASP H 168 -26.75 -78.02 0.81
CA ASP H 168 -25.91 -76.98 0.23
C ASP H 168 -25.35 -77.30 -1.14
N PHE H 169 -26.01 -76.83 -2.19
CA PHE H 169 -25.46 -76.97 -3.52
C PHE H 169 -24.97 -75.64 -4.10
N GLY H 170 -24.53 -74.73 -3.22
CA GLY H 170 -23.90 -73.50 -3.67
C GLY H 170 -22.63 -73.73 -4.47
N LEU H 171 -21.97 -74.87 -4.25
CA LEU H 171 -20.70 -75.14 -4.89
C LEU H 171 -20.76 -76.28 -5.91
N ALA H 172 -21.91 -76.54 -6.53
CA ALA H 172 -22.04 -77.73 -7.37
C ALA H 172 -22.09 -77.38 -8.85
N ARG H 173 -21.71 -78.35 -9.69
CA ARG H 173 -21.51 -78.10 -11.11
C ARG H 173 -21.57 -79.39 -11.91
N HIS H 174 -22.04 -79.27 -13.15
CA HIS H 174 -21.99 -80.34 -14.14
C HIS H 174 -20.56 -80.54 -14.63
N THR H 175 -20.06 -81.77 -14.47
CA THR H 175 -18.63 -82.06 -14.52
C THR H 175 -18.04 -81.83 -15.91
N ASP H 176 -16.75 -81.52 -15.94
CA ASP H 176 -16.02 -81.36 -17.19
C ASP H 176 -14.53 -81.51 -16.89
N ASP H 177 -13.71 -81.56 -17.95
CA ASP H 177 -12.26 -81.59 -17.75
C ASP H 177 -11.73 -80.25 -17.21
N GLU H 178 -12.34 -79.15 -17.63
CA GLU H 178 -11.93 -77.81 -17.21
C GLU H 178 -12.86 -77.32 -16.10
N MET H 179 -12.31 -77.09 -14.91
CA MET H 179 -13.12 -76.69 -13.76
C MET H 179 -12.47 -75.60 -12.94
N GLY H 181 -10.68 -73.68 -9.97
CA GLY H 181 -9.51 -74.17 -9.26
C GLY H 181 -9.57 -74.11 -7.75
N VAL H 183 -11.36 -74.42 -4.63
CA VAL H 183 -12.63 -75.05 -4.37
C VAL H 183 -12.52 -75.93 -3.14
N ALA H 184 -13.67 -76.10 -2.49
CA ALA H 184 -13.87 -76.86 -1.24
C ALA H 184 -13.32 -76.13 -0.01
N THR H 185 -13.83 -76.46 1.19
CA THR H 185 -13.23 -76.08 2.45
C THR H 185 -11.88 -76.75 2.57
N ARG H 186 -11.02 -76.19 3.42
CA ARG H 186 -9.59 -76.50 3.42
C ARG H 186 -9.34 -77.90 3.93
N TRP H 187 -9.88 -78.22 5.10
CA TRP H 187 -9.54 -79.48 5.73
C TRP H 187 -10.11 -80.68 4.99
N TYR H 188 -11.13 -80.46 4.19
CA TYR H 188 -11.77 -81.50 3.39
C TYR H 188 -11.53 -81.25 1.90
N ARG H 189 -10.36 -80.71 1.57
CA ARG H 189 -9.97 -80.37 0.19
C ARG H 189 -9.01 -81.45 -0.32
N ALA H 190 -9.46 -82.20 -1.31
CA ALA H 190 -8.65 -83.26 -1.89
C ALA H 190 -7.28 -82.74 -2.34
N PRO H 191 -6.19 -83.51 -2.12
CA PRO H 191 -4.87 -83.04 -2.58
C PRO H 191 -4.85 -82.67 -4.06
N GLU H 192 -5.51 -83.46 -4.92
CA GLU H 192 -5.73 -83.12 -6.33
C GLU H 192 -6.23 -81.69 -6.51
N ILE H 193 -6.92 -81.13 -5.50
CA ILE H 193 -7.45 -79.78 -5.65
C ILE H 193 -6.32 -78.79 -5.88
N MET H 194 -5.26 -78.88 -5.07
CA MET H 194 -4.11 -77.99 -5.15
C MET H 194 -2.94 -78.55 -5.94
N LEU H 195 -2.67 -79.86 -5.92
CA LEU H 195 -1.49 -80.39 -6.59
C LEU H 195 -1.67 -80.58 -8.08
N ASN H 196 -2.85 -80.22 -8.63
CA ASN H 196 -3.05 -80.24 -10.08
C ASN H 196 -4.25 -79.39 -10.48
N TRP H 197 -4.16 -78.07 -10.20
CA TRP H 197 -5.08 -76.99 -10.57
C TRP H 197 -6.06 -77.28 -11.72
N MET H 198 -7.35 -77.23 -11.41
CA MET H 198 -8.47 -77.17 -12.34
C MET H 198 -8.77 -78.50 -13.05
N HIS H 199 -7.97 -79.54 -12.82
CA HIS H 199 -8.05 -80.78 -13.59
C HIS H 199 -8.22 -81.96 -12.63
N TYR H 200 -9.39 -82.00 -12.01
CA TYR H 200 -9.86 -83.04 -11.11
C TYR H 200 -11.20 -83.54 -11.62
N ASN H 201 -11.76 -84.53 -10.93
CA ASN H 201 -13.07 -85.04 -11.30
C ASN H 201 -13.99 -85.09 -10.08
N GLN H 202 -14.72 -86.19 -9.91
CA GLN H 202 -15.62 -86.34 -8.79
C GLN H 202 -15.03 -87.18 -7.68
N THR H 203 -13.82 -87.69 -7.85
CA THR H 203 -13.13 -88.35 -6.75
C THR H 203 -12.86 -87.39 -5.60
N VAL H 204 -12.89 -86.08 -5.86
CA VAL H 204 -12.81 -85.09 -4.79
C VAL H 204 -13.90 -85.32 -3.73
N ASP H 205 -15.15 -85.49 -4.16
CA ASP H 205 -16.26 -85.69 -3.21
C ASP H 205 -15.98 -86.85 -2.25
N ILE H 206 -15.41 -87.95 -2.76
CA ILE H 206 -15.19 -89.16 -1.96
C ILE H 206 -14.08 -88.95 -0.93
N TRP H 207 -13.06 -88.16 -1.29
CA TRP H 207 -11.95 -87.87 -0.37
C TRP H 207 -12.46 -87.19 0.90
N SER H 208 -13.37 -86.23 0.76
CA SER H 208 -13.97 -85.56 1.92
C SER H 208 -14.83 -86.52 2.76
N VAL H 209 -15.50 -87.47 2.12
CA VAL H 209 -16.30 -88.47 2.83
C VAL H 209 -15.44 -89.27 3.82
N GLY H 210 -14.30 -89.81 3.35
CA GLY H 210 -13.29 -90.34 4.26
C GLY H 210 -12.84 -89.34 5.33
N CYS H 211 -12.58 -88.09 4.93
CA CYS H 211 -12.29 -87.05 5.91
C CYS H 211 -13.42 -86.90 6.93
N ILE H 212 -14.67 -86.91 6.47
CA ILE H 212 -15.80 -86.84 7.40
C ILE H 212 -15.97 -88.16 8.15
N MET H 213 -15.63 -89.29 7.50
CA MET H 213 -15.81 -90.60 8.11
C MET H 213 -15.07 -90.72 9.43
N ALA H 214 -13.77 -90.40 9.44
CA ALA H 214 -12.96 -90.50 10.64
C ALA H 214 -13.06 -89.28 11.54
N GLU H 215 -13.74 -88.22 11.11
CA GLU H 215 -14.11 -87.15 12.04
C GLU H 215 -15.35 -87.53 12.84
N LEU H 216 -16.37 -88.11 12.18
CA LEU H 216 -17.59 -88.58 12.83
C LEU H 216 -17.30 -89.74 13.78
N LEU H 217 -16.02 -90.09 13.91
CA LEU H 217 -15.50 -91.06 14.88
C LEU H 217 -14.76 -90.36 16.00
N THR H 218 -13.48 -90.09 15.71
CA THR H 218 -12.55 -89.52 16.69
C THR H 218 -13.07 -88.25 17.32
N GLY H 219 -13.78 -87.41 16.56
CA GLY H 219 -14.29 -86.15 17.05
C GLY H 219 -13.46 -84.95 16.68
N ARG H 220 -12.28 -85.14 16.10
CA ARG H 220 -11.40 -84.03 15.75
C ARG H 220 -11.07 -84.06 14.26
N THR H 221 -10.88 -82.85 13.71
CA THR H 221 -10.56 -82.63 12.31
C THR H 221 -9.29 -83.37 11.89
N LEU H 222 -9.40 -84.12 10.79
CA LEU H 222 -8.32 -85.01 10.37
C LEU H 222 -7.10 -84.23 9.92
N PHE H 223 -7.32 -83.11 9.23
CA PHE H 223 -6.26 -82.34 8.57
C PHE H 223 -6.49 -80.83 8.75
N PRO H 224 -6.39 -80.27 10.05
CA PRO H 224 -6.64 -78.82 10.22
C PRO H 224 -5.40 -77.96 9.93
N GLY H 225 -4.95 -78.04 8.67
CA GLY H 225 -3.89 -77.19 8.19
C GLY H 225 -4.33 -75.74 8.04
N THR H 226 -3.42 -74.83 8.39
CA THR H 226 -3.74 -73.40 8.39
C THR H 226 -3.80 -72.85 6.96
N ASP H 227 -2.73 -72.98 6.19
CA ASP H 227 -2.68 -72.55 4.80
C ASP H 227 -2.74 -73.76 3.86
N HIS H 228 -2.90 -73.47 2.57
CA HIS H 228 -2.91 -74.53 1.59
C HIS H 228 -1.59 -75.28 1.54
N ILE H 229 -0.54 -74.76 2.16
CA ILE H 229 0.72 -75.50 2.27
C ILE H 229 0.68 -76.44 3.47
N ASP H 230 0.36 -75.91 4.65
CA ASP H 230 0.22 -76.74 5.84
C ASP H 230 -0.72 -77.92 5.59
N GLN H 231 -1.69 -77.73 4.70
CA GLN H 231 -2.66 -78.78 4.41
C GLN H 231 -2.03 -79.94 3.66
N LEU H 232 -1.28 -79.67 2.60
CA LEU H 232 -0.59 -80.74 1.88
C LEU H 232 0.41 -81.47 2.79
N LYS H 233 1.03 -80.76 3.73
CA LYS H 233 1.94 -81.41 4.68
C LYS H 233 1.19 -82.37 5.61
N LEU H 234 0.05 -81.96 6.15
CA LEU H 234 -0.70 -82.83 7.06
C LEU H 234 -1.17 -84.10 6.35
N ILE H 235 -1.81 -83.94 5.19
CA ILE H 235 -2.34 -85.09 4.43
C ILE H 235 -1.23 -86.09 4.12
N LEU H 236 -0.09 -85.62 3.64
CA LEU H 236 0.97 -86.53 3.18
C LEU H 236 1.76 -87.20 4.30
N ARG H 237 1.57 -86.78 5.56
CA ARG H 237 2.22 -87.44 6.68
C ARG H 237 1.40 -88.62 7.21
N LEU H 238 0.25 -88.93 6.60
CA LEU H 238 -0.56 -90.11 6.91
C LEU H 238 -0.72 -91.09 5.75
N VAL H 239 -0.74 -90.60 4.50
CA VAL H 239 -0.74 -91.43 3.30
C VAL H 239 0.68 -91.62 2.72
N GLY H 240 1.71 -91.09 3.39
CA GLY H 240 3.06 -91.12 2.85
C GLY H 240 3.25 -90.12 1.72
N THR H 241 4.47 -90.00 1.27
CA THR H 241 4.78 -89.09 0.19
C THR H 241 4.54 -89.80 -1.14
N PRO H 242 4.45 -89.05 -2.26
CA PRO H 242 4.22 -89.69 -3.55
C PRO H 242 5.52 -90.30 -4.08
N GLY H 243 5.51 -91.62 -4.30
CA GLY H 243 6.73 -92.35 -4.63
C GLY H 243 7.31 -92.06 -6.02
N ALA H 244 6.70 -91.15 -6.78
CA ALA H 244 7.03 -90.67 -8.13
C ALA H 244 6.25 -91.38 -9.24
N GLU H 245 5.58 -92.49 -8.91
CA GLU H 245 4.58 -93.05 -9.82
C GLU H 245 3.42 -92.06 -10.05
N LEU H 246 2.72 -91.65 -8.97
CA LEU H 246 1.77 -90.55 -9.08
C LEU H 246 2.46 -89.23 -9.46
N LEU H 247 3.59 -88.90 -8.82
CA LEU H 247 4.28 -87.65 -9.17
C LEU H 247 4.60 -87.63 -10.66
N LYS H 248 4.62 -86.41 -11.23
CA LYS H 248 4.81 -86.19 -12.66
C LYS H 248 3.76 -86.93 -13.50
N SER H 251 1.02 -83.48 -11.67
CA SER H 251 1.41 -82.26 -10.97
C SER H 251 2.06 -81.29 -11.96
N SER H 252 2.77 -80.28 -11.44
CA SER H 252 3.33 -79.23 -12.29
C SER H 252 4.40 -78.45 -11.53
N GLU H 253 5.60 -78.37 -12.12
CA GLU H 253 6.68 -77.42 -11.83
C GLU H 253 6.95 -77.16 -10.34
N SER H 254 6.53 -75.98 -9.87
CA SER H 254 6.76 -75.61 -8.47
C SER H 254 6.08 -76.60 -7.52
N ALA H 255 4.96 -77.20 -7.96
CA ALA H 255 4.29 -78.20 -7.13
C ALA H 255 5.23 -79.36 -6.82
N ARG H 256 5.82 -79.95 -7.86
CA ARG H 256 6.94 -80.87 -7.69
C ARG H 256 7.93 -80.30 -6.68
N ASN H 257 8.69 -79.28 -7.10
CA ASN H 257 9.62 -78.51 -6.28
C ASN H 257 9.29 -78.48 -4.79
N TYR H 258 8.07 -78.07 -4.45
CA TYR H 258 7.73 -77.99 -3.03
C TYR H 258 7.81 -79.36 -2.36
N ILE H 259 7.24 -80.40 -2.99
CA ILE H 259 7.23 -81.71 -2.37
C ILE H 259 8.65 -82.25 -2.18
N GLN H 260 9.52 -82.08 -3.19
CA GLN H 260 10.91 -82.48 -3.04
C GLN H 260 11.59 -81.80 -1.85
N SER H 261 11.14 -80.59 -1.46
CA SER H 261 11.69 -79.87 -0.33
C SER H 261 11.37 -80.53 1.01
N LEU H 262 10.31 -81.33 1.08
CA LEU H 262 9.90 -81.97 2.31
C LEU H 262 10.51 -83.36 2.41
N ALA H 263 10.81 -83.78 3.65
CA ALA H 263 11.45 -85.05 3.90
C ALA H 263 10.53 -86.23 3.56
N GLN H 264 11.12 -87.42 3.48
CA GLN H 264 10.35 -88.63 3.18
C GLN H 264 9.49 -89.01 4.37
N MET H 265 8.19 -89.08 4.15
CA MET H 265 7.26 -89.61 5.12
C MET H 265 6.77 -90.96 4.63
N PRO H 266 6.79 -92.00 5.45
CA PRO H 266 6.31 -93.31 4.98
C PRO H 266 4.79 -93.36 5.03
N LYS H 267 4.20 -94.04 4.04
CA LYS H 267 2.78 -94.36 4.13
C LYS H 267 2.55 -95.22 5.36
N MET H 268 1.34 -95.14 5.90
CA MET H 268 0.99 -95.96 7.05
C MET H 268 -0.32 -96.68 6.78
N ASN H 269 -0.41 -97.91 7.27
CA ASN H 269 -1.69 -98.60 7.26
C ASN H 269 -2.51 -98.08 8.43
N PHE H 270 -3.79 -97.84 8.17
CA PHE H 270 -4.66 -97.15 9.12
C PHE H 270 -5.00 -98.01 10.34
N ALA H 271 -4.43 -99.21 10.41
CA ALA H 271 -4.51 -100.09 11.56
C ALA H 271 -3.79 -99.50 12.77
N ASN H 272 -2.47 -99.33 12.66
CA ASN H 272 -1.72 -98.64 13.72
C ASN H 272 -2.24 -97.24 13.93
N VAL H 273 -2.83 -96.64 12.89
CA VAL H 273 -3.28 -95.25 12.93
C VAL H 273 -4.34 -95.05 14.01
N PHE H 274 -5.58 -95.48 13.75
CA PHE H 274 -6.72 -95.18 14.62
C PHE H 274 -7.01 -96.40 15.51
N ILE H 275 -6.64 -96.29 16.80
CA ILE H 275 -6.68 -97.45 17.69
C ILE H 275 -8.13 -97.79 18.06
N GLY H 276 -8.35 -99.04 18.46
CA GLY H 276 -9.68 -99.49 18.84
C GLY H 276 -10.74 -99.33 17.78
N ALA H 277 -10.33 -99.34 16.52
CA ALA H 277 -11.24 -99.06 15.42
C ALA H 277 -12.13 -100.22 15.10
N ASN H 278 -13.16 -99.99 14.31
CA ASN H 278 -13.69 -101.07 13.51
C ASN H 278 -12.79 -101.39 12.36
N PRO H 279 -11.91 -102.43 12.61
CA PRO H 279 -11.14 -102.85 11.45
C PRO H 279 -11.93 -103.04 10.17
N LEU H 280 -13.25 -103.02 10.24
CA LEU H 280 -14.06 -102.99 9.04
C LEU H 280 -13.90 -101.65 8.35
N ALA H 281 -13.44 -100.68 9.12
CA ALA H 281 -13.60 -99.29 8.75
C ALA H 281 -12.27 -98.71 8.32
N VAL H 282 -11.23 -98.98 9.09
CA VAL H 282 -9.91 -99.02 8.53
C VAL H 282 -10.00 -99.36 7.06
N ASP H 283 -10.31 -100.60 6.74
CA ASP H 283 -10.16 -101.05 5.36
C ASP H 283 -10.93 -100.15 4.40
N LEU H 284 -12.02 -99.56 4.87
CA LEU H 284 -12.77 -98.65 4.01
C LEU H 284 -12.17 -97.26 4.02
N LEU H 285 -11.70 -96.82 5.18
CA LEU H 285 -10.89 -95.60 5.24
C LEU H 285 -9.67 -95.67 4.33
N GLU H 286 -8.94 -96.80 4.34
CA GLU H 286 -7.78 -96.95 3.47
C GLU H 286 -8.16 -96.90 1.99
N LYS H 287 -9.17 -97.67 1.58
CA LYS H 287 -9.59 -97.69 0.18
C LYS H 287 -10.23 -96.38 -0.27
N MET H 288 -10.56 -95.48 0.66
CA MET H 288 -11.12 -94.16 0.34
C MET H 288 -10.06 -93.04 0.25
N LEU H 289 -9.22 -92.89 1.27
CA LEU H 289 -8.30 -91.75 1.38
C LEU H 289 -6.88 -92.14 0.97
N VAL H 290 -6.74 -92.40 -0.33
CA VAL H 290 -5.43 -92.55 -0.94
C VAL H 290 -5.10 -91.22 -1.61
N LEU H 291 -4.17 -91.21 -2.57
CA LEU H 291 -3.87 -90.03 -3.35
C LEU H 291 -4.17 -90.21 -4.84
N ASP H 292 -3.94 -91.40 -5.39
CA ASP H 292 -4.13 -91.62 -6.83
C ASP H 292 -5.62 -91.65 -7.14
N SER H 293 -6.08 -90.63 -7.87
CA SER H 293 -7.50 -90.43 -8.13
C SER H 293 -8.12 -91.61 -8.86
N ASP H 294 -7.40 -92.19 -9.81
CA ASP H 294 -7.95 -93.31 -10.56
C ASP H 294 -8.15 -94.53 -9.68
N LYS H 295 -7.10 -94.94 -8.95
CA LYS H 295 -7.11 -96.17 -8.16
C LYS H 295 -7.83 -96.05 -6.83
N ARG H 296 -9.00 -95.41 -6.77
CA ARG H 296 -9.66 -95.30 -5.48
C ARG H 296 -11.17 -95.36 -5.63
N ILE H 297 -11.79 -95.87 -4.56
CA ILE H 297 -13.19 -96.28 -4.49
C ILE H 297 -14.13 -95.25 -5.10
N THR H 298 -15.24 -95.72 -5.67
CA THR H 298 -16.34 -94.86 -6.05
C THR H 298 -17.56 -95.18 -5.18
N ALA H 299 -18.46 -94.21 -5.07
CA ALA H 299 -19.62 -94.35 -4.18
C ALA H 299 -20.34 -95.69 -4.42
N ALA H 300 -20.48 -96.09 -5.69
CA ALA H 300 -21.08 -97.37 -6.05
C ALA H 300 -20.28 -98.56 -5.50
N GLN H 301 -19.08 -98.79 -6.04
CA GLN H 301 -18.23 -99.87 -5.54
C GLN H 301 -18.07 -99.83 -4.02
N ALA H 302 -18.19 -98.65 -3.41
CA ALA H 302 -18.16 -98.50 -1.95
C ALA H 302 -19.50 -98.78 -1.30
N LEU H 303 -20.61 -98.43 -1.97
CA LEU H 303 -21.93 -98.72 -1.45
C LEU H 303 -22.01 -100.21 -1.16
N ALA H 304 -21.97 -101.02 -2.22
CA ALA H 304 -21.87 -102.47 -2.10
C ALA H 304 -20.57 -102.88 -1.43
N HIS H 305 -20.38 -102.55 -0.15
CA HIS H 305 -19.13 -102.93 0.48
C HIS H 305 -19.37 -103.41 1.90
N ALA H 306 -18.69 -104.51 2.22
CA ALA H 306 -18.57 -105.11 3.55
C ALA H 306 -19.11 -104.28 4.70
N TYR H 307 -18.68 -103.01 4.82
CA TYR H 307 -19.00 -102.23 6.00
C TYR H 307 -20.51 -102.05 6.16
N PHE H 308 -21.22 -101.92 5.04
CA PHE H 308 -22.64 -101.63 5.04
C PHE H 308 -23.49 -102.88 4.80
N ALA H 309 -22.94 -104.08 5.06
CA ALA H 309 -23.73 -105.29 4.97
C ALA H 309 -24.89 -105.29 5.94
N GLN H 310 -24.76 -104.60 7.07
CA GLN H 310 -25.88 -104.42 7.98
C GLN H 310 -27.07 -103.76 7.30
N TYR H 311 -26.83 -102.77 6.40
CA TYR H 311 -27.90 -102.02 5.74
C TYR H 311 -27.89 -102.09 4.21
N HIS H 312 -26.84 -102.62 3.58
CA HIS H 312 -26.81 -102.61 2.14
C HIS H 312 -27.97 -103.42 1.59
N ASP H 313 -28.70 -102.80 0.67
CA ASP H 313 -29.85 -103.42 0.00
C ASP H 313 -29.89 -102.94 -1.44
N PRO H 314 -28.96 -103.42 -2.28
CA PRO H 314 -28.97 -102.90 -3.63
C PRO H 314 -30.01 -103.59 -4.50
N GLU H 317 -30.86 -98.55 -4.55
CA GLU H 317 -29.92 -97.43 -4.51
C GLU H 317 -29.82 -96.73 -5.87
N PRO H 318 -30.94 -96.24 -6.37
CA PRO H 318 -31.07 -96.00 -7.81
C PRO H 318 -30.50 -94.66 -8.25
N VAL H 319 -30.25 -94.59 -9.56
CA VAL H 319 -29.68 -93.43 -10.22
C VAL H 319 -30.79 -92.55 -10.76
N ALA H 320 -30.44 -91.31 -11.10
CA ALA H 320 -31.39 -90.38 -11.71
C ALA H 320 -30.96 -90.06 -13.13
N ASP H 321 -31.79 -89.25 -13.78
CA ASP H 321 -31.61 -88.68 -15.10
C ASP H 321 -30.29 -87.90 -15.17
N PRO H 322 -29.91 -87.37 -16.35
CA PRO H 322 -28.72 -86.49 -16.41
C PRO H 322 -29.07 -85.02 -16.33
N TYR H 323 -28.14 -84.19 -15.87
CA TYR H 323 -28.41 -82.75 -15.77
C TYR H 323 -28.15 -82.07 -17.11
N ASP H 324 -29.13 -81.28 -17.57
CA ASP H 324 -28.96 -80.47 -18.77
C ASP H 324 -27.92 -79.38 -18.54
N GLN H 325 -27.25 -78.98 -19.61
CA GLN H 325 -26.29 -77.88 -19.54
C GLN H 325 -26.71 -76.75 -20.46
N SER H 326 -26.44 -76.92 -21.76
CA SER H 326 -26.74 -75.92 -22.80
C SER H 326 -26.35 -74.51 -22.36
N PHE H 327 -27.18 -73.91 -21.51
CA PHE H 327 -26.98 -72.52 -21.09
C PHE H 327 -25.70 -72.36 -20.25
N GLU H 328 -25.59 -73.13 -19.17
CA GLU H 328 -24.60 -72.84 -18.13
C GLU H 328 -23.21 -73.41 -18.41
N SER H 329 -22.83 -73.47 -19.69
CA SER H 329 -21.47 -73.80 -20.07
C SER H 329 -20.86 -72.73 -20.98
N ARG H 330 -21.50 -71.56 -21.10
CA ARG H 330 -21.08 -70.48 -21.97
C ARG H 330 -20.73 -69.23 -21.15
N ASP H 331 -20.28 -68.19 -21.86
CA ASP H 331 -19.92 -66.91 -21.25
C ASP H 331 -21.12 -65.97 -21.30
N LEU H 332 -21.65 -65.61 -20.13
CA LEU H 332 -22.85 -64.81 -19.97
C LEU H 332 -22.59 -63.69 -18.96
N LEU H 333 -23.37 -62.62 -19.08
CA LEU H 333 -23.20 -61.43 -18.24
C LEU H 333 -23.97 -61.58 -16.92
N ILE H 334 -23.58 -60.75 -15.94
CA ILE H 334 -24.23 -60.75 -14.63
C ILE H 334 -25.74 -60.56 -14.76
N ASP H 335 -26.19 -59.94 -15.85
CA ASP H 335 -27.62 -59.84 -16.15
C ASP H 335 -28.17 -61.19 -16.59
N GLU H 336 -27.64 -61.69 -17.73
CA GLU H 336 -28.11 -62.94 -18.33
C GLU H 336 -28.18 -64.07 -17.30
N TRP H 337 -27.14 -64.17 -16.45
CA TRP H 337 -27.12 -65.20 -15.41
C TRP H 337 -28.25 -65.02 -14.39
N LYS H 338 -28.66 -63.77 -14.13
CA LYS H 338 -29.73 -63.52 -13.16
C LYS H 338 -31.11 -63.67 -13.76
N SER H 339 -31.26 -63.43 -15.07
CA SER H 339 -32.55 -63.62 -15.71
C SER H 339 -32.89 -65.10 -15.86
N LEU H 340 -31.94 -65.92 -16.32
CA LEU H 340 -32.13 -67.38 -16.34
C LEU H 340 -32.36 -67.94 -14.94
N THR H 341 -31.95 -67.22 -13.90
CA THR H 341 -32.33 -67.55 -12.54
C THR H 341 -33.80 -67.19 -12.29
N TYR H 342 -34.22 -65.99 -12.68
CA TYR H 342 -35.61 -65.57 -12.47
C TYR H 342 -36.57 -66.40 -13.30
N ASP H 343 -36.27 -66.61 -14.58
CA ASP H 343 -37.12 -67.47 -15.41
C ASP H 343 -37.28 -68.85 -14.79
N GLU H 344 -36.37 -69.23 -13.86
CA GLU H 344 -36.40 -70.51 -13.14
C GLU H 344 -37.12 -70.43 -11.79
N VAL H 345 -37.18 -69.25 -11.18
CA VAL H 345 -37.98 -69.06 -9.98
C VAL H 345 -39.46 -68.88 -10.33
N ILE H 346 -39.74 -68.25 -11.49
CA ILE H 346 -41.11 -67.98 -11.91
C ILE H 346 -41.84 -69.27 -12.27
N SER H 347 -41.12 -70.28 -12.74
CA SER H 347 -41.72 -71.48 -13.32
C SER H 347 -41.86 -72.64 -12.33
N PHE H 348 -41.60 -72.42 -11.05
CA PHE H 348 -41.55 -73.53 -10.12
C PHE H 348 -42.94 -74.15 -9.93
N VAL H 349 -42.95 -75.40 -9.48
CA VAL H 349 -44.18 -76.13 -9.14
C VAL H 349 -43.92 -77.01 -7.92
N PRO H 350 -44.71 -76.87 -6.85
CA PRO H 350 -44.43 -77.59 -5.58
C PRO H 350 -44.69 -79.08 -5.68
N PRO H 351 -44.42 -79.83 -4.60
CA PRO H 351 -44.76 -81.26 -4.56
C PRO H 351 -45.81 -81.56 -3.51
N PRO H 352 -46.78 -82.44 -3.80
CA PRO H 352 -47.84 -82.86 -2.86
C PRO H 352 -47.36 -83.78 -1.73
#